data_1VJ6
#
_entry.id   1VJ6
#
loop_
_entity.id
_entity.type
_entity.pdbx_description
1 polymer 'protein-tyrosine-phosphatase (nonreceptor type 13)'
2 polymer 'Adenomatous polyposis coli protein'
#
loop_
_entity_poly.entity_id
_entity_poly.type
_entity_poly.pdbx_seq_one_letter_code
_entity_poly.pdbx_strand_id
1 'polypeptide(L)'
;MHHHHHHMKPGDTFEVELAKTDGSLGISVTGGVNTSVRHGGIYVKAIIPKGAAESDGRIHKGDRVLAVNGVSLEGATHKQ
AVETLRNTGQVVHLLLEKGQVP
;
A
2 'polypeptide(L)' KRHSGSYLVTSV B
#
# COMPACT_ATOMS: atom_id res chain seq x y z
N MET A 8 -2.24 6.83 17.11
CA MET A 8 -3.66 6.97 17.21
C MET A 8 -4.05 8.40 17.08
N LYS A 9 -3.74 9.02 15.92
CA LYS A 9 -4.03 10.40 15.67
C LYS A 9 -4.50 10.53 14.26
N PRO A 10 -5.38 11.42 13.90
CA PRO A 10 -5.65 11.71 12.52
C PRO A 10 -4.55 12.52 11.90
N GLY A 11 -4.51 12.56 10.55
CA GLY A 11 -3.51 13.23 9.80
C GLY A 11 -2.13 12.67 9.90
N ASP A 12 -1.99 11.34 10.11
CA ASP A 12 -0.73 10.71 10.33
C ASP A 12 -0.32 9.92 9.14
N THR A 13 0.93 10.11 8.68
CA THR A 13 1.54 9.46 7.58
C THR A 13 2.81 8.80 8.00
N PHE A 14 3.02 7.54 7.58
CA PHE A 14 4.21 6.79 7.79
C PHE A 14 4.85 6.52 6.47
N GLU A 15 6.09 7.03 6.27
CA GLU A 15 6.88 6.69 5.13
C GLU A 15 7.79 5.57 5.46
N VAL A 16 7.33 4.33 5.20
CA VAL A 16 8.00 3.10 5.48
C VAL A 16 8.87 2.66 4.35
N GLU A 17 10.16 2.33 4.53
CA GLU A 17 10.97 1.80 3.48
C GLU A 17 11.25 0.36 3.72
N LEU A 18 10.86 -0.46 2.73
CA LEU A 18 10.91 -1.89 2.79
C LEU A 18 11.67 -2.40 1.62
N ALA A 19 12.19 -3.63 1.74
CA ALA A 19 12.66 -4.38 0.62
C ALA A 19 11.80 -5.61 0.52
N LYS A 20 11.00 -5.70 -0.55
CA LYS A 20 10.17 -6.83 -0.85
C LYS A 20 10.90 -8.12 -0.95
N THR A 21 10.38 -9.17 -0.29
CA THR A 21 11.02 -10.45 -0.23
C THR A 21 10.42 -11.35 -1.25
N ASP A 22 11.21 -11.65 -2.31
CA ASP A 22 10.85 -12.38 -3.48
C ASP A 22 9.57 -11.97 -4.13
N GLY A 23 9.44 -10.67 -4.47
CA GLY A 23 8.29 -10.15 -5.13
C GLY A 23 7.06 -10.08 -4.29
N SER A 24 7.16 -9.49 -3.09
CA SER A 24 6.10 -9.41 -2.13
C SER A 24 6.60 -8.63 -0.96
N LEU A 25 6.05 -7.42 -0.77
CA LEU A 25 6.13 -6.59 0.39
C LEU A 25 5.41 -7.28 1.50
N GLY A 26 4.14 -7.62 1.20
CA GLY A 26 3.30 -8.39 2.07
C GLY A 26 1.95 -7.81 2.19
N ILE A 27 1.47 -7.08 1.15
CA ILE A 27 0.13 -6.60 1.18
C ILE A 27 -0.61 -7.00 -0.05
N SER A 28 -1.87 -7.43 0.17
CA SER A 28 -2.89 -7.58 -0.81
C SER A 28 -3.65 -6.31 -1.03
N VAL A 29 -3.60 -5.79 -2.27
CA VAL A 29 -4.19 -4.52 -2.58
C VAL A 29 -5.65 -4.52 -2.90
N THR A 30 -6.38 -3.49 -2.43
CA THR A 30 -7.75 -3.22 -2.71
C THR A 30 -7.93 -1.74 -2.89
N GLY A 31 -9.16 -1.30 -3.19
CA GLY A 31 -9.51 0.07 -3.40
C GLY A 31 -9.24 0.55 -4.78
N GLY A 32 -8.37 1.56 -4.95
CA GLY A 32 -7.97 2.06 -6.21
C GLY A 32 -8.88 3.11 -6.73
N VAL A 33 -8.44 3.93 -7.70
CA VAL A 33 -9.19 4.99 -8.29
C VAL A 33 -10.45 4.56 -8.96
N ASN A 34 -10.52 3.26 -9.34
CA ASN A 34 -11.64 2.65 -9.98
C ASN A 34 -12.80 2.46 -9.05
N THR A 35 -12.51 2.43 -7.74
CA THR A 35 -13.44 2.38 -6.65
C THR A 35 -13.54 3.77 -6.14
N SER A 36 -14.62 4.15 -5.43
CA SER A 36 -14.82 5.48 -4.95
C SER A 36 -14.05 5.84 -3.72
N VAL A 37 -12.72 5.91 -3.87
CA VAL A 37 -11.77 6.33 -2.90
C VAL A 37 -11.55 7.81 -2.97
N ARG A 38 -10.43 8.33 -2.44
CA ARG A 38 -10.08 9.71 -2.47
C ARG A 38 -9.46 10.13 -3.76
N HIS A 39 -9.99 9.70 -4.92
CA HIS A 39 -9.48 9.98 -6.23
C HIS A 39 -8.05 9.62 -6.47
N GLY A 40 -7.56 8.56 -5.81
CA GLY A 40 -6.22 8.08 -6.00
C GLY A 40 -5.65 7.61 -4.72
N GLY A 41 -5.35 6.29 -4.66
CA GLY A 41 -4.82 5.63 -3.52
C GLY A 41 -5.16 4.18 -3.63
N ILE A 42 -4.22 3.30 -3.25
CA ILE A 42 -4.48 1.89 -3.13
C ILE A 42 -4.51 1.63 -1.65
N TYR A 43 -5.17 0.56 -1.19
CA TYR A 43 -5.40 0.36 0.22
C TYR A 43 -5.11 -1.07 0.49
N VAL A 44 -4.80 -1.44 1.74
CA VAL A 44 -4.54 -2.81 2.09
C VAL A 44 -5.79 -3.53 2.46
N LYS A 45 -6.04 -4.73 1.91
CA LYS A 45 -7.12 -5.58 2.31
C LYS A 45 -6.65 -6.58 3.31
N ALA A 46 -5.45 -7.16 3.08
CA ALA A 46 -4.93 -8.21 3.90
C ALA A 46 -3.45 -8.09 4.05
N ILE A 47 -2.98 -8.28 5.29
CA ILE A 47 -1.60 -8.28 5.68
C ILE A 47 -1.12 -9.68 5.76
N ILE A 48 0.10 -9.97 5.26
CA ILE A 48 0.73 -11.24 5.43
C ILE A 48 1.29 -11.36 6.81
N PRO A 49 1.11 -12.40 7.57
CA PRO A 49 1.81 -12.58 8.81
C PRO A 49 3.26 -12.85 8.60
N LYS A 50 4.06 -11.78 8.65
CA LYS A 50 5.49 -11.74 8.59
C LYS A 50 6.04 -11.80 7.20
N GLY A 51 5.57 -10.89 6.33
CA GLY A 51 6.33 -10.41 5.23
C GLY A 51 6.87 -9.10 5.67
N ALA A 52 7.62 -8.41 4.79
CA ALA A 52 8.27 -7.16 5.02
C ALA A 52 7.40 -6.06 5.51
N ALA A 53 6.18 -5.99 4.95
CA ALA A 53 5.13 -5.08 5.30
C ALA A 53 4.65 -5.17 6.71
N GLU A 54 4.26 -6.37 7.17
CA GLU A 54 3.91 -6.62 8.53
C GLU A 54 5.06 -6.42 9.47
N SER A 55 6.30 -6.60 8.95
CA SER A 55 7.46 -6.30 9.72
C SER A 55 7.70 -4.85 10.00
N ASP A 56 7.10 -3.92 9.23
CA ASP A 56 6.89 -2.58 9.68
C ASP A 56 5.84 -2.62 10.74
N GLY A 57 4.59 -2.88 10.32
CA GLY A 57 3.55 -3.31 11.19
C GLY A 57 2.69 -2.23 11.74
N ARG A 58 2.89 -0.98 11.28
CA ARG A 58 2.06 0.13 11.68
C ARG A 58 0.79 0.13 10.89
N ILE A 59 0.81 -0.57 9.74
CA ILE A 59 -0.33 -0.99 9.00
C ILE A 59 -1.21 -1.95 9.73
N HIS A 60 -2.52 -1.90 9.42
CA HIS A 60 -3.46 -2.96 9.61
C HIS A 60 -4.22 -3.12 8.34
N LYS A 61 -5.41 -3.76 8.36
CA LYS A 61 -6.18 -4.03 7.19
C LYS A 61 -7.11 -2.92 6.84
N GLY A 62 -6.61 -1.67 6.87
CA GLY A 62 -7.43 -0.51 6.72
C GLY A 62 -6.75 0.64 6.05
N ASP A 63 -5.41 0.68 6.04
CA ASP A 63 -4.67 1.86 5.68
C ASP A 63 -4.57 2.14 4.23
N ARG A 64 -4.24 3.41 3.93
CA ARG A 64 -4.20 3.98 2.62
C ARG A 64 -2.79 4.12 2.16
N VAL A 65 -2.42 3.55 1.00
CA VAL A 65 -1.20 3.83 0.32
C VAL A 65 -1.44 5.02 -0.56
N LEU A 66 -0.77 6.16 -0.34
CA LEU A 66 -0.88 7.30 -1.20
C LEU A 66 0.23 7.40 -2.18
N ALA A 67 1.46 7.03 -1.80
CA ALA A 67 2.55 7.15 -2.74
C ALA A 67 3.58 6.10 -2.50
N VAL A 68 4.34 5.72 -3.54
CA VAL A 68 5.32 4.68 -3.46
C VAL A 68 6.60 5.08 -4.12
N ASN A 69 7.73 5.09 -3.40
CA ASN A 69 9.01 5.50 -3.90
C ASN A 69 9.06 6.94 -4.29
N GLY A 70 8.13 7.74 -3.74
CA GLY A 70 7.90 9.10 -4.13
C GLY A 70 7.04 9.24 -5.34
N VAL A 71 6.25 8.20 -5.68
CA VAL A 71 5.43 8.15 -6.84
C VAL A 71 4.01 7.99 -6.41
N SER A 72 3.20 9.04 -6.59
CA SER A 72 1.81 9.10 -6.27
C SER A 72 0.96 8.07 -6.93
N LEU A 73 -0.03 7.51 -6.22
CA LEU A 73 -1.04 6.66 -6.78
C LEU A 73 -2.12 7.44 -7.44
N GLU A 74 -1.72 8.41 -8.26
CA GLU A 74 -2.57 9.32 -8.97
C GLU A 74 -3.10 8.67 -10.20
N GLY A 75 -4.43 8.49 -10.29
CA GLY A 75 -5.06 7.78 -11.35
C GLY A 75 -4.84 6.31 -11.35
N ALA A 76 -4.30 5.75 -10.24
CA ALA A 76 -3.97 4.36 -10.16
C ALA A 76 -5.08 3.53 -9.59
N THR A 77 -5.35 2.41 -10.28
CA THR A 77 -6.41 1.49 -10.06
C THR A 77 -5.77 0.25 -9.54
N HIS A 78 -6.43 -0.92 -9.52
CA HIS A 78 -5.91 -2.16 -9.03
C HIS A 78 -4.68 -2.59 -9.76
N LYS A 79 -4.72 -2.64 -11.10
CA LYS A 79 -3.66 -3.13 -11.92
C LYS A 79 -2.48 -2.22 -11.92
N GLN A 80 -2.73 -0.90 -12.07
CA GLN A 80 -1.74 0.12 -11.98
C GLN A 80 -1.11 0.23 -10.64
N ALA A 81 -1.84 0.07 -9.52
CA ALA A 81 -1.27 0.06 -8.22
C ALA A 81 -0.31 -1.05 -7.97
N VAL A 82 -0.62 -2.26 -8.47
CA VAL A 82 0.31 -3.37 -8.44
C VAL A 82 1.55 -3.00 -9.17
N GLU A 83 1.48 -2.56 -10.44
CA GLU A 83 2.58 -2.12 -11.25
C GLU A 83 3.46 -1.10 -10.62
N THR A 84 2.86 -0.18 -9.84
CA THR A 84 3.49 0.87 -9.10
C THR A 84 4.22 0.41 -7.90
N LEU A 85 3.81 -0.67 -7.22
CA LEU A 85 4.50 -1.30 -6.13
C LEU A 85 5.47 -2.35 -6.55
N ARG A 86 5.10 -3.13 -7.58
CA ARG A 86 5.73 -4.35 -7.99
C ARG A 86 6.93 -4.14 -8.86
N ASN A 87 6.88 -3.26 -9.87
CA ASN A 87 7.92 -3.09 -10.84
C ASN A 87 8.93 -2.07 -10.44
N THR A 88 9.23 -2.01 -9.13
CA THR A 88 10.04 -1.01 -8.47
C THR A 88 11.49 -1.34 -8.43
N GLY A 89 12.33 -0.41 -7.96
CA GLY A 89 13.74 -0.61 -7.82
C GLY A 89 14.14 -1.25 -6.53
N GLN A 90 13.50 -2.39 -6.21
CA GLN A 90 13.65 -3.20 -5.04
C GLN A 90 13.17 -2.60 -3.77
N VAL A 91 13.63 -1.38 -3.46
CA VAL A 91 13.19 -0.60 -2.33
C VAL A 91 11.85 0.00 -2.62
N VAL A 92 10.92 -0.23 -1.68
CA VAL A 92 9.59 0.29 -1.73
C VAL A 92 9.41 1.14 -0.52
N HIS A 93 9.53 2.47 -0.72
CA HIS A 93 9.21 3.49 0.24
C HIS A 93 7.73 3.72 0.18
N LEU A 94 6.96 3.13 1.10
CA LEU A 94 5.53 3.20 1.15
C LEU A 94 5.11 4.40 1.92
N LEU A 95 4.49 5.39 1.25
CA LEU A 95 3.84 6.48 1.89
C LEU A 95 2.44 6.08 2.21
N LEU A 96 2.22 5.72 3.49
CA LEU A 96 1.00 5.22 4.03
C LEU A 96 0.32 6.25 4.87
N GLU A 97 -1.01 6.38 4.72
CA GLU A 97 -1.87 7.18 5.54
C GLU A 97 -2.71 6.30 6.39
N LYS A 98 -3.21 6.87 7.49
CA LYS A 98 -4.15 6.28 8.39
C LYS A 98 -5.40 5.72 7.82
N GLY A 99 -5.77 4.49 8.21
CA GLY A 99 -7.03 3.89 7.91
C GLY A 99 -8.06 4.12 8.97
N GLN A 100 -7.78 5.07 9.89
CA GLN A 100 -8.57 5.42 11.02
C GLN A 100 -9.16 6.78 10.84
N VAL A 101 -10.49 6.93 10.88
CA VAL A 101 -11.16 8.15 10.57
C VAL A 101 -11.05 9.17 11.64
N PRO A 102 -11.14 10.45 11.41
CA PRO A 102 -11.26 11.43 12.46
C PRO A 102 -12.56 11.37 13.18
N TYR B 7 -10.34 -8.33 -10.55
CA TYR B 7 -9.61 -9.39 -9.92
C TYR B 7 -9.50 -9.13 -8.46
N LEU B 8 -8.97 -7.95 -8.10
CA LEU B 8 -8.60 -7.51 -6.79
C LEU B 8 -7.53 -8.34 -6.14
N VAL B 9 -7.15 -7.95 -4.91
CA VAL B 9 -6.29 -8.60 -3.96
C VAL B 9 -5.17 -9.41 -4.52
N THR B 10 -4.05 -8.70 -4.70
CA THR B 10 -2.88 -9.17 -5.37
C THR B 10 -1.83 -8.95 -4.35
N SER B 11 -1.13 -10.04 -3.96
CA SER B 11 0.04 -10.00 -3.13
C SER B 11 1.18 -9.44 -3.91
N VAL B 12 1.77 -8.34 -3.42
CA VAL B 12 2.85 -7.65 -4.07
C VAL B 12 3.62 -7.05 -2.90
N MET A 8 -4.58 6.50 17.54
CA MET A 8 -3.29 7.12 17.42
C MET A 8 -3.50 8.56 17.06
N LYS A 9 -3.15 8.96 15.82
CA LYS A 9 -3.33 10.26 15.29
C LYS A 9 -4.23 10.15 14.11
N PRO A 10 -5.16 11.00 13.81
CA PRO A 10 -5.94 10.90 12.60
C PRO A 10 -5.14 11.21 11.38
N GLY A 11 -4.95 10.23 10.49
CA GLY A 11 -4.27 10.41 9.25
C GLY A 11 -2.81 10.69 9.37
N ASP A 12 -2.07 9.87 10.13
CA ASP A 12 -0.64 9.96 10.21
C ASP A 12 -0.04 9.33 8.99
N THR A 13 0.85 10.04 8.28
CA THR A 13 1.59 9.50 7.18
C THR A 13 2.89 8.93 7.64
N PHE A 14 3.17 7.69 7.21
CA PHE A 14 4.35 6.97 7.55
C PHE A 14 5.07 6.62 6.29
N GLU A 15 6.34 7.07 6.17
CA GLU A 15 7.25 6.69 5.15
C GLU A 15 8.02 5.48 5.54
N VAL A 16 7.46 4.30 5.24
CA VAL A 16 7.96 3.01 5.59
C VAL A 16 8.94 2.52 4.58
N GLU A 17 10.25 2.42 4.90
CA GLU A 17 11.23 1.95 3.98
C GLU A 17 11.45 0.50 4.24
N LEU A 18 11.25 -0.32 3.19
CA LEU A 18 11.40 -1.74 3.24
C LEU A 18 12.22 -2.16 2.07
N ALA A 19 12.59 -3.44 2.06
CA ALA A 19 12.96 -4.15 0.87
C ALA A 19 12.00 -5.25 0.65
N LYS A 20 11.40 -5.36 -0.56
CA LYS A 20 10.47 -6.38 -0.92
C LYS A 20 11.16 -7.71 -1.01
N THR A 21 10.57 -8.80 -0.49
CA THR A 21 11.24 -10.06 -0.45
C THR A 21 10.98 -10.84 -1.69
N ASP A 22 11.88 -10.69 -2.69
CA ASP A 22 11.81 -11.29 -4.00
C ASP A 22 10.71 -10.84 -4.90
N GLY A 23 9.64 -10.24 -4.36
CA GLY A 23 8.59 -9.63 -5.11
C GLY A 23 7.32 -9.64 -4.33
N SER A 24 7.32 -8.97 -3.16
CA SER A 24 6.27 -8.99 -2.21
C SER A 24 6.68 -8.12 -1.07
N LEU A 25 5.87 -7.07 -0.84
CA LEU A 25 5.81 -6.30 0.37
C LEU A 25 5.11 -7.13 1.37
N GLY A 26 3.97 -7.69 0.93
CA GLY A 26 3.12 -8.56 1.68
C GLY A 26 1.81 -7.92 1.98
N ILE A 27 1.28 -7.19 0.98
CA ILE A 27 -0.05 -6.64 1.06
C ILE A 27 -0.84 -7.09 -0.12
N SER A 28 -2.10 -7.48 0.13
CA SER A 28 -3.14 -7.64 -0.84
C SER A 28 -3.87 -6.37 -1.08
N VAL A 29 -3.88 -5.87 -2.33
CA VAL A 29 -4.46 -4.60 -2.65
C VAL A 29 -5.91 -4.58 -2.99
N THR A 30 -6.63 -3.57 -2.48
CA THR A 30 -8.01 -3.27 -2.69
C THR A 30 -8.15 -1.79 -2.86
N GLY A 31 -9.37 -1.30 -3.16
CA GLY A 31 -9.68 0.09 -3.30
C GLY A 31 -9.46 0.61 -4.67
N GLY A 32 -8.72 1.72 -4.82
CA GLY A 32 -8.33 2.21 -6.11
C GLY A 32 -9.31 3.16 -6.72
N VAL A 33 -8.85 3.92 -7.73
CA VAL A 33 -9.57 4.95 -8.42
C VAL A 33 -10.83 4.51 -9.08
N ASN A 34 -10.95 3.21 -9.41
CA ASN A 34 -12.16 2.67 -9.97
C ASN A 34 -13.15 2.25 -8.94
N THR A 35 -12.94 2.52 -7.64
CA THR A 35 -13.96 2.45 -6.64
C THR A 35 -14.05 3.78 -5.98
N SER A 36 -15.03 3.98 -5.07
CA SER A 36 -15.26 5.27 -4.48
C SER A 36 -14.46 5.55 -3.26
N VAL A 37 -13.12 5.52 -3.40
CA VAL A 37 -12.16 5.88 -2.40
C VAL A 37 -11.96 7.36 -2.35
N ARG A 38 -10.90 7.87 -1.70
CA ARG A 38 -10.52 9.24 -1.79
C ARG A 38 -9.82 9.54 -3.07
N HIS A 39 -10.55 9.38 -4.20
CA HIS A 39 -10.22 9.56 -5.57
C HIS A 39 -8.83 9.34 -6.07
N GLY A 40 -8.07 8.42 -5.45
CA GLY A 40 -6.73 8.12 -5.83
C GLY A 40 -5.96 7.58 -4.67
N GLY A 41 -5.60 6.29 -4.72
CA GLY A 41 -4.87 5.62 -3.70
C GLY A 41 -5.29 4.19 -3.69
N ILE A 42 -4.37 3.27 -3.36
CA ILE A 42 -4.69 1.89 -3.20
C ILE A 42 -4.70 1.61 -1.73
N TYR A 43 -5.34 0.53 -1.27
CA TYR A 43 -5.53 0.29 0.12
C TYR A 43 -5.23 -1.14 0.37
N VAL A 44 -4.95 -1.53 1.63
CA VAL A 44 -4.69 -2.90 1.96
C VAL A 44 -5.92 -3.62 2.39
N LYS A 45 -6.15 -4.85 1.88
CA LYS A 45 -7.20 -5.72 2.31
C LYS A 45 -6.69 -6.75 3.25
N ALA A 46 -5.46 -7.26 3.04
CA ALA A 46 -4.92 -8.30 3.85
C ALA A 46 -3.44 -8.18 4.00
N ILE A 47 -2.96 -8.24 5.25
CA ILE A 47 -1.59 -8.19 5.64
C ILE A 47 -1.07 -9.58 5.79
N ILE A 48 0.14 -9.88 5.28
CA ILE A 48 0.79 -11.14 5.51
C ILE A 48 1.43 -11.14 6.85
N PRO A 49 1.34 -12.14 7.68
CA PRO A 49 2.14 -12.28 8.85
C PRO A 49 3.61 -12.32 8.60
N LYS A 50 4.27 -11.16 8.73
CA LYS A 50 5.69 -10.96 8.69
C LYS A 50 6.30 -11.26 7.36
N GLY A 51 5.85 -10.57 6.30
CA GLY A 51 6.61 -10.42 5.10
C GLY A 51 7.55 -9.28 5.27
N ALA A 52 7.35 -8.18 4.51
CA ALA A 52 8.10 -6.97 4.68
C ALA A 52 7.25 -5.90 5.27
N ALA A 53 6.02 -5.74 4.75
CA ALA A 53 5.07 -4.73 5.12
C ALA A 53 4.60 -4.81 6.53
N GLU A 54 4.14 -5.99 6.99
CA GLU A 54 3.82 -6.25 8.35
C GLU A 54 5.00 -6.09 9.26
N SER A 55 6.22 -6.32 8.73
CA SER A 55 7.43 -6.12 9.46
C SER A 55 7.73 -4.71 9.82
N ASP A 56 7.08 -3.71 9.20
CA ASP A 56 7.00 -2.39 9.76
C ASP A 56 6.07 -2.42 10.92
N GLY A 57 4.77 -2.58 10.64
CA GLY A 57 3.79 -2.85 11.65
C GLY A 57 3.04 -1.65 12.11
N ARG A 58 3.22 -0.48 11.46
CA ARG A 58 2.33 0.62 11.61
C ARG A 58 1.11 0.37 10.77
N ILE A 59 1.27 -0.39 9.68
CA ILE A 59 0.24 -0.76 8.75
C ILE A 59 -0.77 -1.70 9.31
N HIS A 60 -2.05 -1.54 8.92
CA HIS A 60 -3.10 -2.48 9.16
C HIS A 60 -3.87 -2.71 7.90
N LYS A 61 -4.81 -3.68 7.90
CA LYS A 61 -5.64 -3.99 6.77
C LYS A 61 -6.82 -3.10 6.64
N GLY A 62 -6.53 -1.80 6.53
CA GLY A 62 -7.49 -0.78 6.22
C GLY A 62 -6.81 0.55 6.15
N ASP A 63 -5.53 0.56 5.72
CA ASP A 63 -4.77 1.75 5.51
C ASP A 63 -4.68 2.04 4.06
N ARG A 64 -4.38 3.31 3.74
CA ARG A 64 -4.26 3.81 2.40
C ARG A 64 -2.82 3.91 2.03
N VAL A 65 -2.45 3.36 0.85
CA VAL A 65 -1.17 3.55 0.24
C VAL A 65 -1.33 4.72 -0.69
N LEU A 66 -0.64 5.85 -0.42
CA LEU A 66 -0.69 7.01 -1.27
C LEU A 66 0.45 7.04 -2.22
N ALA A 67 1.65 6.57 -1.86
CA ALA A 67 2.73 6.61 -2.80
C ALA A 67 3.78 5.59 -2.54
N VAL A 68 4.67 5.34 -3.51
CA VAL A 68 5.77 4.43 -3.37
C VAL A 68 7.02 5.05 -3.90
N ASN A 69 8.08 5.26 -3.11
CA ASN A 69 9.25 6.00 -3.49
C ASN A 69 8.98 7.39 -3.98
N GLY A 70 7.88 7.99 -3.52
CA GLY A 70 7.40 9.25 -3.99
C GLY A 70 6.64 9.18 -5.28
N VAL A 71 6.17 7.99 -5.67
CA VAL A 71 5.37 7.77 -6.84
C VAL A 71 3.95 7.59 -6.39
N SER A 72 3.18 8.69 -6.49
CA SER A 72 1.83 8.78 -6.04
C SER A 72 0.86 7.97 -6.83
N LEU A 73 -0.07 7.29 -6.13
CA LEU A 73 -1.11 6.47 -6.67
C LEU A 73 -2.33 7.26 -6.96
N GLU A 74 -2.20 8.55 -7.33
CA GLU A 74 -3.23 9.53 -7.40
C GLU A 74 -4.19 9.44 -8.54
N GLY A 75 -4.13 8.32 -9.28
CA GLY A 75 -5.12 7.91 -10.22
C GLY A 75 -4.99 6.46 -10.53
N ALA A 76 -4.64 5.64 -9.53
CA ALA A 76 -4.39 4.25 -9.69
C ALA A 76 -5.53 3.38 -9.27
N THR A 77 -5.83 2.33 -10.06
CA THR A 77 -6.83 1.33 -9.84
C THR A 77 -6.11 0.07 -9.49
N HIS A 78 -6.74 -1.11 -9.59
CA HIS A 78 -6.17 -2.40 -9.32
C HIS A 78 -4.92 -2.69 -10.10
N LYS A 79 -4.98 -2.61 -11.44
CA LYS A 79 -3.86 -2.90 -12.29
C LYS A 79 -2.73 -1.93 -12.09
N GLN A 80 -3.04 -0.63 -12.23
CA GLN A 80 -2.15 0.47 -12.04
C GLN A 80 -1.48 0.50 -10.70
N ALA A 81 -2.20 0.18 -9.61
CA ALA A 81 -1.62 0.08 -8.31
C ALA A 81 -0.65 -1.04 -8.14
N VAL A 82 -0.94 -2.25 -8.69
CA VAL A 82 -0.03 -3.35 -8.64
C VAL A 82 1.27 -2.98 -9.27
N GLU A 83 1.27 -2.46 -10.51
CA GLU A 83 2.45 -2.04 -11.20
C GLU A 83 3.23 -0.98 -10.51
N THR A 84 2.57 -0.03 -9.83
CA THR A 84 3.15 1.01 -9.03
C THR A 84 3.89 0.49 -7.83
N LEU A 85 3.44 -0.60 -7.20
CA LEU A 85 4.08 -1.21 -6.08
C LEU A 85 5.10 -2.22 -6.48
N ARG A 86 4.80 -3.02 -7.51
CA ARG A 86 5.54 -4.15 -8.00
C ARG A 86 6.72 -3.79 -8.84
N ASN A 87 6.57 -2.94 -9.87
CA ASN A 87 7.59 -2.62 -10.80
C ASN A 87 8.48 -1.53 -10.32
N THR A 88 8.84 -1.63 -9.01
CA THR A 88 9.79 -0.85 -8.28
C THR A 88 11.08 -1.61 -8.21
N GLY A 89 12.14 -1.01 -7.66
CA GLY A 89 13.39 -1.67 -7.44
C GLY A 89 13.38 -2.54 -6.23
N GLN A 90 14.40 -2.41 -5.36
CA GLN A 90 14.54 -3.20 -4.18
C GLN A 90 14.01 -2.46 -3.00
N VAL A 91 14.41 -1.20 -2.79
CA VAL A 91 13.85 -0.36 -1.77
C VAL A 91 12.55 0.21 -2.21
N VAL A 92 11.56 0.06 -1.32
CA VAL A 92 10.26 0.68 -1.39
C VAL A 92 10.10 1.49 -0.14
N HIS A 93 10.10 2.82 -0.30
CA HIS A 93 9.59 3.72 0.69
C HIS A 93 8.11 3.77 0.48
N LEU A 94 7.33 2.98 1.23
CA LEU A 94 5.90 3.02 1.16
C LEU A 94 5.36 4.21 1.89
N LEU A 95 4.61 5.08 1.18
CA LEU A 95 3.94 6.18 1.79
C LEU A 95 2.55 5.78 2.11
N LEU A 96 2.28 5.51 3.40
CA LEU A 96 1.05 5.01 3.91
C LEU A 96 0.38 6.04 4.76
N GLU A 97 -0.96 6.11 4.74
CA GLU A 97 -1.75 6.97 5.56
C GLU A 97 -2.66 6.14 6.40
N LYS A 98 -2.72 6.47 7.70
CA LYS A 98 -3.51 5.80 8.68
C LYS A 98 -4.98 5.93 8.48
N GLY A 99 -5.66 4.79 8.30
CA GLY A 99 -7.08 4.68 8.10
C GLY A 99 -7.79 4.36 9.38
N GLN A 100 -7.88 5.35 10.28
CA GLN A 100 -8.42 5.18 11.59
C GLN A 100 -9.34 6.30 11.91
N VAL A 101 -10.24 6.13 12.90
CA VAL A 101 -11.30 7.06 13.21
C VAL A 101 -10.83 8.04 14.22
N PRO A 102 -11.12 9.31 14.19
CA PRO A 102 -10.69 10.24 15.19
C PRO A 102 -11.20 10.01 16.57
N TYR B 7 -11.06 -11.00 -9.36
CA TYR B 7 -10.54 -9.74 -9.80
C TYR B 7 -9.60 -9.20 -8.78
N LEU B 8 -10.09 -8.90 -7.58
CA LEU B 8 -9.39 -8.18 -6.56
C LEU B 8 -8.35 -8.97 -5.85
N VAL B 9 -7.56 -8.29 -4.99
CA VAL B 9 -6.61 -8.81 -4.07
C VAL B 9 -5.47 -9.58 -4.64
N THR B 10 -4.34 -8.85 -4.76
CA THR B 10 -3.14 -9.30 -5.41
C THR B 10 -2.10 -9.02 -4.39
N SER B 11 -1.37 -10.06 -3.94
CA SER B 11 -0.23 -9.93 -3.09
C SER B 11 0.90 -9.33 -3.86
N VAL B 12 1.62 -8.37 -3.26
CA VAL B 12 2.53 -7.52 -3.95
C VAL B 12 3.43 -6.96 -2.86
N MET A 8 -1.86 6.45 14.58
CA MET A 8 -3.11 6.34 15.27
C MET A 8 -3.65 7.69 15.56
N LYS A 9 -3.19 8.69 14.79
CA LYS A 9 -3.70 10.03 14.77
C LYS A 9 -4.13 10.32 13.38
N PRO A 10 -5.06 11.19 13.12
CA PRO A 10 -5.59 11.38 11.80
C PRO A 10 -4.61 12.05 10.89
N GLY A 11 -4.35 11.44 9.72
CA GLY A 11 -3.43 11.95 8.75
C GLY A 11 -2.00 11.74 9.11
N ASP A 12 -1.70 10.80 10.02
CA ASP A 12 -0.35 10.51 10.40
C ASP A 12 0.27 9.61 9.39
N THR A 13 0.88 10.21 8.35
CA THR A 13 1.53 9.55 7.27
C THR A 13 2.86 8.99 7.67
N PHE A 14 3.10 7.72 7.31
CA PHE A 14 4.30 7.00 7.63
C PHE A 14 4.98 6.64 6.35
N GLU A 15 6.30 6.86 6.30
CA GLU A 15 7.10 6.76 5.12
C GLU A 15 8.07 5.64 5.29
N VAL A 16 7.51 4.41 5.31
CA VAL A 16 8.14 3.18 5.69
C VAL A 16 9.05 2.67 4.62
N GLU A 17 10.37 2.63 4.84
CA GLU A 17 11.31 2.18 3.85
C GLU A 17 11.75 0.78 4.10
N LEU A 18 11.50 -0.10 3.12
CA LEU A 18 11.69 -1.51 3.23
C LEU A 18 12.41 -1.99 2.01
N ALA A 19 12.77 -3.29 2.00
CA ALA A 19 13.08 -4.00 0.80
C ALA A 19 12.08 -5.09 0.62
N LYS A 20 11.40 -5.15 -0.53
CA LYS A 20 10.41 -6.16 -0.82
C LYS A 20 11.02 -7.48 -1.15
N THR A 21 10.36 -8.57 -0.73
CA THR A 21 10.89 -9.90 -0.77
C THR A 21 10.53 -10.57 -2.05
N ASP A 22 11.37 -10.38 -3.08
CA ASP A 22 11.29 -10.98 -4.38
C ASP A 22 10.12 -10.55 -5.20
N GLY A 23 9.34 -9.56 -4.74
CA GLY A 23 8.10 -9.15 -5.32
C GLY A 23 7.00 -9.42 -4.34
N SER A 24 6.95 -8.59 -3.27
CA SER A 24 6.18 -8.78 -2.09
C SER A 24 6.65 -7.79 -1.06
N LEU A 25 5.88 -6.70 -0.94
CA LEU A 25 5.78 -5.90 0.25
C LEU A 25 5.05 -6.74 1.25
N GLY A 26 3.97 -7.38 0.77
CA GLY A 26 3.22 -8.36 1.48
C GLY A 26 1.84 -7.87 1.77
N ILE A 27 1.25 -7.19 0.78
CA ILE A 27 -0.07 -6.66 0.90
C ILE A 27 -0.90 -7.09 -0.27
N SER A 28 -2.12 -7.57 0.02
CA SER A 28 -3.16 -7.71 -0.96
C SER A 28 -3.92 -6.44 -1.15
N VAL A 29 -3.91 -5.90 -2.39
CA VAL A 29 -4.47 -4.62 -2.67
C VAL A 29 -5.93 -4.59 -2.99
N THR A 30 -6.63 -3.55 -2.53
CA THR A 30 -8.01 -3.28 -2.79
C THR A 30 -8.24 -1.82 -2.96
N GLY A 31 -9.45 -1.45 -3.40
CA GLY A 31 -9.83 -0.10 -3.70
C GLY A 31 -9.60 0.24 -5.13
N GLY A 32 -8.95 1.38 -5.39
CA GLY A 32 -8.59 1.84 -6.70
C GLY A 32 -9.59 2.79 -7.24
N VAL A 33 -9.17 3.62 -8.21
CA VAL A 33 -9.99 4.52 -8.96
C VAL A 33 -11.25 3.90 -9.46
N ASN A 34 -11.15 2.64 -9.91
CA ASN A 34 -12.20 1.86 -10.50
C ASN A 34 -13.30 1.47 -9.57
N THR A 35 -13.02 1.37 -8.26
CA THR A 35 -13.99 1.03 -7.26
C THR A 35 -14.82 2.20 -6.88
N SER A 36 -14.20 3.40 -6.89
CA SER A 36 -14.71 4.68 -6.50
C SER A 36 -14.34 4.99 -5.10
N VAL A 37 -13.15 5.60 -4.93
CA VAL A 37 -12.47 5.83 -3.70
C VAL A 37 -12.28 7.28 -3.49
N ARG A 38 -11.29 7.71 -2.69
CA ARG A 38 -10.88 9.07 -2.56
C ARG A 38 -9.94 9.46 -3.64
N HIS A 39 -10.45 9.74 -4.86
CA HIS A 39 -9.72 9.91 -6.07
C HIS A 39 -9.17 8.64 -6.58
N GLY A 40 -8.05 8.17 -6.02
CA GLY A 40 -7.34 6.99 -6.39
C GLY A 40 -6.62 6.45 -5.19
N GLY A 41 -5.29 6.32 -5.26
CA GLY A 41 -4.52 5.63 -4.28
C GLY A 41 -4.68 4.15 -4.39
N ILE A 42 -4.19 3.38 -3.41
CA ILE A 42 -4.65 2.02 -3.25
C ILE A 42 -4.69 1.76 -1.79
N TYR A 43 -5.44 0.74 -1.32
CA TYR A 43 -5.57 0.45 0.07
C TYR A 43 -5.19 -0.97 0.27
N VAL A 44 -4.97 -1.39 1.53
CA VAL A 44 -4.79 -2.75 1.91
C VAL A 44 -6.10 -3.42 2.09
N LYS A 45 -6.25 -4.69 1.68
CA LYS A 45 -7.29 -5.56 2.14
C LYS A 45 -6.76 -6.41 3.24
N ALA A 46 -5.70 -7.18 2.98
CA ALA A 46 -5.10 -8.08 3.91
C ALA A 46 -3.61 -7.95 3.91
N ILE A 47 -3.01 -8.11 5.10
CA ILE A 47 -1.60 -8.14 5.33
C ILE A 47 -1.22 -9.58 5.49
N ILE A 48 -0.17 -10.04 4.79
CA ILE A 48 0.27 -11.40 4.89
C ILE A 48 1.26 -11.60 5.98
N PRO A 49 1.53 -12.79 6.42
CA PRO A 49 2.53 -13.04 7.43
C PRO A 49 3.92 -12.73 7.00
N LYS A 50 4.48 -11.60 7.46
CA LYS A 50 5.85 -11.22 7.33
C LYS A 50 6.44 -11.29 5.97
N GLY A 51 6.02 -10.40 5.05
CA GLY A 51 6.74 -10.15 3.84
C GLY A 51 7.82 -9.17 4.12
N ALA A 52 7.51 -7.87 3.91
CA ALA A 52 8.30 -6.76 4.31
C ALA A 52 7.47 -5.79 5.07
N ALA A 53 6.20 -5.61 4.66
CA ALA A 53 5.29 -4.62 5.17
C ALA A 53 4.82 -4.87 6.57
N GLU A 54 4.38 -6.09 6.91
CA GLU A 54 4.06 -6.43 8.27
C GLU A 54 5.20 -6.23 9.20
N SER A 55 6.42 -6.45 8.69
CA SER A 55 7.64 -6.25 9.43
C SER A 55 8.02 -4.84 9.72
N ASP A 56 7.24 -3.81 9.30
CA ASP A 56 7.24 -2.53 9.93
C ASP A 56 6.53 -2.66 11.23
N GLY A 57 5.24 -2.31 11.26
CA GLY A 57 4.43 -2.55 12.42
C GLY A 57 3.31 -1.58 12.57
N ARG A 58 3.36 -0.45 11.83
CA ARG A 58 2.35 0.56 11.86
C ARG A 58 1.23 0.22 10.94
N ILE A 59 1.50 -0.62 9.93
CA ILE A 59 0.63 -1.09 8.91
C ILE A 59 -0.44 -2.01 9.40
N HIS A 60 -1.70 -1.82 8.96
CA HIS A 60 -2.72 -2.80 9.17
C HIS A 60 -3.69 -2.92 8.05
N LYS A 61 -4.73 -3.74 8.27
CA LYS A 61 -5.62 -4.27 7.28
C LYS A 61 -6.77 -3.35 7.03
N GLY A 62 -6.56 -2.31 6.21
CA GLY A 62 -7.59 -1.35 5.94
C GLY A 62 -7.05 0.00 5.61
N ASP A 63 -5.75 0.24 5.87
CA ASP A 63 -5.08 1.47 5.60
C ASP A 63 -4.92 1.78 4.16
N ARG A 64 -4.47 3.02 3.86
CA ARG A 64 -4.25 3.52 2.54
C ARG A 64 -2.79 3.61 2.28
N VAL A 65 -2.35 3.32 1.04
CA VAL A 65 -1.05 3.66 0.54
C VAL A 65 -1.25 4.74 -0.48
N LEU A 66 -0.50 5.85 -0.36
CA LEU A 66 -0.59 6.96 -1.25
C LEU A 66 0.55 7.03 -2.19
N ALA A 67 1.77 6.60 -1.79
CA ALA A 67 2.88 6.66 -2.69
C ALA A 67 3.88 5.59 -2.40
N VAL A 68 4.70 5.22 -3.41
CA VAL A 68 5.67 4.18 -3.28
C VAL A 68 6.97 4.59 -3.89
N ASN A 69 8.07 4.64 -3.13
CA ASN A 69 9.38 5.00 -3.61
C ASN A 69 9.46 6.41 -4.05
N GLY A 70 8.50 7.25 -3.61
CA GLY A 70 8.32 8.59 -4.07
C GLY A 70 7.54 8.67 -5.34
N VAL A 71 6.67 7.68 -5.61
CA VAL A 71 5.80 7.64 -6.74
C VAL A 71 4.41 7.53 -6.24
N SER A 72 3.66 8.64 -6.30
CA SER A 72 2.27 8.71 -5.93
C SER A 72 1.36 7.92 -6.80
N LEU A 73 0.38 7.25 -6.19
CA LEU A 73 -0.63 6.46 -6.82
C LEU A 73 -1.74 7.33 -7.33
N GLU A 74 -1.39 8.38 -8.07
CA GLU A 74 -2.28 9.35 -8.61
C GLU A 74 -3.02 8.79 -9.77
N GLY A 75 -4.33 8.52 -9.58
CA GLY A 75 -5.16 7.90 -10.58
C GLY A 75 -4.90 6.45 -10.76
N ALA A 76 -4.45 5.73 -9.71
CA ALA A 76 -4.19 4.34 -9.79
C ALA A 76 -5.40 3.49 -9.59
N THR A 77 -5.52 2.44 -10.43
CA THR A 77 -6.57 1.46 -10.42
C THR A 77 -6.13 0.30 -9.60
N HIS A 78 -6.80 -0.85 -9.68
CA HIS A 78 -6.28 -2.08 -9.16
C HIS A 78 -5.05 -2.51 -9.89
N LYS A 79 -5.12 -2.53 -11.24
CA LYS A 79 -4.03 -2.90 -12.09
C LYS A 79 -2.88 -1.95 -12.00
N GLN A 80 -3.12 -0.63 -12.11
CA GLN A 80 -2.09 0.35 -12.00
C GLN A 80 -1.48 0.45 -10.64
N ALA A 81 -2.22 0.19 -9.56
CA ALA A 81 -1.63 0.05 -8.26
C ALA A 81 -0.70 -1.09 -8.13
N VAL A 82 -1.07 -2.29 -8.65
CA VAL A 82 -0.24 -3.44 -8.69
C VAL A 82 1.07 -3.15 -9.36
N GLU A 83 1.08 -2.56 -10.56
CA GLU A 83 2.26 -2.15 -11.23
C GLU A 83 3.10 -1.18 -10.47
N THR A 84 2.49 -0.16 -9.85
CA THR A 84 3.13 0.87 -9.10
C THR A 84 3.82 0.41 -7.86
N LEU A 85 3.31 -0.66 -7.21
CA LEU A 85 3.89 -1.25 -6.04
C LEU A 85 4.89 -2.30 -6.38
N ARG A 86 4.53 -3.24 -7.27
CA ARG A 86 5.32 -4.40 -7.59
C ARG A 86 6.46 -4.14 -8.51
N ASN A 87 6.36 -3.21 -9.47
CA ASN A 87 7.36 -3.02 -10.48
C ASN A 87 8.35 -2.00 -10.05
N THR A 88 8.68 -2.04 -8.75
CA THR A 88 9.71 -1.27 -8.10
C THR A 88 10.95 -2.10 -8.06
N GLY A 89 12.10 -1.52 -7.69
CA GLY A 89 13.36 -2.18 -7.78
C GLY A 89 13.63 -3.08 -6.62
N GLN A 90 14.06 -2.49 -5.48
CA GLN A 90 14.31 -3.23 -4.28
C GLN A 90 13.77 -2.47 -3.13
N VAL A 91 14.21 -1.21 -2.91
CA VAL A 91 13.68 -0.39 -1.87
C VAL A 91 12.36 0.20 -2.25
N VAL A 92 11.39 0.06 -1.33
CA VAL A 92 10.14 0.74 -1.37
C VAL A 92 10.08 1.65 -0.18
N HIS A 93 9.98 2.97 -0.42
CA HIS A 93 9.53 3.90 0.56
C HIS A 93 8.04 3.94 0.49
N LEU A 94 7.34 3.20 1.37
CA LEU A 94 5.91 3.11 1.34
C LEU A 94 5.30 4.24 2.10
N LEU A 95 4.60 5.14 1.38
CA LEU A 95 3.97 6.29 1.94
C LEU A 95 2.55 5.94 2.25
N LEU A 96 2.24 5.74 3.55
CA LEU A 96 1.06 5.12 4.04
C LEU A 96 0.25 6.06 4.86
N GLU A 97 -1.09 5.97 4.79
CA GLU A 97 -2.02 6.77 5.53
C GLU A 97 -2.92 5.89 6.32
N LYS A 98 -3.20 6.30 7.56
CA LYS A 98 -3.91 5.52 8.54
C LYS A 98 -5.38 5.45 8.29
N GLY A 99 -5.97 4.26 8.42
CA GLY A 99 -7.39 4.08 8.43
C GLY A 99 -7.94 4.17 9.82
N GLN A 100 -7.76 5.34 10.47
CA GLN A 100 -8.12 5.61 11.82
C GLN A 100 -8.99 6.81 11.90
N VAL A 101 -9.28 7.28 13.12
CA VAL A 101 -10.27 8.28 13.43
C VAL A 101 -9.66 9.32 14.29
N PRO A 102 -10.13 10.53 14.38
CA PRO A 102 -9.73 11.45 15.39
C PRO A 102 -10.09 11.05 16.79
N TYR B 7 -12.24 -10.58 -8.69
CA TYR B 7 -10.89 -11.01 -8.50
C TYR B 7 -10.23 -10.16 -7.48
N LEU B 8 -9.83 -8.93 -7.86
CA LEU B 8 -9.12 -7.97 -7.06
C LEU B 8 -7.87 -8.51 -6.47
N VAL B 9 -7.48 -8.03 -5.28
CA VAL B 9 -6.69 -8.64 -4.26
C VAL B 9 -5.56 -9.49 -4.72
N THR B 10 -4.39 -8.83 -4.78
CA THR B 10 -3.23 -9.30 -5.48
C THR B 10 -2.12 -8.97 -4.54
N SER B 11 -1.33 -9.98 -4.13
CA SER B 11 -0.25 -9.82 -3.22
C SER B 11 0.99 -9.36 -3.92
N VAL B 12 1.59 -8.27 -3.41
CA VAL B 12 2.55 -7.48 -4.11
C VAL B 12 3.47 -6.89 -3.04
N MET A 8 -2.46 4.76 14.99
CA MET A 8 -2.32 5.62 16.12
C MET A 8 -3.14 6.85 15.92
N LYS A 9 -2.62 7.83 15.16
CA LYS A 9 -3.21 9.11 14.96
C LYS A 9 -4.08 9.13 13.76
N PRO A 10 -5.11 9.92 13.66
CA PRO A 10 -5.98 9.94 12.53
C PRO A 10 -5.39 10.54 11.30
N GLY A 11 -5.18 9.74 10.24
CA GLY A 11 -4.71 10.21 8.98
C GLY A 11 -3.25 10.53 8.94
N ASP A 12 -2.44 9.84 9.78
CA ASP A 12 -1.05 10.13 9.91
C ASP A 12 -0.27 9.39 8.88
N THR A 13 0.68 10.05 8.19
CA THR A 13 1.51 9.40 7.22
C THR A 13 2.77 8.86 7.81
N PHE A 14 3.13 7.64 7.38
CA PHE A 14 4.36 6.99 7.70
C PHE A 14 5.04 6.70 6.41
N GLU A 15 6.26 7.25 6.24
CA GLU A 15 7.06 7.08 5.07
C GLU A 15 8.01 5.96 5.31
N VAL A 16 7.50 4.72 5.28
CA VAL A 16 8.17 3.49 5.58
C VAL A 16 9.17 3.19 4.51
N GLU A 17 10.26 2.45 4.78
CA GLU A 17 11.08 1.91 3.74
C GLU A 17 11.31 0.46 3.99
N LEU A 18 10.94 -0.39 3.01
CA LEU A 18 11.03 -1.81 3.09
C LEU A 18 11.86 -2.32 1.98
N ALA A 19 12.13 -3.64 1.96
CA ALA A 19 12.40 -4.34 0.74
C ALA A 19 11.44 -5.48 0.64
N LYS A 20 10.87 -5.70 -0.55
CA LYS A 20 10.05 -6.82 -0.90
C LYS A 20 10.78 -8.11 -0.92
N THR A 21 10.24 -9.15 -0.24
CA THR A 21 10.83 -10.45 -0.16
C THR A 21 10.26 -11.33 -1.21
N ASP A 22 11.02 -11.52 -2.30
CA ASP A 22 10.62 -12.15 -3.53
C ASP A 22 9.37 -11.60 -4.11
N GLY A 23 9.40 -10.32 -4.52
CA GLY A 23 8.30 -9.66 -5.14
C GLY A 23 7.04 -9.63 -4.34
N SER A 24 7.14 -9.22 -3.06
CA SER A 24 6.09 -9.35 -2.10
C SER A 24 6.54 -8.62 -0.88
N LEU A 25 6.05 -7.37 -0.74
CA LEU A 25 6.05 -6.58 0.45
C LEU A 25 5.19 -7.26 1.44
N GLY A 26 4.05 -7.78 0.93
CA GLY A 26 3.15 -8.63 1.65
C GLY A 26 1.93 -7.88 2.03
N ILE A 27 1.38 -7.15 1.05
CA ILE A 27 0.04 -6.62 1.13
C ILE A 27 -0.77 -7.09 -0.02
N SER A 28 -2.02 -7.49 0.23
CA SER A 28 -3.04 -7.63 -0.77
C SER A 28 -3.72 -6.33 -1.02
N VAL A 29 -3.67 -5.80 -2.25
CA VAL A 29 -4.19 -4.50 -2.55
C VAL A 29 -5.62 -4.44 -2.97
N THR A 30 -6.42 -3.56 -2.34
CA THR A 30 -7.80 -3.32 -2.65
C THR A 30 -8.04 -1.87 -2.90
N GLY A 31 -9.21 -1.55 -3.49
CA GLY A 31 -9.64 -0.23 -3.81
C GLY A 31 -9.31 0.18 -5.21
N GLY A 32 -8.70 1.37 -5.36
CA GLY A 32 -8.28 1.94 -6.59
C GLY A 32 -9.21 3.02 -7.03
N VAL A 33 -8.75 3.94 -7.90
CA VAL A 33 -9.47 5.07 -8.37
C VAL A 33 -10.74 4.73 -9.09
N ASN A 34 -10.81 3.48 -9.59
CA ASN A 34 -11.87 2.95 -10.39
C ASN A 34 -13.23 3.09 -9.80
N THR A 35 -13.40 2.67 -8.53
CA THR A 35 -14.60 2.85 -7.79
C THR A 35 -14.26 2.57 -6.36
N SER A 36 -15.12 2.98 -5.41
CA SER A 36 -15.09 2.65 -4.02
C SER A 36 -14.24 3.49 -3.11
N VAL A 37 -13.24 4.23 -3.60
CA VAL A 37 -12.32 4.92 -2.75
C VAL A 37 -12.79 6.31 -2.51
N ARG A 38 -11.96 7.16 -1.89
CA ARG A 38 -12.24 8.56 -1.77
C ARG A 38 -11.99 9.26 -3.06
N HIS A 39 -10.74 9.25 -3.56
CA HIS A 39 -10.46 9.65 -4.89
C HIS A 39 -9.10 9.29 -5.41
N GLY A 40 -8.26 8.54 -4.69
CA GLY A 40 -6.96 8.24 -5.22
C GLY A 40 -6.06 7.57 -4.25
N GLY A 41 -5.82 6.25 -4.45
CA GLY A 41 -4.88 5.51 -3.67
C GLY A 41 -5.17 4.06 -3.82
N ILE A 42 -4.28 3.20 -3.30
CA ILE A 42 -4.58 1.81 -3.14
C ILE A 42 -4.55 1.56 -1.67
N TYR A 43 -5.32 0.58 -1.16
CA TYR A 43 -5.51 0.44 0.26
C TYR A 43 -5.19 -0.98 0.56
N VAL A 44 -4.76 -1.32 1.79
CA VAL A 44 -4.46 -2.68 2.12
C VAL A 44 -5.68 -3.44 2.49
N LYS A 45 -5.92 -4.59 1.85
CA LYS A 45 -6.97 -5.51 2.19
C LYS A 45 -6.51 -6.41 3.29
N ALA A 46 -5.39 -7.09 3.08
CA ALA A 46 -4.88 -8.08 3.98
C ALA A 46 -3.40 -7.97 4.09
N ILE A 47 -2.88 -8.09 5.33
CA ILE A 47 -1.49 -8.12 5.67
C ILE A 47 -1.05 -9.55 5.66
N ILE A 48 0.19 -9.84 5.24
CA ILE A 48 0.80 -11.11 5.50
C ILE A 48 1.46 -11.04 6.83
N PRO A 49 1.13 -11.79 7.84
CA PRO A 49 1.87 -11.78 9.07
C PRO A 49 3.10 -12.61 8.98
N LYS A 50 4.04 -12.19 8.12
CA LYS A 50 5.34 -12.71 7.80
C LYS A 50 5.73 -12.34 6.41
N GLY A 51 5.54 -11.09 5.99
CA GLY A 51 6.11 -10.57 4.78
C GLY A 51 7.22 -9.62 5.08
N ALA A 52 7.06 -8.38 4.60
CA ALA A 52 7.95 -7.27 4.83
C ALA A 52 7.19 -6.10 5.33
N ALA A 53 5.91 -5.93 4.93
CA ALA A 53 5.07 -4.84 5.29
C ALA A 53 4.64 -4.88 6.72
N GLU A 54 4.18 -6.04 7.22
CA GLU A 54 3.95 -6.28 8.61
C GLU A 54 5.14 -6.01 9.47
N SER A 55 6.35 -6.25 8.93
CA SER A 55 7.58 -5.97 9.62
C SER A 55 7.81 -4.56 10.04
N ASP A 56 7.13 -3.58 9.41
CA ASP A 56 7.04 -2.23 9.86
C ASP A 56 6.38 -2.16 11.18
N GLY A 57 5.04 -2.23 11.22
CA GLY A 57 4.29 -2.41 12.42
C GLY A 57 3.22 -1.39 12.63
N ARG A 58 3.29 -0.24 11.95
CA ARG A 58 2.25 0.75 11.96
C ARG A 58 1.07 0.34 11.14
N ILE A 59 1.30 -0.44 10.07
CA ILE A 59 0.29 -0.94 9.20
C ILE A 59 -0.58 -1.98 9.80
N HIS A 60 -1.88 -1.92 9.47
CA HIS A 60 -2.82 -2.99 9.66
C HIS A 60 -3.61 -3.06 8.41
N LYS A 61 -4.77 -3.74 8.41
CA LYS A 61 -5.68 -3.69 7.30
C LYS A 61 -6.37 -2.38 7.24
N GLY A 62 -6.76 -1.92 6.04
CA GLY A 62 -7.54 -0.73 5.89
C GLY A 62 -6.76 0.53 5.70
N ASP A 63 -5.43 0.49 5.88
CA ASP A 63 -4.59 1.64 5.70
C ASP A 63 -4.39 1.96 4.26
N ARG A 64 -4.23 3.25 3.95
CA ARG A 64 -4.24 3.79 2.62
C ARG A 64 -2.85 4.07 2.16
N VAL A 65 -2.34 3.33 1.16
CA VAL A 65 -1.07 3.63 0.57
C VAL A 65 -1.28 4.66 -0.49
N LEU A 66 -0.69 5.85 -0.29
CA LEU A 66 -0.81 6.96 -1.19
C LEU A 66 0.29 6.97 -2.19
N ALA A 67 1.53 6.60 -1.80
CA ALA A 67 2.62 6.70 -2.72
C ALA A 67 3.68 5.69 -2.46
N VAL A 68 4.60 5.55 -3.43
CA VAL A 68 5.66 4.60 -3.33
C VAL A 68 6.92 5.15 -3.93
N ASN A 69 8.08 5.13 -3.27
CA ASN A 69 9.26 5.80 -3.71
C ASN A 69 9.14 7.25 -4.05
N GLY A 70 8.08 7.92 -3.56
CA GLY A 70 7.74 9.27 -3.92
C GLY A 70 6.75 9.38 -5.04
N VAL A 71 6.19 8.26 -5.53
CA VAL A 71 5.31 8.19 -6.65
C VAL A 71 3.93 7.92 -6.19
N SER A 72 3.06 8.95 -6.14
CA SER A 72 1.70 8.81 -5.74
C SER A 72 0.83 8.06 -6.70
N LEU A 73 -0.13 7.31 -6.14
CA LEU A 73 -1.10 6.48 -6.79
C LEU A 73 -2.28 7.24 -7.28
N GLU A 74 -2.05 8.41 -7.90
CA GLU A 74 -3.09 9.26 -8.40
C GLU A 74 -3.53 8.81 -9.75
N GLY A 75 -4.81 8.41 -9.87
CA GLY A 75 -5.35 7.77 -11.03
C GLY A 75 -5.10 6.30 -11.07
N ALA A 76 -4.54 5.70 -10.00
CA ALA A 76 -4.22 4.32 -10.00
C ALA A 76 -5.35 3.43 -9.61
N THR A 77 -5.55 2.35 -10.40
CA THR A 77 -6.58 1.38 -10.30
C THR A 77 -6.04 0.20 -9.56
N HIS A 78 -6.64 -1.00 -9.68
CA HIS A 78 -6.03 -2.22 -9.29
C HIS A 78 -4.81 -2.51 -10.10
N LYS A 79 -4.94 -2.57 -11.45
CA LYS A 79 -3.86 -2.88 -12.33
C LYS A 79 -2.77 -1.86 -12.32
N GLN A 80 -3.11 -0.56 -12.24
CA GLN A 80 -2.13 0.47 -12.11
C GLN A 80 -1.46 0.52 -10.78
N ALA A 81 -2.16 0.25 -9.66
CA ALA A 81 -1.52 0.12 -8.39
C ALA A 81 -0.58 -1.03 -8.28
N VAL A 82 -0.88 -2.15 -8.97
CA VAL A 82 0.02 -3.26 -9.06
C VAL A 82 1.30 -2.84 -9.68
N GLU A 83 1.34 -2.25 -10.89
CA GLU A 83 2.55 -1.78 -11.48
C GLU A 83 3.39 -0.89 -10.63
N THR A 84 2.77 0.09 -9.94
CA THR A 84 3.37 1.01 -9.03
C THR A 84 4.12 0.38 -7.91
N LEU A 85 3.59 -0.65 -7.23
CA LEU A 85 4.24 -1.34 -6.16
C LEU A 85 5.04 -2.53 -6.57
N ARG A 86 4.61 -3.25 -7.62
CA ARG A 86 5.21 -4.46 -8.10
C ARG A 86 6.42 -4.21 -8.93
N ASN A 87 6.40 -3.34 -9.95
CA ASN A 87 7.47 -3.21 -10.88
C ASN A 87 8.46 -2.17 -10.46
N THR A 88 8.95 -2.30 -9.21
CA THR A 88 9.92 -1.48 -8.58
C THR A 88 11.28 -2.09 -8.71
N GLY A 89 12.29 -1.63 -7.94
CA GLY A 89 13.60 -2.20 -7.94
C GLY A 89 13.81 -3.14 -6.80
N GLN A 90 14.00 -2.61 -5.58
CA GLN A 90 14.20 -3.42 -4.41
C GLN A 90 13.69 -2.71 -3.21
N VAL A 91 14.23 -1.52 -2.89
CA VAL A 91 13.70 -0.72 -1.82
C VAL A 91 12.40 -0.11 -2.23
N VAL A 92 11.38 -0.37 -1.39
CA VAL A 92 10.06 0.16 -1.57
C VAL A 92 9.79 1.03 -0.39
N HIS A 93 9.86 2.36 -0.58
CA HIS A 93 9.33 3.29 0.37
C HIS A 93 7.84 3.31 0.30
N LEU A 94 7.13 2.80 1.33
CA LEU A 94 5.70 2.78 1.36
C LEU A 94 5.22 4.01 2.04
N LEU A 95 4.59 4.93 1.28
CA LEU A 95 3.96 6.08 1.84
C LEU A 95 2.56 5.75 2.20
N LEU A 96 2.35 5.39 3.47
CA LEU A 96 1.13 4.90 4.03
C LEU A 96 0.49 5.96 4.86
N GLU A 97 -0.85 6.08 4.75
CA GLU A 97 -1.70 6.89 5.58
C GLU A 97 -2.48 5.98 6.46
N LYS A 98 -2.59 6.39 7.74
CA LYS A 98 -3.25 5.62 8.76
C LYS A 98 -4.73 5.74 8.73
N GLY A 99 -5.45 4.60 8.68
CA GLY A 99 -6.88 4.55 8.64
C GLY A 99 -7.52 4.60 9.99
N GLN A 100 -7.22 5.66 10.76
CA GLN A 100 -7.72 5.90 12.08
C GLN A 100 -8.65 7.07 12.09
N VAL A 101 -9.62 7.06 13.01
CA VAL A 101 -10.66 8.04 13.14
C VAL A 101 -10.41 8.79 14.40
N PRO A 102 -10.67 10.07 14.56
CA PRO A 102 -10.34 10.77 15.76
C PRO A 102 -11.11 10.35 16.97
N TYR B 7 -12.52 -8.37 -10.13
CA TYR B 7 -11.67 -8.99 -9.16
C TYR B 7 -10.48 -8.12 -8.92
N LEU B 8 -9.81 -8.27 -7.76
CA LEU B 8 -8.66 -7.49 -7.40
C LEU B 8 -7.78 -8.31 -6.53
N VAL B 9 -7.04 -7.67 -5.60
CA VAL B 9 -6.25 -8.33 -4.59
C VAL B 9 -5.08 -9.07 -5.14
N THR B 10 -3.89 -8.46 -4.95
CA THR B 10 -2.66 -8.93 -5.50
C THR B 10 -1.72 -8.78 -4.35
N SER B 11 -1.06 -9.89 -3.97
CA SER B 11 0.05 -9.90 -3.06
C SER B 11 1.22 -9.28 -3.74
N VAL B 12 1.78 -8.20 -3.17
CA VAL B 12 2.72 -7.37 -3.85
C VAL B 12 3.66 -6.90 -2.75
N MET A 8 -0.87 5.34 18.58
CA MET A 8 -1.72 5.51 17.45
C MET A 8 -2.40 6.83 17.48
N LYS A 9 -2.62 7.43 16.30
CA LYS A 9 -3.29 8.70 16.16
C LYS A 9 -4.02 8.70 14.86
N PRO A 10 -5.14 9.33 14.68
CA PRO A 10 -5.79 9.37 13.39
C PRO A 10 -5.07 10.22 12.42
N GLY A 11 -4.95 9.79 11.15
CA GLY A 11 -4.43 10.58 10.08
C GLY A 11 -2.93 10.74 10.05
N ASP A 12 -2.19 9.85 10.72
CA ASP A 12 -0.76 9.90 10.77
C ASP A 12 -0.16 9.26 9.56
N THR A 13 0.78 9.92 8.88
CA THR A 13 1.45 9.42 7.72
C THR A 13 2.78 8.85 8.08
N PHE A 14 3.06 7.61 7.62
CA PHE A 14 4.31 6.93 7.83
C PHE A 14 4.89 6.56 6.52
N GLU A 15 6.07 7.12 6.20
CA GLU A 15 6.88 6.72 5.09
C GLU A 15 7.73 5.55 5.48
N VAL A 16 7.19 4.33 5.35
CA VAL A 16 7.83 3.07 5.62
C VAL A 16 8.63 2.66 4.43
N GLU A 17 9.95 2.46 4.55
CA GLU A 17 10.81 2.18 3.44
C GLU A 17 11.54 0.89 3.62
N LEU A 18 11.28 -0.08 2.74
CA LEU A 18 11.72 -1.43 2.95
C LEU A 18 11.95 -2.16 1.68
N ALA A 19 12.60 -3.34 1.76
CA ALA A 19 12.85 -4.20 0.65
C ALA A 19 11.93 -5.36 0.66
N LYS A 20 11.41 -5.75 -0.52
CA LYS A 20 10.37 -6.74 -0.64
C LYS A 20 10.87 -8.12 -0.43
N THR A 21 9.97 -9.07 -0.13
CA THR A 21 10.29 -10.45 0.07
C THR A 21 10.16 -11.19 -1.21
N ASP A 22 11.10 -10.93 -2.14
CA ASP A 22 11.14 -11.44 -3.48
C ASP A 22 9.90 -11.20 -4.28
N GLY A 23 9.60 -9.91 -4.51
CA GLY A 23 8.49 -9.48 -5.30
C GLY A 23 7.18 -9.47 -4.59
N SER A 24 7.17 -9.06 -3.30
CA SER A 24 6.03 -9.12 -2.44
C SER A 24 6.42 -8.52 -1.13
N LEU A 25 5.90 -7.32 -0.83
CA LEU A 25 5.93 -6.62 0.41
C LEU A 25 5.14 -7.40 1.40
N GLY A 26 3.92 -7.78 0.97
CA GLY A 26 3.04 -8.67 1.68
C GLY A 26 1.70 -8.06 1.94
N ILE A 27 1.23 -7.22 1.00
CA ILE A 27 -0.07 -6.63 1.10
C ILE A 27 -0.91 -6.98 -0.08
N SER A 28 -2.13 -7.48 0.16
CA SER A 28 -3.15 -7.52 -0.84
C SER A 28 -3.80 -6.19 -1.03
N VAL A 29 -3.77 -5.68 -2.26
CA VAL A 29 -4.26 -4.37 -2.56
C VAL A 29 -5.70 -4.30 -2.94
N THR A 30 -6.44 -3.34 -2.36
CA THR A 30 -7.79 -3.03 -2.68
C THR A 30 -7.92 -1.55 -2.89
N GLY A 31 -9.06 -1.13 -3.43
CA GLY A 31 -9.33 0.24 -3.77
C GLY A 31 -8.85 0.61 -5.14
N GLY A 32 -8.42 1.87 -5.31
CA GLY A 32 -8.06 2.42 -6.58
C GLY A 32 -9.22 3.05 -7.27
N VAL A 33 -8.98 3.79 -8.37
CA VAL A 33 -9.95 4.58 -9.04
C VAL A 33 -11.15 3.85 -9.54
N ASN A 34 -11.08 2.53 -9.75
CA ASN A 34 -12.15 1.76 -10.29
C ASN A 34 -13.30 1.56 -9.36
N THR A 35 -13.07 1.72 -8.05
CA THR A 35 -14.08 1.67 -7.03
C THR A 35 -14.27 3.02 -6.43
N SER A 36 -15.36 3.19 -5.66
CA SER A 36 -15.59 4.38 -4.89
C SER A 36 -14.88 4.25 -3.59
N VAL A 37 -13.69 4.87 -3.48
CA VAL A 37 -12.78 4.62 -2.41
C VAL A 37 -12.08 5.91 -2.11
N ARG A 38 -12.88 6.95 -1.86
CA ARG A 38 -12.50 8.32 -1.77
C ARG A 38 -12.13 8.90 -3.09
N HIS A 39 -10.95 8.52 -3.61
CA HIS A 39 -10.35 9.08 -4.77
C HIS A 39 -9.77 8.00 -5.62
N GLY A 40 -8.53 7.56 -5.34
CA GLY A 40 -7.83 6.70 -6.24
C GLY A 40 -6.51 6.18 -5.79
N GLY A 41 -6.20 6.24 -4.48
CA GLY A 41 -5.05 5.61 -3.92
C GLY A 41 -5.29 4.16 -3.71
N ILE A 42 -4.29 3.39 -3.26
CA ILE A 42 -4.46 1.99 -3.07
C ILE A 42 -4.39 1.72 -1.60
N TYR A 43 -5.06 0.66 -1.12
CA TYR A 43 -5.29 0.45 0.28
C TYR A 43 -5.01 -0.99 0.52
N VAL A 44 -4.64 -1.40 1.74
CA VAL A 44 -4.51 -2.79 2.05
C VAL A 44 -5.83 -3.42 2.37
N LYS A 45 -6.10 -4.62 1.84
CA LYS A 45 -7.18 -5.45 2.27
C LYS A 45 -6.72 -6.40 3.32
N ALA A 46 -5.63 -7.13 3.06
CA ALA A 46 -5.13 -8.15 3.93
C ALA A 46 -3.64 -8.11 4.02
N ILE A 47 -3.13 -8.36 5.25
CA ILE A 47 -1.75 -8.48 5.57
C ILE A 47 -1.40 -9.92 5.75
N ILE A 48 -0.34 -10.40 5.07
CA ILE A 48 0.11 -11.74 5.21
C ILE A 48 1.01 -11.92 6.39
N PRO A 49 0.92 -12.97 7.15
CA PRO A 49 1.77 -13.18 8.28
C PRO A 49 3.09 -13.76 7.89
N LYS A 50 3.93 -12.96 7.20
CA LYS A 50 5.27 -13.34 6.84
C LYS A 50 6.22 -12.40 7.50
N GLY A 51 6.55 -11.24 6.88
CA GLY A 51 7.44 -10.33 7.53
C GLY A 51 8.24 -9.40 6.69
N ALA A 52 7.65 -8.74 5.67
CA ALA A 52 8.21 -7.52 5.16
C ALA A 52 7.32 -6.38 5.54
N ALA A 53 6.18 -6.19 4.87
CA ALA A 53 5.28 -5.11 5.13
C ALA A 53 4.67 -5.14 6.49
N GLU A 54 4.19 -6.31 6.92
CA GLU A 54 3.72 -6.56 8.25
C GLU A 54 4.71 -6.20 9.30
N SER A 55 5.99 -6.51 9.01
CA SER A 55 7.07 -6.36 9.94
C SER A 55 7.59 -4.97 10.08
N ASP A 56 7.33 -4.00 9.18
CA ASP A 56 8.11 -2.80 9.17
C ASP A 56 7.82 -1.95 10.36
N GLY A 57 6.54 -1.64 10.58
CA GLY A 57 6.11 -1.35 11.91
C GLY A 57 4.63 -1.30 12.07
N ARG A 58 4.02 -0.18 11.63
CA ARG A 58 2.68 0.18 11.97
C ARG A 58 1.58 -0.46 11.19
N ILE A 59 1.87 -1.20 10.12
CA ILE A 59 0.90 -1.76 9.22
C ILE A 59 0.13 -2.90 9.79
N HIS A 60 -1.21 -2.80 9.76
CA HIS A 60 -2.11 -3.90 9.91
C HIS A 60 -3.04 -3.82 8.75
N LYS A 61 -4.24 -4.42 8.76
CA LYS A 61 -5.10 -4.40 7.59
C LYS A 61 -6.07 -3.28 7.57
N GLY A 62 -5.62 -2.02 7.46
CA GLY A 62 -6.56 -0.95 7.33
C GLY A 62 -6.00 0.41 7.13
N ASP A 63 -4.97 0.58 6.28
CA ASP A 63 -4.41 1.86 5.94
C ASP A 63 -4.59 2.15 4.49
N ARG A 64 -4.21 3.37 4.08
CA ARG A 64 -4.23 3.84 2.73
C ARG A 64 -2.81 4.08 2.32
N VAL A 65 -2.34 3.57 1.17
CA VAL A 65 -1.07 3.92 0.63
C VAL A 65 -1.28 4.93 -0.45
N LEU A 66 -0.69 6.12 -0.28
CA LEU A 66 -0.84 7.23 -1.17
C LEU A 66 0.28 7.28 -2.16
N ALA A 67 1.53 6.98 -1.75
CA ALA A 67 2.62 7.07 -2.67
C ALA A 67 3.61 5.98 -2.50
N VAL A 68 4.29 5.58 -3.59
CA VAL A 68 5.24 4.50 -3.59
C VAL A 68 6.51 4.83 -4.28
N ASN A 69 7.66 4.86 -3.58
CA ASN A 69 8.94 5.19 -4.11
C ASN A 69 8.99 6.58 -4.66
N GLY A 70 8.19 7.48 -4.06
CA GLY A 70 8.03 8.83 -4.52
C GLY A 70 7.14 8.92 -5.72
N VAL A 71 6.15 8.02 -5.83
CA VAL A 71 5.25 7.97 -6.94
C VAL A 71 3.86 7.93 -6.36
N SER A 72 3.17 9.09 -6.33
CA SER A 72 1.82 9.19 -5.88
C SER A 72 0.85 8.55 -6.81
N LEU A 73 -0.12 7.81 -6.26
CA LEU A 73 -1.09 7.02 -6.98
C LEU A 73 -2.21 7.84 -7.51
N GLU A 74 -1.93 8.88 -8.32
CA GLU A 74 -2.91 9.72 -8.91
C GLU A 74 -3.39 9.14 -10.20
N GLY A 75 -4.52 8.40 -10.12
CA GLY A 75 -5.07 7.70 -11.25
C GLY A 75 -4.54 6.31 -11.33
N ALA A 76 -4.50 5.59 -10.21
CA ALA A 76 -4.19 4.19 -10.17
C ALA A 76 -5.40 3.43 -9.74
N THR A 77 -5.55 2.20 -10.27
CA THR A 77 -6.62 1.28 -10.04
C THR A 77 -5.92 0.03 -9.61
N HIS A 78 -6.58 -1.14 -9.59
CA HIS A 78 -5.99 -2.40 -9.25
C HIS A 78 -4.76 -2.74 -10.03
N LYS A 79 -4.82 -2.72 -11.37
CA LYS A 79 -3.73 -3.08 -12.23
C LYS A 79 -2.55 -2.19 -12.08
N GLN A 80 -2.80 -0.87 -12.16
CA GLN A 80 -1.81 0.15 -12.03
C GLN A 80 -1.15 0.18 -10.70
N ALA A 81 -1.90 0.03 -9.59
CA ALA A 81 -1.33 -0.08 -8.29
C ALA A 81 -0.48 -1.29 -8.09
N VAL A 82 -0.85 -2.45 -8.65
CA VAL A 82 -0.03 -3.63 -8.61
C VAL A 82 1.33 -3.35 -9.13
N GLU A 83 1.46 -2.85 -10.38
CA GLU A 83 2.74 -2.65 -10.98
C GLU A 83 3.55 -1.55 -10.39
N THR A 84 2.90 -0.52 -9.81
CA THR A 84 3.48 0.56 -9.09
C THR A 84 4.14 0.13 -7.82
N LEU A 85 3.69 -0.99 -7.23
CA LEU A 85 4.35 -1.69 -6.17
C LEU A 85 5.31 -2.72 -6.67
N ARG A 86 4.93 -3.57 -7.63
CA ARG A 86 5.71 -4.70 -8.04
C ARG A 86 6.96 -4.40 -8.82
N ASN A 87 6.90 -3.51 -9.84
CA ASN A 87 7.98 -3.28 -10.75
C ASN A 87 8.82 -2.15 -10.29
N THR A 88 9.15 -2.18 -8.99
CA THR A 88 10.07 -1.33 -8.31
C THR A 88 11.37 -2.05 -8.18
N GLY A 89 12.50 -1.34 -8.02
CA GLY A 89 13.80 -1.91 -7.96
C GLY A 89 14.06 -2.82 -6.80
N GLN A 90 14.01 -2.27 -5.58
CA GLN A 90 14.16 -3.05 -4.38
C GLN A 90 13.48 -2.33 -3.26
N VAL A 91 13.92 -1.10 -2.96
CA VAL A 91 13.35 -0.30 -1.91
C VAL A 91 12.05 0.29 -2.35
N VAL A 92 11.02 0.00 -1.53
CA VAL A 92 9.69 0.49 -1.68
C VAL A 92 9.44 1.41 -0.52
N HIS A 93 9.45 2.74 -0.77
CA HIS A 93 8.96 3.70 0.17
C HIS A 93 7.48 3.72 0.10
N LEU A 94 6.78 3.14 1.09
CA LEU A 94 5.35 3.14 1.21
C LEU A 94 4.95 4.33 2.00
N LEU A 95 4.36 5.33 1.33
CA LEU A 95 3.79 6.48 1.97
C LEU A 95 2.39 6.14 2.32
N LEU A 96 2.21 5.71 3.58
CA LEU A 96 0.99 5.23 4.15
C LEU A 96 0.37 6.28 5.01
N GLU A 97 -0.98 6.37 5.00
CA GLU A 97 -1.74 7.14 5.95
C GLU A 97 -2.57 6.22 6.77
N LYS A 98 -2.62 6.45 8.09
CA LYS A 98 -3.37 5.70 9.04
C LYS A 98 -4.84 5.75 8.83
N GLY A 99 -5.47 4.59 8.57
CA GLY A 99 -6.87 4.51 8.30
C GLY A 99 -7.69 4.22 9.51
N GLN A 100 -7.65 5.13 10.50
CA GLN A 100 -8.46 5.11 11.68
C GLN A 100 -9.31 6.33 11.71
N VAL A 101 -10.49 6.25 12.36
CA VAL A 101 -11.42 7.34 12.42
C VAL A 101 -11.14 8.27 13.56
N PRO A 102 -11.43 9.53 13.49
CA PRO A 102 -11.19 10.45 14.56
C PRO A 102 -12.00 10.26 15.78
N TYR B 7 -11.40 -9.59 -9.20
CA TYR B 7 -11.56 -8.20 -9.51
C TYR B 7 -10.34 -7.48 -9.08
N LEU B 8 -9.95 -7.65 -7.80
CA LEU B 8 -8.74 -7.11 -7.27
C LEU B 8 -8.18 -8.05 -6.25
N VAL B 9 -7.36 -7.54 -5.32
CA VAL B 9 -6.77 -8.28 -4.24
C VAL B 9 -5.73 -9.24 -4.67
N THR B 10 -4.48 -8.76 -4.57
CA THR B 10 -3.32 -9.32 -5.19
C THR B 10 -2.23 -8.97 -4.24
N SER B 11 -1.50 -9.95 -3.68
CA SER B 11 -0.39 -9.72 -2.81
C SER B 11 0.79 -9.21 -3.57
N VAL B 12 1.55 -8.24 -3.02
CA VAL B 12 2.54 -7.51 -3.73
C VAL B 12 3.39 -6.87 -2.62
N MET A 8 -3.18 5.86 15.83
CA MET A 8 -4.23 6.64 16.39
C MET A 8 -3.81 8.07 16.49
N LYS A 9 -3.00 8.53 15.52
CA LYS A 9 -2.75 9.92 15.29
C LYS A 9 -3.50 10.25 14.04
N PRO A 10 -4.54 11.02 14.02
CA PRO A 10 -5.37 11.15 12.86
C PRO A 10 -4.71 11.91 11.77
N GLY A 11 -4.52 11.26 10.60
CA GLY A 11 -3.89 11.86 9.46
C GLY A 11 -2.41 11.76 9.45
N ASP A 12 -1.82 10.86 10.25
CA ASP A 12 -0.41 10.66 10.32
C ASP A 12 0.10 9.90 9.14
N THR A 13 1.12 10.45 8.45
CA THR A 13 1.78 9.82 7.35
C THR A 13 3.00 9.10 7.81
N PHE A 14 3.14 7.83 7.41
CA PHE A 14 4.31 7.05 7.67
C PHE A 14 4.97 6.73 6.38
N GLU A 15 6.18 7.28 6.17
CA GLU A 15 6.99 7.00 5.02
C GLU A 15 7.90 5.85 5.33
N VAL A 16 7.37 4.62 5.21
CA VAL A 16 8.02 3.39 5.50
C VAL A 16 8.85 2.97 4.33
N GLU A 17 10.04 2.36 4.50
CA GLU A 17 10.71 1.70 3.42
C GLU A 17 10.87 0.26 3.71
N LEU A 18 10.48 -0.57 2.72
CA LEU A 18 10.43 -1.99 2.83
C LEU A 18 11.28 -2.59 1.75
N ALA A 19 11.74 -3.83 1.95
CA ALA A 19 12.36 -4.60 0.92
C ALA A 19 11.51 -5.78 0.60
N LYS A 20 10.84 -5.74 -0.56
CA LYS A 20 10.02 -6.78 -1.11
C LYS A 20 10.75 -8.08 -1.24
N THR A 21 10.12 -9.19 -0.84
CA THR A 21 10.72 -10.49 -0.88
C THR A 21 10.20 -11.23 -2.07
N ASP A 22 11.07 -11.42 -3.08
CA ASP A 22 10.77 -11.85 -4.41
C ASP A 22 9.57 -11.23 -5.05
N GLY A 23 9.48 -9.89 -4.99
CA GLY A 23 8.38 -9.17 -5.53
C GLY A 23 7.11 -9.26 -4.74
N SER A 24 7.15 -9.12 -3.42
CA SER A 24 5.99 -9.08 -2.58
C SER A 24 6.43 -8.45 -1.30
N LEU A 25 5.82 -7.28 -1.00
CA LEU A 25 5.90 -6.59 0.24
C LEU A 25 5.08 -7.34 1.24
N GLY A 26 3.97 -7.91 0.73
CA GLY A 26 3.17 -8.86 1.44
C GLY A 26 1.85 -8.26 1.82
N ILE A 27 1.32 -7.40 0.95
CA ILE A 27 -0.02 -6.92 1.13
C ILE A 27 -0.79 -7.12 -0.13
N SER A 28 -2.03 -7.63 0.06
CA SER A 28 -3.03 -7.77 -0.95
C SER A 28 -3.73 -6.49 -1.24
N VAL A 29 -3.55 -5.92 -2.44
CA VAL A 29 -4.06 -4.61 -2.75
C VAL A 29 -5.48 -4.55 -3.19
N THR A 30 -6.24 -3.62 -2.58
CA THR A 30 -7.61 -3.30 -2.83
C THR A 30 -7.72 -1.81 -2.92
N GLY A 31 -8.92 -1.31 -3.28
CA GLY A 31 -9.27 0.08 -3.15
C GLY A 31 -8.59 1.07 -4.02
N GLY A 32 -8.44 0.78 -5.33
CA GLY A 32 -7.88 1.71 -6.27
C GLY A 32 -8.90 2.66 -6.76
N VAL A 33 -8.51 3.73 -7.47
CA VAL A 33 -9.35 4.81 -7.84
C VAL A 33 -10.59 4.47 -8.60
N ASN A 34 -10.66 3.29 -9.21
CA ASN A 34 -11.68 2.88 -10.12
C ASN A 34 -13.10 3.10 -9.69
N THR A 35 -13.56 2.42 -8.62
CA THR A 35 -14.95 2.38 -8.29
C THR A 35 -15.12 2.39 -6.81
N SER A 36 -14.74 1.28 -6.15
CA SER A 36 -14.98 0.92 -4.78
C SER A 36 -14.82 1.97 -3.74
N VAL A 37 -13.70 2.72 -3.77
CA VAL A 37 -13.32 3.63 -2.74
C VAL A 37 -13.79 5.03 -2.96
N ARG A 38 -14.47 5.29 -4.09
CA ARG A 38 -14.92 6.58 -4.51
C ARG A 38 -13.77 7.50 -4.80
N HIS A 39 -12.82 6.99 -5.61
CA HIS A 39 -11.50 7.48 -5.81
C HIS A 39 -10.60 7.25 -4.65
N GLY A 40 -9.27 7.37 -4.76
CA GLY A 40 -8.47 7.01 -3.64
C GLY A 40 -6.98 7.01 -3.78
N GLY A 41 -6.40 5.83 -4.05
CA GLY A 41 -5.00 5.58 -3.98
C GLY A 41 -4.81 4.11 -4.17
N ILE A 42 -4.27 3.40 -3.17
CA ILE A 42 -4.43 1.99 -3.06
C ILE A 42 -4.48 1.69 -1.59
N TYR A 43 -4.99 0.52 -1.17
CA TYR A 43 -5.11 0.14 0.20
C TYR A 43 -4.77 -1.30 0.33
N VAL A 44 -4.54 -1.76 1.58
CA VAL A 44 -4.44 -3.13 1.97
C VAL A 44 -5.80 -3.72 2.14
N LYS A 45 -6.01 -4.97 1.67
CA LYS A 45 -7.09 -5.80 2.13
C LYS A 45 -6.59 -6.70 3.21
N ALA A 46 -5.55 -7.51 2.92
CA ALA A 46 -5.00 -8.49 3.81
C ALA A 46 -3.54 -8.27 4.01
N ILE A 47 -3.08 -8.34 5.26
CA ILE A 47 -1.70 -8.39 5.65
C ILE A 47 -1.36 -9.83 5.78
N ILE A 48 -0.22 -10.27 5.21
CA ILE A 48 0.24 -11.61 5.42
C ILE A 48 1.20 -11.69 6.56
N PRO A 49 1.24 -12.75 7.32
CA PRO A 49 2.15 -12.90 8.41
C PRO A 49 3.56 -13.08 7.95
N LYS A 50 4.43 -12.09 8.20
CA LYS A 50 5.83 -12.11 7.93
C LYS A 50 6.22 -12.11 6.49
N GLY A 51 5.89 -11.02 5.76
CA GLY A 51 6.44 -10.75 4.48
C GLY A 51 7.52 -9.73 4.59
N ALA A 52 7.17 -8.45 4.34
CA ALA A 52 8.01 -7.32 4.57
C ALA A 52 7.22 -6.21 5.20
N ALA A 53 5.95 -6.04 4.78
CA ALA A 53 5.09 -4.98 5.19
C ALA A 53 4.56 -5.07 6.59
N GLU A 54 4.15 -6.26 7.07
CA GLU A 54 3.85 -6.47 8.45
C GLU A 54 4.96 -6.08 9.35
N SER A 55 6.20 -6.32 8.87
CA SER A 55 7.41 -6.03 9.57
C SER A 55 7.81 -4.59 9.62
N ASP A 56 7.00 -3.62 9.16
CA ASP A 56 7.04 -2.29 9.67
C ASP A 56 6.40 -2.33 11.01
N GLY A 57 5.06 -2.35 11.04
CA GLY A 57 4.30 -2.56 12.24
C GLY A 57 3.03 -1.77 12.22
N ARG A 58 3.07 -0.60 11.55
CA ARG A 58 1.96 0.30 11.48
C ARG A 58 1.07 -0.02 10.33
N ILE A 59 1.59 -0.72 9.31
CA ILE A 59 0.83 -1.28 8.23
C ILE A 59 -0.08 -2.35 8.74
N HIS A 60 -1.36 -2.27 8.35
CA HIS A 60 -2.43 -2.95 9.03
C HIS A 60 -3.51 -3.14 8.02
N LYS A 61 -4.56 -3.93 8.30
CA LYS A 61 -5.66 -4.11 7.41
C LYS A 61 -6.62 -2.98 7.48
N GLY A 62 -6.27 -1.83 6.86
CA GLY A 62 -7.05 -0.64 6.85
C GLY A 62 -6.18 0.57 6.96
N ASP A 63 -5.28 0.74 5.97
CA ASP A 63 -4.36 1.82 5.81
C ASP A 63 -4.93 2.86 4.91
N ARG A 64 -4.04 3.59 4.22
CA ARG A 64 -4.30 4.15 2.92
C ARG A 64 -2.98 4.45 2.31
N VAL A 65 -2.65 3.87 1.14
CA VAL A 65 -1.42 4.08 0.45
C VAL A 65 -1.60 5.26 -0.45
N LEU A 66 -0.76 6.30 -0.31
CA LEU A 66 -0.80 7.45 -1.17
C LEU A 66 0.34 7.50 -2.14
N ALA A 67 1.53 6.96 -1.80
CA ALA A 67 2.61 7.01 -2.74
C ALA A 67 3.61 5.93 -2.55
N VAL A 68 4.41 5.63 -3.59
CA VAL A 68 5.37 4.56 -3.58
C VAL A 68 6.66 4.96 -4.19
N ASN A 69 7.80 4.94 -3.49
CA ASN A 69 9.04 5.53 -3.88
C ASN A 69 8.94 6.98 -4.21
N GLY A 70 8.05 7.67 -3.47
CA GLY A 70 7.70 9.05 -3.68
C GLY A 70 6.67 9.25 -4.75
N VAL A 71 6.28 8.19 -5.46
CA VAL A 71 5.46 8.26 -6.63
C VAL A 71 4.04 8.08 -6.23
N SER A 72 3.27 9.18 -6.24
CA SER A 72 1.87 9.19 -5.93
C SER A 72 1.05 8.34 -6.84
N LEU A 73 0.10 7.59 -6.26
CA LEU A 73 -0.75 6.69 -6.96
C LEU A 73 -1.73 7.41 -7.81
N GLU A 74 -2.42 8.41 -7.25
CA GLU A 74 -3.12 9.51 -7.86
C GLU A 74 -3.82 9.31 -9.15
N GLY A 75 -4.50 8.17 -9.33
CA GLY A 75 -4.97 7.71 -10.60
C GLY A 75 -4.87 6.23 -10.72
N ALA A 76 -4.08 5.57 -9.85
CA ALA A 76 -3.94 4.15 -9.85
C ALA A 76 -5.14 3.40 -9.37
N THR A 77 -5.52 2.37 -10.13
CA THR A 77 -6.58 1.43 -9.88
C THR A 77 -5.86 0.18 -9.47
N HIS A 78 -6.54 -0.96 -9.24
CA HIS A 78 -5.97 -2.20 -8.83
C HIS A 78 -4.78 -2.64 -9.62
N LYS A 79 -4.89 -2.70 -10.97
CA LYS A 79 -3.84 -3.22 -11.78
C LYS A 79 -2.69 -2.27 -11.89
N GLN A 80 -2.99 -0.98 -12.10
CA GLN A 80 -2.04 0.09 -12.08
C GLN A 80 -1.28 0.22 -10.80
N ALA A 81 -1.94 0.12 -9.63
CA ALA A 81 -1.29 0.13 -8.36
C ALA A 81 -0.32 -0.97 -8.15
N VAL A 82 -0.65 -2.20 -8.59
CA VAL A 82 0.25 -3.32 -8.56
C VAL A 82 1.50 -3.04 -9.31
N GLU A 83 1.43 -2.41 -10.49
CA GLU A 83 2.60 -1.97 -11.20
C GLU A 83 3.41 -0.95 -10.49
N THR A 84 2.79 0.07 -9.87
CA THR A 84 3.40 1.09 -9.08
C THR A 84 4.14 0.59 -7.89
N LEU A 85 3.77 -0.58 -7.35
CA LEU A 85 4.44 -1.25 -6.28
C LEU A 85 5.47 -2.22 -6.76
N ARG A 86 5.15 -3.06 -7.75
CA ARG A 86 6.02 -4.12 -8.19
C ARG A 86 7.13 -3.69 -9.08
N ASN A 87 6.92 -2.69 -9.96
CA ASN A 87 7.85 -2.27 -10.97
C ASN A 87 8.83 -1.27 -10.45
N THR A 88 9.20 -1.46 -9.17
CA THR A 88 10.19 -0.78 -8.41
C THR A 88 11.43 -1.61 -8.39
N GLY A 89 12.48 -1.21 -7.66
CA GLY A 89 13.64 -2.03 -7.49
C GLY A 89 13.47 -3.01 -6.38
N GLN A 90 14.27 -2.87 -5.30
CA GLN A 90 14.18 -3.67 -4.13
C GLN A 90 13.56 -2.91 -3.00
N VAL A 91 13.98 -1.64 -2.78
CA VAL A 91 13.34 -0.82 -1.80
C VAL A 91 12.07 -0.25 -2.34
N VAL A 92 10.98 -0.51 -1.59
CA VAL A 92 9.69 0.09 -1.80
C VAL A 92 9.41 0.94 -0.61
N HIS A 93 9.49 2.27 -0.82
CA HIS A 93 9.13 3.29 0.12
C HIS A 93 7.66 3.52 0.05
N LEU A 94 6.89 2.98 1.01
CA LEU A 94 5.46 3.09 1.08
C LEU A 94 5.11 4.31 1.84
N LEU A 95 4.45 5.28 1.16
CA LEU A 95 3.87 6.42 1.79
C LEU A 95 2.48 6.08 2.17
N LEU A 96 2.31 5.75 3.47
CA LEU A 96 1.10 5.32 4.09
C LEU A 96 0.47 6.41 4.90
N GLU A 97 -0.88 6.39 4.97
CA GLU A 97 -1.66 7.22 5.82
C GLU A 97 -2.32 6.38 6.88
N LYS A 98 -2.47 6.93 8.10
CA LYS A 98 -3.13 6.27 9.19
C LYS A 98 -4.61 6.36 9.04
N GLY A 99 -5.23 5.28 8.54
CA GLY A 99 -6.63 5.19 8.25
C GLY A 99 -7.47 4.85 9.44
N GLN A 100 -7.49 5.76 10.43
CA GLN A 100 -8.29 5.65 11.62
C GLN A 100 -8.90 6.98 11.89
N VAL A 101 -10.20 7.02 12.26
CA VAL A 101 -10.89 8.24 12.55
C VAL A 101 -10.51 8.80 13.88
N PRO A 102 -10.70 10.06 14.15
CA PRO A 102 -10.34 10.64 15.41
C PRO A 102 -11.07 10.11 16.60
N TYR B 7 -9.36 -8.54 -10.65
CA TYR B 7 -10.06 -7.31 -10.52
C TYR B 7 -9.83 -6.73 -9.16
N LEU B 8 -9.45 -7.57 -8.19
CA LEU B 8 -9.01 -7.17 -6.90
C LEU B 8 -7.96 -8.10 -6.42
N VAL B 9 -7.15 -7.64 -5.45
CA VAL B 9 -6.32 -8.43 -4.59
C VAL B 9 -5.22 -9.21 -5.22
N THR B 10 -3.99 -8.70 -5.00
CA THR B 10 -2.78 -9.22 -5.54
C THR B 10 -1.80 -9.00 -4.44
N SER B 11 -1.16 -10.06 -3.90
CA SER B 11 -0.10 -9.93 -2.94
C SER B 11 1.15 -9.51 -3.62
N VAL B 12 1.71 -8.34 -3.23
CA VAL B 12 2.76 -7.70 -3.97
C VAL B 12 3.39 -6.79 -2.93
N MET A 8 -8.62 13.97 12.26
CA MET A 8 -7.87 13.07 11.43
C MET A 8 -7.33 11.94 12.24
N LYS A 9 -6.94 10.85 11.55
CA LYS A 9 -6.36 9.66 12.09
C LYS A 9 -5.03 9.85 12.75
N PRO A 10 -4.69 9.27 13.85
CA PRO A 10 -3.40 9.46 14.45
C PRO A 10 -2.24 8.83 13.76
N GLY A 11 -1.34 9.65 13.18
CA GLY A 11 -0.18 9.19 12.49
C GLY A 11 -0.42 8.94 11.03
N ASP A 12 -1.30 9.74 10.41
CA ASP A 12 -1.76 9.59 9.06
C ASP A 12 -0.83 9.84 7.92
N THR A 13 0.49 9.90 8.15
CA THR A 13 1.49 9.63 7.15
C THR A 13 2.62 8.91 7.81
N PHE A 14 3.02 7.76 7.22
CA PHE A 14 4.25 7.09 7.55
C PHE A 14 4.93 6.75 6.26
N GLU A 15 6.12 7.34 6.03
CA GLU A 15 7.02 6.93 5.00
C GLU A 15 7.88 5.82 5.50
N VAL A 16 7.44 4.57 5.27
CA VAL A 16 8.14 3.36 5.55
C VAL A 16 9.08 3.10 4.43
N GLU A 17 10.20 2.36 4.63
CA GLU A 17 11.06 1.92 3.58
C GLU A 17 11.34 0.47 3.71
N LEU A 18 10.84 -0.33 2.76
CA LEU A 18 10.85 -1.76 2.82
C LEU A 18 11.63 -2.34 1.68
N ALA A 19 12.21 -3.54 1.88
CA ALA A 19 12.71 -4.35 0.82
C ALA A 19 11.76 -5.48 0.59
N LYS A 20 11.16 -5.57 -0.61
CA LYS A 20 10.19 -6.57 -0.95
C LYS A 20 10.81 -7.92 -1.07
N THR A 21 10.14 -8.97 -0.55
CA THR A 21 10.60 -10.32 -0.63
C THR A 21 10.05 -10.93 -1.89
N ASP A 22 10.92 -11.05 -2.91
CA ASP A 22 10.65 -11.56 -4.22
C ASP A 22 9.49 -10.95 -4.91
N GLY A 23 9.36 -9.61 -4.86
CA GLY A 23 8.22 -8.92 -5.38
C GLY A 23 6.98 -9.09 -4.57
N SER A 24 7.08 -8.90 -3.24
CA SER A 24 5.97 -9.01 -2.33
C SER A 24 6.41 -8.30 -1.10
N LEU A 25 5.77 -7.15 -0.83
CA LEU A 25 5.84 -6.43 0.41
C LEU A 25 5.05 -7.21 1.39
N GLY A 26 3.86 -7.63 0.93
CA GLY A 26 3.01 -8.58 1.58
C GLY A 26 1.62 -8.03 1.74
N ILE A 27 1.20 -7.19 0.78
CA ILE A 27 -0.05 -6.51 0.87
C ILE A 27 -0.92 -6.86 -0.29
N SER A 28 -2.14 -7.35 0.02
CA SER A 28 -3.21 -7.50 -0.93
C SER A 28 -3.89 -6.19 -1.18
N VAL A 29 -3.79 -5.68 -2.42
CA VAL A 29 -4.28 -4.37 -2.74
C VAL A 29 -5.70 -4.30 -3.18
N THR A 30 -6.47 -3.41 -2.53
CA THR A 30 -7.84 -3.11 -2.77
C THR A 30 -7.99 -1.63 -2.92
N GLY A 31 -9.23 -1.14 -3.14
CA GLY A 31 -9.53 0.25 -3.29
C GLY A 31 -9.32 0.71 -4.70
N GLY A 32 -8.51 1.76 -4.91
CA GLY A 32 -8.14 2.23 -6.20
C GLY A 32 -9.13 3.17 -6.81
N VAL A 33 -8.71 3.92 -7.85
CA VAL A 33 -9.48 4.92 -8.52
C VAL A 33 -10.79 4.40 -9.04
N ASN A 34 -10.84 3.11 -9.42
CA ASN A 34 -11.98 2.52 -10.06
C ASN A 34 -13.13 2.28 -9.15
N THR A 35 -12.89 2.25 -7.83
CA THR A 35 -13.93 2.07 -6.85
C THR A 35 -14.33 3.36 -6.22
N SER A 36 -13.61 4.45 -6.54
CA SER A 36 -13.78 5.79 -6.05
C SER A 36 -13.47 5.94 -4.60
N VAL A 37 -12.18 6.12 -4.29
CA VAL A 37 -11.65 6.04 -2.96
C VAL A 37 -11.13 7.35 -2.46
N ARG A 38 -11.70 8.47 -2.97
CA ARG A 38 -11.21 9.80 -2.81
C ARG A 38 -10.00 10.02 -3.64
N HIS A 39 -10.23 10.10 -4.97
CA HIS A 39 -9.29 10.43 -5.99
C HIS A 39 -8.41 9.29 -6.37
N GLY A 40 -7.60 8.74 -5.43
CA GLY A 40 -6.75 7.64 -5.68
C GLY A 40 -6.20 7.22 -4.36
N GLY A 41 -4.96 6.69 -4.41
CA GLY A 41 -4.42 5.83 -3.41
C GLY A 41 -4.85 4.41 -3.64
N ILE A 42 -4.07 3.45 -3.12
CA ILE A 42 -4.44 2.07 -3.09
C ILE A 42 -4.56 1.75 -1.64
N TYR A 43 -5.25 0.66 -1.25
CA TYR A 43 -5.54 0.42 0.13
C TYR A 43 -5.21 -1.01 0.40
N VAL A 44 -5.05 -1.38 1.68
CA VAL A 44 -4.85 -2.74 2.09
C VAL A 44 -6.16 -3.44 2.24
N LYS A 45 -6.27 -4.65 1.68
CA LYS A 45 -7.32 -5.56 2.03
C LYS A 45 -6.86 -6.43 3.15
N ALA A 46 -5.69 -7.07 2.95
CA ALA A 46 -5.13 -8.00 3.88
C ALA A 46 -3.65 -7.81 3.93
N ILE A 47 -3.09 -7.80 5.16
CA ILE A 47 -1.69 -7.97 5.41
C ILE A 47 -1.50 -9.43 5.59
N ILE A 48 -0.54 -10.03 4.88
CA ILE A 48 -0.28 -11.43 4.97
C ILE A 48 0.46 -11.76 6.23
N PRO A 49 0.42 -12.96 6.74
CA PRO A 49 1.15 -13.30 7.92
C PRO A 49 2.62 -13.44 7.70
N LYS A 50 3.35 -12.35 7.97
CA LYS A 50 4.77 -12.26 8.10
C LYS A 50 5.50 -12.10 6.82
N GLY A 51 5.49 -10.87 6.27
CA GLY A 51 6.32 -10.48 5.16
C GLY A 51 6.95 -9.20 5.55
N ALA A 52 7.39 -8.41 4.55
CA ALA A 52 8.11 -7.19 4.73
C ALA A 52 7.27 -6.08 5.27
N ALA A 53 6.03 -5.96 4.77
CA ALA A 53 5.08 -4.96 5.16
C ALA A 53 4.60 -5.08 6.57
N GLU A 54 4.33 -6.30 7.04
CA GLU A 54 4.04 -6.56 8.41
C GLU A 54 5.19 -6.17 9.29
N SER A 55 6.42 -6.42 8.80
CA SER A 55 7.62 -6.13 9.51
C SER A 55 7.96 -4.68 9.65
N ASP A 56 7.15 -3.73 9.13
CA ASP A 56 7.15 -2.39 9.64
C ASP A 56 6.47 -2.40 10.97
N GLY A 57 5.13 -2.52 10.95
CA GLY A 57 4.38 -2.80 12.14
C GLY A 57 3.18 -1.91 12.26
N ARG A 58 3.25 -0.72 11.65
CA ARG A 58 2.19 0.24 11.72
C ARG A 58 1.09 -0.05 10.76
N ILE A 59 1.38 -0.78 9.65
CA ILE A 59 0.42 -1.22 8.69
C ILE A 59 -0.44 -2.32 9.21
N HIS A 60 -1.78 -2.21 9.03
CA HIS A 60 -2.68 -3.26 9.36
C HIS A 60 -3.71 -3.38 8.29
N LYS A 61 -4.67 -4.31 8.45
CA LYS A 61 -5.59 -4.73 7.43
C LYS A 61 -6.71 -3.77 7.22
N GLY A 62 -6.37 -2.58 6.66
CA GLY A 62 -7.32 -1.56 6.35
C GLY A 62 -6.76 -0.20 6.11
N ASP A 63 -5.43 -0.01 6.12
CA ASP A 63 -4.82 1.26 5.87
C ASP A 63 -4.72 1.62 4.42
N ARG A 64 -4.31 2.87 4.14
CA ARG A 64 -4.20 3.42 2.82
C ARG A 64 -2.77 3.56 2.45
N VAL A 65 -2.42 3.24 1.19
CA VAL A 65 -1.14 3.45 0.59
C VAL A 65 -1.29 4.53 -0.43
N LEU A 66 -0.65 5.69 -0.25
CA LEU A 66 -0.76 6.78 -1.19
C LEU A 66 0.39 6.87 -2.13
N ALA A 67 1.62 6.55 -1.72
CA ALA A 67 2.73 6.71 -2.61
C ALA A 67 3.80 5.68 -2.43
N VAL A 68 4.56 5.40 -3.51
CA VAL A 68 5.59 4.40 -3.50
C VAL A 68 6.82 4.90 -4.19
N ASN A 69 7.97 4.91 -3.51
CA ASN A 69 9.21 5.36 -4.05
C ASN A 69 9.19 6.77 -4.52
N GLY A 70 8.32 7.59 -3.89
CA GLY A 70 8.08 8.96 -4.21
C GLY A 70 7.06 9.16 -5.29
N VAL A 71 6.16 8.20 -5.52
CA VAL A 71 5.22 8.22 -6.59
C VAL A 71 3.83 8.08 -6.07
N SER A 72 3.11 9.19 -5.87
CA SER A 72 1.74 9.20 -5.49
C SER A 72 0.77 8.69 -6.48
N LEU A 73 -0.27 7.97 -6.02
CA LEU A 73 -1.20 7.25 -6.83
C LEU A 73 -2.34 8.07 -7.32
N GLU A 74 -2.07 9.03 -8.23
CA GLU A 74 -3.07 9.64 -9.04
C GLU A 74 -3.43 8.71 -10.15
N GLY A 75 -4.74 8.42 -10.34
CA GLY A 75 -5.23 7.63 -11.42
C GLY A 75 -5.09 6.15 -11.32
N ALA A 76 -4.47 5.60 -10.26
CA ALA A 76 -4.20 4.20 -10.19
C ALA A 76 -5.33 3.39 -9.65
N THR A 77 -5.61 2.25 -10.30
CA THR A 77 -6.62 1.28 -10.00
C THR A 77 -5.90 0.07 -9.50
N HIS A 78 -6.55 -1.09 -9.33
CA HIS A 78 -5.99 -2.33 -8.91
C HIS A 78 -4.76 -2.76 -9.64
N LYS A 79 -4.84 -2.91 -10.97
CA LYS A 79 -3.78 -3.48 -11.75
C LYS A 79 -2.64 -2.53 -11.87
N GLN A 80 -2.97 -1.25 -12.09
CA GLN A 80 -2.07 -0.13 -12.11
C GLN A 80 -1.30 0.05 -10.85
N ALA A 81 -1.97 0.03 -9.68
CA ALA A 81 -1.33 0.11 -8.40
C ALA A 81 -0.37 -1.00 -8.12
N VAL A 82 -0.66 -2.24 -8.57
CA VAL A 82 0.24 -3.34 -8.50
C VAL A 82 1.51 -3.03 -9.22
N GLU A 83 1.47 -2.59 -10.49
CA GLU A 83 2.65 -2.22 -11.21
C GLU A 83 3.47 -1.16 -10.56
N THR A 84 2.83 -0.18 -9.91
CA THR A 84 3.45 0.89 -9.17
C THR A 84 4.13 0.45 -7.93
N LEU A 85 3.75 -0.68 -7.30
CA LEU A 85 4.43 -1.28 -6.21
C LEU A 85 5.47 -2.26 -6.66
N ARG A 86 5.13 -3.10 -7.64
CA ARG A 86 5.84 -4.26 -8.10
C ARG A 86 7.00 -4.00 -8.99
N ASN A 87 6.88 -3.10 -9.99
CA ASN A 87 7.83 -2.95 -11.05
C ASN A 87 9.02 -2.11 -10.70
N THR A 88 9.16 -1.89 -9.38
CA THR A 88 10.17 -1.14 -8.69
C THR A 88 11.38 -1.98 -8.45
N GLY A 89 12.39 -1.47 -7.75
CA GLY A 89 13.59 -2.20 -7.48
C GLY A 89 13.50 -3.00 -6.23
N GLN A 90 14.45 -2.78 -5.29
CA GLN A 90 14.46 -3.46 -4.03
C GLN A 90 13.79 -2.66 -2.98
N VAL A 91 14.28 -1.45 -2.67
CA VAL A 91 13.64 -0.58 -1.73
C VAL A 91 12.43 0.08 -2.31
N VAL A 92 11.29 -0.19 -1.64
CA VAL A 92 10.03 0.48 -1.83
C VAL A 92 9.76 1.29 -0.60
N HIS A 93 9.81 2.63 -0.76
CA HIS A 93 9.36 3.55 0.23
C HIS A 93 7.87 3.64 0.21
N LEU A 94 7.16 3.00 1.17
CA LEU A 94 5.73 2.97 1.24
C LEU A 94 5.26 4.16 2.01
N LEU A 95 4.55 5.08 1.34
CA LEU A 95 3.88 6.17 2.00
C LEU A 95 2.49 5.76 2.30
N LEU A 96 2.24 5.48 3.59
CA LEU A 96 0.99 5.01 4.12
C LEU A 96 0.26 6.09 4.83
N GLU A 97 -1.08 6.07 4.76
CA GLU A 97 -1.99 6.89 5.50
C GLU A 97 -2.79 5.97 6.36
N LYS A 98 -3.15 6.44 7.57
CA LYS A 98 -3.88 5.70 8.54
C LYS A 98 -5.31 5.50 8.19
N GLY A 99 -5.86 4.31 8.51
CA GLY A 99 -7.26 3.99 8.50
C GLY A 99 -8.07 4.87 9.40
N GLN A 100 -7.92 4.67 10.73
CA GLN A 100 -8.45 5.55 11.72
C GLN A 100 -7.87 5.35 13.08
N VAL A 101 -7.53 4.12 13.49
CA VAL A 101 -7.07 3.85 14.82
C VAL A 101 -5.65 4.20 15.06
N PRO A 102 -5.20 4.52 16.24
CA PRO A 102 -3.83 4.83 16.49
C PRO A 102 -2.91 3.68 16.27
N TYR B 7 -12.67 -9.47 -7.41
CA TYR B 7 -12.08 -9.41 -8.72
C TYR B 7 -10.74 -8.77 -8.61
N LEU B 8 -10.51 -8.03 -7.52
CA LEU B 8 -9.27 -7.39 -7.19
C LEU B 8 -8.41 -8.24 -6.32
N VAL B 9 -7.43 -7.63 -5.65
CA VAL B 9 -6.58 -8.24 -4.67
C VAL B 9 -5.47 -9.03 -5.27
N THR B 10 -4.24 -8.53 -5.05
CA THR B 10 -3.03 -9.07 -5.58
C THR B 10 -2.06 -8.82 -4.47
N SER B 11 -1.36 -9.84 -3.95
CA SER B 11 -0.31 -9.66 -2.99
C SER B 11 0.96 -9.27 -3.67
N VAL B 12 1.62 -8.21 -3.15
CA VAL B 12 2.60 -7.45 -3.87
C VAL B 12 3.36 -6.71 -2.78
N MET A 8 -3.62 5.89 18.26
CA MET A 8 -3.26 6.27 16.92
C MET A 8 -3.58 7.70 16.68
N LYS A 9 -3.00 8.29 15.62
CA LYS A 9 -3.21 9.65 15.24
C LYS A 9 -3.91 9.65 13.92
N PRO A 10 -4.97 10.36 13.68
CA PRO A 10 -5.62 10.34 12.40
C PRO A 10 -4.84 11.06 11.36
N GLY A 11 -4.71 10.47 10.16
CA GLY A 11 -4.06 11.10 9.04
C GLY A 11 -2.57 11.14 9.09
N ASP A 12 -1.96 10.32 9.96
CA ASP A 12 -0.55 10.30 10.20
C ASP A 12 0.19 9.55 9.15
N THR A 13 1.17 10.20 8.49
CA THR A 13 1.92 9.61 7.41
C THR A 13 3.15 8.89 7.87
N PHE A 14 3.43 7.77 7.21
CA PHE A 14 4.57 6.92 7.45
C PHE A 14 5.07 6.44 6.14
N GLU A 15 6.33 6.76 5.78
CA GLU A 15 6.93 6.42 4.53
C GLU A 15 7.79 5.21 4.64
N VAL A 16 7.17 4.05 4.91
CA VAL A 16 7.78 2.82 5.29
C VAL A 16 8.62 2.20 4.23
N GLU A 17 9.96 2.13 4.37
CA GLU A 17 10.80 1.64 3.33
C GLU A 17 11.16 0.20 3.51
N LEU A 18 10.64 -0.63 2.58
CA LEU A 18 10.77 -2.05 2.61
C LEU A 18 11.52 -2.46 1.38
N ALA A 19 12.12 -3.66 1.38
CA ALA A 19 12.90 -4.16 0.30
C ALA A 19 12.32 -5.41 -0.26
N LYS A 20 11.01 -5.58 -0.05
CA LYS A 20 10.20 -6.73 -0.29
C LYS A 20 10.71 -8.00 0.31
N THR A 21 10.01 -9.12 0.10
CA THR A 21 10.55 -10.44 0.24
C THR A 21 10.36 -11.11 -1.07
N ASP A 22 11.28 -10.82 -2.02
CA ASP A 22 11.33 -11.32 -3.36
C ASP A 22 10.10 -11.09 -4.17
N GLY A 23 9.77 -9.81 -4.42
CA GLY A 23 8.64 -9.41 -5.19
C GLY A 23 7.33 -9.49 -4.49
N SER A 24 7.26 -8.98 -3.26
CA SER A 24 6.11 -9.02 -2.41
C SER A 24 6.49 -8.37 -1.13
N LEU A 25 5.88 -7.20 -0.84
CA LEU A 25 5.91 -6.51 0.41
C LEU A 25 5.02 -7.24 1.35
N GLY A 26 3.90 -7.72 0.79
CA GLY A 26 3.03 -8.65 1.42
C GLY A 26 1.63 -8.11 1.53
N ILE A 27 1.33 -7.03 0.79
CA ILE A 27 0.05 -6.39 0.90
C ILE A 27 -0.81 -6.74 -0.27
N SER A 28 -2.01 -7.25 0.03
CA SER A 28 -3.07 -7.47 -0.91
C SER A 28 -3.78 -6.18 -1.19
N VAL A 29 -3.59 -5.65 -2.40
CA VAL A 29 -4.10 -4.35 -2.74
C VAL A 29 -5.54 -4.31 -3.14
N THR A 30 -6.32 -3.44 -2.46
CA THR A 30 -7.69 -3.18 -2.75
C THR A 30 -7.91 -1.72 -2.97
N GLY A 31 -9.11 -1.37 -3.49
CA GLY A 31 -9.49 -0.04 -3.84
C GLY A 31 -9.01 0.38 -5.19
N GLY A 32 -8.30 1.51 -5.26
CA GLY A 32 -7.81 2.08 -6.48
C GLY A 32 -8.72 3.18 -6.91
N VAL A 33 -8.31 4.01 -7.88
CA VAL A 33 -9.10 5.09 -8.40
C VAL A 33 -10.37 4.63 -9.02
N ASN A 34 -10.49 3.32 -9.28
CA ASN A 34 -11.65 2.63 -9.72
C ASN A 34 -12.81 2.73 -8.79
N THR A 35 -12.56 2.82 -7.46
CA THR A 35 -13.58 3.09 -6.50
C THR A 35 -13.54 4.53 -6.11
N SER A 36 -12.32 5.12 -6.11
CA SER A 36 -11.99 6.46 -5.78
C SER A 36 -11.52 6.52 -4.37
N VAL A 37 -10.26 6.95 -4.19
CA VAL A 37 -9.52 6.87 -2.97
C VAL A 37 -9.03 8.25 -2.65
N ARG A 38 -9.96 9.14 -2.28
CA ARG A 38 -9.75 10.55 -2.06
C ARG A 38 -9.49 11.30 -3.32
N HIS A 39 -8.32 11.05 -3.94
CA HIS A 39 -7.95 11.56 -5.23
C HIS A 39 -7.29 10.51 -6.05
N GLY A 40 -6.92 9.37 -5.43
CA GLY A 40 -5.98 8.43 -5.96
C GLY A 40 -5.27 7.82 -4.80
N GLY A 41 -5.21 6.48 -4.75
CA GLY A 41 -4.61 5.76 -3.68
C GLY A 41 -4.94 4.32 -3.83
N ILE A 42 -4.31 3.45 -3.01
CA ILE A 42 -4.63 2.06 -2.93
C ILE A 42 -4.69 1.76 -1.47
N TYR A 43 -5.20 0.60 -1.03
CA TYR A 43 -5.33 0.28 0.36
C TYR A 43 -4.88 -1.13 0.52
N VAL A 44 -4.44 -1.55 1.72
CA VAL A 44 -4.28 -2.94 2.05
C VAL A 44 -5.58 -3.57 2.43
N LYS A 45 -5.92 -4.73 1.84
CA LYS A 45 -7.01 -5.55 2.28
C LYS A 45 -6.57 -6.59 3.27
N ALA A 46 -5.38 -7.19 3.08
CA ALA A 46 -4.88 -8.21 3.95
C ALA A 46 -3.39 -8.17 4.05
N ILE A 47 -2.87 -8.30 5.28
CA ILE A 47 -1.49 -8.39 5.62
C ILE A 47 -1.14 -9.83 5.76
N ILE A 48 0.09 -10.23 5.36
CA ILE A 48 0.56 -11.57 5.52
C ILE A 48 1.61 -11.71 6.56
N PRO A 49 1.69 -12.81 7.27
CA PRO A 49 2.78 -13.09 8.17
C PRO A 49 3.98 -13.63 7.48
N LYS A 50 4.68 -12.81 6.67
CA LYS A 50 5.96 -13.16 6.12
C LYS A 50 7.06 -12.46 6.84
N GLY A 51 7.17 -11.12 6.71
CA GLY A 51 8.25 -10.42 7.33
C GLY A 51 8.69 -9.19 6.64
N ALA A 52 7.82 -8.57 5.82
CA ALA A 52 8.10 -7.32 5.20
C ALA A 52 7.11 -6.30 5.66
N ALA A 53 5.90 -6.24 5.08
CA ALA A 53 4.89 -5.30 5.45
C ALA A 53 4.33 -5.45 6.82
N GLU A 54 4.19 -6.68 7.35
CA GLU A 54 3.84 -6.87 8.73
C GLU A 54 4.90 -6.34 9.64
N SER A 55 6.16 -6.49 9.19
CA SER A 55 7.34 -6.22 9.96
C SER A 55 7.76 -4.80 10.07
N ASP A 56 7.02 -3.83 9.52
CA ASP A 56 7.12 -2.46 9.90
C ASP A 56 6.56 -2.31 11.28
N GLY A 57 5.24 -2.03 11.36
CA GLY A 57 4.57 -2.07 12.62
C GLY A 57 3.24 -1.38 12.56
N ARG A 58 3.21 -0.23 11.86
CA ARG A 58 2.08 0.64 11.87
C ARG A 58 1.05 0.32 10.84
N ILE A 59 1.39 -0.47 9.81
CA ILE A 59 0.48 -0.92 8.80
C ILE A 59 -0.50 -1.91 9.33
N HIS A 60 -1.80 -1.73 9.02
CA HIS A 60 -2.82 -2.70 9.26
C HIS A 60 -3.58 -2.91 8.00
N LYS A 61 -4.78 -3.54 8.08
CA LYS A 61 -5.53 -3.92 6.92
C LYS A 61 -6.67 -3.00 6.67
N GLY A 62 -6.41 -1.68 6.78
CA GLY A 62 -7.40 -0.68 6.50
C GLY A 62 -6.83 0.70 6.46
N ASP A 63 -5.59 0.85 6.00
CA ASP A 63 -4.93 2.10 5.84
C ASP A 63 -5.04 2.56 4.43
N ARG A 64 -4.51 3.76 4.07
CA ARG A 64 -4.47 4.24 2.73
C ARG A 64 -3.05 4.33 2.30
N VAL A 65 -2.68 3.76 1.14
CA VAL A 65 -1.38 3.92 0.54
C VAL A 65 -1.50 4.97 -0.49
N LEU A 66 -0.91 6.16 -0.30
CA LEU A 66 -0.96 7.22 -1.25
C LEU A 66 0.14 7.15 -2.26
N ALA A 67 1.40 6.96 -1.83
CA ALA A 67 2.49 7.03 -2.74
C ALA A 67 3.51 5.95 -2.54
N VAL A 68 4.33 5.70 -3.57
CA VAL A 68 5.31 4.65 -3.57
C VAL A 68 6.62 5.13 -4.07
N ASN A 69 7.68 5.19 -3.25
CA ASN A 69 8.91 5.85 -3.55
C ASN A 69 8.77 7.30 -3.86
N GLY A 70 7.72 7.94 -3.32
CA GLY A 70 7.35 9.27 -3.66
C GLY A 70 6.61 9.39 -4.95
N VAL A 71 6.15 8.25 -5.51
CA VAL A 71 5.35 8.21 -6.70
C VAL A 71 3.93 8.03 -6.27
N SER A 72 3.16 9.14 -6.25
CA SER A 72 1.75 9.11 -6.00
C SER A 72 1.04 8.45 -7.14
N LEU A 73 -0.08 7.77 -6.85
CA LEU A 73 -0.71 6.87 -7.77
C LEU A 73 -1.18 7.44 -9.05
N GLU A 74 -1.60 8.72 -9.11
CA GLU A 74 -1.86 9.44 -10.32
C GLU A 74 -2.93 8.81 -11.14
N GLY A 75 -4.08 8.54 -10.51
CA GLY A 75 -5.15 7.81 -11.13
C GLY A 75 -4.87 6.38 -11.39
N ALA A 76 -4.13 5.69 -10.50
CA ALA A 76 -3.90 4.28 -10.59
C ALA A 76 -4.97 3.48 -9.94
N THR A 77 -5.15 2.25 -10.45
CA THR A 77 -6.23 1.33 -10.18
C THR A 77 -5.74 0.25 -9.28
N HIS A 78 -6.42 -0.91 -9.25
CA HIS A 78 -5.85 -2.11 -8.72
C HIS A 78 -4.63 -2.54 -9.45
N LYS A 79 -4.71 -2.62 -10.80
CA LYS A 79 -3.67 -3.14 -11.63
C LYS A 79 -2.50 -2.21 -11.69
N GLN A 80 -2.74 -0.90 -11.88
CA GLN A 80 -1.67 0.04 -11.85
C GLN A 80 -1.05 0.19 -10.50
N ALA A 81 -1.80 0.08 -9.38
CA ALA A 81 -1.18 0.09 -8.09
C ALA A 81 -0.22 -1.03 -7.86
N VAL A 82 -0.54 -2.25 -8.31
CA VAL A 82 0.35 -3.37 -8.27
C VAL A 82 1.63 -3.09 -8.98
N GLU A 83 1.58 -2.59 -10.23
CA GLU A 83 2.73 -2.20 -10.98
C GLU A 83 3.55 -1.14 -10.34
N THR A 84 2.91 -0.14 -9.72
CA THR A 84 3.50 0.96 -9.02
C THR A 84 4.33 0.52 -7.87
N LEU A 85 4.00 -0.60 -7.23
CA LEU A 85 4.71 -1.23 -6.15
C LEU A 85 5.73 -2.21 -6.60
N ARG A 86 5.43 -3.05 -7.60
CA ARG A 86 6.25 -4.15 -8.00
C ARG A 86 7.29 -3.82 -9.00
N ASN A 87 7.15 -2.77 -9.83
CA ASN A 87 8.04 -2.42 -10.89
C ASN A 87 9.13 -1.50 -10.45
N THR A 88 9.42 -1.54 -9.14
CA THR A 88 10.31 -0.70 -8.40
C THR A 88 11.67 -1.30 -8.28
N GLY A 89 12.68 -0.48 -7.92
CA GLY A 89 14.05 -0.91 -7.82
C GLY A 89 14.40 -1.43 -6.46
N GLN A 90 13.77 -2.55 -6.07
CA GLN A 90 13.83 -3.24 -4.82
C GLN A 90 13.22 -2.53 -3.67
N VAL A 91 13.65 -1.29 -3.38
CA VAL A 91 13.11 -0.50 -2.33
C VAL A 91 11.76 0.03 -2.69
N VAL A 92 10.80 -0.12 -1.76
CA VAL A 92 9.49 0.43 -1.83
C VAL A 92 9.27 1.21 -0.58
N HIS A 93 9.24 2.55 -0.65
CA HIS A 93 8.72 3.40 0.38
C HIS A 93 7.24 3.37 0.30
N LEU A 94 6.53 2.73 1.24
CA LEU A 94 5.10 2.81 1.30
C LEU A 94 4.69 4.07 1.98
N LEU A 95 4.21 5.08 1.22
CA LEU A 95 3.70 6.28 1.80
C LEU A 95 2.28 6.03 2.17
N LEU A 96 2.11 5.64 3.45
CA LEU A 96 0.88 5.26 4.08
C LEU A 96 0.33 6.40 4.84
N GLU A 97 -1.00 6.59 4.77
CA GLU A 97 -1.77 7.45 5.63
C GLU A 97 -2.58 6.55 6.51
N LYS A 98 -2.62 6.91 7.81
CA LYS A 98 -3.34 6.19 8.82
C LYS A 98 -4.81 6.30 8.65
N GLY A 99 -5.48 5.17 8.37
CA GLY A 99 -6.84 5.15 7.94
C GLY A 99 -7.86 5.02 9.03
N GLN A 100 -7.61 5.67 10.18
CA GLN A 100 -8.38 5.53 11.37
C GLN A 100 -9.06 6.81 11.73
N VAL A 101 -10.21 6.70 12.42
CA VAL A 101 -11.17 7.75 12.62
C VAL A 101 -10.81 8.55 13.82
N PRO A 102 -10.91 9.85 13.88
CA PRO A 102 -10.55 10.61 15.03
C PRO A 102 -11.31 10.28 16.27
N TYR B 7 -12.68 -10.32 -8.94
CA TYR B 7 -12.22 -9.59 -7.80
C TYR B 7 -10.78 -9.25 -7.97
N LEU B 8 -10.34 -8.23 -7.20
CA LEU B 8 -9.00 -7.74 -7.15
C LEU B 8 -8.13 -8.51 -6.22
N VAL B 9 -7.21 -7.83 -5.52
CA VAL B 9 -6.41 -8.38 -4.47
C VAL B 9 -5.28 -9.23 -4.97
N THR B 10 -4.08 -8.65 -4.87
CA THR B 10 -2.85 -9.19 -5.38
C THR B 10 -1.87 -8.85 -4.31
N SER B 11 -1.18 -9.85 -3.72
CA SER B 11 -0.12 -9.64 -2.79
C SER B 11 1.11 -9.25 -3.54
N VAL B 12 1.75 -8.14 -3.13
CA VAL B 12 2.73 -7.43 -3.89
C VAL B 12 3.53 -6.66 -2.85
N MET A 8 -3.73 7.47 18.09
CA MET A 8 -4.93 7.75 17.38
C MET A 8 -4.93 9.15 16.88
N LYS A 9 -4.08 9.44 15.88
CA LYS A 9 -4.01 10.73 15.25
C LYS A 9 -4.60 10.65 13.89
N PRO A 10 -5.64 11.38 13.56
CA PRO A 10 -6.13 11.44 12.21
C PRO A 10 -5.18 12.05 11.25
N GLY A 11 -4.84 11.31 10.18
CA GLY A 11 -3.99 11.75 9.11
C GLY A 11 -2.54 11.49 9.32
N ASP A 12 -2.15 10.57 10.22
CA ASP A 12 -0.77 10.33 10.51
C ASP A 12 -0.09 9.55 9.45
N THR A 13 0.91 10.13 8.77
CA THR A 13 1.65 9.48 7.73
C THR A 13 2.84 8.76 8.23
N PHE A 14 3.11 7.59 7.63
CA PHE A 14 4.27 6.80 7.87
C PHE A 14 4.86 6.44 6.54
N GLU A 15 6.09 6.92 6.28
CA GLU A 15 6.83 6.59 5.10
C GLU A 15 7.66 5.38 5.34
N VAL A 16 7.03 4.20 5.18
CA VAL A 16 7.57 2.90 5.47
C VAL A 16 8.45 2.39 4.39
N GLU A 17 9.78 2.26 4.62
CA GLU A 17 10.71 1.82 3.64
C GLU A 17 11.03 0.38 3.86
N LEU A 18 10.78 -0.44 2.83
CA LEU A 18 10.85 -1.87 2.90
C LEU A 18 11.82 -2.38 1.91
N ALA A 19 12.11 -3.69 1.95
CA ALA A 19 12.69 -4.42 0.87
C ALA A 19 11.89 -5.67 0.73
N LYS A 20 11.32 -5.89 -0.46
CA LYS A 20 10.47 -7.00 -0.80
C LYS A 20 11.14 -8.33 -0.81
N THR A 21 10.34 -9.40 -0.72
CA THR A 21 10.78 -10.76 -0.75
C THR A 21 10.22 -11.42 -1.97
N ASP A 22 11.08 -11.67 -2.96
CA ASP A 22 10.79 -12.19 -4.26
C ASP A 22 9.66 -11.53 -4.96
N GLY A 23 9.73 -10.19 -5.12
CA GLY A 23 8.72 -9.42 -5.76
C GLY A 23 7.42 -9.37 -5.05
N SER A 24 7.43 -9.07 -3.73
CA SER A 24 6.29 -9.14 -2.88
C SER A 24 6.72 -8.55 -1.58
N LEU A 25 6.16 -7.36 -1.26
CA LEU A 25 6.26 -6.68 -0.01
C LEU A 25 5.40 -7.40 0.97
N GLY A 26 4.27 -7.92 0.48
CA GLY A 26 3.42 -8.82 1.20
C GLY A 26 2.14 -8.16 1.59
N ILE A 27 1.59 -7.33 0.70
CA ILE A 27 0.34 -6.70 0.94
C ILE A 27 -0.59 -6.94 -0.21
N SER A 28 -1.81 -7.39 0.11
CA SER A 28 -2.88 -7.50 -0.84
C SER A 28 -3.65 -6.24 -1.03
N VAL A 29 -3.56 -5.66 -2.24
CA VAL A 29 -4.09 -4.36 -2.52
C VAL A 29 -5.49 -4.29 -2.99
N THR A 30 -6.31 -3.44 -2.34
CA THR A 30 -7.68 -3.14 -2.64
C THR A 30 -7.86 -1.69 -2.93
N GLY A 31 -9.01 -1.34 -3.52
CA GLY A 31 -9.35 -0.01 -3.95
C GLY A 31 -8.92 0.25 -5.36
N GLY A 32 -8.52 1.49 -5.66
CA GLY A 32 -8.03 1.91 -6.93
C GLY A 32 -9.05 2.70 -7.69
N VAL A 33 -8.60 3.58 -8.60
CA VAL A 33 -9.40 4.51 -9.33
C VAL A 33 -10.35 3.90 -10.30
N ASN A 34 -10.32 2.56 -10.44
CA ASN A 34 -11.24 1.82 -11.26
C ASN A 34 -12.62 1.83 -10.70
N THR A 35 -12.74 2.10 -9.39
CA THR A 35 -13.98 2.39 -8.73
C THR A 35 -13.84 3.72 -8.08
N SER A 36 -14.93 4.28 -7.54
CA SER A 36 -14.95 5.55 -6.89
C SER A 36 -14.59 5.43 -5.45
N VAL A 37 -13.32 5.08 -5.18
CA VAL A 37 -12.81 4.77 -3.88
C VAL A 37 -12.48 6.04 -3.16
N ARG A 38 -11.91 7.00 -3.90
CA ARG A 38 -11.64 8.33 -3.45
C ARG A 38 -11.43 9.12 -4.69
N HIS A 39 -10.18 9.43 -5.07
CA HIS A 39 -9.86 9.85 -6.39
C HIS A 39 -8.76 9.08 -7.02
N GLY A 40 -8.01 8.27 -6.24
CA GLY A 40 -6.85 7.58 -6.73
C GLY A 40 -5.94 7.33 -5.58
N GLY A 41 -5.72 6.05 -5.25
CA GLY A 41 -4.93 5.62 -4.15
C GLY A 41 -5.12 4.13 -4.11
N ILE A 42 -4.31 3.41 -3.31
CA ILE A 42 -4.56 2.01 -3.12
C ILE A 42 -4.55 1.81 -1.64
N TYR A 43 -5.09 0.69 -1.14
CA TYR A 43 -5.28 0.49 0.26
C TYR A 43 -4.90 -0.93 0.53
N VAL A 44 -4.61 -1.28 1.79
CA VAL A 44 -4.41 -2.64 2.19
C VAL A 44 -5.72 -3.30 2.41
N LYS A 45 -5.94 -4.50 1.83
CA LYS A 45 -7.04 -5.33 2.21
C LYS A 45 -6.63 -6.22 3.34
N ALA A 46 -5.55 -7.00 3.14
CA ALA A 46 -5.11 -7.97 4.09
C ALA A 46 -3.63 -8.09 4.08
N ILE A 47 -3.05 -8.23 5.29
CA ILE A 47 -1.67 -8.49 5.52
C ILE A 47 -1.51 -9.97 5.60
N ILE A 48 -0.44 -10.50 4.97
CA ILE A 48 -0.17 -11.90 4.93
C ILE A 48 0.59 -12.37 6.13
N PRO A 49 0.71 -13.63 6.41
CA PRO A 49 1.64 -14.12 7.38
C PRO A 49 3.05 -14.15 6.88
N LYS A 50 3.83 -13.09 7.14
CA LYS A 50 5.22 -12.95 6.88
C LYS A 50 5.63 -12.77 5.46
N GLY A 51 5.58 -11.50 5.01
CA GLY A 51 6.31 -10.99 3.88
C GLY A 51 7.37 -10.07 4.35
N ALA A 52 7.18 -8.76 4.12
CA ALA A 52 8.10 -7.73 4.49
C ALA A 52 7.43 -6.55 5.12
N ALA A 53 6.26 -6.15 4.60
CA ALA A 53 5.55 -4.97 4.99
C ALA A 53 4.98 -4.99 6.37
N GLU A 54 4.44 -6.15 6.81
CA GLU A 54 4.08 -6.44 8.16
C GLU A 54 5.14 -6.11 9.15
N SER A 55 6.41 -6.33 8.77
CA SER A 55 7.56 -6.06 9.57
C SER A 55 7.90 -4.61 9.72
N ASP A 56 7.10 -3.67 9.19
CA ASP A 56 7.05 -2.32 9.67
C ASP A 56 6.48 -2.34 11.04
N GLY A 57 5.14 -2.29 11.15
CA GLY A 57 4.44 -2.61 12.35
C GLY A 57 3.24 -1.77 12.56
N ARG A 58 3.22 -0.57 11.95
CA ARG A 58 2.17 0.39 12.05
C ARG A 58 1.00 0.04 11.22
N ILE A 59 1.24 -0.62 10.08
CA ILE A 59 0.27 -1.05 9.12
C ILE A 59 -0.64 -2.12 9.61
N HIS A 60 -1.92 -2.08 9.21
CA HIS A 60 -2.85 -3.14 9.44
C HIS A 60 -3.75 -3.30 8.26
N LYS A 61 -4.84 -4.06 8.39
CA LYS A 61 -5.74 -4.39 7.32
C LYS A 61 -6.71 -3.30 7.01
N GLY A 62 -6.23 -2.07 6.74
CA GLY A 62 -7.10 -0.94 6.66
C GLY A 62 -6.50 0.26 5.98
N ASP A 63 -5.18 0.48 6.18
CA ASP A 63 -4.49 1.69 5.85
C ASP A 63 -4.41 2.05 4.40
N ARG A 64 -4.22 3.35 4.14
CA ARG A 64 -4.29 3.95 2.85
C ARG A 64 -2.92 4.30 2.37
N VAL A 65 -2.46 3.71 1.26
CA VAL A 65 -1.21 4.08 0.66
C VAL A 65 -1.45 5.10 -0.40
N LEU A 66 -0.75 6.24 -0.28
CA LEU A 66 -0.82 7.34 -1.19
C LEU A 66 0.32 7.36 -2.15
N ALA A 67 1.55 6.98 -1.73
CA ALA A 67 2.65 7.06 -2.64
C ALA A 67 3.66 5.97 -2.47
N VAL A 68 4.44 5.70 -3.54
CA VAL A 68 5.44 4.68 -3.56
C VAL A 68 6.72 5.19 -4.11
N ASN A 69 7.82 5.24 -3.33
CA ASN A 69 9.04 5.91 -3.64
C ASN A 69 8.91 7.36 -3.95
N GLY A 70 7.83 8.02 -3.48
CA GLY A 70 7.48 9.35 -3.84
C GLY A 70 6.64 9.44 -5.07
N VAL A 71 6.10 8.31 -5.54
CA VAL A 71 5.27 8.23 -6.70
C VAL A 71 3.87 8.05 -6.23
N SER A 72 3.12 9.17 -6.20
CA SER A 72 1.73 9.24 -5.87
C SER A 72 0.85 8.47 -6.79
N LEU A 73 -0.16 7.77 -6.24
CA LEU A 73 -1.03 6.91 -6.98
C LEU A 73 -2.16 7.64 -7.60
N GLU A 74 -1.88 8.76 -8.29
CA GLU A 74 -2.89 9.50 -9.01
C GLU A 74 -3.25 8.78 -10.27
N GLY A 75 -4.51 8.32 -10.37
CA GLY A 75 -4.98 7.57 -11.50
C GLY A 75 -4.66 6.12 -11.46
N ALA A 76 -4.14 5.57 -10.35
CA ALA A 76 -3.84 4.18 -10.26
C ALA A 76 -5.01 3.35 -9.88
N THR A 77 -5.19 2.20 -10.56
CA THR A 77 -6.25 1.25 -10.38
C THR A 77 -5.81 0.16 -9.47
N HIS A 78 -6.48 -1.01 -9.47
CA HIS A 78 -5.93 -2.19 -8.87
C HIS A 78 -4.70 -2.64 -9.56
N LYS A 79 -4.78 -2.90 -10.89
CA LYS A 79 -3.68 -3.36 -11.67
C LYS A 79 -2.58 -2.36 -11.80
N GLN A 80 -2.91 -1.07 -11.95
CA GLN A 80 -1.93 -0.02 -11.95
C GLN A 80 -1.26 0.18 -10.64
N ALA A 81 -1.94 0.03 -9.50
CA ALA A 81 -1.29 0.04 -8.22
C ALA A 81 -0.37 -1.11 -8.00
N VAL A 82 -0.74 -2.31 -8.45
CA VAL A 82 0.12 -3.45 -8.49
C VAL A 82 1.37 -3.12 -9.24
N GLU A 83 1.27 -2.66 -10.51
CA GLU A 83 2.35 -2.26 -11.33
C GLU A 83 3.27 -1.24 -10.77
N THR A 84 2.73 -0.32 -9.95
CA THR A 84 3.43 0.72 -9.25
C THR A 84 4.30 0.17 -8.16
N LEU A 85 3.88 -0.90 -7.46
CA LEU A 85 4.64 -1.58 -6.45
C LEU A 85 5.50 -2.68 -6.95
N ARG A 86 5.04 -3.41 -7.98
CA ARG A 86 5.64 -4.59 -8.52
C ARG A 86 6.78 -4.30 -9.43
N ASN A 87 6.66 -3.33 -10.37
CA ASN A 87 7.68 -3.10 -11.34
C ASN A 87 8.70 -2.11 -10.88
N THR A 88 9.18 -2.28 -9.64
CA THR A 88 10.14 -1.46 -8.97
C THR A 88 11.46 -2.16 -8.89
N GLY A 89 12.41 -1.67 -8.06
CA GLY A 89 13.68 -2.28 -7.86
C GLY A 89 13.74 -3.27 -6.76
N GLN A 90 14.14 -2.82 -5.55
CA GLN A 90 14.28 -3.62 -4.38
C GLN A 90 13.64 -2.93 -3.23
N VAL A 91 13.99 -1.67 -2.95
CA VAL A 91 13.36 -0.85 -1.95
C VAL A 91 12.04 -0.35 -2.43
N VAL A 92 11.03 -0.33 -1.53
CA VAL A 92 9.82 0.40 -1.75
C VAL A 92 9.59 1.22 -0.53
N HIS A 93 9.50 2.56 -0.68
CA HIS A 93 9.02 3.46 0.31
C HIS A 93 7.54 3.57 0.22
N LEU A 94 6.76 2.98 1.14
CA LEU A 94 5.33 3.03 1.19
C LEU A 94 4.91 4.23 1.96
N LEU A 95 4.31 5.23 1.29
CA LEU A 95 3.76 6.37 1.94
C LEU A 95 2.35 6.06 2.30
N LEU A 96 2.15 5.67 3.58
CA LEU A 96 0.93 5.26 4.17
C LEU A 96 0.34 6.35 5.00
N GLU A 97 -1.00 6.51 4.96
CA GLU A 97 -1.79 7.29 5.85
C GLU A 97 -2.55 6.34 6.72
N LYS A 98 -2.67 6.70 8.01
CA LYS A 98 -3.37 5.98 9.03
C LYS A 98 -4.81 5.76 8.74
N GLY A 99 -5.25 4.49 8.65
CA GLY A 99 -6.60 4.16 8.33
C GLY A 99 -7.54 4.18 9.48
N GLN A 100 -7.76 5.36 10.08
CA GLN A 100 -8.63 5.58 11.19
C GLN A 100 -9.66 6.62 10.90
N VAL A 101 -10.84 6.51 11.55
CA VAL A 101 -11.81 7.56 11.65
C VAL A 101 -11.56 8.34 12.89
N PRO A 102 -11.98 9.57 13.05
CA PRO A 102 -11.73 10.31 14.26
C PRO A 102 -12.53 9.85 15.43
N TYR B 7 -10.44 -9.37 -9.90
CA TYR B 7 -9.36 -8.50 -10.27
C TYR B 7 -9.05 -7.54 -9.17
N LEU B 8 -9.52 -7.86 -7.95
CA LEU B 8 -9.09 -7.23 -6.75
C LEU B 8 -8.10 -8.10 -6.07
N VAL B 9 -7.22 -7.52 -5.23
CA VAL B 9 -6.42 -8.23 -4.28
C VAL B 9 -5.33 -9.04 -4.88
N THR B 10 -4.11 -8.50 -4.75
CA THR B 10 -2.91 -9.08 -5.31
C THR B 10 -1.88 -8.81 -4.27
N SER B 11 -1.23 -9.86 -3.75
CA SER B 11 -0.11 -9.72 -2.87
C SER B 11 1.10 -9.36 -3.66
N VAL B 12 1.80 -8.27 -3.31
CA VAL B 12 2.92 -7.79 -4.06
C VAL B 12 3.65 -6.88 -3.07
N MET A 8 -1.32 5.11 17.36
CA MET A 8 -2.54 5.23 16.62
C MET A 8 -3.03 6.64 16.73
N LYS A 9 -2.56 7.52 15.84
CA LYS A 9 -2.78 8.93 15.92
C LYS A 9 -3.43 9.47 14.69
N PRO A 10 -4.20 10.51 14.70
CA PRO A 10 -4.67 11.11 13.48
C PRO A 10 -3.66 11.95 12.80
N GLY A 11 -3.78 12.12 11.48
CA GLY A 11 -2.82 12.74 10.62
C GLY A 11 -1.45 12.15 10.69
N ASP A 12 -1.34 10.82 10.52
CA ASP A 12 -0.11 10.12 10.66
C ASP A 12 0.25 9.52 9.34
N THR A 13 1.13 10.18 8.57
CA THR A 13 1.73 9.61 7.40
C THR A 13 3.06 9.01 7.75
N PHE A 14 3.29 7.76 7.32
CA PHE A 14 4.47 7.00 7.58
C PHE A 14 5.07 6.60 6.27
N GLU A 15 6.32 7.01 6.04
CA GLU A 15 7.04 6.71 4.83
C GLU A 15 7.95 5.55 5.09
N VAL A 16 7.35 4.34 5.07
CA VAL A 16 7.94 3.09 5.41
C VAL A 16 8.76 2.54 4.29
N GLU A 17 10.08 2.39 4.42
CA GLU A 17 10.91 1.95 3.34
C GLU A 17 11.33 0.53 3.55
N LEU A 18 10.86 -0.34 2.64
CA LEU A 18 10.96 -1.76 2.75
C LEU A 18 11.79 -2.30 1.64
N ALA A 19 12.32 -3.53 1.79
CA ALA A 19 12.92 -4.27 0.73
C ALA A 19 12.16 -5.53 0.53
N LYS A 20 11.36 -5.61 -0.55
CA LYS A 20 10.46 -6.69 -0.80
C LYS A 20 11.10 -8.00 -1.10
N THR A 21 10.45 -9.09 -0.66
CA THR A 21 10.95 -10.42 -0.70
C THR A 21 10.36 -11.13 -1.88
N ASP A 22 11.18 -11.42 -2.90
CA ASP A 22 10.83 -12.12 -4.10
C ASP A 22 9.75 -11.50 -4.92
N GLY A 23 9.48 -10.20 -4.73
CA GLY A 23 8.37 -9.52 -5.32
C GLY A 23 7.14 -9.63 -4.49
N SER A 24 7.22 -9.17 -3.22
CA SER A 24 6.18 -9.22 -2.24
C SER A 24 6.68 -8.47 -1.06
N LEU A 25 6.04 -7.33 -0.77
CA LEU A 25 6.12 -6.58 0.45
C LEU A 25 5.32 -7.34 1.46
N GLY A 26 4.17 -7.85 0.97
CA GLY A 26 3.33 -8.77 1.67
C GLY A 26 2.04 -8.13 2.02
N ILE A 27 1.51 -7.34 1.06
CA ILE A 27 0.23 -6.72 1.19
C ILE A 27 -0.59 -6.94 -0.04
N SER A 28 -1.82 -7.44 0.15
CA SER A 28 -2.85 -7.49 -0.85
C SER A 28 -3.53 -6.17 -1.00
N VAL A 29 -3.52 -5.62 -2.22
CA VAL A 29 -4.15 -4.37 -2.50
C VAL A 29 -5.62 -4.40 -2.74
N THR A 30 -6.34 -3.34 -2.32
CA THR A 30 -7.72 -3.12 -2.61
C THR A 30 -7.94 -1.66 -2.86
N GLY A 31 -9.14 -1.29 -3.33
CA GLY A 31 -9.50 0.05 -3.67
C GLY A 31 -9.17 0.43 -5.07
N GLY A 32 -8.56 1.61 -5.25
CA GLY A 32 -8.20 2.15 -6.53
C GLY A 32 -9.24 3.09 -7.06
N VAL A 33 -8.88 3.94 -8.03
CA VAL A 33 -9.77 4.89 -8.63
C VAL A 33 -10.94 4.30 -9.34
N ASN A 34 -10.89 2.98 -9.60
CA ASN A 34 -11.88 2.23 -10.31
C ASN A 34 -13.20 2.16 -9.64
N THR A 35 -13.24 1.86 -8.33
CA THR A 35 -14.45 1.71 -7.59
C THR A 35 -14.17 1.82 -6.13
N SER A 36 -14.79 2.80 -5.47
CA SER A 36 -14.93 2.93 -4.05
C SER A 36 -13.67 3.22 -3.29
N VAL A 37 -13.23 4.50 -3.33
CA VAL A 37 -12.16 5.05 -2.57
C VAL A 37 -12.58 6.39 -2.06
N ARG A 38 -11.63 7.21 -1.57
CA ARG A 38 -11.82 8.61 -1.40
C ARG A 38 -11.72 9.29 -2.74
N HIS A 39 -10.56 9.24 -3.41
CA HIS A 39 -10.43 9.74 -4.75
C HIS A 39 -9.30 9.18 -5.55
N GLY A 40 -8.32 8.49 -4.94
CA GLY A 40 -7.18 8.03 -5.66
C GLY A 40 -6.04 7.65 -4.77
N GLY A 41 -5.97 6.34 -4.44
CA GLY A 41 -4.92 5.75 -3.69
C GLY A 41 -5.11 4.27 -3.83
N ILE A 42 -4.24 3.44 -3.23
CA ILE A 42 -4.50 2.05 -3.10
C ILE A 42 -4.52 1.81 -1.62
N TYR A 43 -5.16 0.72 -1.14
CA TYR A 43 -5.38 0.55 0.26
C TYR A 43 -5.03 -0.87 0.52
N VAL A 44 -4.70 -1.25 1.77
CA VAL A 44 -4.40 -2.62 2.08
C VAL A 44 -5.64 -3.37 2.39
N LYS A 45 -5.77 -4.62 1.89
CA LYS A 45 -6.78 -5.53 2.31
C LYS A 45 -6.19 -6.53 3.26
N ALA A 46 -5.40 -7.49 2.76
CA ALA A 46 -4.85 -8.56 3.54
C ALA A 46 -3.39 -8.38 3.77
N ILE A 47 -3.00 -8.39 5.06
CA ILE A 47 -1.65 -8.37 5.54
C ILE A 47 -1.18 -9.78 5.69
N ILE A 48 0.03 -10.09 5.20
CA ILE A 48 0.67 -11.35 5.45
C ILE A 48 1.29 -11.34 6.80
N PRO A 49 1.21 -12.33 7.64
CA PRO A 49 1.97 -12.40 8.85
C PRO A 49 3.44 -12.38 8.62
N LYS A 50 4.08 -11.25 8.95
CA LYS A 50 5.43 -10.86 8.68
C LYS A 50 6.09 -11.36 7.43
N GLY A 51 5.69 -10.81 6.28
CA GLY A 51 6.43 -10.94 5.06
C GLY A 51 7.57 -9.98 5.03
N ALA A 52 7.26 -8.69 4.75
CA ALA A 52 8.15 -7.58 4.94
C ALA A 52 7.40 -6.44 5.51
N ALA A 53 6.21 -6.15 4.96
CA ALA A 53 5.38 -5.02 5.27
C ALA A 53 4.73 -5.02 6.62
N GLU A 54 4.12 -6.13 7.09
CA GLU A 54 3.57 -6.19 8.41
C GLU A 54 4.59 -5.88 9.45
N SER A 55 5.83 -6.33 9.16
CA SER A 55 6.97 -6.16 10.00
C SER A 55 7.52 -4.78 10.10
N ASP A 56 6.93 -3.75 9.48
CA ASP A 56 7.13 -2.38 9.85
C ASP A 56 6.66 -2.18 11.25
N GLY A 57 5.37 -1.83 11.42
CA GLY A 57 4.81 -1.74 12.73
C GLY A 57 3.46 -1.14 12.71
N ARG A 58 3.27 -0.07 11.90
CA ARG A 58 2.04 0.66 11.88
C ARG A 58 1.01 0.07 10.99
N ILE A 59 1.39 -0.67 9.94
CA ILE A 59 0.52 -1.27 8.99
C ILE A 59 -0.36 -2.34 9.53
N HIS A 60 -1.67 -2.22 9.26
CA HIS A 60 -2.69 -3.21 9.51
C HIS A 60 -3.56 -3.38 8.33
N LYS A 61 -4.53 -4.31 8.40
CA LYS A 61 -5.51 -4.57 7.38
C LYS A 61 -6.52 -3.48 7.24
N GLY A 62 -6.14 -2.37 6.59
CA GLY A 62 -7.06 -1.35 6.20
C GLY A 62 -6.51 0.04 6.15
N ASP A 63 -5.17 0.21 6.07
CA ASP A 63 -4.56 1.50 5.92
C ASP A 63 -4.49 1.91 4.50
N ARG A 64 -4.22 3.21 4.25
CA ARG A 64 -4.28 3.82 2.96
C ARG A 64 -2.90 4.15 2.47
N VAL A 65 -2.46 3.61 1.33
CA VAL A 65 -1.23 4.01 0.72
C VAL A 65 -1.48 5.04 -0.33
N LEU A 66 -0.83 6.22 -0.17
CA LEU A 66 -0.96 7.33 -1.06
C LEU A 66 0.14 7.33 -2.08
N ALA A 67 1.36 6.93 -1.72
CA ALA A 67 2.44 6.94 -2.67
C ALA A 67 3.39 5.82 -2.47
N VAL A 68 4.11 5.43 -3.54
CA VAL A 68 5.06 4.37 -3.52
C VAL A 68 6.36 4.77 -4.13
N ASN A 69 7.48 4.76 -3.38
CA ASN A 69 8.75 5.28 -3.78
C ASN A 69 8.70 6.72 -4.15
N GLY A 70 7.79 7.48 -3.50
CA GLY A 70 7.53 8.85 -3.84
C GLY A 70 6.77 9.04 -5.10
N VAL A 71 6.06 8.00 -5.56
CA VAL A 71 5.22 8.01 -6.72
C VAL A 71 3.81 7.82 -6.26
N SER A 72 3.02 8.90 -6.26
CA SER A 72 1.63 8.90 -5.90
C SER A 72 0.75 8.10 -6.79
N LEU A 73 -0.28 7.45 -6.20
CA LEU A 73 -1.21 6.60 -6.87
C LEU A 73 -2.35 7.34 -7.47
N GLU A 74 -2.08 8.52 -8.06
CA GLU A 74 -3.05 9.36 -8.70
C GLU A 74 -3.49 8.79 -10.01
N GLY A 75 -4.79 8.46 -10.13
CA GLY A 75 -5.31 7.80 -11.30
C GLY A 75 -5.14 6.32 -11.31
N ALA A 76 -4.52 5.73 -10.27
CA ALA A 76 -4.23 4.33 -10.26
C ALA A 76 -5.36 3.50 -9.76
N THR A 77 -5.56 2.33 -10.40
CA THR A 77 -6.58 1.37 -10.17
C THR A 77 -5.81 0.15 -9.76
N HIS A 78 -6.44 -1.02 -9.57
CA HIS A 78 -5.86 -2.27 -9.21
C HIS A 78 -4.63 -2.63 -9.98
N LYS A 79 -4.68 -2.57 -11.32
CA LYS A 79 -3.60 -2.96 -12.18
C LYS A 79 -2.45 -2.02 -12.11
N GLN A 80 -2.71 -0.70 -12.13
CA GLN A 80 -1.67 0.29 -12.02
C GLN A 80 -1.06 0.33 -10.67
N ALA A 81 -1.84 0.17 -9.59
CA ALA A 81 -1.34 0.08 -8.25
C ALA A 81 -0.40 -1.05 -8.04
N VAL A 82 -0.71 -2.25 -8.59
CA VAL A 82 0.16 -3.38 -8.58
C VAL A 82 1.47 -3.06 -9.22
N GLU A 83 1.51 -2.55 -10.46
CA GLU A 83 2.72 -2.15 -11.13
C GLU A 83 3.52 -1.12 -10.42
N THR A 84 2.87 -0.21 -9.69
CA THR A 84 3.44 0.86 -8.93
C THR A 84 4.16 0.39 -7.71
N LEU A 85 3.77 -0.78 -7.15
CA LEU A 85 4.49 -1.50 -6.15
C LEU A 85 5.46 -2.50 -6.67
N ARG A 86 5.04 -3.31 -7.65
CA ARG A 86 5.70 -4.49 -8.11
C ARG A 86 6.76 -4.27 -9.13
N ASN A 87 6.66 -3.28 -10.02
CA ASN A 87 7.67 -3.01 -11.00
C ASN A 87 8.67 -2.03 -10.51
N THR A 88 9.06 -2.19 -9.23
CA THR A 88 10.07 -1.45 -8.54
C THR A 88 11.30 -2.31 -8.45
N GLY A 89 12.48 -1.70 -8.20
CA GLY A 89 13.73 -2.41 -8.12
C GLY A 89 13.81 -3.36 -6.97
N GLN A 90 13.90 -2.82 -5.74
CA GLN A 90 14.03 -3.61 -4.56
C GLN A 90 13.47 -2.86 -3.39
N VAL A 91 13.93 -1.61 -3.18
CA VAL A 91 13.34 -0.73 -2.21
C VAL A 91 12.01 -0.22 -2.64
N VAL A 92 11.04 -0.33 -1.73
CA VAL A 92 9.73 0.22 -1.86
C VAL A 92 9.45 1.07 -0.67
N HIS A 93 9.40 2.40 -0.84
CA HIS A 93 8.93 3.31 0.16
C HIS A 93 7.44 3.38 0.10
N LEU A 94 6.73 2.83 1.11
CA LEU A 94 5.31 2.88 1.22
C LEU A 94 4.93 4.11 1.97
N LEU A 95 4.33 5.09 1.28
CA LEU A 95 3.81 6.28 1.89
C LEU A 95 2.40 6.00 2.28
N LEU A 96 2.24 5.57 3.55
CA LEU A 96 1.02 5.16 4.16
C LEU A 96 0.44 6.25 4.97
N GLU A 97 -0.90 6.35 4.98
CA GLU A 97 -1.69 7.10 5.91
C GLU A 97 -2.44 6.11 6.74
N LYS A 98 -2.59 6.46 8.03
CA LYS A 98 -3.38 5.77 9.00
C LYS A 98 -4.80 5.54 8.61
N GLY A 99 -5.32 4.30 8.74
CA GLY A 99 -6.70 4.00 8.58
C GLY A 99 -7.47 4.17 9.84
N GLN A 100 -7.20 5.27 10.56
CA GLN A 100 -7.54 5.49 11.93
C GLN A 100 -8.45 6.66 12.08
N VAL A 101 -9.41 6.58 13.02
CA VAL A 101 -10.43 7.56 13.24
C VAL A 101 -9.92 8.66 14.10
N PRO A 102 -10.00 9.91 13.76
CA PRO A 102 -9.67 10.98 14.67
C PRO A 102 -10.65 11.19 15.77
N TYR B 7 -12.28 -10.62 -9.04
CA TYR B 7 -11.06 -10.68 -8.28
C TYR B 7 -10.52 -9.33 -8.00
N LEU B 8 -9.63 -9.29 -6.98
CA LEU B 8 -8.89 -8.16 -6.52
C LEU B 8 -7.80 -8.81 -5.75
N VAL B 9 -7.21 -8.11 -4.76
CA VAL B 9 -6.34 -8.62 -3.73
C VAL B 9 -5.17 -9.40 -4.18
N THR B 10 -4.12 -8.65 -4.56
CA THR B 10 -2.94 -9.14 -5.21
C THR B 10 -1.87 -8.79 -4.24
N SER B 11 -1.20 -9.81 -3.64
CA SER B 11 -0.15 -9.60 -2.71
C SER B 11 1.14 -9.37 -3.44
N VAL B 12 1.80 -8.24 -3.14
CA VAL B 12 2.95 -7.73 -3.82
C VAL B 12 3.67 -6.94 -2.75
N MET A 8 -5.03 8.10 17.69
CA MET A 8 -5.14 8.16 16.27
C MET A 8 -5.79 9.44 15.88
N LYS A 9 -5.29 10.11 14.83
CA LYS A 9 -5.89 11.28 14.27
C LYS A 9 -5.81 11.12 12.79
N PRO A 10 -6.56 11.81 11.98
CA PRO A 10 -6.34 11.83 10.56
C PRO A 10 -5.09 12.56 10.22
N GLY A 11 -4.41 12.18 9.13
CA GLY A 11 -3.30 12.92 8.60
C GLY A 11 -1.96 12.48 9.10
N ASP A 12 -1.89 11.36 9.82
CA ASP A 12 -0.65 10.78 10.24
C ASP A 12 -0.11 9.88 9.17
N THR A 13 0.92 10.34 8.45
CA THR A 13 1.61 9.63 7.42
C THR A 13 2.84 8.95 7.90
N PHE A 14 3.15 7.79 7.30
CA PHE A 14 4.32 7.01 7.59
C PHE A 14 4.94 6.56 6.31
N GLU A 15 6.17 7.01 6.02
CA GLU A 15 6.94 6.56 4.90
C GLU A 15 7.82 5.40 5.22
N VAL A 16 7.19 4.20 5.20
CA VAL A 16 7.77 2.94 5.54
C VAL A 16 8.68 2.44 4.47
N GLU A 17 10.00 2.31 4.72
CA GLU A 17 10.93 1.95 3.70
C GLU A 17 11.34 0.52 3.83
N LEU A 18 10.93 -0.30 2.84
CA LEU A 18 11.02 -1.72 2.91
C LEU A 18 11.80 -2.25 1.75
N ALA A 19 12.29 -3.49 1.88
CA ALA A 19 12.75 -4.26 0.75
C ALA A 19 11.86 -5.44 0.61
N LYS A 20 11.14 -5.54 -0.52
CA LYS A 20 10.32 -6.64 -0.91
C LYS A 20 10.95 -7.98 -0.78
N THR A 21 10.24 -8.93 -0.14
CA THR A 21 10.68 -10.25 0.15
C THR A 21 10.15 -11.16 -0.91
N ASP A 22 11.03 -11.66 -1.79
CA ASP A 22 10.75 -12.40 -2.97
C ASP A 22 9.87 -11.71 -3.96
N GLY A 23 9.85 -10.37 -3.97
CA GLY A 23 8.97 -9.62 -4.81
C GLY A 23 7.58 -9.59 -4.29
N SER A 24 7.40 -8.96 -3.11
CA SER A 24 6.20 -8.96 -2.33
C SER A 24 6.59 -8.24 -1.08
N LEU A 25 5.93 -7.10 -0.80
CA LEU A 25 6.01 -6.37 0.43
C LEU A 25 5.19 -7.13 1.42
N GLY A 26 4.00 -7.52 0.94
CA GLY A 26 3.14 -8.45 1.61
C GLY A 26 1.78 -7.87 1.84
N ILE A 27 1.34 -7.00 0.92
CA ILE A 27 0.03 -6.46 0.97
C ILE A 27 -0.77 -6.97 -0.18
N SER A 28 -1.98 -7.48 0.10
CA SER A 28 -3.03 -7.66 -0.85
C SER A 28 -3.79 -6.39 -1.03
N VAL A 29 -3.67 -5.78 -2.23
CA VAL A 29 -4.24 -4.50 -2.50
C VAL A 29 -5.70 -4.49 -2.77
N THR A 30 -6.44 -3.50 -2.22
CA THR A 30 -7.81 -3.25 -2.51
C THR A 30 -7.99 -1.80 -2.80
N GLY A 31 -9.16 -1.42 -3.33
CA GLY A 31 -9.46 -0.09 -3.76
C GLY A 31 -9.01 0.21 -5.15
N GLY A 32 -8.48 1.43 -5.38
CA GLY A 32 -8.02 1.89 -6.65
C GLY A 32 -9.10 2.63 -7.36
N VAL A 33 -8.73 3.54 -8.29
CA VAL A 33 -9.60 4.37 -9.05
C VAL A 33 -10.82 3.70 -9.58
N ASN A 34 -10.65 2.44 -10.03
CA ASN A 34 -11.67 1.58 -10.57
C ASN A 34 -12.77 1.26 -9.62
N THR A 35 -12.43 1.00 -8.35
CA THR A 35 -13.26 0.39 -7.36
C THR A 35 -14.10 1.38 -6.62
N SER A 36 -13.78 2.67 -6.76
CA SER A 36 -14.51 3.79 -6.22
C SER A 36 -14.12 4.10 -4.82
N VAL A 37 -12.99 4.80 -4.65
CA VAL A 37 -12.36 5.05 -3.39
C VAL A 37 -12.07 6.51 -3.22
N ARG A 38 -13.09 7.37 -3.32
CA ARG A 38 -12.99 8.79 -3.18
C ARG A 38 -12.43 9.44 -4.38
N HIS A 39 -11.13 9.19 -4.66
CA HIS A 39 -10.44 9.57 -5.85
C HIS A 39 -9.73 8.35 -6.35
N GLY A 40 -8.58 8.01 -5.73
CA GLY A 40 -7.83 6.81 -5.97
C GLY A 40 -7.11 6.41 -4.73
N GLY A 41 -5.78 6.20 -4.88
CA GLY A 41 -4.98 5.53 -3.91
C GLY A 41 -5.20 4.05 -3.93
N ILE A 42 -4.34 3.28 -3.24
CA ILE A 42 -4.58 1.89 -3.04
C ILE A 42 -4.54 1.69 -1.56
N TYR A 43 -5.10 0.59 -1.05
CA TYR A 43 -5.32 0.44 0.36
C TYR A 43 -5.05 -1.01 0.61
N VAL A 44 -4.64 -1.44 1.82
CA VAL A 44 -4.45 -2.83 2.07
C VAL A 44 -5.72 -3.50 2.46
N LYS A 45 -5.97 -4.72 1.94
CA LYS A 45 -6.99 -5.59 2.43
C LYS A 45 -6.41 -6.54 3.42
N ALA A 46 -5.40 -7.33 2.99
CA ALA A 46 -4.83 -8.39 3.78
C ALA A 46 -3.35 -8.24 3.88
N ILE A 47 -2.81 -8.39 5.11
CA ILE A 47 -1.41 -8.47 5.39
C ILE A 47 -1.05 -9.91 5.50
N ILE A 48 -0.05 -10.37 4.73
CA ILE A 48 0.36 -11.74 4.75
C ILE A 48 1.35 -12.02 5.83
N PRO A 49 1.47 -13.21 6.33
CA PRO A 49 2.53 -13.58 7.23
C PRO A 49 3.82 -13.83 6.53
N LYS A 50 4.47 -12.78 6.00
CA LYS A 50 5.80 -12.85 5.50
C LYS A 50 6.71 -11.97 6.30
N GLY A 51 6.83 -10.67 5.98
CA GLY A 51 7.82 -9.89 6.64
C GLY A 51 8.53 -8.86 5.82
N ALA A 52 7.81 -8.03 5.06
CA ALA A 52 8.29 -6.72 4.70
C ALA A 52 7.32 -5.71 5.17
N ALA A 53 6.08 -5.72 4.63
CA ALA A 53 5.03 -4.84 5.06
C ALA A 53 4.56 -5.11 6.45
N GLU A 54 4.33 -6.40 6.79
CA GLU A 54 4.01 -6.83 8.12
C GLU A 54 5.14 -6.64 9.07
N SER A 55 6.37 -6.50 8.52
CA SER A 55 7.54 -6.17 9.28
C SER A 55 7.58 -4.80 9.84
N ASP A 56 6.84 -3.81 9.30
CA ASP A 56 6.71 -2.52 9.88
C ASP A 56 5.97 -2.59 11.16
N GLY A 57 4.63 -2.47 11.12
CA GLY A 57 3.79 -2.69 12.24
C GLY A 57 2.92 -1.53 12.57
N ARG A 58 3.07 -0.40 11.85
CA ARG A 58 2.07 0.63 11.80
C ARG A 58 1.07 0.27 10.76
N ILE A 59 1.48 -0.50 9.73
CA ILE A 59 0.62 -1.16 8.79
C ILE A 59 -0.16 -2.27 9.42
N HIS A 60 -1.48 -2.27 9.21
CA HIS A 60 -2.37 -3.34 9.55
C HIS A 60 -3.26 -3.56 8.38
N LYS A 61 -4.47 -4.14 8.55
CA LYS A 61 -5.39 -4.32 7.47
C LYS A 61 -6.32 -3.15 7.31
N GLY A 62 -5.91 -2.07 6.64
CA GLY A 62 -6.82 -1.08 6.16
C GLY A 62 -6.40 0.34 6.14
N ASP A 63 -5.14 0.64 5.77
CA ASP A 63 -4.60 1.97 5.65
C ASP A 63 -4.64 2.43 4.23
N ARG A 64 -4.48 3.74 3.99
CA ARG A 64 -4.36 4.32 2.69
C ARG A 64 -2.91 4.33 2.32
N VAL A 65 -2.51 3.75 1.17
CA VAL A 65 -1.22 3.99 0.62
C VAL A 65 -1.41 4.96 -0.49
N LEU A 66 -0.76 6.13 -0.39
CA LEU A 66 -0.92 7.22 -1.29
C LEU A 66 0.22 7.33 -2.26
N ALA A 67 1.42 6.90 -1.88
CA ALA A 67 2.53 6.97 -2.78
C ALA A 67 3.54 5.91 -2.52
N VAL A 68 4.42 5.62 -3.50
CA VAL A 68 5.40 4.58 -3.42
C VAL A 68 6.69 5.03 -4.00
N ASN A 69 7.83 5.02 -3.27
CA ASN A 69 9.09 5.47 -3.77
C ASN A 69 9.08 6.90 -4.16
N GLY A 70 8.20 7.70 -3.54
CA GLY A 70 7.92 9.07 -3.86
C GLY A 70 6.93 9.24 -4.96
N VAL A 71 6.42 8.14 -5.53
CA VAL A 71 5.58 8.13 -6.69
C VAL A 71 4.17 8.01 -6.24
N SER A 72 3.43 9.13 -6.24
CA SER A 72 2.04 9.16 -5.95
C SER A 72 1.20 8.41 -6.92
N LEU A 73 0.22 7.64 -6.39
CA LEU A 73 -0.56 6.71 -7.14
C LEU A 73 -1.42 7.36 -8.17
N GLU A 74 -2.08 8.48 -7.83
CA GLU A 74 -2.61 9.49 -8.68
C GLU A 74 -3.03 9.11 -10.06
N GLY A 75 -4.22 8.50 -10.18
CA GLY A 75 -4.71 7.88 -11.37
C GLY A 75 -4.72 6.39 -11.34
N ALA A 76 -3.90 5.75 -10.48
CA ALA A 76 -3.74 4.33 -10.44
C ALA A 76 -4.92 3.53 -10.02
N THR A 77 -5.12 2.37 -10.69
CA THR A 77 -6.23 1.49 -10.56
C THR A 77 -5.90 0.36 -9.66
N HIS A 78 -6.53 -0.81 -9.80
CA HIS A 78 -6.05 -1.98 -9.13
C HIS A 78 -4.82 -2.50 -9.78
N LYS A 79 -4.83 -2.68 -11.12
CA LYS A 79 -3.71 -3.15 -11.86
C LYS A 79 -2.55 -2.20 -11.83
N GLN A 80 -2.81 -0.89 -12.01
CA GLN A 80 -1.78 0.09 -11.94
C GLN A 80 -1.20 0.27 -10.58
N ALA A 81 -1.97 0.08 -9.50
CA ALA A 81 -1.41 0.05 -8.18
C ALA A 81 -0.50 -1.10 -7.92
N VAL A 82 -0.85 -2.31 -8.40
CA VAL A 82 0.00 -3.45 -8.40
C VAL A 82 1.28 -3.14 -9.08
N GLU A 83 1.25 -2.67 -10.34
CA GLU A 83 2.38 -2.25 -11.11
C GLU A 83 3.32 -1.31 -10.45
N THR A 84 2.77 -0.26 -9.80
CA THR A 84 3.45 0.76 -9.06
C THR A 84 4.20 0.26 -7.88
N LEU A 85 3.73 -0.82 -7.22
CA LEU A 85 4.45 -1.47 -6.17
C LEU A 85 5.38 -2.54 -6.64
N ARG A 86 4.93 -3.34 -7.63
CA ARG A 86 5.55 -4.57 -8.03
C ARG A 86 6.74 -4.42 -8.90
N ASN A 87 6.77 -3.48 -9.87
CA ASN A 87 7.77 -3.44 -10.89
C ASN A 87 8.94 -2.61 -10.48
N THR A 88 9.18 -2.61 -9.15
CA THR A 88 10.20 -1.91 -8.42
C THR A 88 11.35 -2.82 -8.19
N GLY A 89 12.57 -2.25 -8.07
CA GLY A 89 13.78 -3.02 -7.98
C GLY A 89 13.99 -3.68 -6.65
N GLN A 90 14.03 -2.89 -5.56
CA GLN A 90 14.23 -3.42 -4.25
C GLN A 90 13.58 -2.59 -3.19
N VAL A 91 14.06 -1.36 -2.95
CA VAL A 91 13.48 -0.51 -1.95
C VAL A 91 12.19 0.06 -2.42
N VAL A 92 11.17 -0.12 -1.55
CA VAL A 92 9.85 0.40 -1.70
C VAL A 92 9.56 1.21 -0.47
N HIS A 93 9.60 2.55 -0.59
CA HIS A 93 9.16 3.45 0.42
C HIS A 93 7.67 3.59 0.34
N LEU A 94 6.89 2.98 1.23
CA LEU A 94 5.47 3.09 1.18
C LEU A 94 5.00 4.33 1.88
N LEU A 95 4.40 5.27 1.15
CA LEU A 95 3.80 6.43 1.75
C LEU A 95 2.41 6.09 2.14
N LEU A 96 2.23 5.68 3.41
CA LEU A 96 1.01 5.32 4.03
C LEU A 96 0.44 6.46 4.80
N GLU A 97 -0.89 6.52 4.94
CA GLU A 97 -1.58 7.34 5.89
C GLU A 97 -2.47 6.47 6.70
N LYS A 98 -2.69 6.82 7.99
CA LYS A 98 -3.65 6.23 8.86
C LYS A 98 -5.02 6.14 8.31
N GLY A 99 -5.55 4.91 8.15
CA GLY A 99 -6.86 4.66 7.64
C GLY A 99 -7.92 4.76 8.68
N GLN A 100 -8.21 5.98 9.15
CA GLN A 100 -9.23 6.25 10.11
C GLN A 100 -10.18 7.28 9.59
N VAL A 101 -11.39 7.33 10.15
CA VAL A 101 -12.33 8.39 9.95
C VAL A 101 -12.03 9.51 10.90
N PRO A 102 -12.17 10.76 10.59
CA PRO A 102 -11.94 11.82 11.53
C PRO A 102 -12.91 11.85 12.67
N TYR B 7 -8.96 -10.44 -9.80
CA TYR B 7 -9.88 -10.78 -8.75
C TYR B 7 -9.67 -9.93 -7.55
N LEU B 8 -9.02 -8.78 -7.75
CA LEU B 8 -8.61 -7.82 -6.76
C LEU B 8 -7.37 -8.31 -6.09
N VAL B 9 -7.18 -7.99 -4.80
CA VAL B 9 -6.33 -8.57 -3.81
C VAL B 9 -5.17 -9.37 -4.27
N THR B 10 -4.11 -8.61 -4.63
CA THR B 10 -2.95 -9.11 -5.31
C THR B 10 -1.86 -8.82 -4.34
N SER B 11 -1.12 -9.86 -3.91
CA SER B 11 -0.03 -9.77 -3.00
C SER B 11 1.20 -9.31 -3.71
N VAL B 12 1.83 -8.26 -3.16
CA VAL B 12 2.75 -7.44 -3.89
C VAL B 12 3.56 -6.73 -2.80
N MET A 8 -3.85 4.55 16.47
CA MET A 8 -3.53 5.58 15.53
C MET A 8 -4.30 6.81 15.87
N LYS A 9 -3.84 7.97 15.37
CA LYS A 9 -4.42 9.27 15.53
C LYS A 9 -4.57 9.91 14.20
N PRO A 10 -5.34 10.93 13.98
CA PRO A 10 -5.38 11.59 12.71
C PRO A 10 -4.16 12.41 12.43
N GLY A 11 -3.92 12.70 11.14
CA GLY A 11 -2.78 13.43 10.68
C GLY A 11 -1.55 12.63 10.44
N ASP A 12 -1.58 11.30 10.66
CA ASP A 12 -0.40 10.50 10.78
C ASP A 12 -0.07 9.74 9.53
N THR A 13 0.87 10.26 8.71
CA THR A 13 1.49 9.54 7.63
C THR A 13 2.74 8.88 8.10
N PHE A 14 3.14 7.81 7.39
CA PHE A 14 4.32 7.06 7.66
C PHE A 14 4.98 6.71 6.36
N GLU A 15 6.24 7.14 6.18
CA GLU A 15 7.00 6.90 4.99
C GLU A 15 7.92 5.75 5.22
N VAL A 16 7.39 4.52 5.16
CA VAL A 16 7.98 3.27 5.49
C VAL A 16 8.78 2.68 4.37
N GLU A 17 10.02 2.20 4.58
CA GLU A 17 10.83 1.66 3.53
C GLU A 17 11.00 0.18 3.68
N LEU A 18 10.65 -0.58 2.63
CA LEU A 18 10.63 -2.00 2.65
C LEU A 18 11.44 -2.56 1.52
N ALA A 19 12.01 -3.76 1.72
CA ALA A 19 12.65 -4.50 0.69
C ALA A 19 11.86 -5.73 0.43
N LYS A 20 11.11 -5.76 -0.68
CA LYS A 20 10.18 -6.79 -1.01
C LYS A 20 10.79 -8.10 -1.41
N THR A 21 10.18 -9.21 -0.95
CA THR A 21 10.76 -10.51 -1.08
C THR A 21 10.16 -11.21 -2.24
N ASP A 22 10.85 -11.13 -3.40
CA ASP A 22 10.44 -11.62 -4.68
C ASP A 22 9.13 -11.09 -5.14
N GLY A 23 9.02 -9.75 -5.25
CA GLY A 23 7.82 -9.08 -5.63
C GLY A 23 6.67 -9.27 -4.70
N SER A 24 6.90 -9.00 -3.40
CA SER A 24 5.96 -9.31 -2.36
C SER A 24 6.41 -8.60 -1.13
N LEU A 25 5.80 -7.43 -0.88
CA LEU A 25 5.88 -6.67 0.33
C LEU A 25 5.06 -7.40 1.34
N GLY A 26 3.89 -7.86 0.87
CA GLY A 26 3.01 -8.71 1.61
C GLY A 26 1.74 -8.01 1.96
N ILE A 27 1.19 -7.27 0.97
CA ILE A 27 -0.12 -6.73 1.06
C ILE A 27 -0.93 -7.16 -0.11
N SER A 28 -2.19 -7.58 0.12
CA SER A 28 -3.18 -7.66 -0.91
C SER A 28 -3.80 -6.33 -1.18
N VAL A 29 -3.66 -5.82 -2.41
CA VAL A 29 -4.09 -4.49 -2.74
C VAL A 29 -5.49 -4.34 -3.22
N THR A 30 -6.27 -3.54 -2.48
CA THR A 30 -7.65 -3.20 -2.68
C THR A 30 -7.79 -1.73 -2.87
N GLY A 31 -8.93 -1.29 -3.41
CA GLY A 31 -9.22 0.07 -3.75
C GLY A 31 -8.80 0.40 -5.14
N GLY A 32 -8.37 1.65 -5.38
CA GLY A 32 -7.94 2.15 -6.65
C GLY A 32 -8.95 3.11 -7.20
N VAL A 33 -8.55 3.99 -8.15
CA VAL A 33 -9.42 4.97 -8.72
C VAL A 33 -10.59 4.43 -9.45
N ASN A 34 -10.54 3.15 -9.85
CA ASN A 34 -11.56 2.52 -10.62
C ASN A 34 -12.82 2.32 -9.84
N THR A 35 -12.72 2.18 -8.51
CA THR A 35 -13.84 2.08 -7.62
C THR A 35 -14.03 3.34 -6.87
N SER A 36 -13.35 4.43 -7.25
CA SER A 36 -13.37 5.74 -6.67
C SER A 36 -13.24 5.83 -5.18
N VAL A 37 -12.00 5.73 -4.67
CA VAL A 37 -11.71 5.68 -3.27
C VAL A 37 -11.02 6.96 -2.90
N ARG A 38 -11.64 7.77 -2.02
CA ARG A 38 -11.35 9.16 -1.79
C ARG A 38 -10.98 9.94 -3.00
N HIS A 39 -9.69 10.25 -3.18
CA HIS A 39 -9.21 10.84 -4.39
C HIS A 39 -8.00 10.15 -4.93
N GLY A 40 -7.96 8.80 -4.84
CA GLY A 40 -7.01 8.01 -5.54
C GLY A 40 -5.86 7.50 -4.75
N GLY A 41 -5.86 6.19 -4.46
CA GLY A 41 -4.78 5.53 -3.78
C GLY A 41 -5.12 4.08 -3.74
N ILE A 42 -4.22 3.28 -3.14
CA ILE A 42 -4.46 1.88 -2.96
C ILE A 42 -4.45 1.63 -1.49
N TYR A 43 -4.99 0.49 -1.02
CA TYR A 43 -5.17 0.24 0.37
C TYR A 43 -4.86 -1.21 0.58
N VAL A 44 -4.65 -1.66 1.82
CA VAL A 44 -4.51 -3.06 2.11
C VAL A 44 -5.82 -3.71 2.40
N LYS A 45 -6.05 -4.91 1.83
CA LYS A 45 -7.09 -5.80 2.25
C LYS A 45 -6.54 -6.72 3.29
N ALA A 46 -5.70 -7.68 2.87
CA ALA A 46 -5.07 -8.63 3.74
C ALA A 46 -3.62 -8.34 3.91
N ILE A 47 -3.19 -8.22 5.18
CA ILE A 47 -1.82 -8.31 5.60
C ILE A 47 -1.51 -9.77 5.72
N ILE A 48 -0.46 -10.25 5.03
CA ILE A 48 -0.04 -11.61 5.17
C ILE A 48 0.95 -11.73 6.29
N PRO A 49 1.09 -12.86 6.92
CA PRO A 49 1.91 -12.98 8.09
C PRO A 49 3.37 -12.79 7.82
N LYS A 50 3.89 -11.63 8.27
CA LYS A 50 5.25 -11.20 8.27
C LYS A 50 6.06 -11.42 7.04
N GLY A 51 5.66 -10.79 5.93
CA GLY A 51 6.41 -10.77 4.72
C GLY A 51 7.50 -9.76 4.77
N ALA A 52 7.15 -8.48 4.49
CA ALA A 52 8.02 -7.36 4.65
C ALA A 52 7.26 -6.19 5.18
N ALA A 53 6.02 -6.00 4.70
CA ALA A 53 5.15 -4.91 5.01
C ALA A 53 4.54 -4.92 6.37
N GLU A 54 4.04 -6.07 6.87
CA GLU A 54 3.68 -6.21 8.24
C GLU A 54 4.80 -5.82 9.15
N SER A 55 6.00 -6.30 8.77
CA SER A 55 7.24 -6.17 9.47
C SER A 55 7.83 -4.80 9.56
N ASP A 56 7.14 -3.74 9.09
CA ASP A 56 7.37 -2.40 9.54
C ASP A 56 6.95 -2.29 10.97
N GLY A 57 5.62 -2.19 11.18
CA GLY A 57 5.05 -2.16 12.49
C GLY A 57 3.69 -1.58 12.45
N ARG A 58 3.50 -0.52 11.63
CA ARG A 58 2.30 0.26 11.66
C ARG A 58 1.25 -0.15 10.70
N ILE A 59 1.57 -0.91 9.63
CA ILE A 59 0.61 -1.28 8.63
C ILE A 59 -0.35 -2.31 9.10
N HIS A 60 -1.66 -2.06 8.96
CA HIS A 60 -2.72 -2.92 9.37
C HIS A 60 -3.62 -3.18 8.21
N LYS A 61 -4.70 -3.96 8.40
CA LYS A 61 -5.65 -4.22 7.36
C LYS A 61 -6.60 -3.09 7.16
N GLY A 62 -6.19 -2.06 6.40
CA GLY A 62 -7.08 -0.98 6.08
C GLY A 62 -6.43 0.31 5.74
N ASP A 63 -5.11 0.45 5.93
CA ASP A 63 -4.40 1.68 5.72
C ASP A 63 -4.33 2.11 4.29
N ARG A 64 -4.13 3.42 4.06
CA ARG A 64 -4.06 4.02 2.76
C ARG A 64 -2.64 4.04 2.31
N VAL A 65 -2.37 3.62 1.06
CA VAL A 65 -1.19 3.92 0.32
C VAL A 65 -1.50 5.15 -0.48
N LEU A 66 -0.79 6.27 -0.26
CA LEU A 66 -0.93 7.43 -1.07
C LEU A 66 0.16 7.55 -2.08
N ALA A 67 1.38 7.06 -1.77
CA ALA A 67 2.45 7.15 -2.72
C ALA A 67 3.45 6.06 -2.53
N VAL A 68 4.27 5.77 -3.55
CA VAL A 68 5.24 4.73 -3.52
C VAL A 68 6.53 5.18 -4.10
N ASN A 69 7.66 5.21 -3.37
CA ASN A 69 8.90 5.78 -3.78
C ASN A 69 8.83 7.21 -4.15
N GLY A 70 7.85 7.94 -3.56
CA GLY A 70 7.55 9.30 -3.90
C GLY A 70 6.62 9.44 -5.04
N VAL A 71 6.09 8.32 -5.57
CA VAL A 71 5.22 8.30 -6.70
C VAL A 71 3.82 8.21 -6.22
N SER A 72 3.12 9.37 -6.23
CA SER A 72 1.73 9.53 -5.93
C SER A 72 0.85 8.68 -6.80
N LEU A 73 0.01 7.84 -6.18
CA LEU A 73 -0.77 6.86 -6.88
C LEU A 73 -1.79 7.44 -7.79
N GLU A 74 -2.56 8.43 -7.30
CA GLU A 74 -3.43 9.35 -7.97
C GLU A 74 -3.69 9.14 -9.42
N GLY A 75 -4.55 8.16 -9.76
CA GLY A 75 -4.71 7.67 -11.10
C GLY A 75 -4.63 6.19 -11.19
N ALA A 76 -3.97 5.53 -10.22
CA ALA A 76 -3.79 4.11 -10.20
C ALA A 76 -4.99 3.33 -9.76
N THR A 77 -5.21 2.18 -10.41
CA THR A 77 -6.29 1.28 -10.13
C THR A 77 -5.77 0.17 -9.26
N HIS A 78 -6.46 -0.98 -9.17
CA HIS A 78 -5.87 -2.16 -8.64
C HIS A 78 -4.67 -2.60 -9.41
N LYS A 79 -4.79 -2.64 -10.74
CA LYS A 79 -3.82 -3.17 -11.66
C LYS A 79 -2.62 -2.29 -11.75
N GLN A 80 -2.85 -0.97 -11.87
CA GLN A 80 -1.78 -0.02 -11.85
C GLN A 80 -1.13 0.14 -10.52
N ALA A 81 -1.85 0.01 -9.40
CA ALA A 81 -1.24 0.00 -8.09
C ALA A 81 -0.32 -1.15 -7.86
N VAL A 82 -0.66 -2.35 -8.37
CA VAL A 82 0.21 -3.48 -8.38
C VAL A 82 1.50 -3.16 -9.04
N GLU A 83 1.51 -2.64 -10.29
CA GLU A 83 2.73 -2.28 -10.94
C GLU A 83 3.56 -1.24 -10.24
N THR A 84 2.91 -0.25 -9.61
CA THR A 84 3.50 0.83 -8.89
C THR A 84 4.30 0.36 -7.72
N LEU A 85 3.93 -0.80 -7.15
CA LEU A 85 4.69 -1.52 -6.18
C LEU A 85 5.62 -2.54 -6.75
N ARG A 86 5.21 -3.31 -7.76
CA ARG A 86 5.89 -4.51 -8.18
C ARG A 86 6.96 -4.33 -9.20
N ASN A 87 6.84 -3.35 -10.13
CA ASN A 87 7.82 -3.06 -11.11
C ASN A 87 8.82 -2.07 -10.61
N THR A 88 9.22 -2.21 -9.33
CA THR A 88 10.18 -1.40 -8.65
C THR A 88 11.46 -2.15 -8.49
N GLY A 89 12.54 -1.49 -8.04
CA GLY A 89 13.82 -2.08 -7.82
C GLY A 89 13.86 -3.07 -6.71
N GLN A 90 14.20 -2.62 -5.48
CA GLN A 90 14.15 -3.44 -4.30
C GLN A 90 13.49 -2.68 -3.20
N VAL A 91 13.89 -1.43 -2.96
CA VAL A 91 13.24 -0.60 -1.98
C VAL A 91 11.95 -0.08 -2.49
N VAL A 92 10.87 -0.42 -1.75
CA VAL A 92 9.57 0.16 -1.86
C VAL A 92 9.36 0.97 -0.63
N HIS A 93 9.46 2.31 -0.78
CA HIS A 93 9.19 3.30 0.21
C HIS A 93 7.74 3.63 0.14
N LEU A 94 6.91 3.06 1.04
CA LEU A 94 5.49 3.28 1.05
C LEU A 94 5.18 4.54 1.77
N LEU A 95 4.45 5.47 1.13
CA LEU A 95 3.86 6.59 1.79
C LEU A 95 2.48 6.17 2.19
N LEU A 96 2.35 5.82 3.48
CA LEU A 96 1.17 5.33 4.11
C LEU A 96 0.46 6.40 4.88
N GLU A 97 -0.88 6.35 4.91
CA GLU A 97 -1.71 7.14 5.77
C GLU A 97 -2.57 6.23 6.57
N LYS A 98 -2.83 6.62 7.84
CA LYS A 98 -3.63 5.94 8.80
C LYS A 98 -4.97 5.47 8.37
N GLY A 99 -5.30 4.19 8.65
CA GLY A 99 -6.61 3.63 8.51
C GLY A 99 -7.52 3.98 9.64
N GLN A 100 -7.96 5.24 9.70
CA GLN A 100 -8.85 5.77 10.69
C GLN A 100 -9.40 7.04 10.14
N VAL A 101 -10.58 7.52 10.62
CA VAL A 101 -11.12 8.79 10.26
C VAL A 101 -10.84 9.79 11.32
N PRO A 102 -10.74 11.06 11.09
CA PRO A 102 -10.75 12.04 12.14
C PRO A 102 -12.05 12.12 12.88
N TYR B 7 -12.04 -6.62 -10.73
CA TYR B 7 -11.31 -7.67 -10.09
C TYR B 7 -10.12 -7.10 -9.41
N LEU B 8 -9.97 -7.35 -8.09
CA LEU B 8 -8.89 -6.81 -7.32
C LEU B 8 -8.27 -7.84 -6.44
N VAL B 9 -7.34 -7.39 -5.57
CA VAL B 9 -6.58 -8.19 -4.66
C VAL B 9 -5.55 -9.03 -5.33
N THR B 10 -4.29 -8.69 -5.02
CA THR B 10 -3.11 -9.33 -5.55
C THR B 10 -2.11 -9.09 -4.48
N SER B 11 -1.41 -10.14 -4.01
CA SER B 11 -0.32 -10.05 -3.08
C SER B 11 0.89 -9.53 -3.78
N VAL B 12 1.53 -8.49 -3.21
CA VAL B 12 2.44 -7.65 -3.92
C VAL B 12 3.31 -7.01 -2.86
N MET A 8 -0.67 7.73 17.74
CA MET A 8 -1.43 7.79 16.53
C MET A 8 -2.26 9.02 16.51
N LYS A 9 -2.55 9.56 15.32
CA LYS A 9 -3.28 10.79 15.13
C LYS A 9 -4.05 10.66 13.87
N PRO A 10 -5.10 11.37 13.60
CA PRO A 10 -5.78 11.32 12.34
C PRO A 10 -5.02 12.00 11.25
N GLY A 11 -4.95 11.37 10.07
CA GLY A 11 -4.20 11.82 8.94
C GLY A 11 -2.72 11.71 9.10
N ASP A 12 -2.26 10.76 9.94
CA ASP A 12 -0.88 10.52 10.23
C ASP A 12 -0.25 9.67 9.18
N THR A 13 0.70 10.21 8.41
CA THR A 13 1.45 9.47 7.45
C THR A 13 2.68 8.84 8.04
N PHE A 14 3.01 7.64 7.51
CA PHE A 14 4.20 6.92 7.83
C PHE A 14 4.87 6.61 6.54
N GLU A 15 6.06 7.21 6.30
CA GLU A 15 6.91 6.87 5.21
C GLU A 15 7.81 5.75 5.61
N VAL A 16 7.30 4.52 5.45
CA VAL A 16 7.97 3.27 5.66
C VAL A 16 9.01 3.06 4.62
N GLU A 17 10.08 2.30 4.87
CA GLU A 17 10.94 1.78 3.86
C GLU A 17 11.10 0.31 4.07
N LEU A 18 10.93 -0.47 2.99
CA LEU A 18 10.97 -1.91 3.04
C LEU A 18 11.90 -2.43 2.00
N ALA A 19 12.22 -3.73 2.09
CA ALA A 19 12.70 -4.52 0.99
C ALA A 19 11.80 -5.70 0.91
N LYS A 20 11.35 -6.07 -0.31
CA LYS A 20 10.41 -7.11 -0.55
C LYS A 20 10.88 -8.47 -0.12
N THR A 21 10.01 -9.25 0.53
CA THR A 21 10.23 -10.63 0.83
C THR A 21 9.85 -11.48 -0.33
N ASP A 22 10.79 -11.63 -1.28
CA ASP A 22 10.69 -12.41 -2.48
C ASP A 22 9.59 -11.99 -3.40
N GLY A 23 9.63 -10.73 -3.87
CA GLY A 23 8.66 -10.17 -4.76
C GLY A 23 7.30 -10.00 -4.18
N SER A 24 7.23 -9.40 -2.98
CA SER A 24 6.07 -9.37 -2.13
C SER A 24 6.48 -8.67 -0.89
N LEU A 25 6.00 -7.43 -0.74
CA LEU A 25 5.99 -6.67 0.48
C LEU A 25 5.07 -7.38 1.41
N GLY A 26 3.90 -7.73 0.86
CA GLY A 26 2.98 -8.63 1.48
C GLY A 26 1.67 -7.98 1.73
N ILE A 27 1.24 -7.14 0.77
CA ILE A 27 -0.04 -6.50 0.83
C ILE A 27 -0.90 -6.96 -0.30
N SER A 28 -2.12 -7.41 0.05
CA SER A 28 -3.23 -7.64 -0.82
C SER A 28 -3.95 -6.38 -1.19
N VAL A 29 -3.78 -5.86 -2.41
CA VAL A 29 -4.28 -4.56 -2.73
C VAL A 29 -5.72 -4.46 -3.11
N THR A 30 -6.49 -3.61 -2.41
CA THR A 30 -7.87 -3.32 -2.60
C THR A 30 -8.09 -1.88 -2.92
N GLY A 31 -9.27 -1.56 -3.49
CA GLY A 31 -9.67 -0.24 -3.87
C GLY A 31 -9.19 0.16 -5.21
N GLY A 32 -8.87 1.46 -5.36
CA GLY A 32 -8.39 2.05 -6.57
C GLY A 32 -9.42 2.96 -7.17
N VAL A 33 -9.04 3.74 -8.19
CA VAL A 33 -9.92 4.66 -8.84
C VAL A 33 -11.02 4.03 -9.62
N ASN A 34 -11.03 2.71 -9.78
CA ASN A 34 -12.08 1.99 -10.44
C ASN A 34 -13.42 2.09 -9.81
N THR A 35 -13.49 2.33 -8.49
CA THR A 35 -14.72 2.37 -7.76
C THR A 35 -14.69 3.49 -6.77
N SER A 36 -15.60 3.47 -5.79
CA SER A 36 -15.80 4.50 -4.80
C SER A 36 -14.88 4.33 -3.65
N VAL A 37 -13.70 4.98 -3.68
CA VAL A 37 -12.75 5.00 -2.61
C VAL A 37 -12.86 6.33 -1.94
N ARG A 38 -11.74 7.05 -1.71
CA ARG A 38 -11.71 8.43 -1.40
C ARG A 38 -11.66 9.18 -2.70
N HIS A 39 -10.47 9.63 -3.12
CA HIS A 39 -10.28 10.27 -4.39
C HIS A 39 -9.07 9.76 -5.11
N GLY A 40 -8.61 8.53 -4.79
CA GLY A 40 -7.50 7.93 -5.45
C GLY A 40 -6.47 7.46 -4.49
N GLY A 41 -6.06 6.19 -4.63
CA GLY A 41 -5.01 5.58 -3.88
C GLY A 41 -5.26 4.11 -3.98
N ILE A 42 -4.36 3.28 -3.41
CA ILE A 42 -4.67 1.89 -3.22
C ILE A 42 -4.69 1.68 -1.75
N TYR A 43 -5.37 0.62 -1.27
CA TYR A 43 -5.60 0.45 0.13
C TYR A 43 -5.24 -0.96 0.46
N VAL A 44 -5.01 -1.25 1.75
CA VAL A 44 -4.65 -2.54 2.25
C VAL A 44 -5.84 -3.38 2.53
N LYS A 45 -5.92 -4.62 2.01
CA LYS A 45 -6.96 -5.55 2.32
C LYS A 45 -6.51 -6.54 3.34
N ALA A 46 -5.23 -6.93 3.29
CA ALA A 46 -4.68 -7.94 4.13
C ALA A 46 -3.21 -7.77 4.27
N ILE A 47 -2.71 -7.85 5.51
CA ILE A 47 -1.31 -7.82 5.85
C ILE A 47 -0.92 -9.24 6.07
N ILE A 48 -0.02 -9.79 5.23
CA ILE A 48 0.30 -11.17 5.34
C ILE A 48 1.30 -11.48 6.41
N PRO A 49 1.20 -12.56 7.11
CA PRO A 49 2.18 -12.97 8.06
C PRO A 49 3.39 -13.57 7.41
N LYS A 50 4.21 -12.74 6.74
CA LYS A 50 5.54 -13.10 6.35
C LYS A 50 6.51 -12.29 7.13
N GLY A 51 6.88 -11.10 6.62
CA GLY A 51 7.84 -10.26 7.26
C GLY A 51 8.50 -9.30 6.34
N ALA A 52 7.74 -8.52 5.54
CA ALA A 52 8.24 -7.37 4.87
C ALA A 52 7.37 -6.20 5.20
N ALA A 53 6.14 -6.15 4.66
CA ALA A 53 5.15 -5.19 5.03
C ALA A 53 4.71 -5.31 6.44
N GLU A 54 4.59 -6.55 6.96
CA GLU A 54 4.40 -6.78 8.36
C GLU A 54 5.56 -6.30 9.18
N SER A 55 6.79 -6.38 8.64
CA SER A 55 7.98 -6.00 9.32
C SER A 55 8.08 -4.57 9.68
N ASP A 56 7.32 -3.67 9.03
CA ASP A 56 7.07 -2.35 9.52
C ASP A 56 6.20 -2.43 10.73
N GLY A 57 4.89 -2.68 10.53
CA GLY A 57 3.99 -2.99 11.59
C GLY A 57 3.20 -1.82 12.08
N ARG A 58 3.29 -0.67 11.39
CA ARG A 58 2.45 0.47 11.63
C ARG A 58 1.22 0.35 10.79
N ILE A 59 1.27 -0.48 9.74
CA ILE A 59 0.15 -0.84 8.92
C ILE A 59 -0.76 -1.82 9.59
N HIS A 60 -2.04 -1.82 9.20
CA HIS A 60 -2.99 -2.84 9.51
C HIS A 60 -3.94 -2.92 8.36
N LYS A 61 -4.90 -3.86 8.37
CA LYS A 61 -5.69 -4.16 7.22
C LYS A 61 -6.85 -3.24 6.98
N GLY A 62 -6.55 -1.93 6.85
CA GLY A 62 -7.52 -0.93 6.52
C GLY A 62 -6.94 0.38 6.11
N ASP A 63 -5.60 0.52 6.07
CA ASP A 63 -4.94 1.75 5.77
C ASP A 63 -4.87 2.07 4.31
N ARG A 64 -4.53 3.34 4.00
CA ARG A 64 -4.41 3.85 2.68
C ARG A 64 -2.96 3.96 2.32
N VAL A 65 -2.55 3.48 1.14
CA VAL A 65 -1.25 3.74 0.58
C VAL A 65 -1.44 4.73 -0.52
N LEU A 66 -0.70 5.87 -0.45
CA LEU A 66 -0.84 6.95 -1.37
C LEU A 66 0.33 7.08 -2.30
N ALA A 67 1.54 6.67 -1.91
CA ALA A 67 2.65 6.78 -2.82
C ALA A 67 3.72 5.77 -2.56
N VAL A 68 4.58 5.52 -3.55
CA VAL A 68 5.64 4.56 -3.49
C VAL A 68 6.91 5.14 -3.99
N ASN A 69 7.97 5.26 -3.16
CA ASN A 69 9.19 5.92 -3.49
C ASN A 69 9.03 7.35 -3.87
N GLY A 70 7.94 7.98 -3.41
CA GLY A 70 7.53 9.29 -3.80
C GLY A 70 6.70 9.32 -5.04
N VAL A 71 6.34 8.15 -5.59
CA VAL A 71 5.57 8.01 -6.78
C VAL A 71 4.14 7.82 -6.37
N SER A 72 3.36 8.90 -6.47
CA SER A 72 1.95 8.96 -6.21
C SER A 72 1.12 7.99 -6.97
N LEU A 73 0.17 7.34 -6.27
CA LEU A 73 -0.79 6.46 -6.84
C LEU A 73 -1.85 7.23 -7.57
N GLU A 74 -2.51 8.19 -6.89
CA GLU A 74 -3.52 9.10 -7.32
C GLU A 74 -3.90 9.11 -8.76
N GLY A 75 -4.84 8.22 -9.12
CA GLY A 75 -5.08 7.85 -10.49
C GLY A 75 -5.02 6.36 -10.65
N ALA A 76 -4.40 5.65 -9.70
CA ALA A 76 -4.21 4.23 -9.77
C ALA A 76 -5.40 3.42 -9.41
N THR A 77 -5.63 2.34 -10.17
CA THR A 77 -6.68 1.38 -10.01
C THR A 77 -6.01 0.11 -9.59
N HIS A 78 -6.62 -1.08 -9.71
CA HIS A 78 -6.06 -2.34 -9.34
C HIS A 78 -4.82 -2.67 -10.10
N LYS A 79 -4.85 -2.62 -11.44
CA LYS A 79 -3.70 -2.94 -12.23
C LYS A 79 -2.59 -1.96 -12.03
N GLN A 80 -2.89 -0.66 -12.14
CA GLN A 80 -1.95 0.41 -11.94
C GLN A 80 -1.33 0.45 -10.59
N ALA A 81 -2.08 0.15 -9.51
CA ALA A 81 -1.51 0.03 -8.20
C ALA A 81 -0.52 -1.09 -8.06
N VAL A 82 -0.80 -2.24 -8.67
CA VAL A 82 0.15 -3.32 -8.74
C VAL A 82 1.40 -2.89 -9.42
N GLU A 83 1.35 -2.28 -10.62
CA GLU A 83 2.49 -1.72 -11.29
C GLU A 83 3.38 -0.87 -10.44
N THR A 84 2.75 0.05 -9.68
CA THR A 84 3.33 1.02 -8.81
C THR A 84 4.09 0.45 -7.66
N LEU A 85 3.63 -0.67 -7.07
CA LEU A 85 4.30 -1.37 -6.02
C LEU A 85 5.24 -2.42 -6.49
N ARG A 86 4.82 -3.24 -7.47
CA ARG A 86 5.46 -4.42 -7.94
C ARG A 86 6.67 -4.13 -8.76
N ASN A 87 6.56 -3.27 -9.80
CA ASN A 87 7.55 -3.14 -10.81
C ASN A 87 8.58 -2.12 -10.47
N THR A 88 8.93 -2.10 -9.16
CA THR A 88 9.95 -1.33 -8.53
C THR A 88 11.22 -2.11 -8.51
N GLY A 89 12.24 -1.67 -7.75
CA GLY A 89 13.45 -2.40 -7.57
C GLY A 89 13.34 -3.31 -6.39
N GLN A 90 14.18 -3.07 -5.37
CA GLN A 90 14.16 -3.81 -4.15
C GLN A 90 13.56 -2.99 -3.06
N VAL A 91 13.98 -1.72 -2.90
CA VAL A 91 13.43 -0.84 -1.91
C VAL A 91 12.12 -0.27 -2.35
N VAL A 92 11.12 -0.38 -1.46
CA VAL A 92 9.86 0.28 -1.58
C VAL A 92 9.71 1.11 -0.35
N HIS A 93 9.80 2.44 -0.47
CA HIS A 93 9.34 3.38 0.52
C HIS A 93 7.86 3.52 0.40
N LEU A 94 7.08 3.01 1.37
CA LEU A 94 5.66 3.12 1.31
C LEU A 94 5.20 4.38 1.95
N LEU A 95 4.51 5.26 1.20
CA LEU A 95 3.84 6.38 1.76
C LEU A 95 2.45 5.98 2.12
N LEU A 96 2.26 5.62 3.41
CA LEU A 96 1.05 5.14 3.99
C LEU A 96 0.40 6.21 4.81
N GLU A 97 -0.93 6.29 4.78
CA GLU A 97 -1.75 7.14 5.59
C GLU A 97 -2.59 6.30 6.49
N LYS A 98 -2.73 6.76 7.74
CA LYS A 98 -3.50 6.15 8.78
C LYS A 98 -4.96 6.07 8.47
N GLY A 99 -5.52 4.85 8.34
CA GLY A 99 -6.91 4.63 8.10
C GLY A 99 -7.70 4.52 9.36
N GLN A 100 -7.49 5.46 10.29
CA GLN A 100 -8.14 5.53 11.56
C GLN A 100 -8.90 6.80 11.66
N VAL A 101 -10.13 6.74 12.19
CA VAL A 101 -11.02 7.85 12.32
C VAL A 101 -10.75 8.65 13.56
N PRO A 102 -11.10 9.90 13.66
CA PRO A 102 -10.88 10.67 14.85
C PRO A 102 -11.56 10.16 16.06
N TYR B 7 -10.59 -10.19 -9.88
CA TYR B 7 -11.63 -9.89 -8.96
C TYR B 7 -11.04 -9.45 -7.67
N LEU B 8 -10.17 -8.43 -7.72
CA LEU B 8 -9.52 -7.77 -6.63
C LEU B 8 -8.39 -8.54 -6.03
N VAL B 9 -7.44 -7.82 -5.39
CA VAL B 9 -6.43 -8.37 -4.55
C VAL B 9 -5.33 -9.08 -5.27
N THR B 10 -4.10 -8.56 -5.06
CA THR B 10 -2.90 -9.12 -5.59
C THR B 10 -1.93 -8.89 -4.47
N SER B 11 -1.15 -9.90 -4.07
CA SER B 11 -0.10 -9.80 -3.11
C SER B 11 1.14 -9.30 -3.78
N VAL B 12 1.77 -8.25 -3.20
CA VAL B 12 2.74 -7.47 -3.87
C VAL B 12 3.58 -6.86 -2.75
N MET A 8 -1.13 13.36 14.34
CA MET A 8 -1.08 13.94 15.65
C MET A 8 -1.18 12.86 16.68
N LYS A 9 -1.91 11.78 16.38
CA LYS A 9 -2.04 10.62 17.22
C LYS A 9 -1.70 9.47 16.34
N PRO A 10 -2.05 8.24 16.57
CA PRO A 10 -2.15 7.28 15.51
C PRO A 10 -3.22 7.65 14.54
N GLY A 11 -2.82 8.00 13.29
CA GLY A 11 -3.67 8.64 12.34
C GLY A 11 -2.95 9.73 11.63
N ASP A 12 -1.82 9.38 10.98
CA ASP A 12 -0.89 10.31 10.40
C ASP A 12 -0.12 9.53 9.39
N THR A 13 0.58 10.18 8.45
CA THR A 13 1.37 9.51 7.47
C THR A 13 2.59 8.84 8.03
N PHE A 14 3.06 7.78 7.36
CA PHE A 14 4.30 7.12 7.65
C PHE A 14 4.99 6.83 6.35
N GLU A 15 6.27 7.22 6.25
CA GLU A 15 7.10 6.99 5.11
C GLU A 15 8.07 5.92 5.40
N VAL A 16 7.61 4.66 5.32
CA VAL A 16 8.35 3.46 5.60
C VAL A 16 9.27 3.13 4.47
N GLU A 17 10.31 2.32 4.66
CA GLU A 17 11.07 1.69 3.62
C GLU A 17 11.10 0.23 3.88
N LEU A 18 10.76 -0.56 2.83
CA LEU A 18 10.71 -1.99 2.84
C LEU A 18 11.54 -2.54 1.74
N ALA A 19 11.84 -3.84 1.81
CA ALA A 19 12.41 -4.60 0.73
C ALA A 19 11.60 -5.84 0.50
N LYS A 20 10.92 -5.92 -0.65
CA LYS A 20 10.12 -7.02 -1.10
C LYS A 20 10.81 -8.34 -1.18
N THR A 21 10.06 -9.41 -0.87
CA THR A 21 10.52 -10.76 -0.89
C THR A 21 9.81 -11.48 -1.99
N ASP A 22 10.57 -11.98 -2.98
CA ASP A 22 10.16 -12.47 -4.26
C ASP A 22 9.02 -11.78 -4.92
N GLY A 23 9.09 -10.44 -5.04
CA GLY A 23 8.07 -9.65 -5.66
C GLY A 23 6.83 -9.50 -4.85
N SER A 24 6.98 -9.16 -3.55
CA SER A 24 5.90 -9.08 -2.62
C SER A 24 6.43 -8.49 -1.36
N LEU A 25 6.00 -7.25 -1.06
CA LEU A 25 6.16 -6.57 0.19
C LEU A 25 5.32 -7.25 1.21
N GLY A 26 4.08 -7.57 0.81
CA GLY A 26 3.20 -8.45 1.52
C GLY A 26 1.91 -7.80 1.85
N ILE A 27 1.37 -7.03 0.88
CA ILE A 27 0.04 -6.52 0.99
C ILE A 27 -0.79 -6.97 -0.16
N SER A 28 -2.04 -7.40 0.12
CA SER A 28 -3.08 -7.55 -0.85
C SER A 28 -3.78 -6.25 -1.04
N VAL A 29 -3.67 -5.65 -2.24
CA VAL A 29 -4.25 -4.36 -2.48
C VAL A 29 -5.69 -4.39 -2.85
N THR A 30 -6.49 -3.46 -2.29
CA THR A 30 -7.88 -3.27 -2.55
C THR A 30 -8.14 -1.84 -2.90
N GLY A 31 -9.34 -1.56 -3.44
CA GLY A 31 -9.73 -0.29 -3.96
C GLY A 31 -9.10 0.02 -5.27
N GLY A 32 -8.85 1.32 -5.53
CA GLY A 32 -8.21 1.81 -6.71
C GLY A 32 -9.14 2.77 -7.40
N VAL A 33 -8.65 3.53 -8.39
CA VAL A 33 -9.45 4.50 -9.08
C VAL A 33 -10.58 3.90 -9.85
N ASN A 34 -10.47 2.60 -10.18
CA ASN A 34 -11.49 1.85 -10.86
C ASN A 34 -12.67 1.56 -10.00
N THR A 35 -12.50 1.43 -8.66
CA THR A 35 -13.56 1.22 -7.74
C THR A 35 -13.57 2.42 -6.84
N SER A 36 -14.06 3.57 -7.35
CA SER A 36 -13.96 4.89 -6.84
C SER A 36 -13.77 5.06 -5.37
N VAL A 37 -12.55 5.45 -4.98
CA VAL A 37 -12.04 5.42 -3.64
C VAL A 37 -12.27 6.72 -2.94
N ARG A 38 -11.25 7.61 -2.88
CA ARG A 38 -11.41 8.99 -2.54
C ARG A 38 -10.83 9.73 -3.70
N HIS A 39 -9.49 9.84 -3.73
CA HIS A 39 -8.74 10.09 -4.92
C HIS A 39 -7.73 9.00 -4.97
N GLY A 40 -7.40 8.52 -6.19
CA GLY A 40 -6.50 7.51 -6.62
C GLY A 40 -6.10 6.39 -5.71
N GLY A 41 -5.32 6.74 -4.67
CA GLY A 41 -4.65 5.93 -3.71
C GLY A 41 -5.24 4.62 -3.31
N ILE A 42 -4.38 3.60 -3.11
CA ILE A 42 -4.73 2.24 -2.91
C ILE A 42 -4.83 1.94 -1.45
N TYR A 43 -5.40 0.79 -1.04
CA TYR A 43 -5.58 0.49 0.34
C TYR A 43 -5.18 -0.93 0.56
N VAL A 44 -4.86 -1.31 1.80
CA VAL A 44 -4.57 -2.68 2.11
C VAL A 44 -5.80 -3.42 2.49
N LYS A 45 -6.06 -4.59 1.88
CA LYS A 45 -7.10 -5.47 2.31
C LYS A 45 -6.58 -6.41 3.33
N ALA A 46 -5.61 -7.25 2.93
CA ALA A 46 -5.04 -8.29 3.73
C ALA A 46 -3.56 -8.10 3.82
N ILE A 47 -3.02 -8.23 5.05
CA ILE A 47 -1.63 -8.17 5.37
C ILE A 47 -1.11 -9.56 5.48
N ILE A 48 0.07 -9.86 4.91
CA ILE A 48 0.71 -11.13 5.06
C ILE A 48 1.30 -11.27 6.42
N PRO A 49 1.13 -12.33 7.14
CA PRO A 49 1.87 -12.60 8.34
C PRO A 49 3.33 -12.76 8.14
N LYS A 50 4.10 -11.67 8.33
CA LYS A 50 5.52 -11.60 8.34
C LYS A 50 6.13 -11.72 6.99
N GLY A 51 5.69 -10.91 6.01
CA GLY A 51 6.46 -10.65 4.82
C GLY A 51 7.43 -9.56 5.11
N ALA A 52 7.32 -8.43 4.38
CA ALA A 52 8.12 -7.28 4.60
C ALA A 52 7.31 -6.16 5.17
N ALA A 53 6.08 -5.97 4.68
CA ALA A 53 5.19 -4.91 5.04
C ALA A 53 4.63 -4.98 6.42
N GLU A 54 4.11 -6.13 6.86
CA GLU A 54 3.72 -6.34 8.22
C GLU A 54 4.86 -6.13 9.16
N SER A 55 6.05 -6.51 8.68
CA SER A 55 7.28 -6.41 9.42
C SER A 55 7.80 -5.03 9.60
N ASP A 56 7.14 -3.96 9.12
CA ASP A 56 7.33 -2.64 9.66
C ASP A 56 6.66 -2.61 10.99
N GLY A 57 5.32 -2.57 10.99
CA GLY A 57 4.54 -2.87 12.15
C GLY A 57 3.35 -2.00 12.31
N ARG A 58 3.35 -0.84 11.63
CA ARG A 58 2.34 0.17 11.77
C ARG A 58 1.24 0.02 10.79
N ILE A 59 1.43 -0.77 9.73
CA ILE A 59 0.46 -1.08 8.72
C ILE A 59 -0.45 -2.16 9.19
N HIS A 60 -1.78 -2.00 9.01
CA HIS A 60 -2.70 -3.09 9.19
C HIS A 60 -3.82 -3.01 8.21
N LYS A 61 -4.72 -4.00 8.25
CA LYS A 61 -5.81 -4.18 7.33
C LYS A 61 -6.80 -3.08 7.39
N GLY A 62 -6.78 -2.16 6.40
CA GLY A 62 -7.63 -1.01 6.41
C GLY A 62 -6.98 0.25 5.93
N ASP A 63 -5.66 0.41 6.14
CA ASP A 63 -4.97 1.64 5.92
C ASP A 63 -4.78 1.96 4.48
N ARG A 64 -4.49 3.25 4.18
CA ARG A 64 -4.34 3.76 2.86
C ARG A 64 -2.90 3.86 2.50
N VAL A 65 -2.55 3.39 1.28
CA VAL A 65 -1.26 3.54 0.67
C VAL A 65 -1.41 4.56 -0.42
N LEU A 66 -0.76 5.73 -0.31
CA LEU A 66 -0.95 6.81 -1.22
C LEU A 66 0.14 6.95 -2.22
N ALA A 67 1.38 6.54 -1.91
CA ALA A 67 2.45 6.69 -2.84
C ALA A 67 3.59 5.77 -2.56
N VAL A 68 4.51 5.64 -3.53
CA VAL A 68 5.65 4.79 -3.35
C VAL A 68 6.86 5.33 -4.03
N ASN A 69 8.06 5.33 -3.43
CA ASN A 69 9.22 5.94 -3.97
C ASN A 69 9.10 7.40 -4.29
N GLY A 70 8.14 8.11 -3.71
CA GLY A 70 7.76 9.44 -4.10
C GLY A 70 6.80 9.52 -5.24
N VAL A 71 6.19 8.40 -5.65
CA VAL A 71 5.33 8.29 -6.80
C VAL A 71 3.93 8.07 -6.34
N SER A 72 3.09 9.12 -6.47
CA SER A 72 1.69 9.11 -6.17
C SER A 72 0.86 8.17 -6.98
N LEU A 73 -0.13 7.53 -6.35
CA LEU A 73 -1.07 6.66 -6.97
C LEU A 73 -2.24 7.39 -7.55
N GLU A 74 -2.04 8.60 -8.07
CA GLU A 74 -3.07 9.42 -8.65
C GLU A 74 -3.52 8.90 -9.96
N GLY A 75 -4.69 8.23 -9.98
CA GLY A 75 -5.22 7.58 -11.15
C GLY A 75 -4.83 6.16 -11.28
N ALA A 76 -4.27 5.53 -10.24
CA ALA A 76 -3.90 4.16 -10.28
C ALA A 76 -5.01 3.24 -9.92
N THR A 77 -5.12 2.10 -10.65
CA THR A 77 -6.16 1.13 -10.52
C THR A 77 -5.75 0.03 -9.62
N HIS A 78 -6.44 -1.13 -9.64
CA HIS A 78 -5.94 -2.34 -9.06
C HIS A 78 -4.66 -2.79 -9.68
N LYS A 79 -4.61 -2.94 -11.03
CA LYS A 79 -3.43 -3.33 -11.71
C LYS A 79 -2.38 -2.28 -11.65
N GLN A 80 -2.71 -0.99 -11.87
CA GLN A 80 -1.73 0.04 -11.80
C GLN A 80 -1.18 0.31 -10.45
N ALA A 81 -1.94 0.19 -9.35
CA ALA A 81 -1.37 0.24 -8.04
C ALA A 81 -0.43 -0.87 -7.75
N VAL A 82 -0.77 -2.10 -8.19
CA VAL A 82 0.13 -3.21 -8.18
C VAL A 82 1.40 -2.90 -8.89
N GLU A 83 1.39 -2.45 -10.15
CA GLU A 83 2.59 -2.16 -10.87
C GLU A 83 3.39 -0.98 -10.39
N THR A 84 2.76 -0.06 -9.65
CA THR A 84 3.38 1.01 -8.94
C THR A 84 4.26 0.48 -7.87
N LEU A 85 3.86 -0.63 -7.22
CA LEU A 85 4.63 -1.35 -6.24
C LEU A 85 5.49 -2.43 -6.80
N ARG A 86 5.05 -3.22 -7.78
CA ARG A 86 5.81 -4.30 -8.35
C ARG A 86 6.94 -3.90 -9.24
N ASN A 87 6.76 -2.91 -10.14
CA ASN A 87 7.74 -2.55 -11.12
C ASN A 87 8.68 -1.53 -10.58
N THR A 88 9.19 -1.80 -9.37
CA THR A 88 10.09 -1.01 -8.58
C THR A 88 11.48 -1.54 -8.65
N GLY A 89 12.43 -0.81 -8.04
CA GLY A 89 13.80 -1.20 -7.92
C GLY A 89 14.15 -1.57 -6.52
N GLN A 90 13.71 -2.76 -6.07
CA GLN A 90 14.07 -3.44 -4.86
C GLN A 90 13.59 -2.85 -3.58
N VAL A 91 13.81 -1.54 -3.36
CA VAL A 91 13.35 -0.80 -2.23
C VAL A 91 12.05 -0.14 -2.54
N VAL A 92 11.11 -0.24 -1.58
CA VAL A 92 9.85 0.45 -1.63
C VAL A 92 9.79 1.33 -0.43
N HIS A 93 9.93 2.66 -0.63
CA HIS A 93 9.53 3.63 0.33
C HIS A 93 8.04 3.81 0.26
N LEU A 94 7.30 3.24 1.22
CA LEU A 94 5.86 3.22 1.25
C LEU A 94 5.37 4.47 1.89
N LEU A 95 4.62 5.30 1.14
CA LEU A 95 3.89 6.39 1.71
C LEU A 95 2.54 5.93 2.10
N LEU A 96 2.35 5.70 3.41
CA LEU A 96 1.15 5.23 4.03
C LEU A 96 0.45 6.34 4.75
N GLU A 97 -0.89 6.33 4.76
CA GLU A 97 -1.71 7.09 5.64
C GLU A 97 -2.30 6.09 6.58
N LYS A 98 -2.06 6.25 7.89
CA LYS A 98 -2.75 5.47 8.88
C LYS A 98 -4.12 6.05 9.02
N GLY A 99 -5.19 5.26 8.90
CA GLY A 99 -6.54 5.69 9.00
C GLY A 99 -6.86 6.58 10.15
N GLN A 100 -6.99 6.02 11.37
CA GLN A 100 -6.67 6.64 12.62
C GLN A 100 -6.96 5.74 13.77
N VAL A 101 -6.57 4.46 13.71
CA VAL A 101 -6.76 3.53 14.78
C VAL A 101 -5.55 3.44 15.62
N PRO A 102 -5.56 3.74 16.90
CA PRO A 102 -4.55 3.30 17.81
C PRO A 102 -4.67 1.85 18.11
N TYR B 7 -11.17 -8.78 -10.24
CA TYR B 7 -10.22 -9.65 -9.63
C TYR B 7 -9.98 -9.22 -8.23
N LEU B 8 -9.25 -8.11 -8.04
CA LEU B 8 -8.83 -7.55 -6.80
C LEU B 8 -7.80 -8.36 -6.09
N VAL B 9 -7.24 -7.81 -4.99
CA VAL B 9 -6.38 -8.43 -4.03
C VAL B 9 -5.26 -9.25 -4.56
N THR B 10 -4.12 -8.57 -4.73
CA THR B 10 -2.93 -9.10 -5.32
C THR B 10 -1.86 -8.78 -4.32
N SER B 11 -1.12 -9.82 -3.92
CA SER B 11 0.07 -9.79 -3.12
C SER B 11 1.14 -9.05 -3.86
N VAL B 12 1.71 -7.99 -3.27
CA VAL B 12 2.62 -7.13 -3.96
C VAL B 12 3.49 -6.56 -2.85
N MET A 8 -0.82 6.41 15.70
CA MET A 8 -1.90 6.28 16.65
C MET A 8 -2.45 7.63 16.96
N LYS A 9 -2.23 8.58 16.03
CA LYS A 9 -2.69 9.93 16.08
C LYS A 9 -3.47 10.16 14.83
N PRO A 10 -4.47 11.00 14.73
CA PRO A 10 -5.31 11.03 13.58
C PRO A 10 -4.68 11.50 12.31
N GLY A 11 -4.53 10.59 11.33
CA GLY A 11 -4.04 10.89 10.03
C GLY A 11 -2.55 10.97 9.94
N ASP A 12 -1.84 10.11 10.68
CA ASP A 12 -0.41 9.99 10.69
C ASP A 12 0.09 9.35 9.44
N THR A 13 0.98 10.01 8.69
CA THR A 13 1.62 9.44 7.54
C THR A 13 2.97 8.90 7.88
N PHE A 14 3.23 7.67 7.41
CA PHE A 14 4.46 6.96 7.63
C PHE A 14 5.06 6.61 6.31
N GLU A 15 6.19 7.24 5.97
CA GLU A 15 6.96 7.00 4.80
C GLU A 15 7.95 5.91 5.02
N VAL A 16 7.48 4.64 5.06
CA VAL A 16 8.24 3.50 5.43
C VAL A 16 9.08 2.94 4.32
N GLU A 17 10.41 2.84 4.47
CA GLU A 17 11.21 2.13 3.53
C GLU A 17 11.58 0.77 4.00
N LEU A 18 11.39 -0.23 3.12
CA LEU A 18 11.72 -1.60 3.33
C LEU A 18 12.06 -2.13 1.98
N ALA A 19 12.43 -3.41 1.84
CA ALA A 19 12.67 -4.04 0.58
C ALA A 19 11.76 -5.20 0.41
N LYS A 20 11.35 -5.51 -0.83
CA LYS A 20 10.43 -6.57 -1.11
C LYS A 20 11.10 -7.88 -1.33
N THR A 21 10.44 -8.97 -0.93
CA THR A 21 10.96 -10.30 -1.03
C THR A 21 10.41 -10.94 -2.26
N ASP A 22 11.09 -10.67 -3.40
CA ASP A 22 10.73 -11.10 -4.71
C ASP A 22 9.37 -10.70 -5.15
N GLY A 23 9.18 -9.41 -5.45
CA GLY A 23 7.96 -8.82 -5.87
C GLY A 23 6.82 -9.03 -4.93
N SER A 24 7.04 -8.73 -3.63
CA SER A 24 6.14 -9.07 -2.59
C SER A 24 6.61 -8.35 -1.37
N LEU A 25 5.98 -7.20 -1.08
CA LEU A 25 6.09 -6.56 0.19
C LEU A 25 5.25 -7.36 1.12
N GLY A 26 4.02 -7.66 0.66
CA GLY A 26 3.12 -8.56 1.31
C GLY A 26 1.88 -7.85 1.75
N ILE A 27 1.34 -7.03 0.84
CA ILE A 27 0.02 -6.48 0.95
C ILE A 27 -0.82 -6.96 -0.19
N SER A 28 -2.06 -7.39 0.12
CA SER A 28 -3.09 -7.61 -0.85
C SER A 28 -3.86 -6.35 -1.06
N VAL A 29 -3.75 -5.77 -2.27
CA VAL A 29 -4.33 -4.50 -2.56
C VAL A 29 -5.80 -4.48 -2.84
N THR A 30 -6.51 -3.43 -2.39
CA THR A 30 -7.88 -3.17 -2.69
C THR A 30 -8.06 -1.73 -2.97
N GLY A 31 -9.26 -1.35 -3.46
CA GLY A 31 -9.63 0.00 -3.79
C GLY A 31 -9.28 0.35 -5.19
N GLY A 32 -8.67 1.53 -5.39
CA GLY A 32 -8.22 1.99 -6.67
C GLY A 32 -9.18 2.92 -7.31
N VAL A 33 -8.69 3.80 -8.21
CA VAL A 33 -9.44 4.82 -8.87
C VAL A 33 -10.58 4.28 -9.67
N ASN A 34 -10.46 3.05 -10.18
CA ASN A 34 -11.46 2.44 -11.01
C ASN A 34 -12.60 1.90 -10.20
N THR A 35 -12.42 1.76 -8.88
CA THR A 35 -13.43 1.33 -7.97
C THR A 35 -14.14 2.53 -7.43
N SER A 36 -13.46 3.69 -7.45
CA SER A 36 -13.86 4.95 -6.93
C SER A 36 -13.78 4.98 -5.45
N VAL A 37 -12.63 5.45 -4.92
CA VAL A 37 -12.27 5.33 -3.54
C VAL A 37 -11.99 6.68 -2.96
N ARG A 38 -12.91 7.63 -3.19
CA ARG A 38 -12.87 9.00 -2.75
C ARG A 38 -11.87 9.81 -3.49
N HIS A 39 -10.60 9.35 -3.53
CA HIS A 39 -9.62 9.75 -4.49
C HIS A 39 -9.31 8.57 -5.33
N GLY A 40 -8.03 8.34 -5.71
CA GLY A 40 -7.66 7.25 -6.57
C GLY A 40 -6.39 6.60 -6.17
N GLY A 41 -6.21 6.36 -4.85
CA GLY A 41 -5.09 5.66 -4.30
C GLY A 41 -5.41 4.24 -4.00
N ILE A 42 -4.46 3.50 -3.40
CA ILE A 42 -4.65 2.12 -3.10
C ILE A 42 -4.74 1.94 -1.63
N TYR A 43 -5.34 0.82 -1.16
CA TYR A 43 -5.62 0.60 0.22
C TYR A 43 -5.29 -0.83 0.46
N VAL A 44 -5.02 -1.23 1.72
CA VAL A 44 -4.80 -2.60 2.08
C VAL A 44 -6.10 -3.31 2.28
N LYS A 45 -6.22 -4.55 1.79
CA LYS A 45 -7.28 -5.43 2.16
C LYS A 45 -6.78 -6.41 3.18
N ALA A 46 -5.68 -7.11 2.86
CA ALA A 46 -5.10 -8.11 3.71
C ALA A 46 -3.61 -7.96 3.76
N ILE A 47 -3.03 -8.28 4.93
CA ILE A 47 -1.64 -8.23 5.23
C ILE A 47 -1.12 -9.62 5.39
N ILE A 48 0.02 -9.95 4.77
CA ILE A 48 0.66 -11.22 4.96
C ILE A 48 1.33 -11.29 6.29
N PRO A 49 1.24 -12.30 7.10
CA PRO A 49 1.91 -12.38 8.36
C PRO A 49 3.40 -12.43 8.24
N LYS A 50 4.03 -11.24 8.37
CA LYS A 50 5.44 -11.02 8.46
C LYS A 50 6.24 -11.40 7.26
N GLY A 51 5.79 -11.01 6.05
CA GLY A 51 6.57 -11.14 4.86
C GLY A 51 7.61 -10.09 4.74
N ALA A 52 7.18 -8.84 4.48
CA ALA A 52 8.03 -7.69 4.53
C ALA A 52 7.28 -6.50 5.06
N ALA A 53 6.07 -6.23 4.53
CA ALA A 53 5.24 -5.11 4.87
C ALA A 53 4.68 -5.13 6.25
N GLU A 54 4.12 -6.26 6.74
CA GLU A 54 3.74 -6.37 8.11
C GLU A 54 4.89 -6.12 9.03
N SER A 55 6.08 -6.53 8.57
CA SER A 55 7.30 -6.38 9.28
C SER A 55 7.85 -4.99 9.36
N ASP A 56 7.15 -3.95 8.88
CA ASP A 56 7.26 -2.64 9.44
C ASP A 56 6.76 -2.73 10.85
N GLY A 57 5.45 -2.54 11.03
CA GLY A 57 4.83 -2.75 12.30
C GLY A 57 3.63 -1.88 12.50
N ARG A 58 3.54 -0.77 11.75
CA ARG A 58 2.41 0.10 11.77
C ARG A 58 1.36 -0.37 10.83
N ILE A 59 1.74 -0.93 9.67
CA ILE A 59 0.87 -1.44 8.65
C ILE A 59 -0.01 -2.54 9.15
N HIS A 60 -1.33 -2.36 8.96
CA HIS A 60 -2.33 -3.30 9.37
C HIS A 60 -3.39 -3.37 8.33
N LYS A 61 -4.46 -4.16 8.56
CA LYS A 61 -5.54 -4.30 7.63
C LYS A 61 -6.45 -3.10 7.67
N GLY A 62 -6.17 -2.09 6.84
CA GLY A 62 -6.98 -0.92 6.78
C GLY A 62 -6.29 0.29 6.24
N ASP A 63 -4.95 0.35 6.25
CA ASP A 63 -4.23 1.54 5.91
C ASP A 63 -4.29 1.96 4.48
N ARG A 64 -4.08 3.28 4.28
CA ARG A 64 -4.31 3.99 3.06
C ARG A 64 -3.01 4.30 2.42
N VAL A 65 -2.74 3.73 1.22
CA VAL A 65 -1.51 3.88 0.51
C VAL A 65 -1.65 5.04 -0.44
N LEU A 66 -0.91 6.14 -0.20
CA LEU A 66 -0.97 7.29 -1.05
C LEU A 66 0.14 7.34 -2.04
N ALA A 67 1.35 6.82 -1.72
CA ALA A 67 2.42 6.85 -2.66
C ALA A 67 3.39 5.74 -2.47
N VAL A 68 4.19 5.42 -3.49
CA VAL A 68 5.18 4.40 -3.42
C VAL A 68 6.44 4.86 -4.09
N ASN A 69 7.62 4.81 -3.44
CA ASN A 69 8.85 5.35 -3.95
C ASN A 69 8.80 6.80 -4.28
N GLY A 70 7.92 7.56 -3.61
CA GLY A 70 7.65 8.94 -3.92
C GLY A 70 6.84 9.12 -5.16
N VAL A 71 6.14 8.06 -5.60
CA VAL A 71 5.32 8.05 -6.78
C VAL A 71 3.92 7.88 -6.31
N SER A 72 3.17 9.02 -6.30
CA SER A 72 1.81 9.07 -5.88
C SER A 72 0.88 8.22 -6.69
N LEU A 73 -0.04 7.54 -5.98
CA LEU A 73 -1.15 6.83 -6.55
C LEU A 73 -2.26 7.82 -6.72
N GLU A 74 -2.21 8.59 -7.82
CA GLU A 74 -3.07 9.72 -8.04
C GLU A 74 -4.06 9.42 -9.13
N GLY A 75 -4.59 8.19 -9.09
CA GLY A 75 -5.35 7.61 -10.14
C GLY A 75 -4.73 6.32 -10.53
N ALA A 76 -4.55 5.41 -9.56
CA ALA A 76 -4.06 4.08 -9.79
C ALA A 76 -5.18 3.12 -9.54
N THR A 77 -5.25 2.05 -10.36
CA THR A 77 -6.29 1.06 -10.35
C THR A 77 -5.83 -0.11 -9.55
N HIS A 78 -6.49 -1.27 -9.68
CA HIS A 78 -5.97 -2.51 -9.20
C HIS A 78 -4.69 -2.87 -9.88
N LYS A 79 -4.69 -2.92 -11.22
CA LYS A 79 -3.53 -3.28 -11.98
C LYS A 79 -2.43 -2.28 -11.92
N GLN A 80 -2.75 -0.97 -12.01
CA GLN A 80 -1.77 0.07 -11.90
C GLN A 80 -1.12 0.13 -10.56
N ALA A 81 -1.87 0.07 -9.45
CA ALA A 81 -1.31 0.07 -8.13
C ALA A 81 -0.45 -1.10 -7.84
N VAL A 82 -0.77 -2.29 -8.38
CA VAL A 82 0.08 -3.44 -8.32
C VAL A 82 1.41 -3.15 -8.90
N GLU A 83 1.51 -2.64 -10.14
CA GLU A 83 2.75 -2.31 -10.76
C GLU A 83 3.50 -1.19 -10.12
N THR A 84 2.80 -0.21 -9.51
CA THR A 84 3.36 0.83 -8.72
C THR A 84 4.09 0.31 -7.53
N LEU A 85 3.70 -0.85 -6.99
CA LEU A 85 4.46 -1.55 -6.01
C LEU A 85 5.46 -2.50 -6.59
N ARG A 86 5.07 -3.32 -7.58
CA ARG A 86 5.79 -4.49 -7.98
C ARG A 86 6.86 -4.34 -8.99
N ASN A 87 6.75 -3.35 -9.89
CA ASN A 87 7.68 -3.14 -10.97
C ASN A 87 8.85 -2.30 -10.58
N THR A 88 9.08 -2.21 -9.26
CA THR A 88 10.08 -1.42 -8.60
C THR A 88 11.36 -2.18 -8.47
N GLY A 89 12.45 -1.50 -8.04
CA GLY A 89 13.75 -2.10 -7.94
C GLY A 89 13.93 -3.01 -6.79
N GLN A 90 14.39 -2.50 -5.63
CA GLN A 90 14.62 -3.28 -4.45
C GLN A 90 13.95 -2.66 -3.28
N VAL A 91 14.26 -1.39 -2.97
CA VAL A 91 13.59 -0.63 -1.96
C VAL A 91 12.22 -0.24 -2.40
N VAL A 92 11.25 -0.38 -1.48
CA VAL A 92 9.93 0.14 -1.62
C VAL A 92 9.69 1.06 -0.47
N HIS A 93 9.63 2.37 -0.74
CA HIS A 93 9.23 3.37 0.21
C HIS A 93 7.75 3.50 0.20
N LEU A 94 7.01 2.95 1.18
CA LEU A 94 5.58 3.05 1.20
C LEU A 94 5.16 4.29 1.89
N LEU A 95 4.43 5.19 1.20
CA LEU A 95 3.78 6.30 1.84
C LEU A 95 2.41 5.89 2.23
N LEU A 96 2.28 5.51 3.51
CA LEU A 96 1.08 5.05 4.15
C LEU A 96 0.49 6.14 4.97
N GLU A 97 -0.85 6.19 5.04
CA GLU A 97 -1.59 6.98 5.98
C GLU A 97 -2.40 6.09 6.84
N LYS A 98 -2.54 6.48 8.12
CA LYS A 98 -3.15 5.71 9.17
C LYS A 98 -4.60 5.45 9.00
N GLY A 99 -5.00 4.17 8.94
CA GLY A 99 -6.36 3.74 8.86
C GLY A 99 -7.05 3.69 10.18
N GLN A 100 -7.06 4.82 10.91
CA GLN A 100 -7.69 5.01 12.18
C GLN A 100 -8.32 6.36 12.18
N VAL A 101 -9.33 6.58 13.05
CA VAL A 101 -10.09 7.79 13.15
C VAL A 101 -9.88 8.44 14.46
N PRO A 102 -10.34 9.64 14.72
CA PRO A 102 -10.45 10.16 16.04
C PRO A 102 -11.45 9.44 16.89
N TYR B 7 -11.53 -9.79 -9.46
CA TYR B 7 -10.62 -10.60 -8.71
C TYR B 7 -10.19 -9.86 -7.50
N LEU B 8 -9.78 -8.58 -7.66
CA LEU B 8 -9.20 -7.74 -6.65
C LEU B 8 -7.88 -8.25 -6.19
N VAL B 9 -7.45 -7.87 -4.97
CA VAL B 9 -6.50 -8.49 -4.10
C VAL B 9 -5.40 -9.30 -4.69
N THR B 10 -4.22 -8.67 -4.75
CA THR B 10 -3.02 -9.23 -5.31
C THR B 10 -1.98 -8.93 -4.27
N SER B 11 -1.30 -9.98 -3.79
CA SER B 11 -0.16 -9.91 -2.93
C SER B 11 1.05 -9.50 -3.70
N VAL B 12 1.66 -8.37 -3.33
CA VAL B 12 2.75 -7.76 -4.02
C VAL B 12 3.49 -6.92 -2.99
N MET A 8 -3.23 15.49 14.53
CA MET A 8 -3.44 14.26 13.82
C MET A 8 -4.46 13.43 14.50
N LYS A 9 -4.87 12.31 13.88
CA LYS A 9 -5.57 11.25 14.54
C LYS A 9 -4.72 10.04 14.40
N PRO A 10 -5.00 8.89 14.91
CA PRO A 10 -4.29 7.69 14.53
C PRO A 10 -4.56 7.30 13.13
N GLY A 11 -3.69 7.75 12.20
CA GLY A 11 -4.11 8.03 10.87
C GLY A 11 -3.25 9.11 10.29
N ASP A 12 -1.93 8.93 10.40
CA ASP A 12 -0.93 9.88 10.01
C ASP A 12 0.05 9.20 9.12
N THR A 13 0.82 9.96 8.31
CA THR A 13 1.72 9.46 7.31
C THR A 13 3.03 8.94 7.81
N PHE A 14 3.35 7.69 7.45
CA PHE A 14 4.57 6.99 7.66
C PHE A 14 5.17 6.64 6.34
N GLU A 15 6.45 7.02 6.10
CA GLU A 15 7.12 6.88 4.84
C GLU A 15 8.04 5.69 4.87
N VAL A 16 7.49 4.47 4.95
CA VAL A 16 8.23 3.30 5.29
C VAL A 16 9.07 2.72 4.20
N GLU A 17 10.41 2.74 4.33
CA GLU A 17 11.29 2.13 3.38
C GLU A 17 11.64 0.74 3.78
N LEU A 18 11.27 -0.24 2.93
CA LEU A 18 11.60 -1.61 3.09
C LEU A 18 11.88 -2.21 1.76
N ALA A 19 12.42 -3.44 1.74
CA ALA A 19 12.64 -4.25 0.57
C ALA A 19 11.75 -5.44 0.60
N LYS A 20 11.35 -5.96 -0.58
CA LYS A 20 10.35 -6.96 -0.70
C LYS A 20 10.91 -8.33 -0.53
N THR A 21 10.06 -9.37 -0.51
CA THR A 21 10.46 -10.74 -0.60
C THR A 21 9.99 -11.27 -1.91
N ASP A 22 10.92 -11.41 -2.87
CA ASP A 22 10.72 -11.79 -4.25
C ASP A 22 9.49 -11.32 -4.91
N GLY A 23 9.33 -10.00 -5.13
CA GLY A 23 8.17 -9.45 -5.75
C GLY A 23 6.93 -9.50 -4.92
N SER A 24 7.01 -9.08 -3.64
CA SER A 24 5.94 -9.21 -2.70
C SER A 24 6.38 -8.55 -1.44
N LEU A 25 5.75 -7.41 -1.10
CA LEU A 25 5.80 -6.75 0.16
C LEU A 25 5.09 -7.59 1.16
N GLY A 26 3.90 -8.07 0.74
CA GLY A 26 3.03 -8.87 1.54
C GLY A 26 1.85 -8.09 2.00
N ILE A 27 1.27 -7.32 1.07
CA ILE A 27 -0.04 -6.76 1.20
C ILE A 27 -0.85 -7.17 0.01
N SER A 28 -2.14 -7.46 0.23
CA SER A 28 -3.11 -7.55 -0.82
C SER A 28 -3.75 -6.23 -1.04
N VAL A 29 -3.75 -5.73 -2.29
CA VAL A 29 -4.28 -4.44 -2.60
C VAL A 29 -5.74 -4.41 -2.88
N THR A 30 -6.40 -3.29 -2.55
CA THR A 30 -7.80 -3.05 -2.83
C THR A 30 -8.00 -1.59 -3.03
N GLY A 31 -9.17 -1.19 -3.54
CA GLY A 31 -9.51 0.17 -3.82
C GLY A 31 -9.16 0.57 -5.21
N GLY A 32 -8.60 1.79 -5.38
CA GLY A 32 -8.14 2.29 -6.64
C GLY A 32 -9.09 3.25 -7.29
N VAL A 33 -8.61 3.95 -8.32
CA VAL A 33 -9.37 4.79 -9.19
C VAL A 33 -10.60 4.15 -9.73
N ASN A 34 -10.49 2.84 -10.03
CA ASN A 34 -11.50 1.98 -10.60
C ASN A 34 -12.79 1.92 -9.86
N THR A 35 -12.78 1.87 -8.51
CA THR A 35 -13.96 1.79 -7.72
C THR A 35 -14.42 3.15 -7.30
N SER A 36 -13.62 4.19 -7.59
CA SER A 36 -13.77 5.53 -7.08
C SER A 36 -13.57 5.61 -5.60
N VAL A 37 -12.32 5.84 -5.18
CA VAL A 37 -11.94 6.07 -3.82
C VAL A 37 -11.94 7.55 -3.58
N ARG A 38 -11.01 8.10 -2.79
CA ARG A 38 -10.80 9.52 -2.74
C ARG A 38 -9.79 9.87 -3.78
N HIS A 39 -10.28 10.21 -4.98
CA HIS A 39 -9.56 10.44 -6.20
C HIS A 39 -8.89 9.25 -6.78
N GLY A 40 -7.88 8.72 -6.07
CA GLY A 40 -6.87 7.82 -6.53
C GLY A 40 -6.02 7.49 -5.36
N GLY A 41 -5.98 6.19 -5.01
CA GLY A 41 -5.17 5.67 -3.94
C GLY A 41 -5.44 4.21 -3.86
N ILE A 42 -4.46 3.40 -3.42
CA ILE A 42 -4.67 2.01 -3.22
C ILE A 42 -4.70 1.80 -1.75
N TYR A 43 -5.34 0.71 -1.28
CA TYR A 43 -5.55 0.45 0.10
C TYR A 43 -5.13 -0.95 0.33
N VAL A 44 -4.85 -1.35 1.59
CA VAL A 44 -4.58 -2.72 1.90
C VAL A 44 -5.84 -3.41 2.28
N LYS A 45 -6.07 -4.62 1.73
CA LYS A 45 -7.15 -5.48 2.10
C LYS A 45 -6.75 -6.31 3.27
N ALA A 46 -5.63 -7.05 3.13
CA ALA A 46 -5.21 -8.05 4.06
C ALA A 46 -3.74 -8.00 4.26
N ILE A 47 -3.30 -7.94 5.53
CA ILE A 47 -1.94 -7.95 5.95
C ILE A 47 -1.52 -9.37 6.20
N ILE A 48 -0.46 -9.83 5.51
CA ILE A 48 0.09 -11.13 5.71
C ILE A 48 0.72 -11.21 7.06
N PRO A 49 0.54 -12.22 7.87
CA PRO A 49 1.28 -12.39 9.09
C PRO A 49 2.71 -12.70 8.83
N LYS A 50 3.54 -11.65 8.78
CA LYS A 50 4.93 -11.63 8.42
C LYS A 50 5.22 -11.94 6.99
N GLY A 51 5.04 -10.95 6.10
CA GLY A 51 5.82 -10.81 4.92
C GLY A 51 6.88 -9.80 5.23
N ALA A 52 7.10 -8.84 4.31
CA ALA A 52 7.99 -7.75 4.54
C ALA A 52 7.27 -6.56 5.11
N ALA A 53 6.04 -6.31 4.63
CA ALA A 53 5.21 -5.19 4.95
C ALA A 53 4.72 -5.11 6.35
N GLU A 54 4.14 -6.19 6.91
CA GLU A 54 3.77 -6.22 8.30
C GLU A 54 4.91 -5.96 9.20
N SER A 55 6.12 -6.37 8.75
CA SER A 55 7.34 -6.15 9.47
C SER A 55 7.83 -4.75 9.51
N ASP A 56 7.11 -3.75 8.96
CA ASP A 56 7.18 -2.38 9.35
C ASP A 56 6.84 -2.26 10.81
N GLY A 57 5.53 -2.18 11.09
CA GLY A 57 5.06 -2.07 12.45
C GLY A 57 3.62 -1.68 12.49
N ARG A 58 3.25 -0.69 11.68
CA ARG A 58 1.98 -0.03 11.76
C ARG A 58 0.87 -0.68 11.00
N ILE A 59 1.14 -1.19 9.78
CA ILE A 59 0.18 -1.53 8.79
C ILE A 59 -0.91 -2.46 9.20
N HIS A 60 -2.16 -2.09 8.90
CA HIS A 60 -3.37 -2.80 9.23
C HIS A 60 -4.20 -3.00 8.02
N LYS A 61 -5.32 -3.75 8.17
CA LYS A 61 -6.15 -4.25 7.12
C LYS A 61 -7.19 -3.27 6.66
N GLY A 62 -6.83 -1.98 6.55
CA GLY A 62 -7.75 -0.98 6.11
C GLY A 62 -7.08 0.34 6.02
N ASP A 63 -5.82 0.34 5.55
CA ASP A 63 -4.97 1.49 5.46
C ASP A 63 -4.89 1.94 4.05
N ARG A 64 -4.53 3.22 3.82
CA ARG A 64 -4.35 3.76 2.50
C ARG A 64 -2.89 3.77 2.18
N VAL A 65 -2.51 3.32 0.97
CA VAL A 65 -1.23 3.57 0.39
C VAL A 65 -1.46 4.73 -0.52
N LEU A 66 -0.90 5.91 -0.18
CA LEU A 66 -1.10 7.10 -0.94
C LEU A 66 0.01 7.34 -1.91
N ALA A 67 1.23 6.86 -1.63
CA ALA A 67 2.30 6.99 -2.56
C ALA A 67 3.33 5.91 -2.36
N VAL A 68 4.16 5.66 -3.38
CA VAL A 68 5.15 4.62 -3.34
C VAL A 68 6.44 5.10 -3.92
N ASN A 69 7.56 5.08 -3.19
CA ASN A 69 8.82 5.62 -3.58
C ASN A 69 8.82 6.96 -4.23
N GLY A 70 7.89 7.83 -3.82
CA GLY A 70 7.73 9.16 -4.33
C GLY A 70 6.80 9.25 -5.49
N VAL A 71 6.03 8.18 -5.73
CA VAL A 71 5.09 8.05 -6.81
C VAL A 71 3.73 7.95 -6.20
N SER A 72 3.01 9.08 -6.17
CA SER A 72 1.64 9.16 -5.75
C SER A 72 0.72 8.36 -6.60
N LEU A 73 -0.29 7.73 -5.98
CA LEU A 73 -1.24 6.90 -6.66
C LEU A 73 -2.40 7.67 -7.19
N GLU A 74 -2.15 8.94 -7.55
CA GLU A 74 -3.05 9.83 -8.22
C GLU A 74 -3.20 9.40 -9.64
N GLY A 75 -4.27 8.64 -9.94
CA GLY A 75 -4.49 8.04 -11.22
C GLY A 75 -4.32 6.56 -11.25
N ALA A 76 -3.91 5.91 -10.15
CA ALA A 76 -3.66 4.50 -10.14
C ALA A 76 -4.82 3.66 -9.75
N THR A 77 -4.98 2.51 -10.43
CA THR A 77 -6.06 1.57 -10.34
C THR A 77 -5.63 0.40 -9.52
N HIS A 78 -6.35 -0.74 -9.59
CA HIS A 78 -5.89 -1.99 -9.08
C HIS A 78 -4.68 -2.47 -9.82
N LYS A 79 -4.74 -2.55 -11.16
CA LYS A 79 -3.63 -2.98 -11.95
C LYS A 79 -2.48 -2.05 -11.90
N GLN A 80 -2.71 -0.73 -12.02
CA GLN A 80 -1.69 0.26 -11.89
C GLN A 80 -1.02 0.26 -10.56
N ALA A 81 -1.75 0.13 -9.44
CA ALA A 81 -1.17 0.06 -8.13
C ALA A 81 -0.29 -1.12 -7.90
N VAL A 82 -0.65 -2.31 -8.41
CA VAL A 82 0.16 -3.50 -8.32
C VAL A 82 1.48 -3.30 -8.98
N GLU A 83 1.49 -2.77 -10.21
CA GLU A 83 2.70 -2.47 -10.92
C GLU A 83 3.54 -1.42 -10.26
N THR A 84 2.91 -0.40 -9.66
CA THR A 84 3.54 0.65 -8.92
C THR A 84 4.25 0.16 -7.70
N LEU A 85 3.84 -0.97 -7.10
CA LEU A 85 4.53 -1.59 -6.02
C LEU A 85 5.57 -2.56 -6.46
N ARG A 86 5.28 -3.41 -7.47
CA ARG A 86 6.08 -4.53 -7.84
C ARG A 86 7.14 -4.23 -8.84
N ASN A 87 7.02 -3.17 -9.66
CA ASN A 87 7.96 -2.82 -10.68
C ASN A 87 8.83 -1.69 -10.25
N THR A 88 9.20 -1.69 -8.96
CA THR A 88 10.02 -0.74 -8.28
C THR A 88 11.46 -1.09 -8.39
N GLY A 89 12.35 -0.39 -7.66
CA GLY A 89 13.76 -0.65 -7.66
C GLY A 89 14.25 -1.18 -6.36
N GLN A 90 13.75 -2.36 -5.96
CA GLN A 90 14.10 -3.12 -4.79
C GLN A 90 13.60 -2.55 -3.51
N VAL A 91 13.90 -1.27 -3.24
CA VAL A 91 13.33 -0.51 -2.17
C VAL A 91 12.01 0.03 -2.59
N VAL A 92 11.02 -0.16 -1.70
CA VAL A 92 9.71 0.42 -1.79
C VAL A 92 9.55 1.29 -0.59
N HIS A 93 9.53 2.62 -0.78
CA HIS A 93 9.19 3.55 0.26
C HIS A 93 7.71 3.68 0.30
N LEU A 94 7.02 3.03 1.26
CA LEU A 94 5.60 2.98 1.30
C LEU A 94 5.02 4.12 2.05
N LEU A 95 4.35 5.05 1.33
CA LEU A 95 3.71 6.18 1.90
C LEU A 95 2.31 5.81 2.26
N LEU A 96 2.17 5.31 3.50
CA LEU A 96 0.99 4.74 4.08
C LEU A 96 0.34 5.68 5.03
N GLU A 97 -1.00 5.62 5.17
CA GLU A 97 -1.73 6.29 6.20
C GLU A 97 -2.74 5.36 6.78
N LYS A 98 -2.96 5.38 8.10
CA LYS A 98 -3.82 4.46 8.78
C LYS A 98 -5.26 4.85 8.72
N GLY A 99 -5.86 4.93 7.52
CA GLY A 99 -7.22 5.31 7.31
C GLY A 99 -7.48 6.74 7.65
N GLN A 100 -7.82 6.98 8.93
CA GLN A 100 -7.82 8.23 9.61
C GLN A 100 -8.27 8.07 11.02
N VAL A 101 -9.17 7.10 11.28
CA VAL A 101 -9.70 6.82 12.57
C VAL A 101 -8.92 5.76 13.27
N PRO A 102 -9.06 5.54 14.54
CA PRO A 102 -8.30 4.53 15.23
C PRO A 102 -8.51 3.13 14.77
N TYR B 7 -12.58 -11.29 -6.47
CA TYR B 7 -12.46 -10.57 -7.69
C TYR B 7 -11.27 -9.67 -7.66
N LEU B 8 -11.04 -8.97 -6.53
CA LEU B 8 -9.96 -8.06 -6.32
C LEU B 8 -8.77 -8.77 -5.80
N VAL B 9 -7.85 -8.07 -5.12
CA VAL B 9 -6.69 -8.57 -4.45
C VAL B 9 -5.61 -9.15 -5.27
N THR B 10 -4.38 -8.72 -4.95
CA THR B 10 -3.17 -9.17 -5.55
C THR B 10 -2.19 -8.97 -4.44
N SER B 11 -1.54 -10.04 -3.95
CA SER B 11 -0.46 -9.96 -3.02
C SER B 11 0.80 -9.61 -3.73
N VAL B 12 1.49 -8.56 -3.23
CA VAL B 12 2.40 -7.77 -3.98
C VAL B 12 3.21 -7.05 -2.91
N MET A 8 -1.28 6.13 17.72
CA MET A 8 -2.54 6.16 17.03
C MET A 8 -2.94 7.59 16.84
N LYS A 9 -2.58 8.19 15.69
CA LYS A 9 -2.87 9.55 15.39
C LYS A 9 -3.57 9.60 14.07
N PRO A 10 -4.59 10.39 13.85
CA PRO A 10 -5.45 10.24 12.73
C PRO A 10 -4.83 10.75 11.47
N GLY A 11 -4.68 9.91 10.44
CA GLY A 11 -4.15 10.30 9.17
C GLY A 11 -2.70 10.64 9.20
N ASP A 12 -1.89 9.91 9.96
CA ASP A 12 -0.46 10.06 10.05
C ASP A 12 0.22 9.40 8.90
N THR A 13 1.13 10.10 8.20
CA THR A 13 1.96 9.54 7.18
C THR A 13 3.17 8.87 7.74
N PHE A 14 3.36 7.59 7.39
CA PHE A 14 4.55 6.84 7.64
C PHE A 14 5.19 6.54 6.33
N GLU A 15 6.49 6.82 6.19
CA GLU A 15 7.28 6.53 5.04
C GLU A 15 8.04 5.26 5.29
N VAL A 16 7.36 4.12 5.03
CA VAL A 16 7.77 2.79 5.33
C VAL A 16 8.72 2.26 4.29
N GLU A 17 10.01 2.11 4.59
CA GLU A 17 10.98 1.72 3.61
C GLU A 17 11.24 0.26 3.71
N LEU A 18 10.81 -0.48 2.67
CA LEU A 18 10.84 -1.91 2.66
C LEU A 18 11.66 -2.37 1.49
N ALA A 19 12.29 -3.54 1.64
CA ALA A 19 12.83 -4.28 0.53
C ALA A 19 12.01 -5.51 0.39
N LYS A 20 11.20 -5.61 -0.70
CA LYS A 20 10.26 -6.66 -0.90
C LYS A 20 10.87 -8.01 -0.96
N THR A 21 10.14 -9.07 -0.52
CA THR A 21 10.64 -10.40 -0.52
C THR A 21 10.05 -11.17 -1.66
N ASP A 22 10.83 -11.26 -2.75
CA ASP A 22 10.51 -11.95 -3.97
C ASP A 22 9.28 -11.41 -4.62
N GLY A 23 9.22 -10.08 -4.80
CA GLY A 23 8.06 -9.39 -5.27
C GLY A 23 6.87 -9.51 -4.37
N SER A 24 7.02 -9.13 -3.10
CA SER A 24 5.95 -9.15 -2.14
C SER A 24 6.41 -8.34 -0.97
N LEU A 25 5.75 -7.18 -0.76
CA LEU A 25 5.73 -6.42 0.44
C LEU A 25 5.00 -7.25 1.45
N GLY A 26 3.82 -7.72 1.01
CA GLY A 26 2.98 -8.62 1.73
C GLY A 26 1.63 -8.01 1.98
N ILE A 27 1.12 -7.28 0.97
CA ILE A 27 -0.18 -6.69 1.04
C ILE A 27 -1.00 -7.15 -0.12
N SER A 28 -2.24 -7.59 0.17
CA SER A 28 -3.27 -7.63 -0.82
C SER A 28 -3.85 -6.29 -1.10
N VAL A 29 -3.71 -5.77 -2.33
CA VAL A 29 -4.19 -4.47 -2.68
C VAL A 29 -5.62 -4.39 -3.10
N THR A 30 -6.39 -3.48 -2.47
CA THR A 30 -7.74 -3.19 -2.79
C THR A 30 -7.91 -1.71 -2.94
N GLY A 31 -9.07 -1.26 -3.44
CA GLY A 31 -9.46 0.13 -3.46
C GLY A 31 -8.68 1.07 -4.31
N GLY A 32 -8.61 0.84 -5.64
CA GLY A 32 -8.03 1.76 -6.55
C GLY A 32 -9.10 2.59 -7.19
N VAL A 33 -8.75 3.47 -8.14
CA VAL A 33 -9.67 4.35 -8.79
C VAL A 33 -10.85 3.66 -9.40
N ASN A 34 -10.68 2.40 -9.83
CA ASN A 34 -11.69 1.64 -10.51
C ASN A 34 -12.85 1.24 -9.68
N THR A 35 -12.69 0.94 -8.38
CA THR A 35 -13.74 0.48 -7.53
C THR A 35 -14.41 1.57 -6.76
N SER A 36 -14.18 2.84 -7.15
CA SER A 36 -14.83 4.01 -6.64
C SER A 36 -14.48 4.33 -5.22
N VAL A 37 -13.19 4.63 -4.94
CA VAL A 37 -12.71 4.97 -3.64
C VAL A 37 -12.85 6.42 -3.37
N ARG A 38 -11.81 7.08 -2.83
CA ARG A 38 -11.84 8.47 -2.50
C ARG A 38 -11.57 9.30 -3.71
N HIS A 39 -10.40 9.07 -4.36
CA HIS A 39 -10.20 9.39 -5.73
C HIS A 39 -9.49 8.23 -6.33
N GLY A 40 -8.14 8.20 -6.32
CA GLY A 40 -7.38 7.02 -6.55
C GLY A 40 -6.82 6.55 -5.26
N GLY A 41 -5.50 6.24 -5.24
CA GLY A 41 -4.86 5.57 -4.15
C GLY A 41 -4.84 4.09 -4.36
N ILE A 42 -4.40 3.37 -3.31
CA ILE A 42 -4.66 1.97 -3.16
C ILE A 42 -4.74 1.76 -1.67
N TYR A 43 -5.33 0.67 -1.19
CA TYR A 43 -5.51 0.42 0.21
C TYR A 43 -5.14 -1.01 0.45
N VAL A 44 -4.85 -1.39 1.70
CA VAL A 44 -4.56 -2.76 2.02
C VAL A 44 -5.79 -3.49 2.43
N LYS A 45 -6.07 -4.67 1.83
CA LYS A 45 -7.08 -5.57 2.26
C LYS A 45 -6.54 -6.54 3.27
N ALA A 46 -5.40 -7.18 2.98
CA ALA A 46 -4.90 -8.27 3.76
C ALA A 46 -3.43 -8.11 3.99
N ILE A 47 -2.98 -8.15 5.26
CA ILE A 47 -1.61 -8.16 5.64
C ILE A 47 -1.19 -9.58 5.84
N ILE A 48 -0.20 -10.07 5.07
CA ILE A 48 0.19 -11.44 5.20
C ILE A 48 1.17 -11.66 6.29
N PRO A 49 1.14 -12.77 6.98
CA PRO A 49 2.14 -13.12 7.94
C PRO A 49 3.40 -13.64 7.32
N LYS A 50 4.24 -12.73 6.79
CA LYS A 50 5.59 -13.04 6.43
C LYS A 50 6.51 -12.09 7.11
N GLY A 51 6.82 -10.94 6.49
CA GLY A 51 7.78 -10.05 7.08
C GLY A 51 8.46 -9.11 6.15
N ALA A 52 7.70 -8.26 5.43
CA ALA A 52 8.22 -7.01 4.97
C ALA A 52 7.26 -5.94 5.38
N ALA A 53 6.03 -6.01 4.87
CA ALA A 53 4.92 -5.18 5.24
C ALA A 53 4.47 -5.36 6.65
N GLU A 54 4.21 -6.60 7.10
CA GLU A 54 3.92 -6.91 8.46
C GLU A 54 5.00 -6.46 9.38
N SER A 55 6.25 -6.53 8.89
CA SER A 55 7.41 -6.13 9.64
C SER A 55 7.57 -4.66 9.83
N ASP A 56 6.75 -3.79 9.21
CA ASP A 56 6.68 -2.42 9.63
C ASP A 56 5.95 -2.36 10.92
N GLY A 57 4.61 -2.50 10.88
CA GLY A 57 3.83 -2.78 12.04
C GLY A 57 2.83 -1.73 12.38
N ARG A 58 2.89 -0.58 11.70
CA ARG A 58 1.88 0.44 11.78
C ARG A 58 0.73 0.13 10.88
N ILE A 59 0.98 -0.68 9.82
CA ILE A 59 0.03 -1.15 8.88
C ILE A 59 -0.89 -2.17 9.44
N HIS A 60 -2.19 -2.08 9.08
CA HIS A 60 -3.14 -3.13 9.29
C HIS A 60 -4.00 -3.25 8.08
N LYS A 61 -5.12 -4.00 8.17
CA LYS A 61 -6.01 -4.24 7.08
C LYS A 61 -6.95 -3.10 6.87
N GLY A 62 -6.47 -2.00 6.27
CA GLY A 62 -7.32 -0.91 5.90
C GLY A 62 -6.66 0.42 5.76
N ASP A 63 -5.31 0.49 5.72
CA ASP A 63 -4.61 1.73 5.57
C ASP A 63 -4.53 2.18 4.15
N ARG A 64 -4.30 3.50 3.99
CA ARG A 64 -4.41 4.21 2.75
C ARG A 64 -3.06 4.45 2.16
N VAL A 65 -2.77 3.83 1.00
CA VAL A 65 -1.55 4.01 0.27
C VAL A 65 -1.72 5.20 -0.61
N LEU A 66 -0.91 6.25 -0.40
CA LEU A 66 -0.88 7.40 -1.25
C LEU A 66 0.23 7.33 -2.25
N ALA A 67 1.43 6.84 -1.90
CA ALA A 67 2.50 6.84 -2.85
C ALA A 67 3.55 5.82 -2.59
N VAL A 68 4.43 5.58 -3.58
CA VAL A 68 5.52 4.66 -3.45
C VAL A 68 6.77 5.26 -4.02
N ASN A 69 7.87 5.38 -3.25
CA ASN A 69 9.02 6.16 -3.58
C ASN A 69 8.76 7.55 -4.04
N GLY A 70 7.68 8.19 -3.54
CA GLY A 70 7.25 9.49 -3.97
C GLY A 70 6.53 9.48 -5.28
N VAL A 71 5.86 8.36 -5.62
CA VAL A 71 5.09 8.22 -6.81
C VAL A 71 3.66 8.03 -6.40
N SER A 72 2.92 9.15 -6.32
CA SER A 72 1.53 9.19 -5.96
C SER A 72 0.64 8.44 -6.86
N LEU A 73 -0.32 7.69 -6.29
CA LEU A 73 -1.28 6.86 -6.96
C LEU A 73 -2.44 7.62 -7.50
N GLU A 74 -2.15 8.68 -8.28
CA GLU A 74 -3.12 9.50 -8.96
C GLU A 74 -3.48 8.83 -10.23
N GLY A 75 -4.76 8.46 -10.40
CA GLY A 75 -5.26 7.74 -11.53
C GLY A 75 -4.96 6.28 -11.54
N ALA A 76 -4.43 5.72 -10.43
CA ALA A 76 -4.04 4.35 -10.35
C ALA A 76 -5.16 3.46 -9.94
N THR A 77 -5.24 2.26 -10.56
CA THR A 77 -6.28 1.30 -10.40
C THR A 77 -5.80 0.23 -9.48
N HIS A 78 -6.49 -0.92 -9.45
CA HIS A 78 -5.98 -2.13 -8.88
C HIS A 78 -4.74 -2.60 -9.55
N LYS A 79 -4.78 -2.84 -10.88
CA LYS A 79 -3.64 -3.29 -11.63
C LYS A 79 -2.52 -2.30 -11.64
N GLN A 80 -2.84 -1.01 -11.84
CA GLN A 80 -1.86 0.04 -11.85
C GLN A 80 -1.18 0.24 -10.54
N ALA A 81 -1.89 0.08 -9.41
CA ALA A 81 -1.29 0.06 -8.11
C ALA A 81 -0.32 -1.06 -7.89
N VAL A 82 -0.63 -2.27 -8.40
CA VAL A 82 0.29 -3.38 -8.36
C VAL A 82 1.58 -3.07 -9.02
N GLU A 83 1.59 -2.61 -10.29
CA GLU A 83 2.77 -2.25 -10.99
C GLU A 83 3.60 -1.20 -10.32
N THR A 84 2.95 -0.21 -9.71
CA THR A 84 3.50 0.88 -8.97
C THR A 84 4.23 0.45 -7.74
N LEU A 85 3.84 -0.66 -7.09
CA LEU A 85 4.57 -1.26 -6.03
C LEU A 85 5.59 -2.26 -6.48
N ARG A 86 5.19 -3.11 -7.44
CA ARG A 86 5.84 -4.33 -7.80
C ARG A 86 7.02 -4.19 -8.70
N ASN A 87 6.90 -3.44 -9.81
CA ASN A 87 7.86 -3.37 -10.86
C ASN A 87 9.01 -2.48 -10.58
N THR A 88 9.22 -2.17 -9.29
CA THR A 88 10.16 -1.24 -8.73
C THR A 88 11.50 -1.85 -8.54
N GLY A 89 12.50 -1.08 -8.08
CA GLY A 89 13.86 -1.53 -7.93
C GLY A 89 14.06 -2.57 -6.89
N GLN A 90 14.10 -2.17 -5.61
CA GLN A 90 14.12 -3.06 -4.51
C GLN A 90 13.54 -2.38 -3.31
N VAL A 91 14.06 -1.20 -2.94
CA VAL A 91 13.46 -0.37 -1.95
C VAL A 91 12.25 0.29 -2.48
N VAL A 92 11.15 0.14 -1.70
CA VAL A 92 9.93 0.87 -1.81
C VAL A 92 9.74 1.60 -0.53
N HIS A 93 9.83 2.95 -0.57
CA HIS A 93 9.35 3.81 0.47
C HIS A 93 7.87 3.92 0.33
N LEU A 94 7.10 3.09 1.05
CA LEU A 94 5.67 3.20 1.05
C LEU A 94 5.18 4.38 1.83
N LEU A 95 4.49 5.32 1.16
CA LEU A 95 3.75 6.35 1.80
C LEU A 95 2.38 5.83 2.09
N LEU A 96 2.22 5.34 3.33
CA LEU A 96 1.02 4.85 3.94
C LEU A 96 0.47 5.83 4.92
N GLU A 97 -0.84 6.13 4.84
CA GLU A 97 -1.53 6.97 5.77
C GLU A 97 -2.41 6.16 6.66
N LYS A 98 -2.44 6.53 7.95
CA LYS A 98 -3.13 5.84 8.99
C LYS A 98 -4.61 5.95 8.88
N GLY A 99 -5.29 4.83 8.58
CA GLY A 99 -6.70 4.79 8.36
C GLY A 99 -7.48 4.55 9.60
N GLN A 100 -7.54 5.53 10.52
CA GLN A 100 -8.21 5.40 11.78
C GLN A 100 -8.96 6.64 12.10
N VAL A 101 -9.90 6.56 13.08
CA VAL A 101 -10.80 7.60 13.48
C VAL A 101 -10.15 8.60 14.36
N PRO A 102 -10.40 9.88 14.27
CA PRO A 102 -9.97 10.85 15.23
C PRO A 102 -10.56 10.70 16.59
N TYR B 7 -14.06 -9.61 -7.74
CA TYR B 7 -13.12 -9.31 -6.71
C TYR B 7 -11.83 -8.83 -7.30
N LEU B 8 -10.88 -8.39 -6.47
CA LEU B 8 -9.64 -7.83 -6.90
C LEU B 8 -8.49 -8.55 -6.29
N VAL B 9 -7.61 -7.86 -5.54
CA VAL B 9 -6.55 -8.38 -4.74
C VAL B 9 -5.43 -9.05 -5.45
N THR B 10 -4.21 -8.67 -5.04
CA THR B 10 -2.97 -9.16 -5.55
C THR B 10 -2.06 -8.98 -4.39
N SER B 11 -1.36 -10.05 -3.93
CA SER B 11 -0.31 -9.99 -2.98
C SER B 11 0.91 -9.48 -3.65
N VAL B 12 1.54 -8.42 -3.11
CA VAL B 12 2.47 -7.59 -3.83
C VAL B 12 3.29 -6.97 -2.72
N MET A 8 -2.84 5.81 14.94
CA MET A 8 -2.83 6.38 16.26
C MET A 8 -3.54 7.68 16.22
N LYS A 9 -3.04 8.63 15.41
CA LYS A 9 -3.65 9.89 15.16
C LYS A 9 -4.40 9.83 13.87
N PRO A 10 -5.52 10.45 13.66
CA PRO A 10 -6.25 10.30 12.44
C PRO A 10 -5.56 10.82 11.22
N GLY A 11 -5.25 9.94 10.25
CA GLY A 11 -4.62 10.30 9.03
C GLY A 11 -3.15 10.57 9.13
N ASP A 12 -2.43 9.83 10.00
CA ASP A 12 -1.02 9.99 10.21
C ASP A 12 -0.25 9.40 9.09
N THR A 13 0.72 10.12 8.50
CA THR A 13 1.48 9.66 7.37
C THR A 13 2.79 9.08 7.78
N PHE A 14 2.98 7.77 7.52
CA PHE A 14 4.20 7.05 7.75
C PHE A 14 4.89 6.78 6.45
N GLU A 15 6.22 6.97 6.45
CA GLU A 15 7.06 6.90 5.30
C GLU A 15 8.04 5.79 5.50
N VAL A 16 7.55 4.55 5.31
CA VAL A 16 8.23 3.32 5.57
C VAL A 16 9.06 2.91 4.41
N GLU A 17 10.31 2.42 4.54
CA GLU A 17 10.99 1.77 3.46
C GLU A 17 11.06 0.30 3.71
N LEU A 18 10.61 -0.47 2.69
CA LEU A 18 10.52 -1.90 2.76
C LEU A 18 11.28 -2.50 1.63
N ALA A 19 12.16 -3.46 1.96
CA ALA A 19 12.88 -4.24 1.01
C ALA A 19 12.14 -5.52 0.75
N LYS A 20 11.25 -5.49 -0.26
CA LYS A 20 10.36 -6.56 -0.58
C LYS A 20 11.00 -7.85 -0.96
N THR A 21 10.44 -8.95 -0.43
CA THR A 21 11.10 -10.21 -0.33
C THR A 21 10.56 -11.13 -1.37
N ASP A 22 11.37 -11.36 -2.44
CA ASP A 22 11.07 -12.12 -3.60
C ASP A 22 9.83 -11.70 -4.33
N GLY A 23 9.54 -10.39 -4.39
CA GLY A 23 8.33 -9.86 -4.92
C GLY A 23 7.17 -10.04 -3.99
N SER A 24 6.96 -9.06 -3.10
CA SER A 24 6.00 -9.05 -2.03
C SER A 24 6.53 -8.24 -0.89
N LEU A 25 5.86 -7.09 -0.66
CA LEU A 25 5.82 -6.37 0.57
C LEU A 25 4.94 -7.17 1.47
N GLY A 26 3.83 -7.65 0.88
CA GLY A 26 2.96 -8.64 1.44
C GLY A 26 1.56 -8.13 1.54
N ILE A 27 1.24 -7.07 0.79
CA ILE A 27 -0.03 -6.43 0.91
C ILE A 27 -0.91 -6.75 -0.25
N SER A 28 -2.13 -7.26 0.07
CA SER A 28 -3.18 -7.51 -0.85
C SER A 28 -3.91 -6.26 -1.20
N VAL A 29 -3.74 -5.78 -2.45
CA VAL A 29 -4.25 -4.49 -2.82
C VAL A 29 -5.68 -4.42 -3.24
N THR A 30 -6.42 -3.49 -2.61
CA THR A 30 -7.77 -3.11 -2.89
C THR A 30 -7.86 -1.62 -2.90
N GLY A 31 -9.04 -1.04 -3.17
CA GLY A 31 -9.32 0.35 -2.98
C GLY A 31 -8.74 1.30 -3.97
N GLY A 32 -8.74 0.95 -5.26
CA GLY A 32 -8.24 1.83 -6.27
C GLY A 32 -9.28 2.78 -6.78
N VAL A 33 -8.87 3.64 -7.75
CA VAL A 33 -9.67 4.64 -8.38
C VAL A 33 -10.83 4.10 -9.15
N ASN A 34 -10.89 2.76 -9.33
CA ASN A 34 -12.03 2.08 -9.88
C ASN A 34 -13.25 2.14 -9.04
N THR A 35 -13.11 2.18 -7.70
CA THR A 35 -14.21 2.39 -6.79
C THR A 35 -14.20 3.82 -6.37
N SER A 36 -14.97 4.19 -5.33
CA SER A 36 -14.98 5.50 -4.76
C SER A 36 -14.20 5.50 -3.49
N VAL A 37 -12.90 5.81 -3.58
CA VAL A 37 -12.02 6.05 -2.47
C VAL A 37 -11.82 7.52 -2.41
N ARG A 38 -11.05 8.04 -1.45
CA ARG A 38 -10.96 9.44 -1.17
C ARG A 38 -10.61 10.29 -2.34
N HIS A 39 -9.40 10.13 -2.92
CA HIS A 39 -9.14 10.74 -4.19
C HIS A 39 -7.97 10.09 -4.84
N GLY A 40 -8.06 8.76 -5.09
CA GLY A 40 -6.96 8.01 -5.59
C GLY A 40 -6.14 7.45 -4.48
N GLY A 41 -5.85 6.14 -4.58
CA GLY A 41 -4.92 5.49 -3.72
C GLY A 41 -4.87 4.05 -4.09
N ILE A 42 -4.20 3.24 -3.25
CA ILE A 42 -4.47 1.84 -3.14
C ILE A 42 -4.45 1.60 -1.68
N TYR A 43 -5.12 0.56 -1.16
CA TYR A 43 -5.30 0.36 0.24
C TYR A 43 -5.05 -1.08 0.48
N VAL A 44 -4.64 -1.49 1.69
CA VAL A 44 -4.46 -2.88 2.00
C VAL A 44 -5.74 -3.51 2.38
N LYS A 45 -6.06 -4.68 1.79
CA LYS A 45 -7.12 -5.53 2.26
C LYS A 45 -6.62 -6.43 3.33
N ALA A 46 -5.52 -7.16 3.04
CA ALA A 46 -4.98 -8.16 3.91
C ALA A 46 -3.50 -8.09 3.99
N ILE A 47 -2.98 -8.31 5.21
CA ILE A 47 -1.60 -8.49 5.53
C ILE A 47 -1.37 -9.95 5.62
N ILE A 48 -0.37 -10.48 4.89
CA ILE A 48 -0.02 -11.87 4.96
C ILE A 48 0.79 -12.18 6.17
N PRO A 49 0.83 -13.39 6.65
CA PRO A 49 1.64 -13.71 7.81
C PRO A 49 3.11 -13.68 7.58
N LYS A 50 3.71 -12.49 7.71
CA LYS A 50 5.10 -12.22 7.83
C LYS A 50 5.79 -12.11 6.50
N GLY A 51 5.70 -10.92 5.89
CA GLY A 51 6.47 -10.55 4.74
C GLY A 51 7.40 -9.44 5.07
N ALA A 52 7.22 -8.26 4.44
CA ALA A 52 7.96 -7.08 4.70
C ALA A 52 7.13 -5.99 5.28
N ALA A 53 5.87 -5.85 4.83
CA ALA A 53 4.96 -4.83 5.25
C ALA A 53 4.48 -5.01 6.66
N GLU A 54 4.18 -6.27 7.01
CA GLU A 54 3.97 -6.74 8.35
C GLU A 54 5.16 -6.52 9.21
N SER A 55 6.37 -6.47 8.62
CA SER A 55 7.56 -6.19 9.35
C SER A 55 7.83 -4.74 9.61
N ASP A 56 7.10 -3.77 9.03
CA ASP A 56 7.00 -2.48 9.63
C ASP A 56 6.05 -2.61 10.76
N GLY A 57 4.80 -2.99 10.46
CA GLY A 57 3.88 -3.51 11.43
C GLY A 57 2.93 -2.48 11.94
N ARG A 58 3.17 -1.19 11.61
CA ARG A 58 2.23 -0.14 11.78
C ARG A 58 1.15 -0.27 10.74
N ILE A 59 1.50 -0.85 9.57
CA ILE A 59 0.63 -1.34 8.56
C ILE A 59 -0.23 -2.43 9.10
N HIS A 60 -1.56 -2.32 8.91
CA HIS A 60 -2.52 -3.28 9.38
C HIS A 60 -3.41 -3.69 8.26
N LYS A 61 -4.59 -4.28 8.51
CA LYS A 61 -5.49 -4.66 7.47
C LYS A 61 -6.48 -3.57 7.20
N GLY A 62 -6.01 -2.43 6.67
CA GLY A 62 -6.88 -1.38 6.25
C GLY A 62 -6.33 0.00 6.42
N ASP A 63 -5.13 0.27 5.88
CA ASP A 63 -4.58 1.59 5.75
C ASP A 63 -4.56 1.97 4.30
N ARG A 64 -4.20 3.22 4.02
CA ARG A 64 -4.10 3.75 2.69
C ARG A 64 -2.68 3.84 2.28
N VAL A 65 -2.35 3.45 1.03
CA VAL A 65 -1.11 3.69 0.38
C VAL A 65 -1.33 4.86 -0.51
N LEU A 66 -0.61 5.99 -0.32
CA LEU A 66 -0.72 7.13 -1.17
C LEU A 66 0.41 7.27 -2.13
N ALA A 67 1.64 6.88 -1.77
CA ALA A 67 2.72 7.01 -2.71
C ALA A 67 3.79 5.99 -2.51
N VAL A 68 4.53 5.65 -3.58
CA VAL A 68 5.50 4.60 -3.56
C VAL A 68 6.78 5.01 -4.19
N ASN A 69 7.89 5.16 -3.44
CA ASN A 69 9.09 5.80 -3.88
C ASN A 69 8.89 7.20 -4.35
N GLY A 70 7.90 7.90 -3.76
CA GLY A 70 7.46 9.19 -4.15
C GLY A 70 6.56 9.20 -5.34
N VAL A 71 6.01 8.03 -5.72
CA VAL A 71 5.21 7.88 -6.89
C VAL A 71 3.79 7.70 -6.44
N SER A 72 3.01 8.79 -6.55
CA SER A 72 1.67 8.91 -6.08
C SER A 72 0.69 8.03 -6.78
N LEU A 73 -0.22 7.40 -6.02
CA LEU A 73 -1.23 6.52 -6.50
C LEU A 73 -2.49 7.24 -6.90
N GLU A 74 -2.37 8.52 -7.29
CA GLU A 74 -3.44 9.28 -7.86
C GLU A 74 -3.78 8.75 -9.21
N GLY A 75 -5.02 8.27 -9.38
CA GLY A 75 -5.47 7.66 -10.60
C GLY A 75 -5.14 6.22 -10.75
N ALA A 76 -4.60 5.57 -9.71
CA ALA A 76 -4.29 4.18 -9.74
C ALA A 76 -5.46 3.34 -9.35
N THR A 77 -5.68 2.22 -10.08
CA THR A 77 -6.68 1.23 -9.83
C THR A 77 -5.88 0.02 -9.47
N HIS A 78 -6.47 -1.20 -9.40
CA HIS A 78 -5.79 -2.41 -9.08
C HIS A 78 -4.61 -2.72 -9.94
N LYS A 79 -4.76 -2.70 -11.28
CA LYS A 79 -3.72 -3.09 -12.18
C LYS A 79 -2.55 -2.16 -12.16
N GLN A 80 -2.84 -0.84 -12.21
CA GLN A 80 -1.89 0.21 -12.03
C GLN A 80 -1.21 0.23 -10.71
N ALA A 81 -1.95 0.09 -9.58
CA ALA A 81 -1.35 0.03 -8.28
C ALA A 81 -0.48 -1.14 -8.05
N VAL A 82 -0.80 -2.30 -8.65
CA VAL A 82 0.05 -3.45 -8.68
C VAL A 82 1.37 -3.08 -9.28
N GLU A 83 1.42 -2.50 -10.50
CA GLU A 83 2.64 -2.03 -11.08
C GLU A 83 3.40 -1.05 -10.27
N THR A 84 2.76 -0.01 -9.72
CA THR A 84 3.32 0.99 -8.86
C THR A 84 4.07 0.47 -7.69
N LEU A 85 3.65 -0.68 -7.12
CA LEU A 85 4.32 -1.39 -6.07
C LEU A 85 5.25 -2.47 -6.53
N ARG A 86 4.83 -3.32 -7.48
CA ARG A 86 5.50 -4.50 -7.94
C ARG A 86 6.63 -4.25 -8.87
N ASN A 87 6.54 -3.24 -9.76
CA ASN A 87 7.46 -3.01 -10.83
C ASN A 87 8.63 -2.19 -10.41
N THR A 88 9.00 -2.32 -9.13
CA THR A 88 10.05 -1.62 -8.44
C THR A 88 11.21 -2.52 -8.24
N GLY A 89 12.33 -2.06 -7.67
CA GLY A 89 13.54 -2.83 -7.55
C GLY A 89 13.66 -3.57 -6.27
N GLN A 90 13.95 -2.86 -5.16
CA GLN A 90 14.14 -3.45 -3.87
C GLN A 90 13.51 -2.60 -2.82
N VAL A 91 14.02 -1.39 -2.57
CA VAL A 91 13.41 -0.49 -1.64
C VAL A 91 12.15 0.09 -2.19
N VAL A 92 11.04 -0.27 -1.54
CA VAL A 92 9.74 0.30 -1.74
C VAL A 92 9.48 1.19 -0.57
N HIS A 93 9.60 2.50 -0.77
CA HIS A 93 9.29 3.51 0.19
C HIS A 93 7.82 3.77 0.18
N LEU A 94 7.06 3.15 1.11
CA LEU A 94 5.64 3.20 1.19
C LEU A 94 5.24 4.42 1.95
N LEU A 95 4.58 5.36 1.27
CA LEU A 95 3.92 6.47 1.91
C LEU A 95 2.53 6.03 2.23
N LEU A 96 2.29 5.73 3.53
CA LEU A 96 1.08 5.18 4.06
C LEU A 96 0.37 6.21 4.87
N GLU A 97 -0.98 6.23 4.82
CA GLU A 97 -1.81 7.03 5.65
C GLU A 97 -2.60 6.11 6.53
N LYS A 98 -2.56 6.39 7.84
CA LYS A 98 -3.08 5.58 8.89
C LYS A 98 -4.57 5.56 8.95
N GLY A 99 -5.18 4.36 8.87
CA GLY A 99 -6.61 4.21 8.74
C GLY A 99 -7.43 4.39 9.97
N GLN A 100 -7.47 5.62 10.51
CA GLN A 100 -8.40 6.05 11.50
C GLN A 100 -9.06 7.31 11.04
N VAL A 101 -10.28 7.56 11.56
CA VAL A 101 -11.14 8.62 11.14
C VAL A 101 -11.11 9.73 12.14
N PRO A 102 -11.19 10.97 11.79
CA PRO A 102 -11.33 12.03 12.76
C PRO A 102 -12.63 12.04 13.49
N TYR B 7 -11.91 -8.83 -10.35
CA TYR B 7 -11.07 -9.28 -9.28
C TYR B 7 -10.02 -8.27 -8.97
N LEU B 8 -9.46 -8.37 -7.75
CA LEU B 8 -8.41 -7.54 -7.25
C LEU B 8 -7.65 -8.38 -6.29
N VAL B 9 -6.92 -7.78 -5.31
CA VAL B 9 -6.28 -8.49 -4.25
C VAL B 9 -5.16 -9.34 -4.72
N THR B 10 -3.96 -8.74 -4.71
CA THR B 10 -2.75 -9.31 -5.22
C THR B 10 -1.75 -8.96 -4.18
N SER B 11 -0.97 -9.93 -3.67
CA SER B 11 0.13 -9.71 -2.79
C SER B 11 1.27 -9.12 -3.56
N VAL B 12 1.72 -7.92 -3.20
CA VAL B 12 2.74 -7.21 -3.92
C VAL B 12 3.64 -6.63 -2.84
N MET A 8 -1.13 6.67 18.40
CA MET A 8 -2.08 6.45 17.34
C MET A 8 -2.98 7.63 17.20
N LYS A 9 -2.89 8.35 16.07
CA LYS A 9 -3.69 9.49 15.77
C LYS A 9 -4.27 9.35 14.40
N PRO A 10 -5.33 10.02 14.04
CA PRO A 10 -5.70 10.19 12.67
C PRO A 10 -4.86 11.21 11.98
N GLY A 11 -4.58 11.05 10.68
CA GLY A 11 -3.81 11.97 9.90
C GLY A 11 -2.35 11.89 10.14
N ASP A 12 -1.75 10.72 9.88
CA ASP A 12 -0.42 10.36 10.25
C ASP A 12 0.19 9.57 9.14
N THR A 13 1.01 10.21 8.29
CA THR A 13 1.70 9.53 7.23
C THR A 13 2.97 8.92 7.70
N PHE A 14 3.18 7.63 7.34
CA PHE A 14 4.33 6.86 7.66
C PHE A 14 5.02 6.53 6.38
N GLU A 15 6.32 6.85 6.29
CA GLU A 15 7.14 6.50 5.17
C GLU A 15 7.94 5.28 5.52
N VAL A 16 7.32 4.11 5.32
CA VAL A 16 7.83 2.80 5.64
C VAL A 16 8.78 2.32 4.61
N GLU A 17 10.07 2.11 4.90
CA GLU A 17 11.04 1.75 3.91
C GLU A 17 11.43 0.32 4.05
N LEU A 18 11.16 -0.46 2.99
CA LEU A 18 11.28 -1.89 2.98
C LEU A 18 12.15 -2.30 1.84
N ALA A 19 12.35 -3.61 1.67
CA ALA A 19 12.83 -4.19 0.46
C ALA A 19 11.96 -5.38 0.19
N LYS A 20 11.38 -5.47 -1.01
CA LYS A 20 10.44 -6.48 -1.37
C LYS A 20 11.05 -7.84 -1.45
N THR A 21 10.28 -8.89 -1.10
CA THR A 21 10.72 -10.25 -1.15
C THR A 21 10.25 -10.88 -2.42
N ASP A 22 11.11 -10.82 -3.45
CA ASP A 22 10.92 -11.42 -4.74
C ASP A 22 9.79 -10.84 -5.52
N GLY A 23 9.44 -9.58 -5.24
CA GLY A 23 8.28 -8.93 -5.77
C GLY A 23 7.07 -9.13 -4.92
N SER A 24 7.09 -8.60 -3.68
CA SER A 24 6.10 -8.77 -2.67
C SER A 24 6.58 -8.01 -1.49
N LEU A 25 5.85 -6.93 -1.15
CA LEU A 25 5.92 -6.27 0.13
C LEU A 25 5.12 -7.10 1.08
N GLY A 26 4.03 -7.68 0.55
CA GLY A 26 3.22 -8.63 1.24
C GLY A 26 1.99 -7.95 1.74
N ILE A 27 1.39 -7.12 0.86
CA ILE A 27 0.12 -6.53 1.12
C ILE A 27 -0.77 -6.80 -0.06
N SER A 28 -2.01 -7.22 0.24
CA SER A 28 -3.03 -7.52 -0.72
C SER A 28 -3.86 -6.31 -1.03
N VAL A 29 -3.69 -5.74 -2.23
CA VAL A 29 -4.30 -4.49 -2.57
C VAL A 29 -5.75 -4.50 -2.91
N THR A 30 -6.51 -3.51 -2.41
CA THR A 30 -7.89 -3.28 -2.74
C THR A 30 -8.11 -1.84 -3.05
N GLY A 31 -9.28 -1.54 -3.63
CA GLY A 31 -9.66 -0.22 -4.06
C GLY A 31 -9.20 0.08 -5.44
N GLY A 32 -8.56 1.27 -5.62
CA GLY A 32 -8.15 1.78 -6.89
C GLY A 32 -9.26 2.48 -7.61
N VAL A 33 -8.94 3.33 -8.60
CA VAL A 33 -9.92 4.11 -9.31
C VAL A 33 -10.81 3.34 -10.23
N ASN A 34 -10.80 2.01 -10.15
CA ASN A 34 -11.72 1.13 -10.81
C ASN A 34 -13.08 1.23 -10.22
N THR A 35 -13.17 1.35 -8.87
CA THR A 35 -14.39 1.55 -8.15
C THR A 35 -14.55 2.98 -7.80
N SER A 36 -15.31 3.32 -6.75
CA SER A 36 -15.48 4.65 -6.27
C SER A 36 -14.97 4.72 -4.87
N VAL A 37 -13.64 4.87 -4.71
CA VAL A 37 -12.99 4.69 -3.44
C VAL A 37 -12.34 5.96 -3.02
N ARG A 38 -13.16 6.86 -2.44
CA ARG A 38 -12.85 8.22 -2.15
C ARG A 38 -12.70 8.97 -3.42
N HIS A 39 -11.48 9.38 -3.80
CA HIS A 39 -11.22 9.73 -5.17
C HIS A 39 -9.83 9.38 -5.56
N GLY A 40 -9.41 8.13 -5.32
CA GLY A 40 -8.21 7.59 -5.87
C GLY A 40 -7.11 7.35 -4.89
N GLY A 41 -6.67 6.08 -4.85
CA GLY A 41 -5.54 5.61 -4.11
C GLY A 41 -5.66 4.13 -4.05
N ILE A 42 -4.70 3.40 -3.46
CA ILE A 42 -4.87 2.00 -3.23
C ILE A 42 -4.89 1.80 -1.76
N TYR A 43 -5.51 0.72 -1.25
CA TYR A 43 -5.80 0.60 0.15
C TYR A 43 -5.50 -0.82 0.50
N VAL A 44 -5.06 -1.08 1.75
CA VAL A 44 -4.77 -2.41 2.18
C VAL A 44 -6.02 -3.20 2.41
N LYS A 45 -6.13 -4.39 1.81
CA LYS A 45 -7.14 -5.33 2.19
C LYS A 45 -6.62 -6.18 3.29
N ALA A 46 -5.58 -7.00 2.99
CA ALA A 46 -5.02 -7.96 3.89
C ALA A 46 -3.56 -7.75 4.09
N ILE A 47 -3.12 -7.78 5.36
CA ILE A 47 -1.75 -7.81 5.74
C ILE A 47 -1.38 -9.25 5.91
N ILE A 48 -0.19 -9.65 5.42
CA ILE A 48 0.31 -10.98 5.58
C ILE A 48 0.88 -11.18 6.94
N PRO A 49 0.76 -12.29 7.61
CA PRO A 49 1.53 -12.59 8.78
C PRO A 49 2.99 -12.67 8.52
N LYS A 50 3.68 -11.54 8.74
CA LYS A 50 5.03 -11.24 8.39
C LYS A 50 5.49 -11.64 7.03
N GLY A 51 5.29 -10.73 6.04
CA GLY A 51 6.13 -10.65 4.89
C GLY A 51 7.06 -9.50 5.11
N ALA A 52 7.28 -8.65 4.10
CA ALA A 52 8.12 -7.51 4.25
C ALA A 52 7.47 -6.34 4.91
N ALA A 53 6.22 -6.01 4.54
CA ALA A 53 5.49 -4.87 5.01
C ALA A 53 5.01 -4.97 6.42
N GLU A 54 4.42 -6.09 6.87
CA GLU A 54 4.01 -6.24 8.24
C GLU A 54 5.13 -6.08 9.21
N SER A 55 6.37 -6.36 8.76
CA SER A 55 7.54 -6.14 9.55
C SER A 55 7.74 -4.76 10.07
N ASP A 56 7.21 -3.73 9.39
CA ASP A 56 7.15 -2.38 9.86
C ASP A 56 6.45 -2.30 11.17
N GLY A 57 5.11 -2.47 11.15
CA GLY A 57 4.33 -2.72 12.32
C GLY A 57 3.35 -1.65 12.62
N ARG A 58 3.43 -0.50 11.93
CA ARG A 58 2.47 0.55 12.05
C ARG A 58 1.24 0.23 11.27
N ILE A 59 1.40 -0.56 10.20
CA ILE A 59 0.37 -1.01 9.31
C ILE A 59 -0.58 -2.01 9.92
N HIS A 60 -1.85 -1.97 9.51
CA HIS A 60 -2.80 -3.01 9.76
C HIS A 60 -3.79 -3.07 8.64
N LYS A 61 -4.87 -3.86 8.75
CA LYS A 61 -5.84 -3.98 7.71
C LYS A 61 -6.77 -2.82 7.66
N GLY A 62 -6.45 -1.81 6.83
CA GLY A 62 -7.31 -0.68 6.64
C GLY A 62 -6.63 0.54 6.11
N ASP A 63 -5.29 0.61 6.21
CA ASP A 63 -4.55 1.79 5.88
C ASP A 63 -4.49 2.11 4.43
N ARG A 64 -4.32 3.40 4.10
CA ARG A 64 -4.39 3.90 2.76
C ARG A 64 -3.04 4.21 2.22
N VAL A 65 -2.70 3.54 1.10
CA VAL A 65 -1.46 3.56 0.39
C VAL A 65 -1.56 4.66 -0.62
N LEU A 66 -0.82 5.75 -0.40
CA LEU A 66 -0.86 6.91 -1.23
C LEU A 66 0.27 6.94 -2.21
N ALA A 67 1.49 6.50 -1.84
CA ALA A 67 2.57 6.60 -2.77
C ALA A 67 3.66 5.61 -2.53
N VAL A 68 4.56 5.45 -3.52
CA VAL A 68 5.64 4.53 -3.42
C VAL A 68 6.90 5.03 -4.03
N ASN A 69 8.02 5.09 -3.28
CA ASN A 69 9.22 5.79 -3.64
C ASN A 69 9.05 7.19 -4.10
N GLY A 70 8.02 7.90 -3.59
CA GLY A 70 7.65 9.21 -4.03
C GLY A 70 6.88 9.24 -5.30
N VAL A 71 6.20 8.12 -5.66
CA VAL A 71 5.32 8.05 -6.78
C VAL A 71 3.94 7.89 -6.25
N SER A 72 3.17 8.99 -6.19
CA SER A 72 1.81 9.02 -5.79
C SER A 72 0.91 8.33 -6.77
N LEU A 73 -0.06 7.55 -6.27
CA LEU A 73 -0.96 6.74 -7.04
C LEU A 73 -2.04 7.52 -7.70
N GLU A 74 -1.67 8.45 -8.59
CA GLU A 74 -2.56 9.26 -9.36
C GLU A 74 -3.28 8.47 -10.40
N GLY A 75 -4.59 8.27 -10.20
CA GLY A 75 -5.45 7.54 -11.07
C GLY A 75 -5.14 6.08 -11.20
N ALA A 76 -4.61 5.44 -10.14
CA ALA A 76 -4.23 4.06 -10.19
C ALA A 76 -5.34 3.15 -9.77
N THR A 77 -5.48 2.01 -10.47
CA THR A 77 -6.51 1.02 -10.29
C THR A 77 -6.00 -0.10 -9.45
N HIS A 78 -6.58 -1.30 -9.52
CA HIS A 78 -5.99 -2.45 -8.91
C HIS A 78 -4.79 -2.87 -9.69
N LYS A 79 -4.89 -2.91 -11.03
CA LYS A 79 -3.82 -3.23 -11.92
C LYS A 79 -2.72 -2.22 -11.84
N GLN A 80 -3.04 -0.93 -12.01
CA GLN A 80 -2.08 0.13 -12.01
C GLN A 80 -1.47 0.39 -10.68
N ALA A 81 -2.15 0.11 -9.56
CA ALA A 81 -1.52 0.12 -8.27
C ALA A 81 -0.55 -0.99 -8.08
N VAL A 82 -0.83 -2.22 -8.55
CA VAL A 82 0.09 -3.30 -8.50
C VAL A 82 1.35 -2.93 -9.20
N GLU A 83 1.27 -2.47 -10.47
CA GLU A 83 2.40 -2.05 -11.24
C GLU A 83 3.23 -1.01 -10.59
N THR A 84 2.59 -0.02 -9.94
CA THR A 84 3.18 1.03 -9.17
C THR A 84 4.05 0.57 -8.05
N LEU A 85 3.67 -0.51 -7.33
CA LEU A 85 4.41 -1.05 -6.23
C LEU A 85 5.36 -2.12 -6.62
N ARG A 86 5.07 -2.86 -7.70
CA ARG A 86 5.82 -4.01 -8.13
C ARG A 86 6.99 -3.70 -8.99
N ASN A 87 6.83 -2.87 -10.05
CA ASN A 87 7.82 -2.64 -11.05
C ASN A 87 8.70 -1.50 -10.67
N THR A 88 9.10 -1.49 -9.39
CA THR A 88 9.92 -0.55 -8.71
C THR A 88 11.33 -1.05 -8.70
N GLY A 89 12.14 -0.66 -7.69
CA GLY A 89 13.46 -1.18 -7.50
C GLY A 89 13.44 -2.28 -6.49
N GLN A 90 14.45 -2.27 -5.59
CA GLN A 90 14.53 -3.16 -4.47
C GLN A 90 13.91 -2.50 -3.29
N VAL A 91 14.33 -1.26 -2.98
CA VAL A 91 13.76 -0.48 -1.92
C VAL A 91 12.42 0.03 -2.31
N VAL A 92 11.46 -0.14 -1.39
CA VAL A 92 10.18 0.48 -1.49
C VAL A 92 9.97 1.26 -0.23
N HIS A 93 9.96 2.60 -0.35
CA HIS A 93 9.39 3.51 0.60
C HIS A 93 7.91 3.54 0.39
N LEU A 94 7.14 2.87 1.25
CA LEU A 94 5.71 2.83 1.26
C LEU A 94 5.22 4.04 1.99
N LEU A 95 4.63 4.98 1.25
CA LEU A 95 3.92 6.09 1.83
C LEU A 95 2.53 5.68 2.19
N LEU A 96 2.31 5.44 3.48
CA LEU A 96 1.09 5.00 4.09
C LEU A 96 0.48 6.10 4.89
N GLU A 97 -0.86 6.12 4.98
CA GLU A 97 -1.64 6.95 5.85
C GLU A 97 -2.59 6.04 6.55
N LYS A 98 -3.03 6.39 7.78
CA LYS A 98 -3.79 5.55 8.63
C LYS A 98 -5.22 5.38 8.22
N GLY A 99 -5.73 4.14 8.40
CA GLY A 99 -7.10 3.77 8.22
C GLY A 99 -7.94 4.02 9.42
N GLN A 100 -7.29 4.42 10.54
CA GLN A 100 -7.90 4.92 11.73
C GLN A 100 -8.28 6.35 11.56
N VAL A 101 -9.24 6.61 10.66
CA VAL A 101 -9.66 7.90 10.21
C VAL A 101 -10.38 8.67 11.26
N PRO A 102 -10.58 9.95 11.16
CA PRO A 102 -11.14 10.71 12.24
C PRO A 102 -12.53 10.33 12.63
N TYR B 7 -11.40 -8.77 -10.37
CA TYR B 7 -10.11 -9.23 -9.95
C TYR B 7 -9.51 -8.24 -9.03
N LEU B 8 -9.07 -8.70 -7.84
CA LEU B 8 -8.60 -7.86 -6.78
C LEU B 8 -7.40 -8.47 -6.15
N VAL B 9 -7.05 -8.03 -4.93
CA VAL B 9 -6.16 -8.59 -3.96
C VAL B 9 -4.99 -9.37 -4.45
N THR B 10 -3.88 -8.63 -4.66
CA THR B 10 -2.65 -9.15 -5.18
C THR B 10 -1.69 -8.87 -4.08
N SER B 11 -0.99 -9.91 -3.57
CA SER B 11 0.18 -9.79 -2.77
C SER B 11 1.28 -9.24 -3.62
N VAL B 12 1.68 -8.00 -3.29
CA VAL B 12 2.54 -7.16 -4.08
C VAL B 12 3.40 -6.47 -3.04
N MET A 8 -2.98 6.85 14.44
CA MET A 8 -4.25 6.42 14.92
C MET A 8 -5.18 7.57 15.11
N LYS A 9 -4.68 8.81 15.00
CA LYS A 9 -5.50 9.98 14.88
C LYS A 9 -5.49 10.38 13.45
N PRO A 10 -6.54 10.79 12.81
CA PRO A 10 -6.51 11.09 11.41
C PRO A 10 -5.55 12.14 10.96
N GLY A 11 -4.56 11.75 10.14
CA GLY A 11 -3.55 12.61 9.63
C GLY A 11 -2.16 12.14 9.86
N ASP A 12 -1.94 10.95 10.46
CA ASP A 12 -0.63 10.43 10.68
C ASP A 12 -0.19 9.60 9.52
N THR A 13 0.78 10.10 8.73
CA THR A 13 1.40 9.36 7.68
C THR A 13 2.67 8.74 8.13
N PHE A 14 3.09 7.66 7.45
CA PHE A 14 4.32 6.97 7.68
C PHE A 14 4.94 6.72 6.34
N GLU A 15 6.24 7.01 6.22
CA GLU A 15 7.00 6.89 5.01
C GLU A 15 7.98 5.77 5.16
N VAL A 16 7.49 4.52 5.07
CA VAL A 16 8.20 3.33 5.39
C VAL A 16 9.00 2.76 4.25
N GLU A 17 10.33 2.63 4.33
CA GLU A 17 11.09 1.96 3.33
C GLU A 17 11.43 0.56 3.70
N LEU A 18 11.08 -0.39 2.83
CA LEU A 18 11.33 -1.78 3.05
C LEU A 18 11.60 -2.43 1.74
N ALA A 19 12.06 -3.70 1.76
CA ALA A 19 12.33 -4.49 0.60
C ALA A 19 11.37 -5.61 0.49
N LYS A 20 11.02 -6.03 -0.74
CA LYS A 20 10.11 -7.09 -1.00
C LYS A 20 10.78 -8.41 -0.91
N THR A 21 10.09 -9.46 -0.45
CA THR A 21 10.59 -10.80 -0.50
C THR A 21 10.07 -11.45 -1.74
N ASP A 22 10.88 -11.36 -2.81
CA ASP A 22 10.65 -11.81 -4.14
C ASP A 22 9.30 -11.48 -4.71
N GLY A 23 9.06 -10.18 -4.95
CA GLY A 23 7.83 -9.69 -5.47
C GLY A 23 6.68 -9.80 -4.53
N SER A 24 6.90 -9.48 -3.24
CA SER A 24 5.90 -9.54 -2.23
C SER A 24 6.41 -8.84 -1.02
N LEU A 25 5.88 -7.63 -0.76
CA LEU A 25 5.94 -6.95 0.49
C LEU A 25 5.03 -7.69 1.42
N GLY A 26 3.83 -7.98 0.90
CA GLY A 26 2.86 -8.80 1.57
C GLY A 26 1.58 -8.07 1.78
N ILE A 27 1.30 -7.09 0.90
CA ILE A 27 0.04 -6.40 0.93
C ILE A 27 -0.79 -6.80 -0.24
N SER A 28 -1.99 -7.32 0.09
CA SER A 28 -3.03 -7.61 -0.84
C SER A 28 -3.82 -6.38 -1.11
N VAL A 29 -3.71 -5.83 -2.34
CA VAL A 29 -4.26 -4.55 -2.64
C VAL A 29 -5.73 -4.53 -2.95
N THR A 30 -6.44 -3.51 -2.43
CA THR A 30 -7.79 -3.18 -2.75
C THR A 30 -7.87 -1.72 -2.98
N GLY A 31 -9.01 -1.22 -3.46
CA GLY A 31 -9.27 0.17 -3.72
C GLY A 31 -8.86 0.61 -5.08
N GLY A 32 -8.35 1.84 -5.20
CA GLY A 32 -7.88 2.39 -6.43
C GLY A 32 -8.90 3.29 -7.05
N VAL A 33 -8.44 4.17 -7.96
CA VAL A 33 -9.20 5.20 -8.59
C VAL A 33 -10.44 4.71 -9.28
N ASN A 34 -10.41 3.48 -9.84
CA ASN A 34 -11.52 2.97 -10.57
C ASN A 34 -12.50 2.24 -9.73
N THR A 35 -12.17 1.92 -8.46
CA THR A 35 -13.00 1.13 -7.60
C THR A 35 -13.94 2.02 -6.86
N SER A 36 -13.66 2.43 -5.62
CA SER A 36 -14.49 3.35 -4.90
C SER A 36 -13.70 3.99 -3.81
N VAL A 37 -12.89 5.01 -4.14
CA VAL A 37 -12.07 5.71 -3.19
C VAL A 37 -12.48 7.14 -3.16
N ARG A 38 -11.66 8.01 -2.53
CA ARG A 38 -11.84 9.43 -2.51
C ARG A 38 -11.47 10.01 -3.84
N HIS A 39 -10.20 10.01 -4.25
CA HIS A 39 -9.88 10.28 -5.62
C HIS A 39 -8.59 9.67 -6.08
N GLY A 40 -7.86 8.96 -5.21
CA GLY A 40 -6.57 8.43 -5.56
C GLY A 40 -5.94 7.82 -4.35
N GLY A 41 -5.70 6.50 -4.42
CA GLY A 41 -5.03 5.76 -3.40
C GLY A 41 -5.32 4.31 -3.57
N ILE A 42 -4.35 3.43 -3.26
CA ILE A 42 -4.59 2.04 -3.13
C ILE A 42 -4.64 1.77 -1.66
N TYR A 43 -5.26 0.67 -1.21
CA TYR A 43 -5.49 0.44 0.18
C TYR A 43 -5.08 -0.97 0.44
N VAL A 44 -4.78 -1.37 1.69
CA VAL A 44 -4.50 -2.73 2.00
C VAL A 44 -5.75 -3.45 2.35
N LYS A 45 -5.96 -4.65 1.81
CA LYS A 45 -7.07 -5.50 2.17
C LYS A 45 -6.67 -6.49 3.21
N ALA A 46 -5.44 -7.03 3.10
CA ALA A 46 -4.93 -8.00 4.03
C ALA A 46 -3.45 -7.90 4.15
N ILE A 47 -2.94 -7.98 5.39
CA ILE A 47 -1.56 -8.08 5.75
C ILE A 47 -1.26 -9.53 5.99
N ILE A 48 -0.14 -10.05 5.46
CA ILE A 48 0.25 -11.40 5.68
C ILE A 48 1.32 -11.56 6.71
N PRO A 49 1.36 -12.61 7.47
CA PRO A 49 2.46 -12.91 8.34
C PRO A 49 3.64 -13.50 7.64
N LYS A 50 4.38 -12.70 6.87
CA LYS A 50 5.64 -13.10 6.30
C LYS A 50 6.78 -12.38 6.94
N GLY A 51 7.13 -11.17 6.46
CA GLY A 51 8.31 -10.52 6.95
C GLY A 51 8.86 -9.48 6.03
N ALA A 52 7.97 -8.71 5.37
CA ALA A 52 8.36 -7.50 4.72
C ALA A 52 7.40 -6.43 5.13
N ALA A 53 6.17 -6.40 4.60
CA ALA A 53 5.18 -5.42 4.93
C ALA A 53 4.68 -5.49 6.34
N GLU A 54 4.52 -6.68 6.91
CA GLU A 54 4.24 -6.82 8.32
C GLU A 54 5.36 -6.27 9.15
N SER A 55 6.59 -6.33 8.61
CA SER A 55 7.76 -5.88 9.29
C SER A 55 7.91 -4.40 9.39
N ASP A 56 6.97 -3.59 8.84
CA ASP A 56 6.78 -2.23 9.23
C ASP A 56 6.27 -2.21 10.63
N GLY A 57 4.93 -2.36 10.78
CA GLY A 57 4.30 -2.61 12.04
C GLY A 57 3.34 -1.54 12.44
N ARG A 58 3.21 -0.48 11.62
CA ARG A 58 2.19 0.52 11.75
C ARG A 58 1.04 0.20 10.87
N ILE A 59 1.25 -0.44 9.70
CA ILE A 59 0.19 -0.89 8.85
C ILE A 59 -0.72 -1.90 9.46
N HIS A 60 -2.03 -1.76 9.21
CA HIS A 60 -2.97 -2.83 9.38
C HIS A 60 -3.75 -3.00 8.13
N LYS A 61 -4.65 -3.99 8.07
CA LYS A 61 -5.43 -4.33 6.92
C LYS A 61 -6.56 -3.41 6.60
N GLY A 62 -6.29 -2.10 6.53
CA GLY A 62 -7.29 -1.12 6.21
C GLY A 62 -6.78 0.23 5.86
N ASP A 63 -5.46 0.46 5.92
CA ASP A 63 -4.85 1.74 5.68
C ASP A 63 -4.78 2.11 4.24
N ARG A 64 -4.58 3.41 3.97
CA ARG A 64 -4.46 3.96 2.65
C ARG A 64 -3.01 4.09 2.30
N VAL A 65 -2.64 3.62 1.09
CA VAL A 65 -1.37 3.85 0.48
C VAL A 65 -1.56 5.01 -0.44
N LEU A 66 -0.90 6.16 -0.18
CA LEU A 66 -1.03 7.31 -1.03
C LEU A 66 0.04 7.36 -2.05
N ALA A 67 1.28 6.94 -1.73
CA ALA A 67 2.34 7.00 -2.69
C ALA A 67 3.36 5.93 -2.47
N VAL A 68 4.12 5.57 -3.52
CA VAL A 68 5.09 4.52 -3.44
C VAL A 68 6.36 4.96 -4.09
N ASN A 69 7.50 5.00 -3.38
CA ASN A 69 8.71 5.63 -3.81
C ASN A 69 8.58 7.08 -4.11
N GLY A 70 7.62 7.73 -3.43
CA GLY A 70 7.23 9.09 -3.67
C GLY A 70 6.26 9.24 -4.79
N VAL A 71 5.85 8.13 -5.43
CA VAL A 71 5.03 8.15 -6.61
C VAL A 71 3.61 7.95 -6.23
N SER A 72 2.83 9.05 -6.27
CA SER A 72 1.44 9.12 -5.98
C SER A 72 0.56 8.17 -6.73
N LEU A 73 -0.41 7.56 -6.03
CA LEU A 73 -1.38 6.67 -6.59
C LEU A 73 -2.59 7.39 -7.08
N GLU A 74 -2.44 8.68 -7.44
CA GLU A 74 -3.45 9.48 -8.06
C GLU A 74 -3.59 9.13 -9.50
N GLY A 75 -4.74 8.53 -9.87
CA GLY A 75 -4.94 7.94 -11.15
C GLY A 75 -4.60 6.49 -11.19
N ALA A 76 -4.14 5.90 -10.08
CA ALA A 76 -3.83 4.51 -10.01
C ALA A 76 -4.99 3.72 -9.49
N THR A 77 -5.22 2.56 -10.11
CA THR A 77 -6.27 1.63 -9.86
C THR A 77 -5.58 0.38 -9.42
N HIS A 78 -6.28 -0.76 -9.27
CA HIS A 78 -5.73 -2.04 -8.91
C HIS A 78 -4.55 -2.45 -9.72
N LYS A 79 -4.62 -2.45 -11.07
CA LYS A 79 -3.55 -2.93 -11.89
C LYS A 79 -2.36 -2.05 -11.87
N GLN A 80 -2.56 -0.73 -12.05
CA GLN A 80 -1.58 0.30 -11.84
C GLN A 80 -0.90 0.24 -10.51
N ALA A 81 -1.63 0.11 -9.40
CA ALA A 81 -1.07 0.05 -8.08
C ALA A 81 -0.17 -1.12 -7.85
N VAL A 82 -0.51 -2.30 -8.43
CA VAL A 82 0.30 -3.47 -8.37
C VAL A 82 1.61 -3.25 -9.06
N GLU A 83 1.63 -2.70 -10.29
CA GLU A 83 2.85 -2.35 -10.96
C GLU A 83 3.69 -1.38 -10.21
N THR A 84 3.05 -0.40 -9.55
CA THR A 84 3.63 0.65 -8.76
C THR A 84 4.35 0.16 -7.55
N LEU A 85 3.96 -1.00 -7.00
CA LEU A 85 4.66 -1.70 -5.97
C LEU A 85 5.65 -2.70 -6.47
N ARG A 86 5.24 -3.54 -7.43
CA ARG A 86 6.00 -4.69 -7.85
C ARG A 86 7.12 -4.37 -8.79
N ASN A 87 7.00 -3.39 -9.70
CA ASN A 87 8.01 -3.11 -10.68
C ASN A 87 8.98 -2.09 -10.19
N THR A 88 9.35 -2.20 -8.91
CA THR A 88 10.24 -1.35 -8.18
C THR A 88 11.59 -1.97 -8.04
N GLY A 89 12.63 -1.15 -7.79
CA GLY A 89 13.99 -1.57 -7.67
C GLY A 89 14.30 -2.08 -6.30
N GLN A 90 13.65 -3.20 -5.93
CA GLN A 90 13.70 -3.90 -4.69
C GLN A 90 13.13 -3.20 -3.51
N VAL A 91 13.49 -1.92 -3.28
CA VAL A 91 12.97 -1.09 -2.25
C VAL A 91 11.65 -0.53 -2.64
N VAL A 92 10.67 -0.64 -1.73
CA VAL A 92 9.41 0.02 -1.79
C VAL A 92 9.32 0.92 -0.62
N HIS A 93 9.40 2.24 -0.86
CA HIS A 93 9.16 3.25 0.13
C HIS A 93 7.72 3.58 0.15
N LEU A 94 6.94 3.06 1.12
CA LEU A 94 5.51 3.20 1.16
C LEU A 94 5.11 4.42 1.92
N LEU A 95 4.34 5.32 1.26
CA LEU A 95 3.72 6.44 1.89
C LEU A 95 2.33 6.05 2.24
N LEU A 96 2.12 5.76 3.54
CA LEU A 96 0.92 5.20 4.10
C LEU A 96 0.24 6.19 4.98
N GLU A 97 -1.10 6.23 4.96
CA GLU A 97 -1.95 7.04 5.78
C GLU A 97 -2.86 6.15 6.55
N LYS A 98 -3.15 6.53 7.82
CA LYS A 98 -4.00 5.78 8.69
C LYS A 98 -5.42 5.76 8.29
N GLY A 99 -5.98 4.54 8.19
CA GLY A 99 -7.36 4.29 7.91
C GLY A 99 -8.15 4.12 9.17
N GLN A 100 -8.33 5.22 9.92
CA GLN A 100 -9.06 5.27 11.14
C GLN A 100 -10.04 6.39 11.12
N VAL A 101 -10.98 6.39 12.08
CA VAL A 101 -11.97 7.40 12.27
C VAL A 101 -11.45 8.46 13.19
N PRO A 102 -11.98 9.65 13.24
CA PRO A 102 -11.54 10.64 14.17
C PRO A 102 -11.86 10.34 15.59
N TYR B 7 -10.24 -9.41 -10.08
CA TYR B 7 -11.21 -9.81 -9.11
C TYR B 7 -10.66 -9.51 -7.75
N LEU B 8 -9.78 -8.48 -7.71
CA LEU B 8 -9.16 -7.90 -6.56
C LEU B 8 -8.04 -8.71 -6.00
N VAL B 9 -7.35 -8.12 -5.01
CA VAL B 9 -6.39 -8.68 -4.12
C VAL B 9 -5.25 -9.44 -4.71
N THR B 10 -4.11 -8.73 -4.77
CA THR B 10 -2.89 -9.21 -5.36
C THR B 10 -1.87 -8.92 -4.31
N SER B 11 -1.19 -9.95 -3.78
CA SER B 11 -0.11 -9.82 -2.86
C SER B 11 1.12 -9.41 -3.58
N VAL B 12 1.73 -8.28 -3.20
CA VAL B 12 2.87 -7.72 -3.86
C VAL B 12 3.60 -6.96 -2.75
N MET A 8 -1.13 4.46 17.07
CA MET A 8 -2.31 5.08 16.58
C MET A 8 -2.23 6.55 16.82
N LYS A 9 -2.18 7.35 15.75
CA LYS A 9 -2.19 8.78 15.78
C LYS A 9 -3.08 9.20 14.67
N PRO A 10 -3.82 10.27 14.69
CA PRO A 10 -4.86 10.53 13.74
C PRO A 10 -4.40 10.82 12.35
N GLY A 11 -4.56 9.85 11.43
CA GLY A 11 -4.24 9.98 10.05
C GLY A 11 -2.80 10.26 9.79
N ASP A 12 -1.92 9.60 10.55
CA ASP A 12 -0.51 9.84 10.56
C ASP A 12 0.15 9.33 9.32
N THR A 13 1.05 10.11 8.71
CA THR A 13 1.82 9.67 7.59
C THR A 13 3.10 9.03 8.02
N PHE A 14 3.28 7.75 7.63
CA PHE A 14 4.48 7.02 7.87
C PHE A 14 5.07 6.73 6.53
N GLU A 15 6.26 7.31 6.29
CA GLU A 15 7.04 7.07 5.11
C GLU A 15 7.99 5.95 5.41
N VAL A 16 7.50 4.71 5.30
CA VAL A 16 8.18 3.48 5.55
C VAL A 16 9.11 3.16 4.43
N GLU A 17 10.20 2.40 4.65
CA GLU A 17 11.00 1.83 3.61
C GLU A 17 11.07 0.36 3.82
N LEU A 18 10.78 -0.40 2.75
CA LEU A 18 10.80 -1.83 2.76
C LEU A 18 11.61 -2.34 1.62
N ALA A 19 12.04 -3.61 1.70
CA ALA A 19 12.53 -4.35 0.58
C ALA A 19 11.68 -5.55 0.39
N LYS A 20 11.00 -5.65 -0.76
CA LYS A 20 10.14 -6.72 -1.14
C LYS A 20 10.84 -8.02 -1.28
N THR A 21 10.35 -9.07 -0.58
CA THR A 21 11.02 -10.32 -0.45
C THR A 21 10.46 -11.26 -1.47
N ASP A 22 11.31 -11.74 -2.40
CA ASP A 22 10.97 -12.50 -3.57
C ASP A 22 10.14 -11.83 -4.60
N GLY A 23 9.43 -10.74 -4.25
CA GLY A 23 8.62 -9.95 -5.11
C GLY A 23 7.25 -9.78 -4.54
N SER A 24 7.16 -9.31 -3.28
CA SER A 24 5.96 -9.20 -2.51
C SER A 24 6.42 -8.57 -1.24
N LEU A 25 5.76 -7.46 -0.85
CA LEU A 25 5.91 -6.76 0.40
C LEU A 25 5.02 -7.46 1.37
N GLY A 26 3.84 -7.87 0.90
CA GLY A 26 2.94 -8.72 1.60
C GLY A 26 1.53 -8.22 1.60
N ILE A 27 1.25 -7.14 0.84
CA ILE A 27 -0.02 -6.50 0.91
C ILE A 27 -0.87 -6.87 -0.26
N SER A 28 -2.10 -7.33 0.05
CA SER A 28 -3.16 -7.53 -0.89
C SER A 28 -3.88 -6.27 -1.18
N VAL A 29 -3.73 -5.72 -2.41
CA VAL A 29 -4.24 -4.42 -2.75
C VAL A 29 -5.67 -4.38 -3.19
N THR A 30 -6.48 -3.53 -2.53
CA THR A 30 -7.84 -3.23 -2.84
C THR A 30 -8.02 -1.78 -3.14
N GLY A 31 -9.14 -1.47 -3.82
CA GLY A 31 -9.56 -0.15 -4.16
C GLY A 31 -9.13 0.26 -5.52
N GLY A 32 -8.43 1.40 -5.61
CA GLY A 32 -7.89 1.91 -6.84
C GLY A 32 -8.77 3.02 -7.33
N VAL A 33 -8.19 4.10 -7.87
CA VAL A 33 -8.86 5.33 -8.15
C VAL A 33 -10.04 5.18 -9.05
N ASN A 34 -10.00 4.15 -9.91
CA ASN A 34 -10.85 3.90 -11.03
C ASN A 34 -12.31 4.05 -10.80
N THR A 35 -12.85 3.32 -9.79
CA THR A 35 -14.25 3.18 -9.59
C THR A 35 -14.53 3.22 -8.12
N SER A 36 -14.24 2.09 -7.44
CA SER A 36 -14.54 1.76 -6.09
C SER A 36 -14.33 2.82 -5.05
N VAL A 37 -13.19 3.52 -5.07
CA VAL A 37 -12.85 4.46 -4.05
C VAL A 37 -13.31 5.85 -4.37
N ARG A 38 -13.84 6.07 -5.58
CA ARG A 38 -14.26 7.32 -6.11
C ARG A 38 -13.15 8.32 -6.22
N HIS A 39 -12.05 7.89 -6.88
CA HIS A 39 -10.75 8.48 -6.86
C HIS A 39 -10.08 8.58 -5.53
N GLY A 40 -8.81 8.17 -5.43
CA GLY A 40 -8.25 7.90 -4.13
C GLY A 40 -6.82 7.50 -4.17
N GLY A 41 -6.56 6.19 -3.93
CA GLY A 41 -5.25 5.62 -3.85
C GLY A 41 -5.43 4.14 -3.76
N ILE A 42 -4.44 3.40 -3.22
CA ILE A 42 -4.59 1.99 -3.00
C ILE A 42 -4.56 1.73 -1.53
N TYR A 43 -5.13 0.60 -1.09
CA TYR A 43 -5.33 0.32 0.30
C TYR A 43 -5.03 -1.13 0.50
N VAL A 44 -4.69 -1.55 1.73
CA VAL A 44 -4.50 -2.95 2.01
C VAL A 44 -5.77 -3.62 2.42
N LYS A 45 -6.13 -4.73 1.76
CA LYS A 45 -7.23 -5.57 2.16
C LYS A 45 -6.79 -6.51 3.23
N ALA A 46 -5.66 -7.22 2.98
CA ALA A 46 -5.16 -8.24 3.84
C ALA A 46 -3.67 -8.16 3.96
N ILE A 47 -3.15 -8.37 5.18
CA ILE A 47 -1.77 -8.51 5.50
C ILE A 47 -1.48 -9.97 5.58
N ILE A 48 -0.28 -10.40 5.17
CA ILE A 48 0.18 -11.74 5.41
C ILE A 48 1.09 -11.78 6.59
N PRO A 49 1.02 -12.73 7.47
CA PRO A 49 2.00 -12.89 8.51
C PRO A 49 3.23 -13.54 7.99
N LYS A 50 3.97 -12.85 7.11
CA LYS A 50 5.14 -13.29 6.42
C LYS A 50 5.49 -12.34 5.33
N GLY A 51 6.05 -11.15 5.66
CA GLY A 51 6.36 -10.23 4.62
C GLY A 51 6.88 -8.97 5.21
N ALA A 52 7.50 -8.16 4.34
CA ALA A 52 8.13 -6.91 4.63
C ALA A 52 7.20 -5.86 5.16
N ALA A 53 5.96 -5.81 4.65
CA ALA A 53 5.00 -4.81 5.04
C ALA A 53 4.49 -4.99 6.43
N GLU A 54 4.19 -6.24 6.82
CA GLU A 54 3.89 -6.63 8.16
C GLU A 54 5.03 -6.36 9.09
N SER A 55 6.27 -6.48 8.59
CA SER A 55 7.46 -6.21 9.34
C SER A 55 7.63 -4.83 9.88
N ASP A 56 7.08 -3.79 9.23
CA ASP A 56 7.12 -2.43 9.69
C ASP A 56 6.51 -2.29 11.03
N GLY A 57 5.16 -2.32 11.09
CA GLY A 57 4.45 -2.45 12.32
C GLY A 57 3.24 -1.58 12.35
N ARG A 58 3.27 -0.42 11.65
CA ARG A 58 2.16 0.47 11.62
C ARG A 58 1.16 0.15 10.57
N ILE A 59 1.55 -0.60 9.53
CA ILE A 59 0.69 -1.08 8.48
C ILE A 59 -0.22 -2.16 8.95
N HIS A 60 -1.52 -2.09 8.61
CA HIS A 60 -2.40 -3.22 8.75
C HIS A 60 -3.48 -3.17 7.73
N LYS A 61 -4.60 -3.87 7.96
CA LYS A 61 -5.70 -3.94 7.05
C LYS A 61 -6.52 -2.70 7.07
N GLY A 62 -6.81 -2.09 5.90
CA GLY A 62 -7.58 -0.89 5.82
C GLY A 62 -6.81 0.37 6.05
N ASP A 63 -5.49 0.35 5.85
CA ASP A 63 -4.68 1.53 5.81
C ASP A 63 -4.50 1.97 4.39
N ARG A 64 -4.38 3.29 4.17
CA ARG A 64 -4.25 3.88 2.87
C ARG A 64 -2.82 4.00 2.51
N VAL A 65 -2.42 3.54 1.31
CA VAL A 65 -1.16 3.85 0.72
C VAL A 65 -1.40 4.86 -0.35
N LEU A 66 -0.78 6.04 -0.21
CA LEU A 66 -0.95 7.16 -1.10
C LEU A 66 0.14 7.28 -2.09
N ALA A 67 1.38 6.89 -1.75
CA ALA A 67 2.46 7.01 -2.69
C ALA A 67 3.52 5.99 -2.46
N VAL A 68 4.33 5.69 -3.49
CA VAL A 68 5.35 4.70 -3.44
C VAL A 68 6.62 5.20 -4.05
N ASN A 69 7.75 5.25 -3.32
CA ASN A 69 8.97 5.88 -3.72
C ASN A 69 8.82 7.32 -4.11
N GLY A 70 7.83 8.01 -3.51
CA GLY A 70 7.47 9.35 -3.87
C GLY A 70 6.70 9.45 -5.14
N VAL A 71 6.05 8.35 -5.56
CA VAL A 71 5.22 8.28 -6.73
C VAL A 71 3.81 8.07 -6.27
N SER A 72 3.01 9.14 -6.28
CA SER A 72 1.61 9.10 -5.92
C SER A 72 0.78 8.32 -6.87
N LEU A 73 -0.23 7.61 -6.31
CA LEU A 73 -1.15 6.78 -7.02
C LEU A 73 -2.23 7.54 -7.69
N GLU A 74 -1.85 8.41 -8.64
CA GLU A 74 -2.71 9.21 -9.45
C GLU A 74 -2.97 8.48 -10.73
N GLY A 75 -4.25 8.22 -11.06
CA GLY A 75 -4.61 7.38 -12.16
C GLY A 75 -4.55 5.92 -11.88
N ALA A 76 -4.02 5.52 -10.71
CA ALA A 76 -3.72 4.15 -10.43
C ALA A 76 -4.86 3.35 -9.92
N THR A 77 -5.07 2.18 -10.56
CA THR A 77 -6.15 1.27 -10.33
C THR A 77 -5.67 0.20 -9.41
N HIS A 78 -6.38 -0.94 -9.31
CA HIS A 78 -5.83 -2.12 -8.73
C HIS A 78 -4.66 -2.63 -9.49
N LYS A 79 -4.77 -2.82 -10.82
CA LYS A 79 -3.73 -3.36 -11.63
C LYS A 79 -2.55 -2.45 -11.72
N GLN A 80 -2.78 -1.13 -11.88
CA GLN A 80 -1.75 -0.14 -11.90
C GLN A 80 -1.10 0.09 -10.58
N ALA A 81 -1.81 -0.01 -9.44
CA ALA A 81 -1.20 0.02 -8.15
C ALA A 81 -0.30 -1.14 -7.88
N VAL A 82 -0.62 -2.33 -8.42
CA VAL A 82 0.28 -3.45 -8.42
C VAL A 82 1.55 -3.10 -9.12
N GLU A 83 1.53 -2.59 -10.37
CA GLU A 83 2.70 -2.15 -11.06
C GLU A 83 3.54 -1.19 -10.30
N THR A 84 2.90 -0.23 -9.61
CA THR A 84 3.48 0.79 -8.79
C THR A 84 4.23 0.28 -7.61
N LEU A 85 3.86 -0.88 -7.05
CA LEU A 85 4.58 -1.57 -6.02
C LEU A 85 5.50 -2.64 -6.50
N ARG A 86 5.06 -3.43 -7.50
CA ARG A 86 5.70 -4.62 -8.00
C ARG A 86 6.88 -4.31 -8.86
N ASN A 87 6.74 -3.42 -9.86
CA ASN A 87 7.69 -3.20 -10.89
C ASN A 87 8.64 -2.13 -10.51
N THR A 88 9.09 -2.17 -9.24
CA THR A 88 9.93 -1.20 -8.58
C THR A 88 11.34 -1.68 -8.50
N GLY A 89 12.28 -0.76 -8.19
CA GLY A 89 13.67 -1.06 -8.05
C GLY A 89 14.03 -1.51 -6.67
N GLN A 90 13.38 -2.60 -6.23
CA GLN A 90 13.62 -3.35 -5.03
C GLN A 90 13.24 -2.70 -3.74
N VAL A 91 13.63 -1.43 -3.53
CA VAL A 91 13.18 -0.65 -2.42
C VAL A 91 11.82 -0.11 -2.71
N VAL A 92 10.89 -0.34 -1.76
CA VAL A 92 9.58 0.23 -1.77
C VAL A 92 9.49 1.07 -0.55
N HIS A 93 9.67 2.38 -0.71
CA HIS A 93 9.36 3.39 0.27
C HIS A 93 7.89 3.63 0.22
N LEU A 94 7.11 3.14 1.20
CA LEU A 94 5.69 3.30 1.21
C LEU A 94 5.30 4.57 1.89
N LEU A 95 4.52 5.44 1.22
CA LEU A 95 3.87 6.54 1.86
C LEU A 95 2.50 6.10 2.25
N LEU A 96 2.33 5.79 3.56
CA LEU A 96 1.12 5.36 4.17
C LEU A 96 0.44 6.46 4.90
N GLU A 97 -0.91 6.44 4.95
CA GLU A 97 -1.69 7.18 5.87
C GLU A 97 -2.41 6.20 6.73
N LYS A 98 -2.48 6.47 8.04
CA LYS A 98 -3.19 5.66 8.98
C LYS A 98 -4.66 5.69 8.79
N GLY A 99 -5.30 4.52 8.65
CA GLY A 99 -6.71 4.37 8.44
C GLY A 99 -7.54 4.58 9.66
N GLN A 100 -6.92 4.43 10.85
CA GLN A 100 -7.48 4.73 12.13
C GLN A 100 -7.32 6.18 12.43
N VAL A 101 -8.40 6.97 12.32
CA VAL A 101 -8.36 8.39 12.44
C VAL A 101 -9.15 8.86 13.61
N PRO A 102 -8.54 9.26 14.68
CA PRO A 102 -9.20 10.06 15.68
C PRO A 102 -9.75 11.39 15.28
N TYR B 7 -11.76 -9.04 -10.25
CA TYR B 7 -10.41 -9.46 -10.04
C TYR B 7 -9.75 -8.48 -9.12
N LEU B 8 -10.16 -8.45 -7.84
CA LEU B 8 -9.54 -7.67 -6.81
C LEU B 8 -8.42 -8.42 -6.18
N VAL B 9 -7.46 -7.72 -5.55
CA VAL B 9 -6.49 -8.29 -4.66
C VAL B 9 -5.36 -8.97 -5.34
N THR B 10 -4.15 -8.51 -5.02
CA THR B 10 -2.92 -9.07 -5.50
C THR B 10 -1.98 -8.84 -4.37
N SER B 11 -1.31 -9.89 -3.85
CA SER B 11 -0.24 -9.78 -2.92
C SER B 11 1.00 -9.34 -3.63
N VAL B 12 1.65 -8.28 -3.13
CA VAL B 12 2.63 -7.53 -3.85
C VAL B 12 3.42 -6.83 -2.76
N MET A 8 -5.25 13.06 9.63
CA MET A 8 -6.25 12.05 9.80
C MET A 8 -6.18 11.54 11.20
N LYS A 9 -6.30 10.23 11.43
CA LYS A 9 -6.16 9.63 12.73
C LYS A 9 -4.74 9.33 13.02
N PRO A 10 -4.26 9.21 14.22
CA PRO A 10 -2.87 9.42 14.53
C PRO A 10 -1.83 8.59 13.87
N GLY A 11 -0.80 9.26 13.31
CA GLY A 11 0.32 8.68 12.66
C GLY A 11 0.20 8.70 11.17
N ASP A 12 -0.62 9.61 10.62
CA ASP A 12 -1.16 9.54 9.29
C ASP A 12 -0.31 9.90 8.12
N THR A 13 1.02 9.98 8.25
CA THR A 13 1.93 9.84 7.16
C THR A 13 3.13 9.11 7.67
N PHE A 14 3.34 7.89 7.14
CA PHE A 14 4.46 7.06 7.45
C PHE A 14 5.03 6.60 6.16
N GLU A 15 6.27 7.03 5.84
CA GLU A 15 6.93 6.67 4.62
C GLU A 15 7.82 5.50 4.84
N VAL A 16 7.20 4.32 5.02
CA VAL A 16 7.78 3.07 5.41
C VAL A 16 8.60 2.49 4.31
N GLU A 17 9.91 2.23 4.52
CA GLU A 17 10.76 1.77 3.46
C GLU A 17 11.02 0.31 3.63
N LEU A 18 10.53 -0.49 2.67
CA LEU A 18 10.54 -1.91 2.75
C LEU A 18 11.40 -2.49 1.68
N ALA A 19 12.06 -3.61 2.00
CA ALA A 19 12.67 -4.45 1.02
C ALA A 19 11.84 -5.68 0.89
N LYS A 20 11.14 -5.81 -0.25
CA LYS A 20 10.34 -6.93 -0.64
C LYS A 20 11.07 -8.23 -0.58
N THR A 21 10.36 -9.34 -0.34
CA THR A 21 10.94 -10.65 -0.28
C THR A 21 10.48 -11.39 -1.49
N ASP A 22 11.39 -11.55 -2.48
CA ASP A 22 11.17 -12.14 -3.77
C ASP A 22 9.94 -11.70 -4.48
N GLY A 23 9.80 -10.38 -4.71
CA GLY A 23 8.67 -9.78 -5.34
C GLY A 23 7.39 -9.84 -4.57
N SER A 24 7.33 -9.24 -3.37
CA SER A 24 6.24 -9.29 -2.46
C SER A 24 6.68 -8.57 -1.22
N LEU A 25 6.05 -7.42 -0.96
CA LEU A 25 6.12 -6.67 0.26
C LEU A 25 5.29 -7.38 1.27
N GLY A 26 4.11 -7.83 0.79
CA GLY A 26 3.21 -8.69 1.52
C GLY A 26 1.90 -8.03 1.76
N ILE A 27 1.44 -7.19 0.81
CA ILE A 27 0.14 -6.61 0.93
C ILE A 27 -0.74 -7.03 -0.19
N SER A 28 -1.98 -7.43 0.14
CA SER A 28 -3.06 -7.56 -0.79
C SER A 28 -3.73 -6.25 -1.03
N VAL A 29 -3.61 -5.71 -2.25
CA VAL A 29 -4.12 -4.41 -2.57
C VAL A 29 -5.56 -4.37 -2.96
N THR A 30 -6.35 -3.47 -2.33
CA THR A 30 -7.73 -3.22 -2.59
C THR A 30 -7.95 -1.78 -2.90
N GLY A 31 -9.15 -1.45 -3.42
CA GLY A 31 -9.54 -0.12 -3.80
C GLY A 31 -9.11 0.22 -5.19
N GLY A 32 -8.61 1.45 -5.38
CA GLY A 32 -8.11 1.94 -6.63
C GLY A 32 -9.04 2.94 -7.23
N VAL A 33 -8.53 3.73 -8.19
CA VAL A 33 -9.28 4.71 -8.91
C VAL A 33 -10.48 4.19 -9.61
N ASN A 34 -10.46 2.93 -10.10
CA ASN A 34 -11.49 2.41 -10.93
C ASN A 34 -12.78 2.15 -10.24
N THR A 35 -12.80 1.87 -8.93
CA THR A 35 -14.00 1.51 -8.23
C THR A 35 -14.52 2.62 -7.39
N SER A 36 -13.87 3.80 -7.46
CA SER A 36 -14.22 5.00 -6.74
C SER A 36 -14.02 4.88 -5.27
N VAL A 37 -12.79 5.14 -4.81
CA VAL A 37 -12.39 5.16 -3.44
C VAL A 37 -12.59 6.52 -2.87
N ARG A 38 -11.92 6.89 -1.77
CA ARG A 38 -11.94 8.18 -1.17
C ARG A 38 -11.54 9.26 -2.11
N HIS A 39 -10.27 9.26 -2.52
CA HIS A 39 -9.84 9.87 -3.74
C HIS A 39 -8.45 9.40 -4.01
N GLY A 40 -8.24 8.67 -5.12
CA GLY A 40 -6.96 8.28 -5.66
C GLY A 40 -6.07 7.45 -4.81
N GLY A 41 -5.97 6.15 -5.17
CA GLY A 41 -4.90 5.30 -4.72
C GLY A 41 -5.37 4.02 -4.14
N ILE A 42 -4.46 3.28 -3.48
CA ILE A 42 -4.68 1.91 -3.13
C ILE A 42 -4.69 1.77 -1.64
N TYR A 43 -5.20 0.63 -1.14
CA TYR A 43 -5.41 0.41 0.26
C TYR A 43 -5.04 -1.00 0.54
N VAL A 44 -4.69 -1.33 1.80
CA VAL A 44 -4.37 -2.67 2.16
C VAL A 44 -5.56 -3.42 2.63
N LYS A 45 -5.92 -4.53 1.96
CA LYS A 45 -7.03 -5.36 2.34
C LYS A 45 -6.63 -6.34 3.39
N ALA A 46 -5.42 -6.91 3.23
CA ALA A 46 -4.92 -7.96 4.06
C ALA A 46 -3.44 -7.85 4.21
N ILE A 47 -2.93 -7.93 5.44
CA ILE A 47 -1.53 -8.03 5.75
C ILE A 47 -1.22 -9.47 5.95
N ILE A 48 -0.31 -10.03 5.14
CA ILE A 48 -0.02 -11.42 5.21
C ILE A 48 0.85 -11.79 6.36
N PRO A 49 0.78 -12.97 6.90
CA PRO A 49 1.56 -13.35 8.04
C PRO A 49 3.00 -13.58 7.71
N LYS A 50 3.80 -12.52 7.86
CA LYS A 50 5.24 -12.51 7.81
C LYS A 50 5.72 -12.23 6.42
N GLY A 51 5.86 -10.92 6.14
CA GLY A 51 6.47 -10.40 4.96
C GLY A 51 7.02 -9.09 5.40
N ALA A 52 7.54 -8.28 4.46
CA ALA A 52 8.20 -7.03 4.73
C ALA A 52 7.29 -5.97 5.26
N ALA A 53 6.05 -5.90 4.77
CA ALA A 53 5.08 -4.93 5.16
C ALA A 53 4.51 -5.14 6.52
N GLU A 54 4.24 -6.40 6.89
CA GLU A 54 3.92 -6.80 8.23
C GLU A 54 5.05 -6.53 9.17
N SER A 55 6.29 -6.55 8.65
CA SER A 55 7.47 -6.32 9.43
C SER A 55 7.70 -4.92 9.86
N ASP A 56 7.02 -3.89 9.33
CA ASP A 56 7.17 -2.53 9.75
C ASP A 56 6.70 -2.38 11.16
N GLY A 57 5.39 -2.16 11.37
CA GLY A 57 4.85 -2.19 12.69
C GLY A 57 3.62 -1.34 12.79
N ARG A 58 3.55 -0.28 11.97
CA ARG A 58 2.45 0.65 12.02
C ARG A 58 1.29 0.15 11.23
N ILE A 59 1.53 -0.38 10.02
CA ILE A 59 0.52 -0.84 9.12
C ILE A 59 -0.25 -2.01 9.63
N HIS A 60 -1.60 -1.97 9.49
CA HIS A 60 -2.44 -3.10 9.61
C HIS A 60 -3.38 -3.10 8.45
N LYS A 61 -4.39 -3.99 8.42
CA LYS A 61 -5.30 -4.04 7.31
C LYS A 61 -6.41 -3.05 7.47
N GLY A 62 -6.55 -2.16 6.48
CA GLY A 62 -7.41 -1.02 6.58
C GLY A 62 -6.77 0.23 6.09
N ASP A 63 -5.44 0.35 6.24
CA ASP A 63 -4.72 1.56 5.96
C ASP A 63 -4.59 1.86 4.51
N ARG A 64 -4.26 3.12 4.22
CA ARG A 64 -4.21 3.65 2.89
C ARG A 64 -2.78 3.79 2.45
N VAL A 65 -2.42 3.28 1.26
CA VAL A 65 -1.18 3.56 0.61
C VAL A 65 -1.44 4.55 -0.48
N LEU A 66 -0.87 5.76 -0.32
CA LEU A 66 -1.04 6.86 -1.22
C LEU A 66 0.08 7.01 -2.20
N ALA A 67 1.33 6.66 -1.82
CA ALA A 67 2.41 6.82 -2.75
C ALA A 67 3.45 5.77 -2.58
N VAL A 68 4.28 5.56 -3.61
CA VAL A 68 5.31 4.55 -3.60
C VAL A 68 6.57 5.10 -4.15
N ASN A 69 7.72 5.03 -3.46
CA ASN A 69 8.95 5.62 -3.88
C ASN A 69 8.89 7.10 -4.08
N GLY A 70 7.92 7.78 -3.46
CA GLY A 70 7.64 9.17 -3.68
C GLY A 70 6.64 9.42 -4.75
N VAL A 71 6.15 8.37 -5.43
CA VAL A 71 5.30 8.45 -6.57
C VAL A 71 3.89 8.24 -6.13
N SER A 72 3.12 9.34 -6.04
CA SER A 72 1.74 9.36 -5.67
C SER A 72 0.87 8.62 -6.62
N LEU A 73 -0.15 7.90 -6.10
CA LEU A 73 -1.08 7.15 -6.87
C LEU A 73 -2.14 8.02 -7.43
N GLU A 74 -1.78 8.83 -8.45
CA GLU A 74 -2.67 9.67 -9.19
C GLU A 74 -3.15 8.91 -10.38
N GLY A 75 -4.45 8.54 -10.40
CA GLY A 75 -5.01 7.76 -11.45
C GLY A 75 -4.84 6.29 -11.30
N ALA A 76 -4.12 5.80 -10.27
CA ALA A 76 -3.79 4.42 -10.16
C ALA A 76 -4.90 3.54 -9.69
N THR A 77 -5.08 2.41 -10.40
CA THR A 77 -6.17 1.49 -10.32
C THR A 77 -5.79 0.32 -9.49
N HIS A 78 -6.41 -0.85 -9.65
CA HIS A 78 -5.92 -2.06 -9.06
C HIS A 78 -4.68 -2.53 -9.75
N LYS A 79 -4.71 -2.64 -11.09
CA LYS A 79 -3.59 -3.07 -11.85
C LYS A 79 -2.46 -2.10 -11.84
N GLN A 80 -2.72 -0.78 -11.98
CA GLN A 80 -1.69 0.22 -11.85
C GLN A 80 -1.09 0.31 -10.50
N ALA A 81 -1.86 0.13 -9.40
CA ALA A 81 -1.29 0.07 -8.10
C ALA A 81 -0.34 -1.06 -7.88
N VAL A 82 -0.65 -2.26 -8.41
CA VAL A 82 0.24 -3.38 -8.40
C VAL A 82 1.53 -3.02 -9.07
N GLU A 83 1.49 -2.55 -10.32
CA GLU A 83 2.64 -2.10 -11.06
C GLU A 83 3.47 -1.12 -10.32
N THR A 84 2.86 -0.08 -9.71
CA THR A 84 3.49 0.94 -8.95
C THR A 84 4.27 0.46 -7.77
N LEU A 85 3.87 -0.66 -7.15
CA LEU A 85 4.60 -1.31 -6.10
C LEU A 85 5.58 -2.31 -6.59
N ARG A 86 5.20 -3.07 -7.64
CA ARG A 86 5.90 -4.20 -8.18
C ARG A 86 7.03 -3.85 -9.08
N ASN A 87 6.96 -2.78 -9.90
CA ASN A 87 7.91 -2.42 -10.90
C ASN A 87 9.19 -1.81 -10.42
N THR A 88 9.42 -1.96 -9.10
CA THR A 88 10.43 -1.33 -8.31
C THR A 88 11.67 -2.18 -8.25
N GLY A 89 12.83 -1.56 -7.94
CA GLY A 89 14.08 -2.25 -7.90
C GLY A 89 14.26 -3.13 -6.72
N GLN A 90 14.24 -2.56 -5.50
CA GLN A 90 14.40 -3.31 -4.29
C GLN A 90 13.69 -2.64 -3.16
N VAL A 91 14.11 -1.43 -2.75
CA VAL A 91 13.42 -0.66 -1.78
C VAL A 91 12.16 -0.09 -2.32
N VAL A 92 11.06 -0.31 -1.58
CA VAL A 92 9.76 0.26 -1.79
C VAL A 92 9.45 1.12 -0.61
N HIS A 93 9.53 2.46 -0.78
CA HIS A 93 9.05 3.39 0.20
C HIS A 93 7.57 3.50 0.08
N LEU A 94 6.81 2.93 1.03
CA LEU A 94 5.38 2.94 1.10
C LEU A 94 4.95 4.17 1.82
N LEU A 95 4.34 5.13 1.12
CA LEU A 95 3.76 6.28 1.75
C LEU A 95 2.37 5.91 2.16
N LEU A 96 2.22 5.63 3.46
CA LEU A 96 1.02 5.17 4.08
C LEU A 96 0.38 6.25 4.88
N GLU A 97 -0.96 6.29 4.86
CA GLU A 97 -1.81 7.11 5.66
C GLU A 97 -2.57 6.19 6.57
N LYS A 98 -2.80 6.63 7.82
CA LYS A 98 -3.52 5.88 8.79
C LYS A 98 -4.99 5.97 8.56
N GLY A 99 -5.67 4.81 8.53
CA GLY A 99 -7.09 4.73 8.33
C GLY A 99 -7.88 5.32 9.43
N GLN A 100 -7.96 4.63 10.59
CA GLN A 100 -8.68 5.15 11.71
C GLN A 100 -8.32 4.57 13.04
N VAL A 101 -7.26 3.74 13.15
CA VAL A 101 -6.87 3.15 14.40
C VAL A 101 -5.73 3.92 14.99
N PRO A 102 -5.78 4.53 16.14
CA PRO A 102 -4.68 5.31 16.64
C PRO A 102 -3.46 4.53 17.01
N TYR B 7 -10.94 -9.13 -9.99
CA TYR B 7 -10.79 -10.13 -9.00
C TYR B 7 -10.34 -9.52 -7.71
N LEU B 8 -9.57 -8.41 -7.79
CA LEU B 8 -9.01 -7.67 -6.70
C LEU B 8 -7.85 -8.36 -6.07
N VAL B 9 -7.30 -7.79 -4.98
CA VAL B 9 -6.43 -8.39 -4.02
C VAL B 9 -5.31 -9.23 -4.51
N THR B 10 -4.15 -8.56 -4.68
CA THR B 10 -3.00 -9.14 -5.30
C THR B 10 -1.90 -8.87 -4.31
N SER B 11 -1.19 -9.94 -3.89
CA SER B 11 -0.08 -9.92 -2.99
C SER B 11 1.10 -9.38 -3.72
N VAL B 12 1.74 -8.30 -3.22
CA VAL B 12 2.64 -7.51 -4.00
C VAL B 12 3.64 -6.92 -3.01
N MET A 8 -2.11 3.48 16.30
CA MET A 8 -2.28 4.38 15.20
C MET A 8 -3.27 5.44 15.56
N LYS A 9 -2.87 6.73 15.44
CA LYS A 9 -3.67 7.84 15.84
C LYS A 9 -4.08 8.63 14.65
N PRO A 10 -5.08 9.47 14.69
CA PRO A 10 -5.43 10.29 13.57
C PRO A 10 -4.41 11.32 13.24
N GLY A 11 -4.05 11.45 11.95
CA GLY A 11 -3.15 12.47 11.49
C GLY A 11 -1.94 11.93 10.80
N ASP A 12 -1.44 10.76 11.21
CA ASP A 12 -0.18 10.25 10.79
C ASP A 12 -0.12 9.73 9.40
N THR A 13 0.92 10.16 8.65
CA THR A 13 1.45 9.48 7.51
C THR A 13 2.72 8.82 7.92
N PHE A 14 3.00 7.63 7.38
CA PHE A 14 4.20 6.89 7.64
C PHE A 14 4.85 6.59 6.34
N GLU A 15 6.10 7.05 6.17
CA GLU A 15 6.89 6.86 4.99
C GLU A 15 7.83 5.74 5.25
N VAL A 16 7.30 4.51 5.23
CA VAL A 16 7.96 3.27 5.51
C VAL A 16 8.84 2.92 4.37
N GLU A 17 9.97 2.19 4.54
CA GLU A 17 10.69 1.62 3.45
C GLU A 17 10.93 0.18 3.65
N LEU A 18 10.57 -0.62 2.63
CA LEU A 18 10.56 -2.05 2.66
C LEU A 18 11.37 -2.58 1.53
N ALA A 19 12.12 -3.66 1.79
CA ALA A 19 12.75 -4.43 0.76
C ALA A 19 11.88 -5.61 0.49
N LYS A 20 11.23 -5.66 -0.69
CA LYS A 20 10.33 -6.70 -1.07
C LYS A 20 11.00 -8.04 -1.07
N THR A 21 10.46 -9.02 -0.33
CA THR A 21 11.06 -10.32 -0.22
C THR A 21 10.45 -11.22 -1.23
N ASP A 22 11.25 -11.56 -2.26
CA ASP A 22 10.91 -12.40 -3.36
C ASP A 22 9.78 -11.91 -4.20
N GLY A 23 9.64 -10.58 -4.35
CA GLY A 23 8.61 -9.98 -5.14
C GLY A 23 7.28 -9.91 -4.48
N SER A 24 7.21 -9.20 -3.34
CA SER A 24 6.07 -9.07 -2.49
C SER A 24 6.54 -8.35 -1.28
N LEU A 25 5.94 -7.17 -1.02
CA LEU A 25 5.97 -6.52 0.25
C LEU A 25 5.16 -7.33 1.21
N GLY A 26 4.01 -7.81 0.68
CA GLY A 26 3.16 -8.77 1.31
C GLY A 26 1.79 -8.22 1.52
N ILE A 27 1.38 -7.20 0.74
CA ILE A 27 0.08 -6.63 0.92
C ILE A 27 -0.80 -6.93 -0.25
N SER A 28 -2.02 -7.43 0.04
CA SER A 28 -3.09 -7.53 -0.89
C SER A 28 -3.77 -6.22 -1.07
N VAL A 29 -3.63 -5.62 -2.26
CA VAL A 29 -4.14 -4.30 -2.51
C VAL A 29 -5.59 -4.23 -2.88
N THR A 30 -6.36 -3.35 -2.23
CA THR A 30 -7.74 -3.10 -2.50
C THR A 30 -7.94 -1.66 -2.80
N GLY A 31 -9.13 -1.31 -3.34
CA GLY A 31 -9.46 -0.01 -3.82
C GLY A 31 -8.94 0.28 -5.19
N GLY A 32 -8.66 1.57 -5.46
CA GLY A 32 -8.20 2.08 -6.72
C GLY A 32 -9.23 2.95 -7.34
N VAL A 33 -8.88 3.73 -8.37
CA VAL A 33 -9.79 4.60 -9.07
C VAL A 33 -10.86 3.91 -9.84
N ASN A 34 -10.83 2.58 -9.96
CA ASN A 34 -11.91 1.82 -10.52
C ASN A 34 -13.10 1.77 -9.63
N THR A 35 -12.92 1.60 -8.31
CA THR A 35 -14.01 1.49 -7.37
C THR A 35 -14.11 2.71 -6.52
N SER A 36 -15.15 2.81 -5.68
CA SER A 36 -15.39 3.96 -4.87
C SER A 36 -14.56 3.99 -3.62
N VAL A 37 -13.36 4.60 -3.71
CA VAL A 37 -12.49 4.86 -2.61
C VAL A 37 -12.73 6.23 -2.09
N ARG A 38 -11.82 6.79 -1.27
CA ARG A 38 -11.92 8.16 -0.82
C ARG A 38 -11.58 9.07 -1.95
N HIS A 39 -10.30 9.11 -2.37
CA HIS A 39 -9.94 9.68 -3.62
C HIS A 39 -8.61 9.13 -4.05
N GLY A 40 -8.56 8.45 -5.20
CA GLY A 40 -7.39 8.08 -5.94
C GLY A 40 -6.25 7.47 -5.22
N GLY A 41 -6.25 6.14 -5.05
CA GLY A 41 -5.09 5.46 -4.56
C GLY A 41 -5.43 4.08 -4.10
N ILE A 42 -4.47 3.38 -3.46
CA ILE A 42 -4.63 2.01 -3.12
C ILE A 42 -4.66 1.85 -1.63
N TYR A 43 -5.16 0.73 -1.11
CA TYR A 43 -5.42 0.57 0.28
C TYR A 43 -5.06 -0.85 0.59
N VAL A 44 -4.70 -1.18 1.85
CA VAL A 44 -4.35 -2.53 2.17
C VAL A 44 -5.55 -3.31 2.63
N LYS A 45 -5.80 -4.47 2.00
CA LYS A 45 -6.86 -5.36 2.39
C LYS A 45 -6.39 -6.34 3.39
N ALA A 46 -5.25 -7.00 3.14
CA ALA A 46 -4.79 -8.09 3.96
C ALA A 46 -3.31 -8.10 4.10
N ILE A 47 -2.86 -8.18 5.37
CA ILE A 47 -1.49 -8.25 5.79
C ILE A 47 -1.10 -9.68 5.93
N ILE A 48 0.08 -10.06 5.41
CA ILE A 48 0.66 -11.36 5.53
C ILE A 48 1.23 -11.53 6.90
N PRO A 49 1.17 -12.67 7.52
CA PRO A 49 2.02 -13.00 8.64
C PRO A 49 3.47 -12.99 8.36
N LYS A 50 4.13 -11.82 8.52
CA LYS A 50 5.54 -11.64 8.49
C LYS A 50 6.20 -11.89 7.17
N GLY A 51 5.86 -11.08 6.14
CA GLY A 51 6.71 -10.90 5.00
C GLY A 51 7.57 -9.71 5.25
N ALA A 52 7.48 -8.69 4.39
CA ALA A 52 8.17 -7.46 4.58
C ALA A 52 7.34 -6.43 5.25
N ALA A 53 6.06 -6.27 4.83
CA ALA A 53 5.20 -5.21 5.24
C ALA A 53 4.71 -5.27 6.65
N GLU A 54 4.32 -6.43 7.21
CA GLU A 54 4.06 -6.50 8.62
C GLU A 54 5.28 -6.18 9.42
N SER A 55 6.45 -6.52 8.84
CA SER A 55 7.72 -6.30 9.48
C SER A 55 8.22 -4.90 9.47
N ASP A 56 7.45 -3.91 9.00
CA ASP A 56 7.55 -2.57 9.51
C ASP A 56 6.94 -2.60 10.86
N GLY A 57 5.61 -2.40 10.96
CA GLY A 57 4.93 -2.76 12.17
C GLY A 57 3.72 -1.90 12.39
N ARG A 58 3.75 -0.66 11.88
CA ARG A 58 2.67 0.27 12.05
C ARG A 58 1.55 0.00 11.10
N ILE A 59 1.83 -0.76 10.03
CA ILE A 59 0.92 -1.23 9.04
C ILE A 59 -0.08 -2.19 9.61
N HIS A 60 -1.37 -1.99 9.28
CA HIS A 60 -2.40 -2.95 9.56
C HIS A 60 -3.33 -3.02 8.40
N LYS A 61 -4.39 -3.84 8.46
CA LYS A 61 -5.27 -4.05 7.35
C LYS A 61 -6.36 -3.04 7.26
N GLY A 62 -5.97 -1.77 7.12
CA GLY A 62 -6.88 -0.68 6.94
C GLY A 62 -6.26 0.57 6.39
N ASP A 63 -4.92 0.63 6.25
CA ASP A 63 -4.24 1.83 5.87
C ASP A 63 -4.34 2.20 4.44
N ARG A 64 -4.21 3.50 4.16
CA ARG A 64 -4.40 4.13 2.89
C ARG A 64 -3.06 4.42 2.31
N VAL A 65 -2.61 3.66 1.28
CA VAL A 65 -1.33 3.86 0.67
C VAL A 65 -1.48 4.81 -0.47
N LEU A 66 -0.88 6.00 -0.32
CA LEU A 66 -0.99 7.11 -1.22
C LEU A 66 0.14 7.22 -2.18
N ALA A 67 1.36 6.78 -1.82
CA ALA A 67 2.45 6.91 -2.74
C ALA A 67 3.48 5.84 -2.56
N VAL A 68 4.24 5.54 -3.64
CA VAL A 68 5.23 4.50 -3.62
C VAL A 68 6.52 4.99 -4.21
N ASN A 69 7.63 5.02 -3.48
CA ASN A 69 8.84 5.67 -3.86
C ASN A 69 8.68 7.12 -4.17
N GLY A 70 7.73 7.78 -3.48
CA GLY A 70 7.35 9.14 -3.73
C GLY A 70 6.49 9.31 -4.94
N VAL A 71 5.99 8.21 -5.53
CA VAL A 71 5.18 8.23 -6.70
C VAL A 71 3.76 8.08 -6.27
N SER A 72 3.02 9.19 -6.25
CA SER A 72 1.65 9.27 -5.87
C SER A 72 0.72 8.46 -6.71
N LEU A 73 -0.25 7.79 -6.06
CA LEU A 73 -1.22 6.94 -6.68
C LEU A 73 -2.43 7.70 -7.09
N GLU A 74 -2.26 8.98 -7.47
CA GLU A 74 -3.27 9.91 -7.86
C GLU A 74 -3.77 9.60 -9.23
N GLY A 75 -4.62 8.56 -9.32
CA GLY A 75 -5.07 7.99 -10.55
C GLY A 75 -4.74 6.54 -10.72
N ALA A 76 -4.30 5.83 -9.67
CA ALA A 76 -4.02 4.43 -9.75
C ALA A 76 -5.21 3.58 -9.42
N THR A 77 -5.40 2.50 -10.19
CA THR A 77 -6.42 1.51 -10.05
C THR A 77 -5.73 0.26 -9.64
N HIS A 78 -6.37 -0.93 -9.72
CA HIS A 78 -5.82 -2.21 -9.38
C HIS A 78 -4.55 -2.51 -10.08
N LYS A 79 -4.54 -2.50 -11.44
CA LYS A 79 -3.39 -2.90 -12.18
C LYS A 79 -2.27 -1.93 -12.06
N GLN A 80 -2.59 -0.64 -12.21
CA GLN A 80 -1.71 0.48 -12.00
C GLN A 80 -1.05 0.47 -10.67
N ALA A 81 -1.79 0.27 -9.57
CA ALA A 81 -1.23 0.16 -8.25
C ALA A 81 -0.31 -0.99 -8.06
N VAL A 82 -0.70 -2.21 -8.51
CA VAL A 82 0.10 -3.39 -8.41
C VAL A 82 1.43 -3.24 -9.07
N GLU A 83 1.47 -2.71 -10.31
CA GLU A 83 2.69 -2.48 -11.01
C GLU A 83 3.53 -1.40 -10.44
N THR A 84 2.92 -0.39 -9.78
CA THR A 84 3.57 0.67 -9.08
C THR A 84 4.27 0.22 -7.85
N LEU A 85 3.83 -0.89 -7.23
CA LEU A 85 4.48 -1.54 -6.13
C LEU A 85 5.44 -2.60 -6.54
N ARG A 86 5.03 -3.52 -7.43
CA ARG A 86 5.77 -4.68 -7.80
C ARG A 86 6.84 -4.48 -8.83
N ASN A 87 6.65 -3.63 -9.86
CA ASN A 87 7.57 -3.50 -10.95
C ASN A 87 8.64 -2.50 -10.69
N THR A 88 8.96 -2.33 -9.40
CA THR A 88 9.98 -1.54 -8.80
C THR A 88 11.26 -2.31 -8.72
N GLY A 89 12.27 -1.83 -7.99
CA GLY A 89 13.49 -2.54 -7.77
C GLY A 89 13.49 -3.23 -6.46
N GLN A 90 14.32 -2.77 -5.50
CA GLN A 90 14.47 -3.40 -4.23
C GLN A 90 13.74 -2.68 -3.14
N VAL A 91 14.08 -1.41 -2.86
CA VAL A 91 13.39 -0.64 -1.87
C VAL A 91 12.13 -0.07 -2.43
N VAL A 92 11.02 -0.36 -1.73
CA VAL A 92 9.76 0.29 -1.87
C VAL A 92 9.53 1.12 -0.65
N HIS A 93 9.56 2.46 -0.80
CA HIS A 93 9.08 3.39 0.18
C HIS A 93 7.60 3.47 0.08
N LEU A 94 6.87 3.00 1.10
CA LEU A 94 5.45 3.00 1.18
C LEU A 94 5.01 4.23 1.91
N LEU A 95 4.34 5.17 1.20
CA LEU A 95 3.71 6.29 1.83
C LEU A 95 2.32 5.92 2.19
N LEU A 96 2.12 5.61 3.48
CA LEU A 96 0.92 5.13 4.10
C LEU A 96 0.31 6.21 4.92
N GLU A 97 -1.04 6.27 4.94
CA GLU A 97 -1.81 7.14 5.78
C GLU A 97 -2.75 6.34 6.62
N LYS A 98 -2.94 6.81 7.86
CA LYS A 98 -3.71 6.23 8.93
C LYS A 98 -5.06 5.65 8.63
N GLY A 99 -5.21 4.32 8.78
CA GLY A 99 -6.46 3.66 8.69
C GLY A 99 -7.19 3.59 9.99
N GLN A 100 -7.58 4.75 10.55
CA GLN A 100 -8.25 4.84 11.81
C GLN A 100 -9.30 5.90 11.80
N VAL A 101 -10.13 5.93 12.85
CA VAL A 101 -11.30 6.76 12.97
C VAL A 101 -10.99 7.98 13.77
N PRO A 102 -11.28 9.18 13.37
CA PRO A 102 -11.07 10.34 14.18
C PRO A 102 -11.94 10.49 15.38
N TYR B 7 -8.58 -7.95 -10.91
CA TYR B 7 -9.78 -7.33 -10.42
C TYR B 7 -9.45 -6.59 -9.18
N LEU B 8 -9.03 -7.33 -8.13
CA LEU B 8 -8.71 -6.80 -6.84
C LEU B 8 -7.78 -7.77 -6.19
N VAL B 9 -7.23 -7.40 -5.01
CA VAL B 9 -6.47 -8.19 -4.09
C VAL B 9 -5.43 -9.08 -4.66
N THR B 10 -4.25 -8.47 -4.80
CA THR B 10 -3.07 -9.05 -5.39
C THR B 10 -2.03 -8.77 -4.36
N SER B 11 -1.39 -9.83 -3.83
CA SER B 11 -0.32 -9.76 -2.89
C SER B 11 0.95 -9.45 -3.61
N VAL B 12 1.63 -8.34 -3.25
CA VAL B 12 2.76 -7.80 -3.93
C VAL B 12 3.41 -6.92 -2.88
N MET A 8 -3.19 5.10 18.16
CA MET A 8 -3.37 5.55 16.82
C MET A 8 -3.50 7.03 16.81
N LYS A 9 -3.02 7.73 15.76
CA LYS A 9 -3.16 9.14 15.62
C LYS A 9 -3.93 9.41 14.36
N PRO A 10 -4.84 10.33 14.27
CA PRO A 10 -5.58 10.55 13.05
C PRO A 10 -4.75 11.26 12.03
N GLY A 11 -4.85 10.83 10.75
CA GLY A 11 -4.21 11.47 9.65
C GLY A 11 -2.71 11.47 9.62
N ASP A 12 -2.07 10.48 10.26
CA ASP A 12 -0.65 10.48 10.48
C ASP A 12 0.06 9.63 9.48
N THR A 13 0.73 10.24 8.48
CA THR A 13 1.45 9.53 7.47
C THR A 13 2.77 9.01 7.92
N PHE A 14 3.16 7.82 7.43
CA PHE A 14 4.43 7.22 7.67
C PHE A 14 5.03 6.84 6.36
N GLU A 15 6.31 7.19 6.15
CA GLU A 15 7.06 6.81 4.99
C GLU A 15 7.98 5.68 5.32
N VAL A 16 7.46 4.44 5.28
CA VAL A 16 8.17 3.22 5.50
C VAL A 16 9.13 2.99 4.37
N GLU A 17 10.23 2.23 4.54
CA GLU A 17 11.01 1.73 3.45
C GLU A 17 11.26 0.27 3.64
N LEU A 18 10.78 -0.54 2.69
CA LEU A 18 10.83 -1.97 2.78
C LEU A 18 11.58 -2.53 1.60
N ALA A 19 12.16 -3.73 1.77
CA ALA A 19 12.58 -4.55 0.68
C ALA A 19 11.64 -5.69 0.54
N LYS A 20 10.98 -5.79 -0.63
CA LYS A 20 10.07 -6.85 -0.97
C LYS A 20 10.74 -8.18 -1.07
N THR A 21 10.26 -9.16 -0.28
CA THR A 21 10.85 -10.46 -0.19
C THR A 21 10.23 -11.36 -1.22
N ASP A 22 11.07 -11.81 -2.18
CA ASP A 22 10.69 -12.56 -3.34
C ASP A 22 9.60 -11.95 -4.15
N GLY A 23 9.67 -10.62 -4.35
CA GLY A 23 8.74 -9.86 -5.13
C GLY A 23 7.39 -9.69 -4.50
N SER A 24 7.33 -9.38 -3.20
CA SER A 24 6.13 -9.38 -2.41
C SER A 24 6.53 -8.67 -1.16
N LEU A 25 5.97 -7.48 -0.92
CA LEU A 25 6.04 -6.76 0.31
C LEU A 25 5.13 -7.43 1.28
N GLY A 26 4.08 -8.04 0.71
CA GLY A 26 3.20 -8.93 1.41
C GLY A 26 1.83 -8.36 1.53
N ILE A 27 1.53 -7.28 0.78
CA ILE A 27 0.29 -6.60 1.01
C ILE A 27 -0.60 -6.72 -0.18
N SER A 28 -1.82 -7.21 0.06
CA SER A 28 -2.86 -7.35 -0.92
C SER A 28 -3.59 -6.08 -1.19
N VAL A 29 -3.60 -5.61 -2.45
CA VAL A 29 -4.28 -4.40 -2.80
C VAL A 29 -5.76 -4.47 -2.95
N THR A 30 -6.48 -3.52 -2.34
CA THR A 30 -7.88 -3.27 -2.53
C THR A 30 -8.08 -1.82 -2.83
N GLY A 31 -9.30 -1.46 -3.24
CA GLY A 31 -9.70 -0.11 -3.55
C GLY A 31 -9.41 0.28 -4.96
N GLY A 32 -8.65 1.37 -5.14
CA GLY A 32 -8.28 1.89 -6.43
C GLY A 32 -9.29 2.84 -6.99
N VAL A 33 -8.86 3.73 -7.89
CA VAL A 33 -9.69 4.74 -8.48
C VAL A 33 -10.82 4.17 -9.26
N ASN A 34 -10.65 2.92 -9.74
CA ASN A 34 -11.60 2.14 -10.48
C ASN A 34 -12.80 1.78 -9.69
N THR A 35 -12.65 1.59 -8.37
CA THR A 35 -13.72 1.29 -7.45
C THR A 35 -14.41 2.56 -7.10
N SER A 36 -13.63 3.59 -6.74
CA SER A 36 -13.97 4.88 -6.23
C SER A 36 -13.76 4.91 -4.76
N VAL A 37 -12.69 5.61 -4.34
CA VAL A 37 -12.11 5.52 -3.04
C VAL A 37 -11.74 6.89 -2.57
N ARG A 38 -12.71 7.82 -2.55
CA ARG A 38 -12.56 9.21 -2.29
C ARG A 38 -11.89 9.98 -3.39
N HIS A 39 -10.63 9.68 -3.71
CA HIS A 39 -9.88 10.30 -4.77
C HIS A 39 -9.11 9.29 -5.53
N GLY A 40 -8.34 8.43 -4.85
CA GLY A 40 -7.52 7.42 -5.45
C GLY A 40 -6.79 6.77 -4.33
N GLY A 41 -5.49 6.51 -4.54
CA GLY A 41 -4.70 5.68 -3.67
C GLY A 41 -5.01 4.24 -3.83
N ILE A 42 -4.23 3.36 -3.17
CA ILE A 42 -4.53 1.97 -3.09
C ILE A 42 -4.59 1.66 -1.63
N TYR A 43 -5.21 0.55 -1.20
CA TYR A 43 -5.46 0.31 0.18
C TYR A 43 -5.02 -1.09 0.46
N VAL A 44 -4.60 -1.42 1.68
CA VAL A 44 -4.16 -2.74 2.03
C VAL A 44 -5.33 -3.51 2.54
N LYS A 45 -5.68 -4.63 1.87
CA LYS A 45 -6.73 -5.49 2.29
C LYS A 45 -6.23 -6.45 3.33
N ALA A 46 -5.23 -7.27 2.96
CA ALA A 46 -4.69 -8.29 3.80
C ALA A 46 -3.25 -8.03 4.08
N ILE A 47 -2.92 -8.14 5.38
CA ILE A 47 -1.59 -8.24 5.90
C ILE A 47 -1.33 -9.70 6.07
N ILE A 48 -0.18 -10.19 5.58
CA ILE A 48 0.19 -11.56 5.70
C ILE A 48 1.18 -11.79 6.79
N PRO A 49 1.30 -12.96 7.32
CA PRO A 49 2.35 -13.29 8.24
C PRO A 49 3.70 -13.32 7.60
N LYS A 50 4.56 -12.34 7.91
CA LYS A 50 5.96 -12.34 7.59
C LYS A 50 6.32 -12.21 6.15
N GLY A 51 5.93 -11.10 5.49
CA GLY A 51 6.50 -10.70 4.24
C GLY A 51 7.54 -9.67 4.51
N ALA A 52 7.18 -8.39 4.32
CA ALA A 52 7.98 -7.26 4.70
C ALA A 52 7.14 -6.23 5.37
N ALA A 53 5.91 -6.02 4.87
CA ALA A 53 5.06 -4.95 5.27
C ALA A 53 4.43 -5.05 6.62
N GLU A 54 4.10 -6.27 7.10
CA GLU A 54 3.70 -6.49 8.46
C GLU A 54 4.74 -6.04 9.41
N SER A 55 6.00 -6.34 9.05
CA SER A 55 7.20 -6.07 9.79
C SER A 55 7.66 -4.65 9.82
N ASP A 56 6.91 -3.67 9.30
CA ASP A 56 7.00 -2.33 9.80
C ASP A 56 6.37 -2.30 11.14
N GLY A 57 5.03 -2.18 11.18
CA GLY A 57 4.27 -2.33 12.38
C GLY A 57 3.04 -1.49 12.34
N ARG A 58 3.13 -0.33 11.67
CA ARG A 58 2.11 0.67 11.66
C ARG A 58 1.05 0.42 10.65
N ILE A 59 1.30 -0.47 9.68
CA ILE A 59 0.36 -0.95 8.71
C ILE A 59 -0.51 -2.01 9.29
N HIS A 60 -1.83 -1.91 9.07
CA HIS A 60 -2.80 -2.90 9.41
C HIS A 60 -3.70 -3.16 8.25
N LYS A 61 -4.77 -3.95 8.45
CA LYS A 61 -5.70 -4.26 7.41
C LYS A 61 -6.75 -3.21 7.31
N GLY A 62 -6.77 -2.45 6.21
CA GLY A 62 -7.66 -1.34 6.02
C GLY A 62 -6.98 -0.01 5.93
N ASP A 63 -5.65 0.02 5.81
CA ASP A 63 -4.85 1.20 5.63
C ASP A 63 -4.78 1.64 4.22
N ARG A 64 -4.36 2.91 3.98
CA ARG A 64 -4.33 3.60 2.73
C ARG A 64 -2.94 3.92 2.31
N VAL A 65 -2.53 3.44 1.12
CA VAL A 65 -1.29 3.73 0.50
C VAL A 65 -1.50 4.88 -0.43
N LEU A 66 -0.76 5.98 -0.25
CA LEU A 66 -0.84 7.11 -1.15
C LEU A 66 0.27 7.12 -2.14
N ALA A 67 1.51 6.76 -1.76
CA ALA A 67 2.59 6.84 -2.69
C ALA A 67 3.64 5.80 -2.50
N VAL A 68 4.44 5.55 -3.54
CA VAL A 68 5.49 4.57 -3.54
C VAL A 68 6.74 5.17 -4.08
N ASN A 69 7.85 5.23 -3.32
CA ASN A 69 9.04 5.93 -3.69
C ASN A 69 8.86 7.38 -3.99
N GLY A 70 7.81 8.00 -3.41
CA GLY A 70 7.38 9.32 -3.72
C GLY A 70 6.41 9.42 -4.84
N VAL A 71 6.08 8.29 -5.49
CA VAL A 71 5.25 8.23 -6.66
C VAL A 71 3.84 7.98 -6.22
N SER A 72 3.05 9.06 -6.19
CA SER A 72 1.67 9.05 -5.77
C SER A 72 0.77 8.37 -6.72
N LEU A 73 -0.17 7.58 -6.17
CA LEU A 73 -1.13 6.75 -6.85
C LEU A 73 -2.30 7.53 -7.33
N GLU A 74 -2.04 8.63 -8.07
CA GLU A 74 -3.04 9.46 -8.68
C GLU A 74 -3.52 8.82 -9.94
N GLY A 75 -4.82 8.51 -10.00
CA GLY A 75 -5.42 7.82 -11.10
C GLY A 75 -5.07 6.37 -11.20
N ALA A 76 -4.49 5.78 -10.14
CA ALA A 76 -4.07 4.41 -10.16
C ALA A 76 -5.17 3.48 -9.79
N THR A 77 -5.26 2.35 -10.51
CA THR A 77 -6.29 1.35 -10.42
C THR A 77 -5.81 0.20 -9.62
N HIS A 78 -6.47 -0.97 -9.71
CA HIS A 78 -5.91 -2.21 -9.25
C HIS A 78 -4.64 -2.55 -9.95
N LYS A 79 -4.64 -2.58 -11.29
CA LYS A 79 -3.51 -2.97 -12.06
C LYS A 79 -2.41 -1.95 -12.04
N GLN A 80 -2.76 -0.65 -12.13
CA GLN A 80 -1.81 0.41 -12.03
C GLN A 80 -1.15 0.48 -10.70
N ALA A 81 -1.88 0.27 -9.58
CA ALA A 81 -1.29 0.19 -8.29
C ALA A 81 -0.38 -0.97 -8.08
N VAL A 82 -0.74 -2.17 -8.58
CA VAL A 82 0.13 -3.30 -8.56
C VAL A 82 1.42 -3.00 -9.24
N GLU A 83 1.43 -2.51 -10.49
CA GLU A 83 2.60 -2.12 -11.22
C GLU A 83 3.49 -1.14 -10.53
N THR A 84 2.88 -0.17 -9.83
CA THR A 84 3.49 0.85 -9.03
C THR A 84 4.21 0.32 -7.83
N LEU A 85 3.71 -0.75 -7.18
CA LEU A 85 4.32 -1.42 -6.06
C LEU A 85 5.20 -2.56 -6.41
N ARG A 86 4.94 -3.23 -7.55
CA ARG A 86 5.61 -4.40 -8.02
C ARG A 86 6.87 -4.06 -8.76
N ASN A 87 6.81 -3.18 -9.77
CA ASN A 87 7.94 -2.88 -10.59
C ASN A 87 8.66 -1.68 -10.07
N THR A 88 9.23 -1.79 -8.85
CA THR A 88 10.00 -0.77 -8.21
C THR A 88 11.46 -0.97 -8.42
N GLY A 89 12.28 -0.95 -7.35
CA GLY A 89 13.70 -1.12 -7.45
C GLY A 89 14.22 -1.70 -6.18
N GLN A 90 13.68 -2.88 -5.81
CA GLN A 90 13.81 -3.60 -4.59
C GLN A 90 13.24 -2.91 -3.39
N VAL A 91 13.67 -1.67 -3.14
CA VAL A 91 13.15 -0.83 -2.09
C VAL A 91 11.87 -0.21 -2.53
N VAL A 92 10.83 -0.43 -1.72
CA VAL A 92 9.57 0.25 -1.79
C VAL A 92 9.48 1.10 -0.58
N HIS A 93 9.63 2.43 -0.75
CA HIS A 93 9.29 3.40 0.25
C HIS A 93 7.81 3.58 0.27
N LEU A 94 7.08 2.99 1.22
CA LEU A 94 5.65 3.07 1.25
C LEU A 94 5.21 4.32 1.94
N LEU A 95 4.51 5.21 1.22
CA LEU A 95 3.86 6.34 1.83
C LEU A 95 2.47 5.93 2.20
N LEU A 96 2.28 5.63 3.51
CA LEU A 96 1.04 5.20 4.09
C LEU A 96 0.42 6.33 4.84
N GLU A 97 -0.92 6.36 4.88
CA GLU A 97 -1.75 7.25 5.63
C GLU A 97 -1.97 6.63 6.97
N LYS A 98 -2.95 7.07 7.78
CA LYS A 98 -3.45 6.23 8.83
C LYS A 98 -4.91 6.00 8.70
N GLY A 99 -5.32 4.78 8.29
CA GLY A 99 -6.69 4.39 8.14
C GLY A 99 -7.28 3.92 9.42
N GLN A 100 -7.42 4.84 10.39
CA GLN A 100 -8.05 4.62 11.66
C GLN A 100 -8.76 5.86 12.06
N VAL A 101 -9.60 5.78 13.10
CA VAL A 101 -10.47 6.83 13.55
C VAL A 101 -9.76 7.85 14.37
N PRO A 102 -10.32 9.00 14.63
CA PRO A 102 -10.00 9.80 15.78
C PRO A 102 -10.64 9.22 17.00
N TYR B 7 -10.75 -8.90 -11.28
CA TYR B 7 -9.96 -9.31 -10.15
C TYR B 7 -9.51 -8.14 -9.34
N LEU B 8 -9.30 -8.38 -8.04
CA LEU B 8 -8.70 -7.46 -7.12
C LEU B 8 -7.54 -8.15 -6.50
N VAL B 9 -7.25 -7.83 -5.22
CA VAL B 9 -6.44 -8.47 -4.24
C VAL B 9 -5.33 -9.36 -4.69
N THR B 10 -4.12 -8.78 -4.63
CA THR B 10 -2.90 -9.34 -5.13
C THR B 10 -1.86 -8.88 -4.16
N SER B 11 -1.22 -9.82 -3.44
CA SER B 11 -0.12 -9.55 -2.56
C SER B 11 1.12 -9.29 -3.34
N VAL B 12 1.84 -8.20 -3.05
CA VAL B 12 2.95 -7.78 -3.86
C VAL B 12 3.74 -6.82 -2.97
N MET A 8 -2.76 8.05 18.56
CA MET A 8 -3.13 8.40 17.23
C MET A 8 -3.64 9.80 17.13
N LYS A 9 -3.37 10.43 15.97
CA LYS A 9 -4.08 11.56 15.47
C LYS A 9 -4.70 11.13 14.19
N PRO A 10 -5.75 11.69 13.68
CA PRO A 10 -6.34 11.25 12.45
C PRO A 10 -5.46 11.45 11.27
N GLY A 11 -5.27 10.44 10.42
CA GLY A 11 -4.48 10.55 9.23
C GLY A 11 -3.01 10.66 9.46
N ASP A 12 -2.43 9.75 10.26
CA ASP A 12 -1.01 9.70 10.50
C ASP A 12 -0.30 9.09 9.34
N THR A 13 0.67 9.79 8.72
CA THR A 13 1.44 9.25 7.65
C THR A 13 2.56 8.40 8.12
N PHE A 14 2.85 7.31 7.37
CA PHE A 14 4.05 6.55 7.51
C PHE A 14 4.87 6.89 6.31
N GLU A 15 6.20 6.97 6.46
CA GLU A 15 7.08 6.84 5.34
C GLU A 15 7.94 5.66 5.61
N VAL A 16 7.35 4.46 5.42
CA VAL A 16 7.86 3.18 5.83
C VAL A 16 8.53 2.58 4.63
N GLU A 17 9.86 2.40 4.65
CA GLU A 17 10.61 1.93 3.53
C GLU A 17 11.26 0.61 3.80
N LEU A 18 11.18 -0.31 2.83
CA LEU A 18 11.59 -1.67 3.00
C LEU A 18 11.78 -2.28 1.65
N ALA A 19 12.21 -3.55 1.57
CA ALA A 19 12.42 -4.25 0.33
C ALA A 19 11.55 -5.45 0.23
N LYS A 20 10.98 -5.71 -0.96
CA LYS A 20 10.08 -6.80 -1.19
C LYS A 20 10.82 -8.06 -1.49
N THR A 21 10.32 -9.21 -1.04
CA THR A 21 10.96 -10.48 -1.27
C THR A 21 10.32 -11.14 -2.45
N ASP A 22 10.98 -11.08 -3.62
CA ASP A 22 10.49 -11.48 -4.90
C ASP A 22 9.12 -11.01 -5.26
N GLY A 23 8.93 -9.68 -5.34
CA GLY A 23 7.69 -9.08 -5.71
C GLY A 23 6.58 -9.31 -4.75
N SER A 24 6.84 -9.07 -3.45
CA SER A 24 5.94 -9.43 -2.40
C SER A 24 6.42 -8.76 -1.16
N LEU A 25 5.81 -7.60 -0.87
CA LEU A 25 5.87 -6.88 0.36
C LEU A 25 5.06 -7.65 1.34
N GLY A 26 3.86 -8.06 0.87
CA GLY A 26 2.94 -8.89 1.58
C GLY A 26 1.69 -8.14 1.90
N ILE A 27 1.23 -7.33 0.93
CA ILE A 27 -0.01 -6.61 1.05
C ILE A 27 -0.91 -6.96 -0.10
N SER A 28 -2.17 -7.32 0.22
CA SER A 28 -3.22 -7.49 -0.72
C SER A 28 -3.91 -6.21 -1.03
N VAL A 29 -3.80 -5.72 -2.28
CA VAL A 29 -4.32 -4.45 -2.67
C VAL A 29 -5.75 -4.40 -3.12
N THR A 30 -6.54 -3.53 -2.49
CA THR A 30 -7.88 -3.18 -2.84
C THR A 30 -7.97 -1.71 -3.07
N GLY A 31 -9.06 -1.26 -3.72
CA GLY A 31 -9.32 0.12 -4.01
C GLY A 31 -8.92 0.49 -5.39
N GLY A 32 -8.44 1.73 -5.56
CA GLY A 32 -8.01 2.27 -6.81
C GLY A 32 -9.08 3.08 -7.45
N VAL A 33 -8.73 3.89 -8.46
CA VAL A 33 -9.63 4.74 -9.17
C VAL A 33 -10.70 4.00 -9.90
N ASN A 34 -10.52 2.68 -10.07
CA ASN A 34 -11.50 1.75 -10.59
C ASN A 34 -12.67 1.56 -9.69
N THR A 35 -12.46 1.49 -8.37
CA THR A 35 -13.50 1.33 -7.40
C THR A 35 -14.10 2.65 -7.06
N SER A 36 -13.27 3.72 -7.08
CA SER A 36 -13.61 5.06 -6.76
C SER A 36 -13.58 5.24 -5.28
N VAL A 37 -12.39 5.55 -4.72
CA VAL A 37 -12.11 5.51 -3.33
C VAL A 37 -11.71 6.88 -2.88
N ARG A 38 -12.69 7.81 -2.80
CA ARG A 38 -12.52 9.20 -2.61
C ARG A 38 -11.93 9.90 -3.79
N HIS A 39 -10.82 9.37 -4.31
CA HIS A 39 -10.25 9.68 -5.59
C HIS A 39 -9.64 8.41 -6.08
N GLY A 40 -8.31 8.24 -6.00
CA GLY A 40 -7.64 6.99 -6.19
C GLY A 40 -6.90 6.64 -4.95
N GLY A 41 -5.63 6.25 -5.07
CA GLY A 41 -4.90 5.61 -4.02
C GLY A 41 -5.21 4.15 -3.94
N ILE A 42 -4.31 3.35 -3.37
CA ILE A 42 -4.58 1.97 -3.13
C ILE A 42 -4.71 1.77 -1.66
N TYR A 43 -5.30 0.64 -1.21
CA TYR A 43 -5.57 0.40 0.17
C TYR A 43 -5.21 -1.02 0.45
N VAL A 44 -5.02 -1.38 1.73
CA VAL A 44 -4.81 -2.74 2.11
C VAL A 44 -6.09 -3.45 2.41
N LYS A 45 -6.35 -4.58 1.76
CA LYS A 45 -7.39 -5.48 2.15
C LYS A 45 -6.93 -6.35 3.26
N ALA A 46 -5.76 -7.00 3.07
CA ALA A 46 -5.18 -7.92 3.99
C ALA A 46 -3.71 -7.71 4.07
N ILE A 47 -3.17 -7.66 5.31
CA ILE A 47 -1.77 -7.77 5.59
C ILE A 47 -1.52 -9.22 5.83
N ILE A 48 -0.61 -9.84 5.04
CA ILE A 48 -0.32 -11.23 5.26
C ILE A 48 0.56 -11.40 6.44
N PRO A 49 0.38 -12.42 7.23
CA PRO A 49 0.96 -12.49 8.54
C PRO A 49 2.43 -12.68 8.52
N LYS A 50 3.20 -11.63 8.85
CA LYS A 50 4.63 -11.62 8.89
C LYS A 50 5.26 -11.81 7.55
N GLY A 51 5.04 -10.86 6.63
CA GLY A 51 5.75 -10.77 5.39
C GLY A 51 6.80 -9.73 5.59
N ALA A 52 7.14 -8.96 4.54
CA ALA A 52 8.06 -7.88 4.65
C ALA A 52 7.39 -6.66 5.18
N ALA A 53 6.16 -6.39 4.72
CA ALA A 53 5.35 -5.24 5.02
C ALA A 53 4.90 -5.15 6.43
N GLU A 54 4.29 -6.21 7.00
CA GLU A 54 3.95 -6.24 8.39
C GLU A 54 5.16 -6.05 9.24
N SER A 55 6.27 -6.71 8.85
CA SER A 55 7.51 -6.65 9.56
C SER A 55 8.22 -5.35 9.53
N ASP A 56 7.78 -4.31 8.78
CA ASP A 56 8.52 -3.09 8.82
C ASP A 56 8.12 -2.26 9.99
N GLY A 57 7.26 -1.24 9.80
CA GLY A 57 6.84 -0.40 10.88
C GLY A 57 5.64 -0.92 11.59
N ARG A 58 4.46 -0.38 11.21
CA ARG A 58 3.31 -0.37 12.05
C ARG A 58 2.07 -0.79 11.33
N ILE A 59 2.17 -1.60 10.26
CA ILE A 59 1.06 -1.88 9.40
C ILE A 59 0.24 -3.04 9.88
N HIS A 60 -1.08 -2.84 9.99
CA HIS A 60 -2.07 -3.86 10.11
C HIS A 60 -3.25 -3.34 9.34
N LYS A 61 -4.14 -4.20 8.82
CA LYS A 61 -4.94 -3.91 7.67
C LYS A 61 -5.90 -2.78 7.76
N GLY A 62 -6.15 -2.12 6.62
CA GLY A 62 -7.16 -1.12 6.45
C GLY A 62 -6.70 0.30 6.36
N ASP A 63 -5.44 0.56 5.94
CA ASP A 63 -4.94 1.87 5.71
C ASP A 63 -4.86 2.22 4.25
N ARG A 64 -4.55 3.49 3.95
CA ARG A 64 -4.38 3.98 2.62
C ARG A 64 -2.95 4.03 2.25
N VAL A 65 -2.64 3.58 1.01
CA VAL A 65 -1.37 3.52 0.37
C VAL A 65 -1.41 4.60 -0.66
N LEU A 66 -0.77 5.76 -0.42
CA LEU A 66 -0.89 6.87 -1.32
C LEU A 66 0.25 7.02 -2.28
N ALA A 67 1.51 6.77 -1.88
CA ALA A 67 2.59 6.97 -2.80
C ALA A 67 3.73 6.04 -2.58
N VAL A 68 4.42 5.63 -3.67
CA VAL A 68 5.40 4.61 -3.62
C VAL A 68 6.66 5.00 -4.31
N ASN A 69 7.79 5.13 -3.58
CA ASN A 69 9.02 5.69 -4.04
C ASN A 69 8.87 7.08 -4.57
N GLY A 70 7.96 7.86 -3.97
CA GLY A 70 7.64 9.19 -4.41
C GLY A 70 6.76 9.22 -5.61
N VAL A 71 5.97 8.17 -5.83
CA VAL A 71 5.12 8.04 -6.98
C VAL A 71 3.72 7.83 -6.49
N SER A 72 2.92 8.91 -6.51
CA SER A 72 1.59 8.96 -6.01
C SER A 72 0.57 8.31 -6.89
N LEU A 73 -0.34 7.53 -6.27
CA LEU A 73 -1.33 6.72 -6.92
C LEU A 73 -2.57 7.44 -7.28
N GLU A 74 -2.48 8.70 -7.74
CA GLU A 74 -3.60 9.46 -8.21
C GLU A 74 -3.90 9.12 -9.63
N GLY A 75 -5.04 8.44 -9.85
CA GLY A 75 -5.43 7.95 -11.15
C GLY A 75 -4.91 6.59 -11.44
N ALA A 76 -4.32 5.91 -10.43
CA ALA A 76 -3.95 4.53 -10.52
C ALA A 76 -5.03 3.67 -10.00
N THR A 77 -5.07 2.41 -10.47
CA THR A 77 -6.09 1.44 -10.23
C THR A 77 -5.57 0.41 -9.29
N HIS A 78 -6.31 -0.69 -9.09
CA HIS A 78 -5.81 -1.91 -8.53
C HIS A 78 -4.65 -2.46 -9.31
N LYS A 79 -4.78 -2.59 -10.64
CA LYS A 79 -3.77 -3.19 -11.47
C LYS A 79 -2.55 -2.33 -11.57
N GLN A 80 -2.73 -1.01 -11.76
CA GLN A 80 -1.66 -0.06 -11.79
C GLN A 80 -1.00 0.09 -10.46
N ALA A 81 -1.73 0.00 -9.32
CA ALA A 81 -1.10 -0.01 -8.04
C ALA A 81 -0.17 -1.15 -7.82
N VAL A 82 -0.50 -2.36 -8.30
CA VAL A 82 0.37 -3.49 -8.30
C VAL A 82 1.64 -3.21 -9.03
N GLU A 83 1.59 -2.66 -10.25
CA GLU A 83 2.76 -2.27 -10.99
C GLU A 83 3.57 -1.21 -10.33
N THR A 84 2.93 -0.31 -9.57
CA THR A 84 3.52 0.80 -8.88
C THR A 84 4.26 0.39 -7.65
N LEU A 85 3.87 -0.73 -7.02
CA LEU A 85 4.51 -1.35 -5.91
C LEU A 85 5.54 -2.35 -6.32
N ARG A 86 5.26 -3.21 -7.31
CA ARG A 86 6.10 -4.30 -7.67
C ARG A 86 7.21 -3.97 -8.61
N ASN A 87 7.05 -3.04 -9.57
CA ASN A 87 8.04 -2.73 -10.56
C ASN A 87 9.02 -1.72 -10.06
N THR A 88 9.35 -1.78 -8.76
CA THR A 88 10.20 -0.90 -8.02
C THR A 88 11.61 -1.37 -7.95
N GLY A 89 12.54 -0.47 -7.59
CA GLY A 89 13.95 -0.70 -7.52
C GLY A 89 14.40 -1.31 -6.24
N GLN A 90 13.86 -2.50 -5.91
CA GLN A 90 14.02 -3.27 -4.71
C GLN A 90 13.41 -2.65 -3.50
N VAL A 91 13.74 -1.39 -3.21
CA VAL A 91 13.16 -0.61 -2.15
C VAL A 91 11.81 -0.12 -2.53
N VAL A 92 10.87 -0.22 -1.57
CA VAL A 92 9.54 0.31 -1.61
C VAL A 92 9.38 1.19 -0.43
N HIS A 93 9.49 2.51 -0.64
CA HIS A 93 9.20 3.58 0.26
C HIS A 93 7.74 3.84 0.25
N LEU A 94 7.01 3.27 1.22
CA LEU A 94 5.58 3.39 1.31
C LEU A 94 5.18 4.62 2.04
N LEU A 95 4.55 5.55 1.30
CA LEU A 95 3.80 6.63 1.88
C LEU A 95 2.43 6.11 2.17
N LEU A 96 2.16 5.80 3.45
CA LEU A 96 0.91 5.30 3.92
C LEU A 96 0.24 6.36 4.70
N GLU A 97 -1.10 6.35 4.77
CA GLU A 97 -1.87 7.20 5.63
C GLU A 97 -2.79 6.34 6.43
N LYS A 98 -2.71 6.50 7.77
CA LYS A 98 -3.46 5.76 8.73
C LYS A 98 -4.91 6.05 8.65
N GLY A 99 -5.74 5.01 8.43
CA GLY A 99 -7.15 5.13 8.22
C GLY A 99 -7.90 5.34 9.49
N GLN A 100 -7.75 6.54 10.07
CA GLN A 100 -8.32 6.94 11.33
C GLN A 100 -8.99 8.26 11.17
N VAL A 101 -10.20 8.37 11.76
CA VAL A 101 -11.02 9.54 11.82
C VAL A 101 -11.15 9.94 13.25
N PRO A 102 -11.53 11.12 13.64
CA PRO A 102 -11.56 11.49 15.02
C PRO A 102 -12.69 10.90 15.77
N TYR B 7 -9.61 -9.48 -11.16
CA TYR B 7 -10.16 -9.66 -9.84
C TYR B 7 -9.71 -8.50 -9.02
N LEU B 8 -10.14 -8.45 -7.74
CA LEU B 8 -9.54 -7.62 -6.74
C LEU B 8 -8.41 -8.34 -6.10
N VAL B 9 -7.53 -7.65 -5.36
CA VAL B 9 -6.60 -8.27 -4.46
C VAL B 9 -5.46 -8.98 -5.11
N THR B 10 -4.24 -8.46 -4.86
CA THR B 10 -3.04 -9.03 -5.35
C THR B 10 -2.08 -8.87 -4.23
N SER B 11 -1.46 -9.97 -3.74
CA SER B 11 -0.38 -9.91 -2.81
C SER B 11 0.87 -9.54 -3.55
N VAL B 12 1.53 -8.47 -3.11
CA VAL B 12 2.51 -7.75 -3.87
C VAL B 12 3.37 -7.09 -2.79
N MET A 8 -2.10 6.58 17.41
CA MET A 8 -3.13 6.52 16.43
C MET A 8 -3.76 7.87 16.30
N LYS A 9 -3.15 8.74 15.49
CA LYS A 9 -3.65 10.05 15.20
C LYS A 9 -4.39 10.04 13.91
N PRO A 10 -5.41 10.81 13.68
CA PRO A 10 -6.18 10.72 12.48
C PRO A 10 -5.47 11.23 11.28
N GLY A 11 -5.43 10.44 10.19
CA GLY A 11 -4.85 10.77 8.94
C GLY A 11 -3.37 10.91 8.93
N ASP A 12 -2.68 10.24 9.87
CA ASP A 12 -1.27 10.37 10.07
C ASP A 12 -0.45 9.60 9.10
N THR A 13 0.55 10.22 8.45
CA THR A 13 1.36 9.63 7.44
C THR A 13 2.62 9.04 7.96
N PHE A 14 3.04 7.90 7.39
CA PHE A 14 4.28 7.24 7.65
C PHE A 14 4.93 6.89 6.36
N GLU A 15 6.13 7.46 6.13
CA GLU A 15 6.98 7.15 5.01
C GLU A 15 7.92 6.06 5.40
N VAL A 16 7.46 4.81 5.24
CA VAL A 16 8.17 3.59 5.50
C VAL A 16 9.07 3.26 4.35
N GLU A 17 10.13 2.46 4.54
CA GLU A 17 10.88 1.88 3.48
C GLU A 17 10.94 0.42 3.73
N LEU A 18 10.66 -0.39 2.69
CA LEU A 18 10.64 -1.82 2.80
C LEU A 18 11.47 -2.42 1.72
N ALA A 19 12.01 -3.63 1.96
CA ALA A 19 12.59 -4.46 0.97
C ALA A 19 11.82 -5.73 0.88
N LYS A 20 11.09 -5.92 -0.23
CA LYS A 20 10.27 -7.05 -0.58
C LYS A 20 11.00 -8.35 -0.64
N THR A 21 10.35 -9.43 -0.17
CA THR A 21 10.94 -10.71 -0.06
C THR A 21 10.47 -11.57 -1.19
N ASP A 22 11.41 -11.94 -2.09
CA ASP A 22 11.23 -12.57 -3.36
C ASP A 22 10.40 -11.86 -4.38
N GLY A 23 9.56 -10.88 -3.99
CA GLY A 23 8.68 -10.14 -4.84
C GLY A 23 7.35 -10.04 -4.19
N SER A 24 7.28 -9.46 -2.98
CA SER A 24 6.14 -9.37 -2.14
C SER A 24 6.58 -8.60 -0.95
N LEU A 25 5.91 -7.45 -0.70
CA LEU A 25 6.00 -6.66 0.49
C LEU A 25 5.15 -7.33 1.51
N GLY A 26 3.99 -7.83 1.04
CA GLY A 26 3.09 -8.66 1.79
C GLY A 26 1.76 -8.03 1.97
N ILE A 27 1.36 -7.18 1.01
CA ILE A 27 0.05 -6.59 1.03
C ILE A 27 -0.76 -7.08 -0.13
N SER A 28 -1.99 -7.53 0.15
CA SER A 28 -3.01 -7.66 -0.84
C SER A 28 -3.72 -6.37 -1.07
N VAL A 29 -3.64 -5.82 -2.29
CA VAL A 29 -4.17 -4.53 -2.58
C VAL A 29 -5.61 -4.49 -2.98
N THR A 30 -6.38 -3.58 -2.36
CA THR A 30 -7.75 -3.27 -2.65
C THR A 30 -7.91 -1.82 -2.86
N GLY A 31 -9.04 -1.41 -3.46
CA GLY A 31 -9.37 -0.06 -3.80
C GLY A 31 -9.06 0.25 -5.22
N GLY A 32 -8.47 1.44 -5.45
CA GLY A 32 -8.09 1.91 -6.75
C GLY A 32 -9.11 2.86 -7.27
N VAL A 33 -8.70 3.75 -8.19
CA VAL A 33 -9.56 4.75 -8.77
C VAL A 33 -10.71 4.20 -9.53
N ASN A 34 -10.64 2.91 -9.89
CA ASN A 34 -11.71 2.12 -10.43
C ASN A 34 -12.92 2.08 -9.57
N THR A 35 -12.74 2.04 -8.24
CA THR A 35 -13.79 1.96 -7.27
C THR A 35 -13.53 3.06 -6.30
N SER A 36 -13.76 4.30 -6.75
CA SER A 36 -13.32 5.56 -6.23
C SER A 36 -13.03 5.72 -4.77
N VAL A 37 -11.75 6.00 -4.45
CA VAL A 37 -11.22 6.04 -3.13
C VAL A 37 -10.39 7.27 -2.94
N ARG A 38 -11.02 8.33 -2.40
CA ARG A 38 -10.46 9.65 -2.23
C ARG A 38 -10.19 10.30 -3.55
N HIS A 39 -8.95 10.24 -4.05
CA HIS A 39 -8.59 10.69 -5.35
C HIS A 39 -7.91 9.63 -6.15
N GLY A 40 -7.92 8.38 -5.68
CA GLY A 40 -7.42 7.26 -6.42
C GLY A 40 -6.10 6.75 -5.93
N GLY A 41 -6.13 5.85 -4.93
CA GLY A 41 -4.95 5.22 -4.43
C GLY A 41 -5.32 3.88 -3.91
N ILE A 42 -4.40 3.17 -3.25
CA ILE A 42 -4.59 1.78 -2.96
C ILE A 42 -4.54 1.59 -1.49
N TYR A 43 -5.06 0.44 -0.99
CA TYR A 43 -5.23 0.19 0.40
C TYR A 43 -4.90 -1.24 0.59
N VAL A 44 -4.62 -1.68 1.84
CA VAL A 44 -4.45 -3.07 2.12
C VAL A 44 -5.74 -3.73 2.45
N LYS A 45 -6.04 -4.89 1.84
CA LYS A 45 -7.15 -5.72 2.20
C LYS A 45 -6.76 -6.69 3.27
N ALA A 46 -5.61 -7.35 3.11
CA ALA A 46 -5.12 -8.32 4.05
C ALA A 46 -3.63 -8.25 4.14
N ILE A 47 -3.10 -8.26 5.38
CA ILE A 47 -1.70 -8.32 5.68
C ILE A 47 -1.32 -9.74 5.90
N ILE A 48 -0.28 -10.24 5.23
CA ILE A 48 0.22 -11.54 5.50
C ILE A 48 1.15 -11.52 6.67
N PRO A 49 1.06 -12.40 7.62
CA PRO A 49 1.97 -12.39 8.73
C PRO A 49 3.22 -13.12 8.40
N LYS A 50 4.00 -12.61 7.44
CA LYS A 50 5.19 -13.22 6.92
C LYS A 50 5.69 -12.44 5.75
N GLY A 51 6.35 -11.30 6.00
CA GLY A 51 6.80 -10.50 4.90
C GLY A 51 7.52 -9.29 5.38
N ALA A 52 7.32 -8.15 4.68
CA ALA A 52 8.03 -6.94 4.89
C ALA A 52 7.15 -5.86 5.39
N ALA A 53 5.90 -5.77 4.89
CA ALA A 53 4.94 -4.78 5.26
C ALA A 53 4.45 -4.90 6.67
N GLU A 54 4.07 -6.11 7.09
CA GLU A 54 3.83 -6.47 8.45
C GLU A 54 5.01 -6.22 9.32
N SER A 55 6.23 -6.42 8.77
CA SER A 55 7.46 -6.16 9.44
C SER A 55 7.77 -4.72 9.67
N ASP A 56 7.00 -3.74 9.17
CA ASP A 56 7.02 -2.43 9.73
C ASP A 56 6.39 -2.50 11.09
N GLY A 57 5.05 -2.51 11.13
CA GLY A 57 4.34 -2.79 12.34
C GLY A 57 3.18 -1.87 12.50
N ARG A 58 3.21 -0.73 11.80
CA ARG A 58 2.16 0.23 11.80
C ARG A 58 1.11 -0.10 10.79
N ILE A 59 1.47 -0.72 9.65
CA ILE A 59 0.60 -1.14 8.60
C ILE A 59 -0.33 -2.22 9.03
N HIS A 60 -1.64 -2.04 8.84
CA HIS A 60 -2.61 -3.06 9.04
C HIS A 60 -3.61 -3.04 7.93
N LYS A 61 -4.59 -3.97 7.94
CA LYS A 61 -5.52 -4.18 6.87
C LYS A 61 -6.66 -3.22 6.84
N GLY A 62 -6.33 -1.92 6.73
CA GLY A 62 -7.25 -0.83 6.60
C GLY A 62 -6.61 0.43 6.15
N ASP A 63 -5.26 0.49 6.12
CA ASP A 63 -4.54 1.70 5.85
C ASP A 63 -4.49 2.04 4.40
N ARG A 64 -4.32 3.33 4.09
CA ARG A 64 -4.14 3.86 2.77
C ARG A 64 -2.70 3.75 2.44
N VAL A 65 -2.34 3.36 1.20
CA VAL A 65 -1.03 3.57 0.65
C VAL A 65 -1.22 4.54 -0.47
N LEU A 66 -0.63 5.73 -0.33
CA LEU A 66 -0.83 6.84 -1.21
C LEU A 66 0.29 7.02 -2.19
N ALA A 67 1.53 6.65 -1.83
CA ALA A 67 2.62 6.82 -2.75
C ALA A 67 3.68 5.78 -2.57
N VAL A 68 4.44 5.49 -3.64
CA VAL A 68 5.43 4.45 -3.64
C VAL A 68 6.69 4.89 -4.29
N ASN A 69 7.85 4.88 -3.59
CA ASN A 69 9.06 5.49 -4.03
C ASN A 69 8.95 6.94 -4.36
N GLY A 70 8.07 7.66 -3.63
CA GLY A 70 7.77 9.04 -3.87
C GLY A 70 6.86 9.26 -5.04
N VAL A 71 6.26 8.18 -5.55
CA VAL A 71 5.40 8.20 -6.70
C VAL A 71 4.00 8.06 -6.22
N SER A 72 3.29 9.19 -6.14
CA SER A 72 1.91 9.30 -5.81
C SER A 72 1.01 8.59 -6.76
N LEU A 73 0.03 7.85 -6.20
CA LEU A 73 -0.89 7.06 -6.97
C LEU A 73 -1.83 7.90 -7.75
N GLU A 74 -2.47 8.90 -7.13
CA GLU A 74 -3.20 9.99 -7.70
C GLU A 74 -4.17 9.71 -8.80
N GLY A 75 -4.75 8.49 -8.83
CA GLY A 75 -5.52 7.97 -9.91
C GLY A 75 -5.05 6.63 -10.36
N ALA A 76 -4.44 5.83 -9.48
CA ALA A 76 -4.04 4.49 -9.80
C ALA A 76 -5.15 3.53 -9.57
N THR A 77 -5.24 2.47 -10.38
CA THR A 77 -6.27 1.46 -10.34
C THR A 77 -5.77 0.31 -9.53
N HIS A 78 -6.45 -0.85 -9.55
CA HIS A 78 -5.91 -2.08 -9.07
C HIS A 78 -4.70 -2.50 -9.84
N LYS A 79 -4.74 -2.51 -11.18
CA LYS A 79 -3.62 -2.80 -12.01
C LYS A 79 -2.51 -1.81 -11.87
N GLN A 80 -2.82 -0.50 -11.96
CA GLN A 80 -1.84 0.54 -11.84
C GLN A 80 -1.18 0.58 -10.51
N ALA A 81 -1.91 0.33 -9.40
CA ALA A 81 -1.33 0.19 -8.11
C ALA A 81 -0.41 -0.97 -7.95
N VAL A 82 -0.77 -2.15 -8.51
CA VAL A 82 0.08 -3.29 -8.54
C VAL A 82 1.35 -2.99 -9.25
N GLU A 83 1.32 -2.46 -10.49
CA GLU A 83 2.48 -2.04 -11.22
C GLU A 83 3.40 -1.14 -10.48
N THR A 84 2.84 -0.17 -9.75
CA THR A 84 3.51 0.84 -8.98
C THR A 84 4.22 0.32 -7.77
N LEU A 85 3.79 -0.80 -7.17
CA LEU A 85 4.49 -1.50 -6.15
C LEU A 85 5.38 -2.58 -6.66
N ARG A 86 4.91 -3.33 -7.67
CA ARG A 86 5.48 -4.53 -8.20
C ARG A 86 6.64 -4.31 -9.11
N ASN A 87 6.50 -3.49 -10.16
CA ASN A 87 7.43 -3.36 -11.23
C ASN A 87 8.50 -2.36 -10.93
N THR A 88 8.89 -2.32 -9.65
CA THR A 88 9.90 -1.50 -9.05
C THR A 88 11.20 -2.25 -9.03
N GLY A 89 12.24 -1.71 -8.37
CA GLY A 89 13.48 -2.39 -8.19
C GLY A 89 13.44 -3.36 -7.07
N GLN A 90 13.78 -2.91 -5.86
CA GLN A 90 13.88 -3.73 -4.69
C GLN A 90 13.40 -2.97 -3.49
N VAL A 91 13.87 -1.73 -3.27
CA VAL A 91 13.35 -0.88 -2.24
C VAL A 91 12.06 -0.28 -2.69
N VAL A 92 11.05 -0.36 -1.80
CA VAL A 92 9.81 0.34 -1.93
C VAL A 92 9.66 1.18 -0.70
N HIS A 93 9.72 2.51 -0.85
CA HIS A 93 9.27 3.45 0.13
C HIS A 93 7.78 3.52 0.09
N LEU A 94 7.08 3.07 1.16
CA LEU A 94 5.65 3.08 1.25
C LEU A 94 5.23 4.32 1.95
N LEU A 95 4.55 5.23 1.24
CA LEU A 95 3.92 6.36 1.86
C LEU A 95 2.53 5.94 2.21
N LEU A 96 2.33 5.66 3.51
CA LEU A 96 1.12 5.20 4.12
C LEU A 96 0.41 6.30 4.84
N GLU A 97 -0.92 6.21 4.93
CA GLU A 97 -1.73 7.06 5.75
C GLU A 97 -2.61 6.21 6.60
N LYS A 98 -2.70 6.59 7.88
CA LYS A 98 -3.39 5.91 8.94
C LYS A 98 -4.85 5.75 8.73
N GLY A 99 -5.37 4.51 8.85
CA GLY A 99 -6.77 4.21 8.75
C GLY A 99 -7.43 3.93 10.06
N GLN A 100 -7.50 4.93 10.96
CA GLN A 100 -8.18 4.86 12.21
C GLN A 100 -9.31 5.84 12.22
N VAL A 101 -10.29 5.68 13.14
CA VAL A 101 -11.43 6.53 13.24
C VAL A 101 -11.17 7.77 14.03
N PRO A 102 -11.49 8.94 13.57
CA PRO A 102 -11.50 10.13 14.38
C PRO A 102 -12.53 10.13 15.45
N TYR B 7 -11.29 -9.56 -10.17
CA TYR B 7 -10.95 -10.40 -9.06
C TYR B 7 -10.72 -9.52 -7.88
N LEU B 8 -9.68 -8.67 -7.96
CA LEU B 8 -9.08 -7.88 -6.94
C LEU B 8 -8.20 -8.68 -6.04
N VAL B 9 -7.28 -7.98 -5.33
CA VAL B 9 -6.47 -8.54 -4.30
C VAL B 9 -5.32 -9.35 -4.81
N THR B 10 -4.14 -8.70 -4.77
CA THR B 10 -2.93 -9.18 -5.36
C THR B 10 -1.90 -8.92 -4.32
N SER B 11 -1.23 -9.98 -3.83
CA SER B 11 -0.14 -9.91 -2.91
C SER B 11 1.08 -9.45 -3.64
N VAL B 12 1.77 -8.42 -3.11
CA VAL B 12 2.71 -7.65 -3.85
C VAL B 12 3.61 -7.03 -2.79
N MET A 8 -2.16 6.49 18.58
CA MET A 8 -2.04 6.86 17.21
C MET A 8 -2.53 8.26 17.02
N LYS A 9 -2.74 8.70 15.77
CA LYS A 9 -3.20 10.00 15.40
C LYS A 9 -4.24 9.78 14.36
N PRO A 10 -5.39 10.37 14.38
CA PRO A 10 -6.31 10.26 13.28
C PRO A 10 -5.82 10.94 12.05
N GLY A 11 -5.57 10.20 10.96
CA GLY A 11 -5.02 10.71 9.74
C GLY A 11 -3.60 11.15 9.85
N ASP A 12 -2.64 10.20 9.83
CA ASP A 12 -1.24 10.47 9.90
C ASP A 12 -0.53 9.66 8.87
N THR A 13 0.49 10.24 8.21
CA THR A 13 1.30 9.56 7.23
C THR A 13 2.57 9.03 7.79
N PHE A 14 2.97 7.83 7.34
CA PHE A 14 4.20 7.17 7.68
C PHE A 14 4.89 6.84 6.40
N GLU A 15 6.21 7.05 6.37
CA GLU A 15 7.03 6.78 5.23
C GLU A 15 7.98 5.69 5.56
N VAL A 16 7.48 4.45 5.43
CA VAL A 16 8.16 3.22 5.69
C VAL A 16 9.03 2.87 4.53
N GLU A 17 10.23 2.30 4.69
CA GLU A 17 10.97 1.81 3.57
C GLU A 17 11.20 0.35 3.75
N LEU A 18 10.76 -0.44 2.75
CA LEU A 18 10.81 -1.87 2.77
C LEU A 18 11.64 -2.33 1.63
N ALA A 19 12.11 -3.60 1.72
CA ALA A 19 12.52 -4.35 0.57
C ALA A 19 11.55 -5.49 0.44
N LYS A 20 10.92 -5.62 -0.74
CA LYS A 20 10.14 -6.76 -1.12
C LYS A 20 10.95 -8.01 -1.18
N THR A 21 10.42 -9.11 -0.65
CA THR A 21 11.08 -10.38 -0.61
C THR A 21 10.74 -11.14 -1.85
N ASP A 22 11.63 -11.02 -2.86
CA ASP A 22 11.50 -11.48 -4.22
C ASP A 22 10.42 -10.90 -5.06
N GLY A 23 9.39 -10.26 -4.49
CA GLY A 23 8.30 -9.71 -5.24
C GLY A 23 7.05 -9.76 -4.42
N SER A 24 7.06 -9.04 -3.29
CA SER A 24 6.13 -9.20 -2.21
C SER A 24 6.67 -8.43 -1.05
N LEU A 25 6.05 -7.26 -0.80
CA LEU A 25 6.12 -6.53 0.43
C LEU A 25 5.26 -7.27 1.39
N GLY A 26 4.10 -7.72 0.89
CA GLY A 26 3.20 -8.59 1.57
C GLY A 26 1.93 -7.88 1.91
N ILE A 27 1.44 -7.07 0.96
CA ILE A 27 0.16 -6.46 1.05
C ILE A 27 -0.71 -6.90 -0.10
N SER A 28 -1.92 -7.37 0.23
CA SER A 28 -2.98 -7.59 -0.72
C SER A 28 -3.69 -6.32 -1.01
N VAL A 29 -3.60 -5.80 -2.24
CA VAL A 29 -4.15 -4.53 -2.58
C VAL A 29 -5.60 -4.53 -2.95
N THR A 30 -6.38 -3.63 -2.33
CA THR A 30 -7.78 -3.42 -2.58
C THR A 30 -8.05 -1.97 -2.80
N GLY A 31 -9.25 -1.67 -3.33
CA GLY A 31 -9.65 -0.38 -3.79
C GLY A 31 -9.07 -0.08 -5.13
N GLY A 32 -8.96 1.21 -5.48
CA GLY A 32 -8.38 1.65 -6.71
C GLY A 32 -9.39 2.42 -7.52
N VAL A 33 -8.91 3.37 -8.34
CA VAL A 33 -9.73 4.33 -9.03
C VAL A 33 -10.61 3.77 -10.10
N ASN A 34 -10.52 2.46 -10.38
CA ASN A 34 -11.35 1.81 -11.35
C ASN A 34 -12.76 1.62 -10.92
N THR A 35 -13.03 1.51 -9.60
CA THR A 35 -14.37 1.50 -9.07
C THR A 35 -14.51 2.71 -8.21
N SER A 36 -15.69 2.97 -7.64
CA SER A 36 -15.85 4.04 -6.69
C SER A 36 -15.40 3.55 -5.36
N VAL A 37 -14.28 4.07 -4.84
CA VAL A 37 -13.66 3.56 -3.65
C VAL A 37 -13.83 4.58 -2.57
N ARG A 38 -13.20 5.76 -2.75
CA ARG A 38 -13.45 6.98 -2.05
C ARG A 38 -12.51 7.99 -2.60
N HIS A 39 -11.22 7.61 -2.74
CA HIS A 39 -10.25 8.35 -3.48
C HIS A 39 -9.36 7.36 -4.17
N GLY A 40 -8.72 7.74 -5.29
CA GLY A 40 -7.92 6.88 -6.11
C GLY A 40 -6.52 6.65 -5.64
N GLY A 41 -6.40 6.15 -4.40
CA GLY A 41 -5.21 5.54 -3.87
C GLY A 41 -5.41 4.07 -3.87
N ILE A 42 -4.52 3.31 -3.21
CA ILE A 42 -4.72 1.90 -3.04
C ILE A 42 -4.63 1.64 -1.58
N TYR A 43 -5.23 0.54 -1.09
CA TYR A 43 -5.45 0.38 0.31
C TYR A 43 -5.16 -1.06 0.58
N VAL A 44 -4.80 -1.46 1.81
CA VAL A 44 -4.62 -2.84 2.12
C VAL A 44 -5.93 -3.53 2.33
N LYS A 45 -6.10 -4.75 1.79
CA LYS A 45 -7.12 -5.64 2.24
C LYS A 45 -6.59 -6.41 3.40
N ALA A 46 -5.56 -7.24 3.17
CA ALA A 46 -4.99 -8.12 4.15
C ALA A 46 -3.52 -7.96 4.21
N ILE A 47 -2.99 -7.93 5.45
CA ILE A 47 -1.59 -7.99 5.75
C ILE A 47 -1.24 -9.44 5.93
N ILE A 48 -0.32 -9.96 5.10
CA ILE A 48 0.02 -11.36 5.18
C ILE A 48 0.96 -11.63 6.30
N PRO A 49 1.07 -12.80 6.82
CA PRO A 49 1.85 -13.05 8.00
C PRO A 49 3.32 -12.94 7.82
N LYS A 50 3.89 -11.73 8.01
CA LYS A 50 5.29 -11.47 8.16
C LYS A 50 6.09 -11.64 6.92
N GLY A 51 5.85 -10.80 5.91
CA GLY A 51 6.69 -10.69 4.76
C GLY A 51 7.69 -9.60 4.95
N ALA A 52 7.37 -8.39 4.46
CA ALA A 52 8.14 -7.20 4.67
C ALA A 52 7.31 -6.11 5.26
N ALA A 53 6.05 -5.97 4.82
CA ALA A 53 5.13 -4.93 5.18
C ALA A 53 4.59 -5.03 6.56
N GLU A 54 4.09 -6.22 6.97
CA GLU A 54 3.74 -6.54 8.32
C GLU A 54 4.85 -6.22 9.27
N SER A 55 6.09 -6.52 8.83
CA SER A 55 7.29 -6.29 9.57
C SER A 55 7.68 -4.87 9.80
N ASP A 56 6.96 -3.84 9.30
CA ASP A 56 7.11 -2.49 9.77
C ASP A 56 6.59 -2.40 11.17
N GLY A 57 5.30 -2.08 11.33
CA GLY A 57 4.68 -2.10 12.62
C GLY A 57 3.45 -1.26 12.64
N ARG A 58 3.46 -0.14 11.90
CA ARG A 58 2.36 0.79 11.83
C ARG A 58 1.30 0.36 10.88
N ILE A 59 1.62 -0.44 9.85
CA ILE A 59 0.66 -0.95 8.91
C ILE A 59 -0.24 -1.97 9.52
N HIS A 60 -1.57 -1.82 9.31
CA HIS A 60 -2.50 -2.86 9.62
C HIS A 60 -3.49 -2.96 8.50
N LYS A 61 -4.44 -3.89 8.58
CA LYS A 61 -5.30 -4.26 7.49
C LYS A 61 -6.49 -3.40 7.29
N GLY A 62 -6.29 -2.07 7.28
CA GLY A 62 -7.34 -1.13 7.01
C GLY A 62 -6.86 0.24 6.69
N ASP A 63 -5.59 0.40 6.28
CA ASP A 63 -4.99 1.67 5.99
C ASP A 63 -4.97 1.97 4.55
N ARG A 64 -4.42 3.15 4.20
CA ARG A 64 -4.28 3.68 2.87
C ARG A 64 -2.83 3.74 2.52
N VAL A 65 -2.46 3.45 1.26
CA VAL A 65 -1.17 3.75 0.72
C VAL A 65 -1.36 4.69 -0.42
N LEU A 66 -0.54 5.77 -0.47
CA LEU A 66 -0.68 6.83 -1.41
C LEU A 66 0.49 6.98 -2.32
N ALA A 67 1.73 6.64 -1.90
CA ALA A 67 2.82 6.79 -2.80
C ALA A 67 3.92 5.80 -2.55
N VAL A 68 4.76 5.55 -3.58
CA VAL A 68 5.81 4.58 -3.52
C VAL A 68 7.05 5.11 -4.18
N ASN A 69 8.19 5.17 -3.47
CA ASN A 69 9.41 5.78 -3.91
C ASN A 69 9.27 7.18 -4.39
N GLY A 70 8.35 7.94 -3.77
CA GLY A 70 8.04 9.28 -4.16
C GLY A 70 7.19 9.37 -5.38
N VAL A 71 6.43 8.30 -5.68
CA VAL A 71 5.57 8.22 -6.82
C VAL A 71 4.18 8.01 -6.35
N SER A 72 3.38 9.09 -6.31
CA SER A 72 1.98 9.11 -6.02
C SER A 72 1.12 8.28 -6.91
N LEU A 73 0.08 7.65 -6.33
CA LEU A 73 -0.87 6.85 -7.03
C LEU A 73 -1.82 7.69 -7.82
N GLU A 74 -2.51 8.62 -7.14
CA GLU A 74 -3.30 9.69 -7.65
C GLU A 74 -4.21 9.41 -8.79
N GLY A 75 -4.93 8.27 -8.70
CA GLY A 75 -5.67 7.71 -9.79
C GLY A 75 -5.03 6.46 -10.28
N ALA A 76 -4.61 5.57 -9.36
CA ALA A 76 -4.15 4.25 -9.70
C ALA A 76 -5.25 3.28 -9.47
N THR A 77 -5.34 2.25 -10.33
CA THR A 77 -6.38 1.26 -10.33
C THR A 77 -5.94 0.05 -9.59
N HIS A 78 -6.58 -1.12 -9.79
CA HIS A 78 -6.06 -2.36 -9.32
C HIS A 78 -4.80 -2.71 -10.03
N LYS A 79 -4.80 -2.66 -11.38
CA LYS A 79 -3.65 -2.94 -12.18
C LYS A 79 -2.55 -1.95 -12.00
N GLN A 80 -2.87 -0.64 -12.04
CA GLN A 80 -1.90 0.38 -11.87
C GLN A 80 -1.31 0.50 -10.51
N ALA A 81 -2.07 0.21 -9.43
CA ALA A 81 -1.48 0.13 -8.13
C ALA A 81 -0.53 -1.01 -7.99
N VAL A 82 -0.82 -2.17 -8.59
CA VAL A 82 0.10 -3.27 -8.65
C VAL A 82 1.37 -2.87 -9.30
N GLU A 83 1.37 -2.26 -10.51
CA GLU A 83 2.52 -1.69 -11.15
C GLU A 83 3.35 -0.81 -10.29
N THR A 84 2.71 0.09 -9.52
CA THR A 84 3.34 1.14 -8.78
C THR A 84 4.05 0.62 -7.57
N LEU A 85 3.60 -0.51 -6.99
CA LEU A 85 4.26 -1.23 -5.93
C LEU A 85 5.22 -2.27 -6.39
N ARG A 86 4.80 -3.12 -7.35
CA ARG A 86 5.50 -4.27 -7.84
C ARG A 86 6.60 -3.94 -8.78
N ASN A 87 6.39 -3.08 -9.80
CA ASN A 87 7.28 -2.91 -10.89
C ASN A 87 8.32 -1.87 -10.63
N THR A 88 8.68 -1.78 -9.34
CA THR A 88 9.73 -1.02 -8.73
C THR A 88 11.01 -1.78 -8.83
N GLY A 89 12.06 -1.37 -8.12
CA GLY A 89 13.25 -2.16 -8.00
C GLY A 89 13.11 -3.18 -6.93
N GLN A 90 13.81 -2.98 -5.80
CA GLN A 90 13.71 -3.78 -4.62
C GLN A 90 13.28 -2.96 -3.46
N VAL A 91 13.86 -1.76 -3.27
CA VAL A 91 13.43 -0.83 -2.28
C VAL A 91 12.14 -0.18 -2.63
N VAL A 92 11.20 -0.21 -1.67
CA VAL A 92 9.89 0.35 -1.74
C VAL A 92 9.67 1.18 -0.52
N HIS A 93 9.82 2.51 -0.66
CA HIS A 93 9.45 3.51 0.30
C HIS A 93 7.98 3.75 0.24
N LEU A 94 7.21 3.14 1.16
CA LEU A 94 5.78 3.17 1.22
C LEU A 94 5.32 4.39 1.93
N LEU A 95 4.66 5.32 1.22
CA LEU A 95 3.97 6.42 1.80
C LEU A 95 2.58 5.98 2.13
N LEU A 96 2.37 5.63 3.41
CA LEU A 96 1.15 5.14 3.96
C LEU A 96 0.44 6.23 4.69
N GLU A 97 -0.90 6.20 4.71
CA GLU A 97 -1.70 7.02 5.55
C GLU A 97 -2.51 6.14 6.43
N LYS A 98 -2.51 6.46 7.74
CA LYS A 98 -3.28 5.79 8.75
C LYS A 98 -4.71 6.16 8.63
N GLY A 99 -5.63 5.19 8.80
CA GLY A 99 -7.02 5.46 9.00
C GLY A 99 -7.28 6.31 10.20
N GLN A 100 -7.29 5.69 11.40
CA GLN A 100 -7.08 6.39 12.63
C GLN A 100 -6.61 5.56 13.77
N VAL A 101 -7.14 4.33 13.94
CA VAL A 101 -7.23 3.53 15.12
C VAL A 101 -6.59 4.03 16.37
N PRO A 102 -7.20 4.89 17.13
CA PRO A 102 -6.47 5.83 17.95
C PRO A 102 -5.71 5.27 19.10
N TYR B 7 -11.50 -8.94 -10.83
CA TYR B 7 -10.79 -9.56 -9.76
C TYR B 7 -10.05 -8.51 -9.01
N LEU B 8 -9.63 -8.81 -7.77
CA LEU B 8 -8.91 -7.89 -6.94
C LEU B 8 -7.94 -8.67 -6.12
N VAL B 9 -7.14 -7.99 -5.28
CA VAL B 9 -6.31 -8.55 -4.27
C VAL B 9 -5.16 -9.35 -4.81
N THR B 10 -3.98 -8.71 -4.72
CA THR B 10 -2.77 -9.20 -5.30
C THR B 10 -1.75 -8.89 -4.26
N SER B 11 -1.02 -9.91 -3.77
CA SER B 11 0.05 -9.75 -2.84
C SER B 11 1.29 -9.32 -3.55
N VAL B 12 1.85 -8.15 -3.18
CA VAL B 12 2.89 -7.48 -3.88
C VAL B 12 3.73 -6.78 -2.81
N MET A 8 -3.72 3.41 17.19
CA MET A 8 -3.24 4.19 16.09
C MET A 8 -3.29 5.63 16.47
N LYS A 9 -2.84 6.54 15.58
CA LYS A 9 -2.82 7.94 15.81
C LYS A 9 -3.67 8.61 14.80
N PRO A 10 -4.74 9.30 15.09
CA PRO A 10 -5.54 9.94 14.10
C PRO A 10 -4.92 11.12 13.41
N GLY A 11 -4.33 10.86 12.23
CA GLY A 11 -3.69 11.81 11.38
C GLY A 11 -2.20 11.64 11.38
N ASP A 12 -1.71 10.43 11.05
CA ASP A 12 -0.31 10.15 11.04
C ASP A 12 0.07 9.42 9.80
N THR A 13 1.02 9.95 9.02
CA THR A 13 1.62 9.29 7.91
C THR A 13 2.90 8.62 8.32
N PHE A 14 3.18 7.48 7.68
CA PHE A 14 4.37 6.70 7.88
C PHE A 14 4.94 6.42 6.53
N GLU A 15 6.24 6.71 6.33
CA GLU A 15 6.94 6.44 5.12
C GLU A 15 7.80 5.23 5.32
N VAL A 16 7.17 4.05 5.20
CA VAL A 16 7.71 2.76 5.48
C VAL A 16 8.62 2.27 4.40
N GLU A 17 9.94 2.21 4.63
CA GLU A 17 10.90 1.82 3.65
C GLU A 17 11.27 0.40 3.85
N LEU A 18 11.10 -0.40 2.78
CA LEU A 18 11.23 -1.82 2.81
C LEU A 18 12.02 -2.26 1.63
N ALA A 19 12.61 -3.47 1.71
CA ALA A 19 13.09 -4.19 0.58
C ALA A 19 12.26 -5.42 0.43
N LYS A 20 11.61 -5.59 -0.73
CA LYS A 20 10.69 -6.66 -0.99
C LYS A 20 11.34 -8.01 -0.95
N THR A 21 10.60 -9.03 -0.49
CA THR A 21 11.04 -10.40 -0.47
C THR A 21 10.60 -11.03 -1.75
N ASP A 22 11.45 -10.92 -2.78
CA ASP A 22 11.28 -11.38 -4.12
C ASP A 22 9.96 -11.11 -4.77
N GLY A 23 9.64 -9.82 -4.98
CA GLY A 23 8.43 -9.38 -5.60
C GLY A 23 7.24 -9.45 -4.73
N SER A 24 7.31 -8.85 -3.52
CA SER A 24 6.35 -8.99 -2.47
C SER A 24 6.83 -8.23 -1.28
N LEU A 25 6.14 -7.12 -0.98
CA LEU A 25 6.17 -6.42 0.26
C LEU A 25 5.40 -7.21 1.26
N GLY A 26 4.22 -7.68 0.82
CA GLY A 26 3.33 -8.51 1.56
C GLY A 26 2.10 -7.78 1.95
N ILE A 27 1.52 -7.06 0.97
CA ILE A 27 0.23 -6.44 1.13
C ILE A 27 -0.64 -6.82 -0.02
N SER A 28 -1.88 -7.24 0.27
CA SER A 28 -2.90 -7.48 -0.69
C SER A 28 -3.75 -6.28 -0.93
N VAL A 29 -3.64 -5.73 -2.15
CA VAL A 29 -4.24 -4.47 -2.49
C VAL A 29 -5.69 -4.50 -2.83
N THR A 30 -6.46 -3.50 -2.37
CA THR A 30 -7.83 -3.25 -2.70
C THR A 30 -8.01 -1.83 -3.10
N GLY A 31 -9.17 -1.50 -3.67
CA GLY A 31 -9.50 -0.19 -4.17
C GLY A 31 -8.90 0.11 -5.51
N GLY A 32 -8.63 1.41 -5.74
CA GLY A 32 -8.07 1.94 -6.94
C GLY A 32 -9.12 2.67 -7.70
N VAL A 33 -8.75 3.56 -8.64
CA VAL A 33 -9.65 4.44 -9.32
C VAL A 33 -10.57 3.79 -10.29
N ASN A 34 -10.66 2.44 -10.28
CA ASN A 34 -11.59 1.65 -11.04
C ASN A 34 -13.02 1.93 -10.79
N THR A 35 -13.42 2.20 -9.54
CA THR A 35 -14.69 2.75 -9.18
C THR A 35 -14.46 4.08 -8.55
N SER A 36 -15.49 4.73 -8.00
CA SER A 36 -15.35 5.97 -7.30
C SER A 36 -14.71 5.81 -5.96
N VAL A 37 -13.37 5.87 -5.91
CA VAL A 37 -12.55 5.82 -4.74
C VAL A 37 -12.21 7.25 -4.46
N ARG A 38 -11.54 7.58 -3.34
CA ARG A 38 -11.08 8.89 -3.02
C ARG A 38 -9.97 9.35 -3.89
N HIS A 39 -10.32 9.77 -5.12
CA HIS A 39 -9.52 10.24 -6.22
C HIS A 39 -8.69 9.20 -6.91
N GLY A 40 -8.11 8.26 -6.15
CA GLY A 40 -7.25 7.20 -6.60
C GLY A 40 -6.74 6.59 -5.34
N GLY A 41 -5.40 6.42 -5.23
CA GLY A 41 -4.75 5.74 -4.17
C GLY A 41 -4.99 4.26 -4.18
N ILE A 42 -4.18 3.48 -3.43
CA ILE A 42 -4.47 2.10 -3.24
C ILE A 42 -4.55 1.86 -1.77
N TYR A 43 -5.25 0.80 -1.34
CA TYR A 43 -5.54 0.61 0.06
C TYR A 43 -5.20 -0.81 0.35
N VAL A 44 -4.82 -1.16 1.59
CA VAL A 44 -4.57 -2.52 1.94
C VAL A 44 -5.83 -3.20 2.35
N LYS A 45 -6.14 -4.40 1.82
CA LYS A 45 -7.20 -5.18 2.37
C LYS A 45 -6.68 -6.10 3.43
N ALA A 46 -5.56 -6.78 3.16
CA ALA A 46 -5.00 -7.70 4.11
C ALA A 46 -3.51 -7.67 4.13
N ILE A 47 -2.97 -7.83 5.35
CA ILE A 47 -1.60 -7.80 5.74
C ILE A 47 -1.14 -9.20 5.97
N ILE A 48 -0.17 -9.70 5.19
CA ILE A 48 0.24 -11.06 5.34
C ILE A 48 1.26 -11.23 6.41
N PRO A 49 1.42 -12.36 7.03
CA PRO A 49 2.23 -12.51 8.20
C PRO A 49 3.69 -12.33 7.98
N LYS A 50 4.28 -11.19 8.42
CA LYS A 50 5.66 -10.85 8.41
C LYS A 50 6.45 -11.20 7.20
N GLY A 51 6.12 -10.57 6.06
CA GLY A 51 6.91 -10.63 4.88
C GLY A 51 7.94 -9.56 4.92
N ALA A 52 7.61 -8.38 4.38
CA ALA A 52 8.39 -7.19 4.55
C ALA A 52 7.58 -6.09 5.15
N ALA A 53 6.33 -5.93 4.71
CA ALA A 53 5.43 -4.88 5.08
C ALA A 53 4.91 -4.94 6.47
N GLU A 54 4.40 -6.10 6.93
CA GLU A 54 4.02 -6.29 8.29
C GLU A 54 5.17 -6.15 9.22
N SER A 55 6.37 -6.50 8.73
CA SER A 55 7.59 -6.35 9.46
C SER A 55 8.06 -4.95 9.67
N ASP A 56 7.37 -3.92 9.16
CA ASP A 56 7.49 -2.59 9.69
C ASP A 56 6.81 -2.59 11.02
N GLY A 57 5.47 -2.47 11.01
CA GLY A 57 4.69 -2.78 12.18
C GLY A 57 3.42 -2.00 12.19
N ARG A 58 3.46 -0.76 11.67
CA ARG A 58 2.41 0.21 11.79
C ARG A 58 1.19 -0.08 10.99
N ILE A 59 1.29 -0.80 9.86
CA ILE A 59 0.22 -1.05 8.94
C ILE A 59 -0.82 -1.97 9.47
N HIS A 60 -2.10 -1.71 9.17
CA HIS A 60 -3.15 -2.68 9.34
C HIS A 60 -4.04 -2.70 8.15
N LYS A 61 -5.20 -3.36 8.26
CA LYS A 61 -6.12 -3.52 7.19
C LYS A 61 -6.95 -2.30 7.01
N GLY A 62 -7.14 -1.84 5.77
CA GLY A 62 -7.90 -0.67 5.46
C GLY A 62 -7.12 0.60 5.43
N ASP A 63 -5.79 0.54 5.63
CA ASP A 63 -4.90 1.66 5.55
C ASP A 63 -4.68 2.08 4.13
N ARG A 64 -4.41 3.39 3.94
CA ARG A 64 -4.40 4.03 2.67
C ARG A 64 -3.00 4.29 2.25
N VAL A 65 -2.51 3.65 1.17
CA VAL A 65 -1.22 3.96 0.63
C VAL A 65 -1.38 4.98 -0.44
N LEU A 66 -0.73 6.15 -0.26
CA LEU A 66 -0.81 7.25 -1.17
C LEU A 66 0.32 7.26 -2.14
N ALA A 67 1.55 6.91 -1.72
CA ALA A 67 2.65 7.00 -2.62
C ALA A 67 3.70 5.95 -2.43
N VAL A 68 4.38 5.53 -3.51
CA VAL A 68 5.30 4.44 -3.48
C VAL A 68 6.62 4.77 -4.09
N ASN A 69 7.71 4.72 -3.30
CA ASN A 69 9.03 5.19 -3.60
C ASN A 69 9.10 6.55 -4.19
N GLY A 70 8.24 7.45 -3.72
CA GLY A 70 8.15 8.81 -4.17
C GLY A 70 7.10 9.05 -5.19
N VAL A 71 6.26 8.04 -5.49
CA VAL A 71 5.36 8.07 -6.61
C VAL A 71 3.96 7.90 -6.15
N SER A 72 3.16 8.98 -6.15
CA SER A 72 1.76 8.96 -5.88
C SER A 72 1.00 8.13 -6.85
N LEU A 73 0.01 7.37 -6.35
CA LEU A 73 -0.84 6.46 -7.06
C LEU A 73 -1.90 7.18 -7.80
N GLU A 74 -1.46 8.06 -8.73
CA GLU A 74 -2.24 9.02 -9.44
C GLU A 74 -2.99 8.40 -10.57
N GLY A 75 -4.32 8.22 -10.40
CA GLY A 75 -5.15 7.57 -11.35
C GLY A 75 -4.95 6.09 -11.42
N ALA A 76 -4.39 5.49 -10.36
CA ALA A 76 -4.06 4.09 -10.36
C ALA A 76 -5.21 3.22 -9.96
N THR A 77 -5.36 2.05 -10.62
CA THR A 77 -6.43 1.12 -10.49
C THR A 77 -5.95 -0.07 -9.71
N HIS A 78 -6.58 -1.25 -9.86
CA HIS A 78 -6.04 -2.46 -9.32
C HIS A 78 -4.80 -2.87 -10.04
N LYS A 79 -4.83 -2.93 -11.38
CA LYS A 79 -3.66 -3.21 -12.18
C LYS A 79 -2.60 -2.19 -11.99
N GLN A 80 -2.94 -0.89 -12.14
CA GLN A 80 -1.97 0.16 -12.06
C GLN A 80 -1.31 0.28 -10.73
N ALA A 81 -2.03 0.05 -9.62
CA ALA A 81 -1.42 -0.02 -8.33
C ALA A 81 -0.49 -1.16 -8.13
N VAL A 82 -0.84 -2.37 -8.61
CA VAL A 82 0.03 -3.51 -8.56
C VAL A 82 1.32 -3.21 -9.26
N GLU A 83 1.29 -2.68 -10.49
CA GLU A 83 2.48 -2.33 -11.21
C GLU A 83 3.28 -1.23 -10.60
N THR A 84 2.66 -0.32 -9.83
CA THR A 84 3.30 0.75 -9.12
C THR A 84 4.00 0.29 -7.89
N LEU A 85 3.56 -0.81 -7.26
CA LEU A 85 4.20 -1.44 -6.15
C LEU A 85 5.20 -2.48 -6.53
N ARG A 86 4.81 -3.39 -7.45
CA ARG A 86 5.54 -4.57 -7.80
C ARG A 86 6.59 -4.34 -8.83
N ASN A 87 6.39 -3.48 -9.84
CA ASN A 87 7.31 -3.33 -10.92
C ASN A 87 8.34 -2.29 -10.64
N THR A 88 8.76 -2.26 -9.36
CA THR A 88 9.72 -1.40 -8.73
C THR A 88 11.04 -2.07 -8.59
N GLY A 89 12.03 -1.36 -8.02
CA GLY A 89 13.32 -1.92 -7.70
C GLY A 89 13.35 -2.59 -6.37
N GLN A 90 14.42 -2.37 -5.59
CA GLN A 90 14.58 -3.00 -4.31
C GLN A 90 13.88 -2.25 -3.23
N VAL A 91 14.26 -0.99 -2.95
CA VAL A 91 13.58 -0.21 -1.96
C VAL A 91 12.26 0.27 -2.45
N VAL A 92 11.21 -0.07 -1.68
CA VAL A 92 9.90 0.50 -1.81
C VAL A 92 9.64 1.25 -0.54
N HIS A 93 9.51 2.59 -0.64
CA HIS A 93 9.01 3.41 0.41
C HIS A 93 7.53 3.46 0.31
N LEU A 94 6.77 2.86 1.25
CA LEU A 94 5.35 2.95 1.28
C LEU A 94 4.93 4.16 2.04
N LEU A 95 4.37 5.17 1.36
CA LEU A 95 3.79 6.32 1.99
C LEU A 95 2.38 5.98 2.34
N LEU A 96 2.19 5.60 3.62
CA LEU A 96 0.99 5.10 4.21
C LEU A 96 0.36 6.14 5.08
N GLU A 97 -0.98 6.24 4.98
CA GLU A 97 -1.84 7.01 5.82
C GLU A 97 -2.77 6.09 6.53
N LYS A 98 -3.15 6.46 7.76
CA LYS A 98 -4.08 5.75 8.58
C LYS A 98 -5.43 5.54 8.00
N GLY A 99 -5.97 4.31 8.08
CA GLY A 99 -7.30 4.00 7.66
C GLY A 99 -8.30 4.01 8.77
N GLN A 100 -7.96 4.68 9.88
CA GLN A 100 -8.76 4.81 11.07
C GLN A 100 -9.51 6.08 11.05
N VAL A 101 -10.83 6.04 11.31
CA VAL A 101 -11.63 7.21 11.49
C VAL A 101 -11.49 7.72 12.88
N PRO A 102 -11.50 8.98 13.23
CA PRO A 102 -11.37 9.40 14.59
C PRO A 102 -12.53 9.05 15.47
N TYR B 7 -9.52 -11.71 -9.36
CA TYR B 7 -9.20 -10.32 -9.33
C TYR B 7 -9.43 -9.70 -7.98
N LEU B 8 -8.81 -8.53 -7.76
CA LEU B 8 -8.56 -7.92 -6.50
C LEU B 8 -7.59 -8.67 -5.65
N VAL B 9 -7.12 -8.03 -4.55
CA VAL B 9 -6.32 -8.59 -3.50
C VAL B 9 -5.16 -9.44 -3.88
N THR B 10 -4.10 -8.72 -4.32
CA THR B 10 -2.95 -9.26 -4.98
C THR B 10 -1.84 -8.90 -4.04
N SER B 11 -1.15 -9.92 -3.49
CA SER B 11 -0.04 -9.77 -2.60
C SER B 11 1.21 -9.46 -3.35
N VAL B 12 1.81 -8.28 -3.09
CA VAL B 12 2.90 -7.72 -3.82
C VAL B 12 3.62 -6.86 -2.79
N MET A 8 -0.17 8.05 18.25
CA MET A 8 -1.54 7.92 17.83
C MET A 8 -2.14 9.28 17.69
N LYS A 9 -2.44 9.69 16.44
CA LYS A 9 -3.11 10.91 16.12
C LYS A 9 -3.94 10.62 14.93
N PRO A 10 -4.89 11.44 14.57
CA PRO A 10 -5.44 11.46 13.25
C PRO A 10 -4.45 11.85 12.21
N GLY A 11 -4.45 11.19 11.04
CA GLY A 11 -3.60 11.55 9.94
C GLY A 11 -2.16 11.20 10.05
N ASP A 12 -1.80 10.07 10.66
CA ASP A 12 -0.44 9.63 10.74
C ASP A 12 0.02 9.07 9.44
N THR A 13 0.82 9.83 8.68
CA THR A 13 1.49 9.36 7.50
C THR A 13 2.88 8.92 7.83
N PHE A 14 3.17 7.62 7.57
CA PHE A 14 4.42 7.00 7.84
C PHE A 14 5.07 6.71 6.53
N GLU A 15 6.24 7.33 6.27
CA GLU A 15 7.06 6.98 5.15
C GLU A 15 8.03 5.92 5.55
N VAL A 16 7.56 4.67 5.38
CA VAL A 16 8.29 3.46 5.62
C VAL A 16 9.20 3.22 4.46
N GLU A 17 10.36 2.56 4.63
CA GLU A 17 11.16 2.09 3.54
C GLU A 17 11.62 0.71 3.84
N LEU A 18 11.44 -0.21 2.87
CA LEU A 18 11.81 -1.57 3.08
C LEU A 18 12.08 -2.27 1.78
N ALA A 19 12.72 -3.45 1.89
CA ALA A 19 12.91 -4.38 0.80
C ALA A 19 11.92 -5.48 0.89
N LYS A 20 11.27 -5.79 -0.25
CA LYS A 20 10.32 -6.84 -0.43
C LYS A 20 10.95 -8.19 -0.38
N THR A 21 10.13 -9.25 -0.22
CA THR A 21 10.60 -10.60 -0.14
C THR A 21 10.09 -11.37 -1.31
N ASP A 22 10.95 -11.50 -2.35
CA ASP A 22 10.70 -12.19 -3.58
C ASP A 22 9.47 -11.77 -4.31
N GLY A 23 9.35 -10.46 -4.59
CA GLY A 23 8.23 -9.91 -5.30
C GLY A 23 6.97 -9.84 -4.50
N SER A 24 7.06 -9.31 -3.26
CA SER A 24 5.95 -9.21 -2.36
C SER A 24 6.45 -8.53 -1.13
N LEU A 25 5.84 -7.37 -0.83
CA LEU A 25 5.89 -6.67 0.42
C LEU A 25 4.99 -7.44 1.35
N GLY A 26 3.87 -7.92 0.78
CA GLY A 26 2.98 -8.86 1.39
C GLY A 26 1.61 -8.29 1.52
N ILE A 27 1.29 -7.23 0.75
CA ILE A 27 0.02 -6.59 0.87
C ILE A 27 -0.83 -6.90 -0.32
N SER A 28 -2.06 -7.35 -0.03
CA SER A 28 -3.08 -7.57 -1.01
C SER A 28 -3.85 -6.33 -1.28
N VAL A 29 -3.74 -5.78 -2.50
CA VAL A 29 -4.28 -4.48 -2.81
C VAL A 29 -5.72 -4.42 -3.19
N THR A 30 -6.48 -3.50 -2.58
CA THR A 30 -7.86 -3.22 -2.82
C THR A 30 -8.06 -1.77 -3.11
N GLY A 31 -9.23 -1.43 -3.65
CA GLY A 31 -9.69 -0.10 -3.92
C GLY A 31 -9.28 0.43 -5.25
N GLY A 32 -8.81 1.69 -5.26
CA GLY A 32 -8.39 2.40 -6.43
C GLY A 32 -9.48 3.08 -7.17
N VAL A 33 -9.12 3.80 -8.25
CA VAL A 33 -9.94 4.67 -9.03
C VAL A 33 -11.11 4.02 -9.69
N ASN A 34 -11.10 2.68 -9.78
CA ASN A 34 -12.20 1.89 -10.23
C ASN A 34 -13.44 2.09 -9.42
N THR A 35 -13.30 2.20 -8.09
CA THR A 35 -14.37 2.36 -7.15
C THR A 35 -14.30 3.71 -6.53
N SER A 36 -15.35 4.15 -5.82
CA SER A 36 -15.34 5.40 -5.12
C SER A 36 -14.64 5.29 -3.80
N VAL A 37 -13.31 5.50 -3.81
CA VAL A 37 -12.50 5.49 -2.64
C VAL A 37 -11.71 6.75 -2.61
N ARG A 38 -12.38 7.84 -2.22
CA ARG A 38 -11.94 9.20 -2.34
C ARG A 38 -11.72 9.61 -3.77
N HIS A 39 -10.47 9.53 -4.25
CA HIS A 39 -10.11 9.80 -5.60
C HIS A 39 -9.59 8.57 -6.28
N GLY A 40 -8.53 7.96 -5.73
CA GLY A 40 -7.90 6.80 -6.29
C GLY A 40 -7.05 6.16 -5.25
N GLY A 41 -5.73 6.12 -5.44
CA GLY A 41 -4.83 5.51 -4.52
C GLY A 41 -4.80 4.03 -4.56
N ILE A 42 -4.22 3.37 -3.53
CA ILE A 42 -4.51 1.99 -3.31
C ILE A 42 -4.51 1.77 -1.83
N TYR A 43 -5.05 0.64 -1.34
CA TYR A 43 -5.31 0.43 0.05
C TYR A 43 -5.07 -1.02 0.31
N VAL A 44 -4.80 -1.42 1.56
CA VAL A 44 -4.57 -2.80 1.87
C VAL A 44 -5.82 -3.54 2.24
N LYS A 45 -6.06 -4.70 1.63
CA LYS A 45 -7.10 -5.61 2.02
C LYS A 45 -6.63 -6.56 3.07
N ALA A 46 -5.51 -7.26 2.83
CA ALA A 46 -4.99 -8.25 3.72
C ALA A 46 -3.54 -8.05 3.98
N ILE A 47 -3.17 -8.11 5.27
CA ILE A 47 -1.85 -8.10 5.80
C ILE A 47 -1.45 -9.52 6.08
N ILE A 48 -0.21 -9.89 5.74
CA ILE A 48 0.36 -11.18 6.00
C ILE A 48 0.93 -11.17 7.37
N PRO A 49 0.86 -12.17 8.18
CA PRO A 49 1.56 -12.22 9.44
C PRO A 49 3.04 -12.31 9.27
N LYS A 50 3.71 -11.14 9.26
CA LYS A 50 5.13 -10.98 9.18
C LYS A 50 5.75 -11.54 7.94
N GLY A 51 5.36 -11.07 6.75
CA GLY A 51 6.01 -11.39 5.52
C GLY A 51 7.13 -10.44 5.27
N ALA A 52 6.79 -9.18 5.00
CA ALA A 52 7.70 -8.08 5.07
C ALA A 52 6.99 -6.89 5.63
N ALA A 53 5.84 -6.52 5.03
CA ALA A 53 5.11 -5.32 5.30
C ALA A 53 4.46 -5.17 6.63
N GLU A 54 3.96 -6.24 7.28
CA GLU A 54 3.50 -6.13 8.63
C GLU A 54 4.62 -5.79 9.55
N SER A 55 5.81 -6.32 9.24
CA SER A 55 7.00 -6.17 10.02
C SER A 55 7.63 -4.82 9.91
N ASP A 56 7.07 -3.87 9.14
CA ASP A 56 7.48 -2.50 9.16
C ASP A 56 7.02 -1.85 10.42
N GLY A 57 5.71 -2.01 10.67
CA GLY A 57 5.16 -1.87 11.99
C GLY A 57 3.70 -1.57 11.92
N ARG A 58 3.39 -0.31 11.53
CA ARG A 58 2.08 0.27 11.66
C ARG A 58 0.99 -0.24 10.79
N ILE A 59 1.23 -0.93 9.67
CA ILE A 59 0.23 -1.27 8.69
C ILE A 59 -0.81 -2.23 9.15
N HIS A 60 -2.09 -1.92 8.87
CA HIS A 60 -3.21 -2.78 9.09
C HIS A 60 -4.06 -2.89 7.87
N LYS A 61 -5.15 -3.68 7.94
CA LYS A 61 -6.07 -3.90 6.87
C LYS A 61 -7.07 -2.80 6.85
N GLY A 62 -7.22 -2.11 5.70
CA GLY A 62 -8.04 -0.95 5.58
C GLY A 62 -7.29 0.33 5.58
N ASP A 63 -5.94 0.28 5.66
CA ASP A 63 -5.09 1.42 5.61
C ASP A 63 -4.84 1.87 4.21
N ARG A 64 -4.31 3.10 4.07
CA ARG A 64 -4.16 3.76 2.82
C ARG A 64 -2.72 3.82 2.44
N VAL A 65 -2.37 3.44 1.19
CA VAL A 65 -1.12 3.76 0.59
C VAL A 65 -1.37 4.82 -0.43
N LEU A 66 -0.71 5.98 -0.25
CA LEU A 66 -0.85 7.11 -1.12
C LEU A 66 0.26 7.18 -2.11
N ALA A 67 1.52 6.85 -1.74
CA ALA A 67 2.60 6.97 -2.66
C ALA A 67 3.65 5.93 -2.46
N VAL A 68 4.45 5.64 -3.50
CA VAL A 68 5.46 4.63 -3.46
C VAL A 68 6.71 5.09 -4.14
N ASN A 69 7.88 5.10 -3.46
CA ASN A 69 9.10 5.68 -3.94
C ASN A 69 8.98 7.10 -4.38
N GLY A 70 8.10 7.86 -3.71
CA GLY A 70 7.79 9.21 -4.05
C GLY A 70 6.90 9.36 -5.25
N VAL A 71 6.14 8.30 -5.60
CA VAL A 71 5.23 8.29 -6.70
C VAL A 71 3.85 8.12 -6.15
N SER A 72 3.07 9.21 -6.08
CA SER A 72 1.68 9.19 -5.76
C SER A 72 0.89 8.36 -6.72
N LEU A 73 -0.03 7.53 -6.21
CA LEU A 73 -0.90 6.67 -6.94
C LEU A 73 -2.02 7.41 -7.57
N GLU A 74 -1.71 8.22 -8.60
CA GLU A 74 -2.60 9.11 -9.29
C GLU A 74 -3.53 8.39 -10.21
N GLY A 75 -4.78 8.20 -9.77
CA GLY A 75 -5.76 7.45 -10.51
C GLY A 75 -5.38 6.02 -10.70
N ALA A 76 -4.76 5.40 -9.68
CA ALA A 76 -4.42 4.01 -9.72
C ALA A 76 -5.61 3.19 -9.39
N THR A 77 -5.81 2.07 -10.09
CA THR A 77 -6.81 1.07 -9.87
C THR A 77 -6.04 -0.14 -9.47
N HIS A 78 -6.65 -1.34 -9.39
CA HIS A 78 -6.02 -2.55 -8.98
C HIS A 78 -4.82 -2.92 -9.78
N LYS A 79 -4.91 -2.98 -11.12
CA LYS A 79 -3.82 -3.44 -11.93
C LYS A 79 -2.72 -2.43 -12.02
N GLN A 80 -3.05 -1.15 -12.18
CA GLN A 80 -2.10 -0.07 -12.12
C GLN A 80 -1.36 0.03 -10.83
N ALA A 81 -2.05 -0.04 -9.67
CA ALA A 81 -1.41 0.02 -8.40
C ALA A 81 -0.53 -1.15 -8.09
N VAL A 82 -0.83 -2.33 -8.65
CA VAL A 82 0.07 -3.44 -8.69
C VAL A 82 1.36 -3.06 -9.32
N GLU A 83 1.39 -2.55 -10.57
CA GLU A 83 2.58 -2.05 -11.18
C GLU A 83 3.37 -1.06 -10.40
N THR A 84 2.70 -0.09 -9.75
CA THR A 84 3.26 0.92 -8.90
C THR A 84 3.97 0.40 -7.70
N LEU A 85 3.59 -0.76 -7.14
CA LEU A 85 4.23 -1.45 -6.07
C LEU A 85 5.13 -2.57 -6.48
N ARG A 86 4.80 -3.27 -7.59
CA ARG A 86 5.38 -4.48 -8.07
C ARG A 86 6.57 -4.28 -8.95
N ASN A 87 6.49 -3.41 -9.97
CA ASN A 87 7.48 -3.31 -11.00
C ASN A 87 8.49 -2.26 -10.67
N THR A 88 8.73 -2.09 -9.36
CA THR A 88 9.58 -1.13 -8.72
C THR A 88 10.98 -1.63 -8.62
N GLY A 89 11.85 -0.87 -7.93
CA GLY A 89 13.05 -1.41 -7.37
C GLY A 89 12.76 -2.22 -6.15
N GLN A 90 13.79 -2.90 -5.61
CA GLN A 90 13.73 -3.70 -4.42
C GLN A 90 13.35 -2.91 -3.21
N VAL A 91 13.88 -1.69 -3.05
CA VAL A 91 13.42 -0.78 -2.05
C VAL A 91 12.15 -0.15 -2.46
N VAL A 92 11.16 -0.26 -1.55
CA VAL A 92 9.86 0.33 -1.64
C VAL A 92 9.69 1.23 -0.45
N HIS A 93 9.79 2.55 -0.67
CA HIS A 93 9.37 3.55 0.26
C HIS A 93 7.88 3.68 0.22
N LEU A 94 7.14 3.14 1.20
CA LEU A 94 5.72 3.25 1.24
C LEU A 94 5.30 4.47 1.96
N LEU A 95 4.60 5.38 1.27
CA LEU A 95 3.92 6.49 1.88
C LEU A 95 2.56 6.03 2.25
N LEU A 96 2.44 5.60 3.52
CA LEU A 96 1.27 5.05 4.12
C LEU A 96 0.55 6.10 4.91
N GLU A 97 -0.79 6.05 4.94
CA GLU A 97 -1.59 6.75 5.91
C GLU A 97 -2.38 5.79 6.72
N LYS A 98 -2.46 6.07 8.03
CA LYS A 98 -3.21 5.35 9.02
C LYS A 98 -4.68 5.45 8.83
N GLY A 99 -5.41 4.32 8.72
CA GLY A 99 -6.83 4.26 8.70
C GLY A 99 -7.44 4.29 10.06
N GLN A 100 -7.42 5.49 10.68
CA GLN A 100 -7.89 5.78 12.00
C GLN A 100 -9.27 6.35 11.97
N VAL A 101 -9.98 6.30 13.11
CA VAL A 101 -11.27 6.91 13.28
C VAL A 101 -11.14 7.99 14.30
N PRO A 102 -11.30 9.26 14.03
CA PRO A 102 -11.08 10.29 15.00
C PRO A 102 -12.06 10.36 16.12
N TYR B 7 -12.29 -9.25 -9.21
CA TYR B 7 -11.08 -8.85 -9.84
C TYR B 7 -10.36 -7.92 -8.91
N LEU B 8 -10.37 -8.24 -7.61
CA LEU B 8 -9.69 -7.54 -6.57
C LEU B 8 -8.52 -8.33 -6.09
N VAL B 9 -7.54 -7.68 -5.46
CA VAL B 9 -6.54 -8.31 -4.65
C VAL B 9 -5.44 -9.00 -5.38
N THR B 10 -4.20 -8.57 -5.10
CA THR B 10 -2.99 -9.16 -5.60
C THR B 10 -2.00 -8.88 -4.53
N SER B 11 -1.31 -9.91 -4.01
CA SER B 11 -0.24 -9.81 -3.05
C SER B 11 1.03 -9.44 -3.73
N VAL B 12 1.66 -8.33 -3.30
CA VAL B 12 2.78 -7.71 -3.93
C VAL B 12 3.41 -6.92 -2.79
N MET A 8 -2.84 7.07 19.03
CA MET A 8 -3.20 7.02 17.65
C MET A 8 -3.65 8.36 17.19
N LYS A 9 -3.03 8.88 16.11
CA LYS A 9 -3.40 10.14 15.54
C LYS A 9 -4.15 9.92 14.27
N PRO A 10 -5.21 10.61 13.96
CA PRO A 10 -5.83 10.51 12.67
C PRO A 10 -5.00 11.17 11.63
N GLY A 11 -5.00 10.68 10.38
CA GLY A 11 -4.29 11.26 9.28
C GLY A 11 -2.80 11.18 9.33
N ASP A 12 -2.25 10.26 10.13
CA ASP A 12 -0.84 10.11 10.33
C ASP A 12 -0.20 9.39 9.19
N THR A 13 0.81 10.00 8.54
CA THR A 13 1.49 9.45 7.41
C THR A 13 2.81 8.88 7.80
N PHE A 14 3.05 7.60 7.45
CA PHE A 14 4.25 6.88 7.71
C PHE A 14 4.92 6.57 6.41
N GLU A 15 6.17 7.03 6.25
CA GLU A 15 6.98 6.85 5.08
C GLU A 15 7.98 5.76 5.28
N VAL A 16 7.52 4.50 5.24
CA VAL A 16 8.30 3.36 5.61
C VAL A 16 9.16 2.81 4.53
N GLU A 17 10.49 2.72 4.71
CA GLU A 17 11.36 2.12 3.75
C GLU A 17 11.64 0.70 4.10
N LEU A 18 11.32 -0.21 3.17
CA LEU A 18 11.61 -1.61 3.27
C LEU A 18 11.89 -2.14 1.91
N ALA A 19 12.37 -3.39 1.82
CA ALA A 19 12.69 -4.06 0.60
C ALA A 19 11.80 -5.25 0.43
N LYS A 20 11.23 -5.44 -0.76
CA LYS A 20 10.29 -6.48 -1.02
C LYS A 20 10.96 -7.80 -1.18
N THR A 21 10.23 -8.90 -0.91
CA THR A 21 10.74 -10.23 -1.04
C THR A 21 10.25 -10.81 -2.31
N ASP A 22 11.11 -10.81 -3.35
CA ASP A 22 10.87 -11.16 -4.71
C ASP A 22 9.55 -10.78 -5.30
N GLY A 23 9.26 -9.46 -5.32
CA GLY A 23 8.06 -8.90 -5.86
C GLY A 23 6.86 -9.08 -4.98
N SER A 24 6.94 -8.64 -3.72
CA SER A 24 5.97 -8.86 -2.70
C SER A 24 6.47 -8.23 -1.45
N LEU A 25 5.80 -7.13 -1.05
CA LEU A 25 5.90 -6.52 0.25
C LEU A 25 5.10 -7.36 1.18
N GLY A 26 3.90 -7.74 0.70
CA GLY A 26 3.01 -8.64 1.37
C GLY A 26 1.76 -7.94 1.78
N ILE A 27 1.19 -7.14 0.86
CA ILE A 27 -0.11 -6.59 1.03
C ILE A 27 -1.01 -6.98 -0.10
N SER A 28 -2.25 -7.36 0.25
CA SER A 28 -3.35 -7.55 -0.64
C SER A 28 -4.01 -6.26 -1.00
N VAL A 29 -3.88 -5.80 -2.26
CA VAL A 29 -4.34 -4.50 -2.64
C VAL A 29 -5.75 -4.42 -3.10
N THR A 30 -6.55 -3.56 -2.45
CA THR A 30 -7.91 -3.24 -2.73
C THR A 30 -8.06 -1.78 -3.00
N GLY A 31 -9.24 -1.35 -3.46
CA GLY A 31 -9.58 0.01 -3.75
C GLY A 31 -9.19 0.42 -5.12
N GLY A 32 -8.51 1.57 -5.24
CA GLY A 32 -8.06 2.12 -6.49
C GLY A 32 -9.09 2.99 -7.11
N VAL A 33 -8.70 3.74 -8.15
CA VAL A 33 -9.47 4.75 -8.80
C VAL A 33 -10.67 4.27 -9.53
N ASN A 34 -10.79 2.95 -9.76
CA ASN A 34 -11.97 2.38 -10.33
C ASN A 34 -13.09 2.35 -9.33
N THR A 35 -12.76 2.34 -8.04
CA THR A 35 -13.67 2.42 -6.94
C THR A 35 -13.75 3.83 -6.46
N SER A 36 -14.46 4.12 -5.36
CA SER A 36 -14.55 5.46 -4.84
C SER A 36 -13.58 5.70 -3.74
N VAL A 37 -12.37 6.19 -4.09
CA VAL A 37 -11.26 6.40 -3.21
C VAL A 37 -10.96 7.85 -3.05
N ARG A 38 -9.84 8.19 -2.38
CA ARG A 38 -9.42 9.50 -1.99
C ARG A 38 -8.83 10.32 -3.08
N HIS A 39 -9.48 10.35 -4.26
CA HIS A 39 -8.99 10.90 -5.49
C HIS A 39 -7.76 10.23 -6.00
N GLY A 40 -7.72 8.89 -5.89
CA GLY A 40 -6.61 8.07 -6.24
C GLY A 40 -5.87 7.57 -5.04
N GLY A 41 -5.84 6.24 -4.84
CA GLY A 41 -5.06 5.62 -3.81
C GLY A 41 -5.35 4.16 -3.80
N ILE A 42 -4.40 3.32 -3.36
CA ILE A 42 -4.63 1.92 -3.20
C ILE A 42 -4.65 1.64 -1.74
N TYR A 43 -5.27 0.54 -1.27
CA TYR A 43 -5.52 0.33 0.12
C TYR A 43 -5.21 -1.10 0.43
N VAL A 44 -4.83 -1.40 1.69
CA VAL A 44 -4.54 -2.75 2.08
C VAL A 44 -5.74 -3.46 2.60
N LYS A 45 -6.16 -4.55 1.94
CA LYS A 45 -7.27 -5.36 2.33
C LYS A 45 -6.90 -6.33 3.40
N ALA A 46 -5.65 -6.84 3.34
CA ALA A 46 -5.17 -7.81 4.26
C ALA A 46 -3.68 -7.77 4.31
N ILE A 47 -3.13 -8.05 5.51
CA ILE A 47 -1.73 -8.19 5.76
C ILE A 47 -1.47 -9.65 5.82
N ILE A 48 -0.57 -10.16 4.95
CA ILE A 48 -0.34 -11.57 4.90
C ILE A 48 0.55 -12.04 6.01
N PRO A 49 0.40 -13.24 6.51
CA PRO A 49 1.37 -13.82 7.39
C PRO A 49 2.46 -14.50 6.64
N LYS A 50 3.30 -13.74 5.91
CA LYS A 50 4.56 -14.12 5.34
C LYS A 50 5.05 -13.06 4.42
N GLY A 51 5.38 -11.87 4.95
CA GLY A 51 5.84 -10.78 4.16
C GLY A 51 6.61 -9.79 4.98
N ALA A 52 7.06 -8.74 4.27
CA ALA A 52 7.94 -7.71 4.70
C ALA A 52 7.21 -6.53 5.24
N ALA A 53 5.97 -6.32 4.76
CA ALA A 53 5.12 -5.22 5.10
C ALA A 53 4.59 -5.28 6.49
N GLU A 54 4.18 -6.47 6.97
CA GLU A 54 3.93 -6.74 8.35
C GLU A 54 5.09 -6.41 9.24
N SER A 55 6.30 -6.65 8.71
CA SER A 55 7.53 -6.44 9.41
C SER A 55 7.95 -5.02 9.52
N ASP A 56 7.17 -4.03 9.04
CA ASP A 56 7.18 -2.70 9.55
C ASP A 56 6.60 -2.73 10.92
N GLY A 57 5.26 -2.66 10.99
CA GLY A 57 4.53 -2.88 12.20
C GLY A 57 3.28 -2.05 12.25
N ARG A 58 3.29 -0.89 11.58
CA ARG A 58 2.23 0.07 11.64
C ARG A 58 1.07 -0.25 10.76
N ILE A 59 1.28 -0.96 9.64
CA ILE A 59 0.23 -1.34 8.74
C ILE A 59 -0.72 -2.33 9.32
N HIS A 60 -2.04 -2.10 9.15
CA HIS A 60 -3.05 -3.08 9.42
C HIS A 60 -3.92 -3.23 8.22
N LYS A 61 -4.95 -4.09 8.29
CA LYS A 61 -5.91 -4.20 7.24
C LYS A 61 -6.87 -3.07 7.26
N GLY A 62 -6.69 -2.10 6.35
CA GLY A 62 -7.45 -0.89 6.32
C GLY A 62 -6.72 0.33 5.86
N ASP A 63 -5.37 0.32 5.84
CA ASP A 63 -4.61 1.50 5.56
C ASP A 63 -4.61 1.92 4.13
N ARG A 64 -4.34 3.22 3.90
CA ARG A 64 -4.37 3.86 2.63
C ARG A 64 -2.97 4.09 2.16
N VAL A 65 -2.62 3.57 0.98
CA VAL A 65 -1.34 3.72 0.34
C VAL A 65 -1.46 4.87 -0.59
N LEU A 66 -0.74 5.99 -0.35
CA LEU A 66 -0.78 7.15 -1.18
C LEU A 66 0.35 7.20 -2.15
N ALA A 67 1.58 6.82 -1.76
CA ALA A 67 2.67 6.92 -2.69
C ALA A 67 3.75 5.92 -2.46
N VAL A 68 4.59 5.68 -3.48
CA VAL A 68 5.61 4.69 -3.46
C VAL A 68 6.90 5.22 -3.99
N ASN A 69 7.95 5.36 -3.17
CA ASN A 69 9.12 6.14 -3.43
C ASN A 69 8.92 7.48 -4.02
N GLY A 70 7.82 8.15 -3.65
CA GLY A 70 7.47 9.43 -4.18
C GLY A 70 6.77 9.36 -5.50
N VAL A 71 6.15 8.19 -5.79
CA VAL A 71 5.32 7.98 -6.93
C VAL A 71 3.95 7.80 -6.38
N SER A 72 3.14 8.87 -6.37
CA SER A 72 1.80 8.84 -5.89
C SER A 72 0.88 8.09 -6.79
N LEU A 73 -0.10 7.38 -6.18
CA LEU A 73 -1.09 6.61 -6.86
C LEU A 73 -2.23 7.49 -7.25
N GLU A 74 -1.94 8.56 -8.01
CA GLU A 74 -2.74 9.71 -8.27
C GLU A 74 -3.83 9.49 -9.27
N GLY A 75 -4.27 8.23 -9.40
CA GLY A 75 -5.25 7.76 -10.32
C GLY A 75 -4.96 6.37 -10.77
N ALA A 76 -4.51 5.49 -9.85
CA ALA A 76 -4.20 4.14 -10.17
C ALA A 76 -5.29 3.21 -9.76
N THR A 77 -5.46 2.12 -10.51
CA THR A 77 -6.48 1.11 -10.42
C THR A 77 -5.99 -0.04 -9.62
N HIS A 78 -6.60 -1.24 -9.75
CA HIS A 78 -5.99 -2.45 -9.31
C HIS A 78 -4.75 -2.77 -10.07
N LYS A 79 -4.80 -2.83 -11.42
CA LYS A 79 -3.66 -3.16 -12.22
C LYS A 79 -2.59 -2.13 -12.22
N GLN A 80 -2.94 -0.82 -12.23
CA GLN A 80 -1.96 0.22 -12.11
C GLN A 80 -1.33 0.27 -10.76
N ALA A 81 -2.06 0.06 -9.66
CA ALA A 81 -1.46 0.05 -8.36
C ALA A 81 -0.52 -1.10 -8.15
N VAL A 82 -0.85 -2.29 -8.68
CA VAL A 82 -0.01 -3.45 -8.64
C VAL A 82 1.32 -3.16 -9.27
N GLU A 83 1.36 -2.66 -10.50
CA GLU A 83 2.54 -2.22 -11.17
C GLU A 83 3.37 -1.24 -10.40
N THR A 84 2.72 -0.28 -9.73
CA THR A 84 3.33 0.79 -9.01
C THR A 84 4.02 0.36 -7.75
N LEU A 85 3.64 -0.77 -7.13
CA LEU A 85 4.37 -1.42 -6.10
C LEU A 85 5.34 -2.45 -6.57
N ARG A 86 4.96 -3.24 -7.59
CA ARG A 86 5.69 -4.36 -8.11
C ARG A 86 6.89 -3.99 -8.92
N ASN A 87 6.78 -3.04 -9.87
CA ASN A 87 7.78 -2.74 -10.84
C ASN A 87 8.83 -1.80 -10.35
N THR A 88 9.16 -1.90 -9.04
CA THR A 88 10.00 -1.02 -8.29
C THR A 88 11.38 -1.52 -8.05
N GLY A 89 12.35 -0.61 -7.86
CA GLY A 89 13.73 -0.90 -7.71
C GLY A 89 14.16 -1.32 -6.36
N GLN A 90 13.60 -2.46 -5.90
CA GLN A 90 13.81 -3.18 -4.68
C GLN A 90 13.40 -2.49 -3.42
N VAL A 91 13.83 -1.23 -3.21
CA VAL A 91 13.42 -0.41 -2.12
C VAL A 91 12.09 0.19 -2.41
N VAL A 92 11.16 0.01 -1.47
CA VAL A 92 9.85 0.57 -1.53
C VAL A 92 9.71 1.43 -0.31
N HIS A 93 9.81 2.76 -0.49
CA HIS A 93 9.42 3.70 0.51
C HIS A 93 7.93 3.82 0.44
N LEU A 94 7.20 3.21 1.38
CA LEU A 94 5.77 3.17 1.36
C LEU A 94 5.22 4.37 2.06
N LEU A 95 4.54 5.26 1.31
CA LEU A 95 3.84 6.36 1.88
C LEU A 95 2.45 5.91 2.21
N LEU A 96 2.28 5.51 3.49
CA LEU A 96 1.09 4.97 4.08
C LEU A 96 0.41 6.01 4.91
N GLU A 97 -0.92 6.07 4.89
CA GLU A 97 -1.73 6.82 5.80
C GLU A 97 -2.45 5.88 6.71
N LYS A 98 -2.51 6.26 8.00
CA LYS A 98 -3.16 5.58 9.08
C LYS A 98 -4.64 5.51 8.96
N GLY A 99 -5.20 4.31 8.71
CA GLY A 99 -6.60 4.04 8.65
C GLY A 99 -7.13 3.56 9.97
N GLN A 100 -6.85 4.34 11.04
CA GLN A 100 -7.27 4.06 12.38
C GLN A 100 -8.11 5.20 12.84
N VAL A 101 -9.12 4.93 13.69
CA VAL A 101 -9.95 5.95 14.26
C VAL A 101 -9.27 6.57 15.44
N PRO A 102 -9.51 7.80 15.81
CA PRO A 102 -8.93 8.35 16.99
C PRO A 102 -9.54 7.78 18.23
N TYR B 7 -9.03 -8.37 -10.95
CA TYR B 7 -10.19 -7.85 -10.29
C TYR B 7 -9.80 -7.13 -9.04
N LEU B 8 -9.37 -7.87 -8.00
CA LEU B 8 -9.05 -7.28 -6.73
C LEU B 8 -8.13 -8.19 -5.99
N VAL B 9 -7.29 -7.63 -5.09
CA VAL B 9 -6.48 -8.36 -4.17
C VAL B 9 -5.39 -9.17 -4.79
N THR B 10 -4.18 -8.60 -4.73
CA THR B 10 -2.98 -9.17 -5.27
C THR B 10 -1.96 -8.91 -4.21
N SER B 11 -1.16 -9.92 -3.85
CA SER B 11 -0.02 -9.81 -2.99
C SER B 11 1.10 -9.16 -3.74
N VAL B 12 1.59 -7.99 -3.28
CA VAL B 12 2.62 -7.25 -3.94
C VAL B 12 3.31 -6.51 -2.81
N MET A 8 -1.93 5.76 18.21
CA MET A 8 -2.85 5.79 17.12
C MET A 8 -3.34 7.18 16.90
N LYS A 9 -3.22 7.69 15.66
CA LYS A 9 -3.65 9.01 15.29
C LYS A 9 -4.47 8.89 14.05
N PRO A 10 -5.43 9.71 13.77
CA PRO A 10 -6.12 9.70 12.52
C PRO A 10 -5.30 10.27 11.41
N GLY A 11 -5.49 9.76 10.18
CA GLY A 11 -4.93 10.28 8.97
C GLY A 11 -3.44 10.43 8.90
N ASP A 12 -2.71 9.57 9.63
CA ASP A 12 -1.33 9.81 9.93
C ASP A 12 -0.41 9.31 8.88
N THR A 13 0.48 10.14 8.32
CA THR A 13 1.44 9.73 7.34
C THR A 13 2.61 9.01 7.92
N PHE A 14 2.99 7.88 7.31
CA PHE A 14 4.19 7.16 7.61
C PHE A 14 4.89 6.86 6.33
N GLU A 15 6.20 7.12 6.26
CA GLU A 15 7.02 6.82 5.13
C GLU A 15 7.90 5.66 5.48
N VAL A 16 7.39 4.44 5.25
CA VAL A 16 7.99 3.18 5.59
C VAL A 16 8.84 2.62 4.50
N GLU A 17 10.14 2.34 4.70
CA GLU A 17 10.98 1.81 3.67
C GLU A 17 11.27 0.35 3.85
N LEU A 18 10.85 -0.45 2.86
CA LEU A 18 10.91 -1.88 2.89
C LEU A 18 11.74 -2.42 1.78
N ALA A 19 12.21 -3.67 1.90
CA ALA A 19 12.86 -4.38 0.84
C ALA A 19 12.10 -5.64 0.58
N LYS A 20 11.30 -5.65 -0.50
CA LYS A 20 10.39 -6.69 -0.85
C LYS A 20 10.99 -8.03 -1.14
N THR A 21 10.27 -9.10 -0.74
CA THR A 21 10.77 -10.45 -0.70
C THR A 21 10.21 -11.22 -1.84
N ASP A 22 10.96 -11.28 -2.95
CA ASP A 22 10.61 -11.83 -4.23
C ASP A 22 9.34 -11.32 -4.79
N GLY A 23 9.23 -9.99 -4.94
CA GLY A 23 8.05 -9.33 -5.43
C GLY A 23 6.88 -9.45 -4.52
N SER A 24 7.01 -8.94 -3.29
CA SER A 24 6.05 -9.10 -2.24
C SER A 24 6.55 -8.31 -1.08
N LEU A 25 5.92 -7.13 -0.85
CA LEU A 25 5.99 -6.35 0.34
C LEU A 25 5.20 -7.11 1.35
N GLY A 26 3.98 -7.46 0.91
CA GLY A 26 3.14 -8.43 1.55
C GLY A 26 1.76 -7.92 1.74
N ILE A 27 1.26 -7.16 0.74
CA ILE A 27 -0.06 -6.62 0.82
C ILE A 27 -0.91 -7.06 -0.32
N SER A 28 -2.12 -7.55 0.01
CA SER A 28 -3.23 -7.65 -0.89
C SER A 28 -3.83 -6.32 -1.18
N VAL A 29 -3.70 -5.80 -2.41
CA VAL A 29 -4.23 -4.52 -2.76
C VAL A 29 -5.66 -4.51 -3.15
N THR A 30 -6.48 -3.68 -2.45
CA THR A 30 -7.85 -3.43 -2.71
C THR A 30 -8.06 -1.98 -3.00
N GLY A 31 -9.27 -1.64 -3.47
CA GLY A 31 -9.69 -0.31 -3.80
C GLY A 31 -9.21 0.16 -5.13
N GLY A 32 -8.46 1.27 -5.13
CA GLY A 32 -7.98 1.91 -6.32
C GLY A 32 -8.89 3.06 -6.63
N VAL A 33 -8.37 4.15 -7.21
CA VAL A 33 -9.08 5.37 -7.39
C VAL A 33 -10.27 5.28 -8.29
N ASN A 34 -10.41 4.16 -9.01
CA ASN A 34 -11.36 3.92 -10.05
C ASN A 34 -12.77 4.28 -9.73
N THR A 35 -13.43 3.56 -8.80
CA THR A 35 -14.80 3.74 -8.49
C THR A 35 -15.04 3.74 -7.01
N SER A 36 -15.14 2.56 -6.39
CA SER A 36 -15.63 2.32 -5.06
C SER A 36 -15.04 3.10 -3.93
N VAL A 37 -13.79 3.60 -4.03
CA VAL A 37 -13.16 4.32 -2.96
C VAL A 37 -13.51 5.77 -2.93
N ARG A 38 -14.30 6.24 -3.92
CA ARG A 38 -14.75 7.59 -4.09
C ARG A 38 -13.67 8.52 -4.52
N HIS A 39 -12.62 7.96 -5.15
CA HIS A 39 -11.37 8.56 -5.50
C HIS A 39 -10.44 8.65 -4.34
N GLY A 40 -9.21 8.12 -4.45
CA GLY A 40 -8.46 7.81 -3.28
C GLY A 40 -7.04 7.45 -3.55
N GLY A 41 -6.70 6.17 -3.32
CA GLY A 41 -5.39 5.62 -3.54
C GLY A 41 -5.53 4.14 -3.67
N ILE A 42 -4.51 3.36 -3.28
CA ILE A 42 -4.65 1.94 -3.15
C ILE A 42 -4.61 1.65 -1.68
N TYR A 43 -5.21 0.54 -1.22
CA TYR A 43 -5.36 0.30 0.18
C TYR A 43 -5.01 -1.12 0.44
N VAL A 44 -4.54 -1.46 1.66
CA VAL A 44 -4.31 -2.82 2.02
C VAL A 44 -5.60 -3.48 2.40
N LYS A 45 -5.90 -4.66 1.85
CA LYS A 45 -6.98 -5.48 2.30
C LYS A 45 -6.50 -6.42 3.36
N ALA A 46 -5.38 -7.13 3.09
CA ALA A 46 -4.87 -8.17 3.93
C ALA A 46 -3.38 -8.07 4.01
N ILE A 47 -2.84 -8.26 5.22
CA ILE A 47 -1.45 -8.39 5.51
C ILE A 47 -1.18 -9.86 5.53
N ILE A 48 -0.06 -10.30 4.94
CA ILE A 48 0.27 -11.69 4.90
C ILE A 48 1.18 -12.11 6.00
N PRO A 49 1.17 -13.34 6.44
CA PRO A 49 2.18 -13.86 7.32
C PRO A 49 3.41 -14.26 6.58
N LYS A 50 4.16 -13.29 6.01
CA LYS A 50 5.45 -13.52 5.43
C LYS A 50 6.50 -12.69 6.08
N GLY A 51 6.53 -11.37 5.82
CA GLY A 51 7.63 -10.56 6.23
C GLY A 51 7.39 -9.10 6.06
N ALA A 52 7.90 -8.49 4.98
CA ALA A 52 8.26 -7.11 4.89
C ALA A 52 7.30 -6.08 5.36
N ALA A 53 6.04 -6.10 4.87
CA ALA A 53 5.01 -5.18 5.25
C ALA A 53 4.43 -5.41 6.60
N GLU A 54 4.43 -6.65 7.10
CA GLU A 54 4.14 -6.96 8.47
C GLU A 54 5.20 -6.42 9.37
N SER A 55 6.46 -6.49 8.92
CA SER A 55 7.61 -6.06 9.66
C SER A 55 7.77 -4.60 9.86
N ASP A 56 6.91 -3.71 9.36
CA ASP A 56 6.88 -2.34 9.80
C ASP A 56 6.31 -2.27 11.18
N GLY A 57 4.97 -2.25 11.29
CA GLY A 57 4.31 -2.28 12.55
C GLY A 57 3.02 -1.52 12.52
N ARG A 58 3.04 -0.35 11.86
CA ARG A 58 1.90 0.52 11.81
C ARG A 58 0.93 0.17 10.74
N ILE A 59 1.34 -0.63 9.73
CA ILE A 59 0.51 -1.10 8.67
C ILE A 59 -0.37 -2.20 9.15
N HIS A 60 -1.68 -2.05 8.91
CA HIS A 60 -2.70 -3.00 9.23
C HIS A 60 -3.56 -3.27 8.04
N LYS A 61 -4.57 -4.14 8.21
CA LYS A 61 -5.50 -4.53 7.20
C LYS A 61 -6.53 -3.48 6.94
N GLY A 62 -6.15 -2.35 6.32
CA GLY A 62 -7.08 -1.31 6.02
C GLY A 62 -6.50 0.00 5.62
N ASP A 63 -5.18 0.22 5.81
CA ASP A 63 -4.56 1.49 5.59
C ASP A 63 -4.44 1.89 4.16
N ARG A 64 -4.32 3.20 3.92
CA ARG A 64 -4.25 3.82 2.62
C ARG A 64 -2.82 3.97 2.21
N VAL A 65 -2.49 3.53 0.98
CA VAL A 65 -1.26 3.81 0.31
C VAL A 65 -1.48 4.97 -0.59
N LEU A 66 -0.72 6.07 -0.43
CA LEU A 66 -0.78 7.20 -1.30
C LEU A 66 0.38 7.29 -2.24
N ALA A 67 1.58 6.84 -1.84
CA ALA A 67 2.70 6.91 -2.73
C ALA A 67 3.71 5.84 -2.49
N VAL A 68 4.56 5.55 -3.49
CA VAL A 68 5.51 4.48 -3.44
C VAL A 68 6.80 4.86 -4.06
N ASN A 69 7.95 4.77 -3.36
CA ASN A 69 9.24 5.14 -3.85
C ASN A 69 9.30 6.57 -4.29
N GLY A 70 8.49 7.42 -3.63
CA GLY A 70 8.28 8.79 -3.95
C GLY A 70 7.43 9.04 -5.14
N VAL A 71 6.60 8.05 -5.54
CA VAL A 71 5.75 8.11 -6.69
C VAL A 71 4.35 7.95 -6.22
N SER A 72 3.54 9.02 -6.28
CA SER A 72 2.15 8.99 -5.98
C SER A 72 1.36 8.08 -6.85
N LEU A 73 0.30 7.47 -6.27
CA LEU A 73 -0.66 6.68 -6.97
C LEU A 73 -1.65 7.55 -7.66
N GLU A 74 -1.19 8.34 -8.65
CA GLU A 74 -1.98 9.29 -9.36
C GLU A 74 -2.74 8.64 -10.47
N GLY A 75 -4.03 8.34 -10.22
CA GLY A 75 -4.86 7.67 -11.17
C GLY A 75 -4.86 6.19 -11.01
N ALA A 76 -4.17 5.67 -9.98
CA ALA A 76 -3.96 4.25 -9.86
C ALA A 76 -5.13 3.47 -9.37
N THR A 77 -5.45 2.42 -10.14
CA THR A 77 -6.52 1.48 -9.94
C THR A 77 -5.97 0.33 -9.18
N HIS A 78 -6.69 -0.82 -9.11
CA HIS A 78 -6.12 -2.05 -8.69
C HIS A 78 -4.96 -2.48 -9.53
N LYS A 79 -5.09 -2.48 -10.86
CA LYS A 79 -4.08 -2.91 -11.76
C LYS A 79 -2.89 -2.01 -11.83
N GLN A 80 -3.11 -0.68 -11.94
CA GLN A 80 -2.06 0.28 -11.97
C GLN A 80 -1.34 0.40 -10.66
N ALA A 81 -2.04 0.23 -9.52
CA ALA A 81 -1.39 0.19 -8.24
C ALA A 81 -0.50 -0.98 -8.04
N VAL A 82 -0.88 -2.17 -8.53
CA VAL A 82 -0.01 -3.30 -8.54
C VAL A 82 1.25 -2.98 -9.27
N GLU A 83 1.21 -2.47 -10.51
CA GLU A 83 2.39 -2.10 -11.21
C GLU A 83 3.26 -1.10 -10.53
N THR A 84 2.68 -0.06 -9.90
CA THR A 84 3.38 0.92 -9.12
C THR A 84 4.08 0.39 -7.91
N LEU A 85 3.62 -0.71 -7.30
CA LEU A 85 4.28 -1.41 -6.24
C LEU A 85 5.19 -2.51 -6.68
N ARG A 86 4.79 -3.29 -7.70
CA ARG A 86 5.40 -4.46 -8.23
C ARG A 86 6.59 -4.18 -9.08
N ASN A 87 6.52 -3.18 -9.97
CA ASN A 87 7.49 -2.92 -10.99
C ASN A 87 8.59 -2.03 -10.50
N THR A 88 8.99 -2.24 -9.24
CA THR A 88 9.93 -1.45 -8.49
C THR A 88 11.23 -2.15 -8.29
N GLY A 89 12.26 -1.42 -7.86
CA GLY A 89 13.61 -1.90 -7.76
C GLY A 89 13.86 -2.84 -6.62
N GLN A 90 14.25 -2.28 -5.45
CA GLN A 90 14.51 -3.05 -4.27
C GLN A 90 13.91 -2.37 -3.08
N VAL A 91 14.35 -1.15 -2.74
CA VAL A 91 13.71 -0.39 -1.71
C VAL A 91 12.42 0.17 -2.19
N VAL A 92 11.36 -0.13 -1.43
CA VAL A 92 10.03 0.38 -1.63
C VAL A 92 9.70 1.23 -0.46
N HIS A 93 9.75 2.57 -0.62
CA HIS A 93 9.32 3.50 0.37
C HIS A 93 7.85 3.67 0.27
N LEU A 94 7.06 3.06 1.17
CA LEU A 94 5.63 3.18 1.17
C LEU A 94 5.18 4.39 1.91
N LEU A 95 4.50 5.31 1.21
CA LEU A 95 3.85 6.43 1.83
C LEU A 95 2.45 6.01 2.15
N LEU A 96 2.23 5.72 3.45
CA LEU A 96 1.01 5.26 4.03
C LEU A 96 0.31 6.38 4.72
N GLU A 97 -1.03 6.39 4.67
CA GLU A 97 -1.88 7.15 5.53
C GLU A 97 -2.59 6.16 6.40
N LYS A 98 -2.59 6.43 7.70
CA LYS A 98 -3.21 5.62 8.70
C LYS A 98 -4.70 5.72 8.68
N GLY A 99 -5.39 4.59 8.48
CA GLY A 99 -6.79 4.54 8.22
C GLY A 99 -7.66 4.64 9.42
N GLN A 100 -7.68 5.82 10.06
CA GLN A 100 -8.54 6.14 11.16
C GLN A 100 -9.22 7.44 10.94
N VAL A 101 -10.43 7.56 11.51
CA VAL A 101 -11.35 8.64 11.34
C VAL A 101 -11.24 9.60 12.48
N PRO A 102 -11.14 10.89 12.34
CA PRO A 102 -11.07 11.79 13.44
C PRO A 102 -12.30 11.83 14.29
N TYR B 7 -11.53 -7.48 -10.80
CA TYR B 7 -10.49 -8.23 -10.18
C TYR B 7 -9.92 -7.48 -9.02
N LEU B 8 -9.59 -8.18 -7.92
CA LEU B 8 -9.14 -7.58 -6.70
C LEU B 8 -8.10 -8.44 -6.07
N VAL B 9 -7.37 -7.89 -5.08
CA VAL B 9 -6.48 -8.55 -4.18
C VAL B 9 -5.39 -9.39 -4.76
N THR B 10 -4.21 -8.76 -4.80
CA THR B 10 -3.00 -9.27 -5.41
C THR B 10 -1.96 -8.99 -4.39
N SER B 11 -1.21 -10.01 -3.93
CA SER B 11 -0.06 -9.87 -3.09
C SER B 11 1.06 -9.24 -3.83
N VAL B 12 1.66 -8.17 -3.28
CA VAL B 12 2.62 -7.37 -3.98
C VAL B 12 3.50 -6.74 -2.91
N MET A 8 -3.05 5.27 18.87
CA MET A 8 -3.16 5.41 17.45
C MET A 8 -3.62 6.79 17.14
N LYS A 9 -3.47 7.26 15.89
CA LYS A 9 -3.92 8.56 15.51
C LYS A 9 -4.75 8.46 14.29
N PRO A 10 -5.63 9.37 13.99
CA PRO A 10 -6.27 9.45 12.71
C PRO A 10 -5.36 10.03 11.67
N GLY A 11 -5.21 9.36 10.51
CA GLY A 11 -4.51 9.92 9.39
C GLY A 11 -3.06 10.15 9.57
N ASP A 12 -2.35 9.22 10.24
CA ASP A 12 -0.93 9.30 10.43
C ASP A 12 -0.24 8.85 9.19
N THR A 13 0.56 9.68 8.52
CA THR A 13 1.35 9.27 7.41
C THR A 13 2.72 8.84 7.84
N PHE A 14 3.19 7.70 7.30
CA PHE A 14 4.47 7.14 7.56
C PHE A 14 5.11 6.81 6.26
N GLU A 15 6.41 7.13 6.15
CA GLU A 15 7.19 7.03 4.95
C GLU A 15 8.21 5.96 5.12
N VAL A 16 7.76 4.69 5.03
CA VAL A 16 8.50 3.51 5.36
C VAL A 16 9.29 2.93 4.24
N GLU A 17 10.62 2.79 4.37
CA GLU A 17 11.46 2.14 3.40
C GLU A 17 11.74 0.74 3.81
N LEU A 18 11.26 -0.23 3.00
CA LEU A 18 11.46 -1.63 3.21
C LEU A 18 11.64 -2.26 1.87
N ALA A 19 12.02 -3.56 1.85
CA ALA A 19 12.24 -4.29 0.64
C ALA A 19 11.32 -5.46 0.57
N LYS A 20 10.78 -5.74 -0.64
CA LYS A 20 9.97 -6.87 -0.96
C LYS A 20 10.70 -8.16 -0.81
N THR A 21 10.00 -9.23 -0.40
CA THR A 21 10.56 -10.54 -0.23
C THR A 21 10.20 -11.39 -1.39
N ASP A 22 11.16 -11.58 -2.31
CA ASP A 22 11.05 -12.24 -3.59
C ASP A 22 10.15 -11.63 -4.61
N GLY A 23 9.18 -10.79 -4.21
CA GLY A 23 8.26 -10.14 -5.09
C GLY A 23 6.94 -9.93 -4.46
N SER A 24 6.93 -9.48 -3.19
CA SER A 24 5.77 -9.19 -2.41
C SER A 24 6.32 -8.59 -1.16
N LEU A 25 5.79 -7.41 -0.77
CA LEU A 25 6.02 -6.76 0.48
C LEU A 25 5.14 -7.47 1.46
N GLY A 26 3.92 -7.78 0.98
CA GLY A 26 2.99 -8.64 1.64
C GLY A 26 1.76 -7.90 2.00
N ILE A 27 1.28 -7.09 1.04
CA ILE A 27 -0.02 -6.51 1.09
C ILE A 27 -0.82 -6.93 -0.10
N SER A 28 -2.09 -7.33 0.13
CA SER A 28 -3.05 -7.57 -0.90
C SER A 28 -3.91 -6.38 -1.11
N VAL A 29 -3.85 -5.80 -2.33
CA VAL A 29 -4.40 -4.51 -2.61
C VAL A 29 -5.84 -4.48 -3.02
N THR A 30 -6.58 -3.47 -2.56
CA THR A 30 -7.89 -3.12 -3.00
C THR A 30 -7.98 -1.65 -3.23
N GLY A 31 -8.95 -1.20 -4.03
CA GLY A 31 -9.26 0.18 -4.25
C GLY A 31 -8.93 0.67 -5.62
N GLY A 32 -8.42 1.92 -5.70
CA GLY A 32 -8.07 2.58 -6.92
C GLY A 32 -9.22 3.05 -7.74
N VAL A 33 -8.90 3.59 -8.94
CA VAL A 33 -9.80 4.08 -9.93
C VAL A 33 -10.72 3.06 -10.49
N ASN A 34 -10.41 1.76 -10.25
CA ASN A 34 -11.23 0.63 -10.60
C ASN A 34 -12.55 0.64 -9.91
N THR A 35 -12.63 1.23 -8.71
CA THR A 35 -13.81 1.42 -7.94
C THR A 35 -13.90 2.87 -7.61
N SER A 36 -14.72 3.28 -6.62
CA SER A 36 -14.79 4.62 -6.14
C SER A 36 -14.18 4.73 -4.78
N VAL A 37 -12.97 5.30 -4.70
CA VAL A 37 -12.22 5.41 -3.49
C VAL A 37 -12.23 6.82 -2.99
N ARG A 38 -11.08 7.42 -2.65
CA ARG A 38 -10.98 8.83 -2.41
C ARG A 38 -10.61 9.52 -3.68
N HIS A 39 -9.39 9.27 -4.19
CA HIS A 39 -8.95 9.85 -5.42
C HIS A 39 -7.87 9.01 -6.01
N GLY A 40 -8.18 7.76 -6.36
CA GLY A 40 -7.28 6.89 -7.06
C GLY A 40 -6.22 6.21 -6.25
N GLY A 41 -6.23 6.31 -4.92
CA GLY A 41 -5.28 5.66 -4.06
C GLY A 41 -5.71 4.28 -3.68
N ILE A 42 -4.75 3.44 -3.24
CA ILE A 42 -4.94 2.05 -3.01
C ILE A 42 -4.95 1.78 -1.55
N TYR A 43 -5.46 0.62 -1.12
CA TYR A 43 -5.65 0.29 0.26
C TYR A 43 -5.25 -1.14 0.46
N VAL A 44 -4.98 -1.57 1.70
CA VAL A 44 -4.67 -2.93 1.99
C VAL A 44 -5.87 -3.68 2.46
N LYS A 45 -6.22 -4.81 1.82
CA LYS A 45 -7.29 -5.66 2.26
C LYS A 45 -6.82 -6.74 3.17
N ALA A 46 -5.60 -7.24 2.96
CA ALA A 46 -5.02 -8.25 3.80
C ALA A 46 -3.55 -8.07 3.92
N ILE A 47 -3.02 -8.22 5.14
CA ILE A 47 -1.62 -8.22 5.48
C ILE A 47 -1.18 -9.63 5.54
N ILE A 48 0.03 -9.95 5.04
CA ILE A 48 0.64 -11.23 5.25
C ILE A 48 1.31 -11.24 6.58
N PRO A 49 1.15 -12.23 7.44
CA PRO A 49 1.96 -12.38 8.60
C PRO A 49 3.42 -12.53 8.32
N LYS A 50 4.18 -11.44 8.50
CA LYS A 50 5.62 -11.41 8.47
C LYS A 50 6.21 -11.66 7.13
N GLY A 51 5.76 -10.94 6.09
CA GLY A 51 6.51 -10.83 4.87
C GLY A 51 7.53 -9.76 5.03
N ALA A 52 7.23 -8.55 4.53
CA ALA A 52 8.02 -7.37 4.73
C ALA A 52 7.17 -6.26 5.28
N ALA A 53 5.92 -6.13 4.81
CA ALA A 53 5.03 -5.07 5.16
C ALA A 53 4.50 -5.13 6.55
N GLU A 54 4.08 -6.30 7.06
CA GLU A 54 3.80 -6.48 8.45
C GLU A 54 5.01 -6.19 9.27
N SER A 55 6.19 -6.49 8.70
CA SER A 55 7.46 -6.24 9.31
C SER A 55 7.90 -4.82 9.34
N ASP A 56 7.09 -3.83 8.92
CA ASP A 56 7.19 -2.51 9.44
C ASP A 56 6.70 -2.54 10.85
N GLY A 57 5.37 -2.35 11.04
CA GLY A 57 4.77 -2.38 12.34
C GLY A 57 3.51 -1.58 12.40
N ARG A 58 3.50 -0.38 11.79
CA ARG A 58 2.40 0.52 11.88
C ARG A 58 1.25 0.21 10.99
N ILE A 59 1.44 -0.62 9.95
CA ILE A 59 0.45 -1.03 8.99
C ILE A 59 -0.54 -1.98 9.57
N HIS A 60 -1.81 -1.89 9.17
CA HIS A 60 -2.75 -2.96 9.31
C HIS A 60 -3.64 -3.01 8.12
N LYS A 61 -4.60 -3.94 8.09
CA LYS A 61 -5.54 -4.04 7.00
C LYS A 61 -6.64 -3.05 7.13
N GLY A 62 -6.99 -2.37 6.03
CA GLY A 62 -7.89 -1.25 6.01
C GLY A 62 -7.20 0.02 5.65
N ASP A 63 -5.87 0.09 5.81
CA ASP A 63 -5.07 1.27 5.65
C ASP A 63 -4.92 1.71 4.24
N ARG A 64 -4.56 2.99 4.06
CA ARG A 64 -4.42 3.61 2.77
C ARG A 64 -2.98 3.72 2.40
N VAL A 65 -2.68 3.37 1.13
CA VAL A 65 -1.41 3.40 0.50
C VAL A 65 -1.52 4.46 -0.55
N LEU A 66 -0.81 5.59 -0.39
CA LEU A 66 -0.94 6.70 -1.29
C LEU A 66 0.19 6.81 -2.26
N ALA A 67 1.43 6.44 -1.89
CA ALA A 67 2.51 6.57 -2.82
C ALA A 67 3.63 5.63 -2.55
N VAL A 68 4.46 5.34 -3.57
CA VAL A 68 5.64 4.54 -3.43
C VAL A 68 6.82 5.21 -4.02
N ASN A 69 7.94 5.33 -3.30
CA ASN A 69 9.12 6.08 -3.61
C ASN A 69 8.90 7.40 -4.25
N GLY A 70 7.92 8.14 -3.73
CA GLY A 70 7.54 9.45 -4.17
C GLY A 70 6.64 9.48 -5.35
N VAL A 71 6.09 8.31 -5.74
CA VAL A 71 5.23 8.16 -6.87
C VAL A 71 3.87 7.91 -6.33
N SER A 72 3.07 8.99 -6.24
CA SER A 72 1.69 8.92 -5.86
C SER A 72 0.81 8.33 -6.91
N LEU A 73 -0.31 7.75 -6.47
CA LEU A 73 -1.22 7.01 -7.29
C LEU A 73 -2.14 7.91 -8.05
N GLU A 74 -1.62 8.58 -9.09
CA GLU A 74 -2.37 9.41 -9.97
C GLU A 74 -3.00 8.59 -11.04
N GLY A 75 -4.34 8.43 -10.95
CA GLY A 75 -5.11 7.64 -11.85
C GLY A 75 -5.02 6.16 -11.68
N ALA A 76 -4.43 5.66 -10.59
CA ALA A 76 -4.11 4.27 -10.46
C ALA A 76 -5.24 3.40 -10.04
N THR A 77 -5.31 2.19 -10.63
CA THR A 77 -6.33 1.21 -10.46
C THR A 77 -5.90 0.19 -9.47
N HIS A 78 -6.46 -1.04 -9.50
CA HIS A 78 -5.90 -2.17 -8.82
C HIS A 78 -4.62 -2.58 -9.46
N LYS A 79 -4.62 -2.83 -10.79
CA LYS A 79 -3.46 -3.30 -11.49
C LYS A 79 -2.39 -2.28 -11.61
N GLN A 80 -2.72 -1.00 -11.84
CA GLN A 80 -1.77 0.06 -11.79
C GLN A 80 -1.19 0.29 -10.44
N ALA A 81 -1.95 0.16 -9.34
CA ALA A 81 -1.40 0.22 -8.03
C ALA A 81 -0.48 -0.90 -7.70
N VAL A 82 -0.76 -2.12 -8.19
CA VAL A 82 0.13 -3.22 -8.14
C VAL A 82 1.42 -2.87 -8.80
N GLU A 83 1.44 -2.47 -10.08
CA GLU A 83 2.59 -2.02 -10.80
C GLU A 83 3.43 -1.01 -10.12
N THR A 84 2.78 -0.05 -9.41
CA THR A 84 3.34 0.98 -8.62
C THR A 84 4.09 0.50 -7.42
N LEU A 85 3.68 -0.62 -6.79
CA LEU A 85 4.38 -1.28 -5.75
C LEU A 85 5.33 -2.34 -6.21
N ARG A 86 5.01 -2.99 -7.34
CA ARG A 86 5.62 -4.18 -7.87
C ARG A 86 6.81 -3.94 -8.73
N ASN A 87 6.76 -3.02 -9.71
CA ASN A 87 7.80 -2.80 -10.66
C ASN A 87 8.81 -1.82 -10.14
N THR A 88 9.10 -1.91 -8.84
CA THR A 88 9.95 -1.08 -8.05
C THR A 88 11.33 -1.63 -7.94
N GLY A 89 12.32 -0.77 -7.62
CA GLY A 89 13.71 -1.12 -7.57
C GLY A 89 14.15 -1.66 -6.25
N GLN A 90 13.60 -2.82 -5.85
CA GLN A 90 13.83 -3.55 -4.65
C GLN A 90 13.36 -2.90 -3.40
N VAL A 91 13.73 -1.63 -3.17
CA VAL A 91 13.21 -0.80 -2.13
C VAL A 91 11.89 -0.24 -2.52
N VAL A 92 10.90 -0.46 -1.64
CA VAL A 92 9.61 0.20 -1.67
C VAL A 92 9.62 1.13 -0.51
N HIS A 93 9.72 2.43 -0.81
CA HIS A 93 9.56 3.49 0.15
C HIS A 93 8.11 3.85 0.17
N LEU A 94 7.34 3.31 1.13
CA LEU A 94 5.90 3.38 1.14
C LEU A 94 5.42 4.59 1.86
N LEU A 95 4.61 5.42 1.18
CA LEU A 95 3.82 6.44 1.78
C LEU A 95 2.49 5.87 2.12
N LEU A 96 2.33 5.53 3.41
CA LEU A 96 1.16 4.98 4.03
C LEU A 96 0.43 6.05 4.76
N GLU A 97 -0.91 5.97 4.82
CA GLU A 97 -1.73 6.74 5.69
C GLU A 97 -2.54 5.81 6.53
N LYS A 98 -2.68 6.13 7.82
CA LYS A 98 -3.40 5.32 8.76
C LYS A 98 -4.87 5.44 8.59
N GLY A 99 -5.55 4.32 8.28
CA GLY A 99 -6.88 4.31 7.77
C GLY A 99 -7.94 4.27 8.82
N GLN A 100 -7.89 5.21 9.76
CA GLN A 100 -8.91 5.43 10.75
C GLN A 100 -9.25 6.88 10.74
N VAL A 101 -10.55 7.22 10.89
CA VAL A 101 -11.05 8.55 10.96
C VAL A 101 -11.18 8.96 12.38
N PRO A 102 -11.18 10.21 12.74
CA PRO A 102 -11.29 10.62 14.11
C PRO A 102 -12.65 10.43 14.68
N TYR B 7 -10.74 -9.78 -10.93
CA TYR B 7 -10.66 -10.02 -9.52
C TYR B 7 -9.82 -8.99 -8.83
N LEU B 8 -9.95 -8.94 -7.49
CA LEU B 8 -9.27 -8.03 -6.62
C LEU B 8 -8.09 -8.70 -6.02
N VAL B 9 -7.32 -7.99 -5.18
CA VAL B 9 -6.51 -8.58 -4.16
C VAL B 9 -5.32 -9.35 -4.63
N THR B 10 -4.20 -8.63 -4.75
CA THR B 10 -3.00 -9.10 -5.37
C THR B 10 -1.94 -8.79 -4.38
N SER B 11 -1.20 -9.83 -3.94
CA SER B 11 -0.09 -9.74 -3.05
C SER B 11 1.10 -9.18 -3.75
N VAL B 12 1.73 -8.17 -3.13
CA VAL B 12 2.67 -7.31 -3.80
C VAL B 12 3.43 -6.67 -2.64
N MET A 8 -0.48 4.63 16.55
CA MET A 8 -1.89 4.46 16.73
C MET A 8 -2.55 5.80 16.73
N LYS A 9 -2.35 6.56 15.64
CA LYS A 9 -2.92 7.85 15.44
C LYS A 9 -3.87 7.79 14.29
N PRO A 10 -4.96 8.51 14.23
CA PRO A 10 -5.75 8.61 13.03
C PRO A 10 -5.06 9.47 12.03
N GLY A 11 -5.26 9.24 10.73
CA GLY A 11 -4.78 10.07 9.67
C GLY A 11 -3.31 10.31 9.61
N ASP A 12 -2.50 9.32 10.04
CA ASP A 12 -1.10 9.50 10.25
C ASP A 12 -0.31 9.01 9.07
N THR A 13 0.49 9.88 8.42
CA THR A 13 1.39 9.48 7.38
C THR A 13 2.65 8.90 7.93
N PHE A 14 3.07 7.75 7.35
CA PHE A 14 4.28 7.07 7.66
C PHE A 14 4.99 6.72 6.40
N GLU A 15 6.25 7.19 6.28
CA GLU A 15 7.18 6.80 5.26
C GLU A 15 7.94 5.60 5.70
N VAL A 16 7.37 4.40 5.45
CA VAL A 16 7.97 3.13 5.71
C VAL A 16 8.91 2.80 4.60
N GLU A 17 10.06 2.16 4.84
CA GLU A 17 10.96 1.71 3.81
C GLU A 17 11.19 0.25 3.96
N LEU A 18 10.80 -0.52 2.93
CA LEU A 18 10.81 -1.95 2.93
C LEU A 18 11.67 -2.44 1.81
N ALA A 19 12.11 -3.71 1.90
CA ALA A 19 12.69 -4.42 0.81
C ALA A 19 11.87 -5.65 0.57
N LYS A 20 11.25 -5.77 -0.61
CA LYS A 20 10.34 -6.80 -0.96
C LYS A 20 10.94 -8.17 -0.98
N THR A 21 10.17 -9.21 -0.60
CA THR A 21 10.64 -10.57 -0.60
C THR A 21 10.18 -11.27 -1.84
N ASP A 22 11.12 -11.46 -2.79
CA ASP A 22 10.93 -12.00 -4.09
C ASP A 22 9.81 -11.40 -4.88
N GLY A 23 9.64 -10.07 -4.80
CA GLY A 23 8.54 -9.37 -5.39
C GLY A 23 7.26 -9.48 -4.65
N SER A 24 7.19 -8.94 -3.42
CA SER A 24 6.08 -9.03 -2.53
C SER A 24 6.50 -8.32 -1.29
N LEU A 25 5.83 -7.20 -1.00
CA LEU A 25 5.92 -6.46 0.24
C LEU A 25 5.12 -7.23 1.24
N GLY A 26 3.99 -7.77 0.75
CA GLY A 26 3.19 -8.72 1.45
C GLY A 26 1.81 -8.18 1.69
N ILE A 27 1.35 -7.28 0.82
CA ILE A 27 0.10 -6.63 1.05
C ILE A 27 -0.80 -6.83 -0.12
N SER A 28 -2.02 -7.31 0.14
CA SER A 28 -3.08 -7.46 -0.82
C SER A 28 -3.80 -6.19 -1.13
N VAL A 29 -3.64 -5.62 -2.33
CA VAL A 29 -4.23 -4.38 -2.69
C VAL A 29 -5.68 -4.40 -3.02
N THR A 30 -6.48 -3.52 -2.41
CA THR A 30 -7.86 -3.29 -2.69
C THR A 30 -8.09 -1.86 -3.01
N GLY A 31 -9.28 -1.54 -3.54
CA GLY A 31 -9.68 -0.24 -3.97
C GLY A 31 -9.07 0.19 -5.25
N GLY A 32 -8.91 1.51 -5.42
CA GLY A 32 -8.40 2.13 -6.60
C GLY A 32 -9.50 2.86 -7.28
N VAL A 33 -9.17 3.74 -8.25
CA VAL A 33 -10.12 4.64 -8.85
C VAL A 33 -11.24 3.96 -9.58
N ASN A 34 -11.01 2.74 -10.09
CA ASN A 34 -12.05 2.02 -10.79
C ASN A 34 -13.00 1.34 -9.88
N THR A 35 -12.70 1.24 -8.58
CA THR A 35 -13.58 0.72 -7.57
C THR A 35 -14.43 1.82 -7.01
N SER A 36 -13.96 3.07 -7.14
CA SER A 36 -14.54 4.28 -6.64
C SER A 36 -14.30 4.43 -5.18
N VAL A 37 -13.17 5.06 -4.82
CA VAL A 37 -12.66 5.13 -3.48
C VAL A 37 -12.79 6.55 -3.04
N ARG A 38 -11.69 7.25 -2.74
CA ARG A 38 -11.66 8.68 -2.70
C ARG A 38 -11.50 9.19 -4.08
N HIS A 39 -10.26 9.54 -4.48
CA HIS A 39 -9.87 9.98 -5.78
C HIS A 39 -9.12 8.93 -6.53
N GLY A 40 -8.32 8.14 -5.80
CA GLY A 40 -7.53 7.06 -6.27
C GLY A 40 -6.86 6.53 -5.05
N GLY A 41 -5.52 6.40 -5.08
CA GLY A 41 -4.79 5.68 -4.09
C GLY A 41 -4.90 4.21 -4.26
N ILE A 42 -4.34 3.43 -3.33
CA ILE A 42 -4.67 2.05 -3.21
C ILE A 42 -4.73 1.78 -1.75
N TYR A 43 -5.34 0.67 -1.30
CA TYR A 43 -5.55 0.42 0.09
C TYR A 43 -5.20 -1.00 0.35
N VAL A 44 -4.83 -1.36 1.59
CA VAL A 44 -4.45 -2.71 1.91
C VAL A 44 -5.58 -3.47 2.50
N LYS A 45 -5.98 -4.60 1.87
CA LYS A 45 -7.07 -5.41 2.34
C LYS A 45 -6.65 -6.43 3.34
N ALA A 46 -5.43 -6.98 3.19
CA ALA A 46 -4.93 -8.00 4.05
C ALA A 46 -3.45 -7.86 4.20
N ILE A 47 -2.97 -7.93 5.46
CA ILE A 47 -1.59 -8.09 5.78
C ILE A 47 -1.37 -9.55 5.96
N ILE A 48 -0.39 -10.12 5.24
CA ILE A 48 -0.09 -11.51 5.34
C ILE A 48 0.74 -11.82 6.53
N PRO A 49 0.81 -13.04 7.00
CA PRO A 49 1.77 -13.41 7.99
C PRO A 49 3.14 -13.53 7.42
N LYS A 50 3.99 -12.54 7.75
CA LYS A 50 5.37 -12.39 7.37
C LYS A 50 5.67 -12.36 5.91
N GLY A 51 5.83 -11.10 5.43
CA GLY A 51 6.43 -10.77 4.18
C GLY A 51 7.55 -9.82 4.45
N ALA A 52 7.36 -8.55 4.06
CA ALA A 52 8.22 -7.45 4.38
C ALA A 52 7.49 -6.41 5.16
N ALA A 53 6.24 -6.10 4.78
CA ALA A 53 5.44 -5.03 5.31
C ALA A 53 4.99 -5.17 6.72
N GLU A 54 4.56 -6.35 7.17
CA GLU A 54 4.22 -6.60 8.54
C GLU A 54 5.31 -6.27 9.48
N SER A 55 6.56 -6.40 9.01
CA SER A 55 7.74 -6.04 9.73
C SER A 55 8.02 -4.59 9.90
N ASP A 56 7.17 -3.66 9.43
CA ASP A 56 7.21 -2.30 9.89
C ASP A 56 6.69 -2.25 11.29
N GLY A 57 5.43 -1.85 11.48
CA GLY A 57 4.88 -1.88 12.81
C GLY A 57 3.52 -1.30 12.91
N ARG A 58 3.33 -0.10 12.31
CA ARG A 58 2.09 0.61 12.30
C ARG A 58 1.04 -0.04 11.48
N ILE A 59 1.45 -0.70 10.38
CA ILE A 59 0.68 -1.33 9.36
C ILE A 59 -0.34 -2.32 9.83
N HIS A 60 -1.60 -2.18 9.37
CA HIS A 60 -2.60 -3.19 9.53
C HIS A 60 -3.50 -3.23 8.35
N LYS A 61 -4.48 -4.15 8.30
CA LYS A 61 -5.42 -4.16 7.22
C LYS A 61 -6.39 -3.04 7.30
N GLY A 62 -6.42 -2.20 6.25
CA GLY A 62 -7.24 -1.02 6.20
C GLY A 62 -6.51 0.27 6.00
N ASP A 63 -5.18 0.28 5.87
CA ASP A 63 -4.45 1.49 5.59
C ASP A 63 -4.54 1.91 4.17
N ARG A 64 -4.29 3.21 3.92
CA ARG A 64 -4.28 3.81 2.63
C ARG A 64 -2.86 3.96 2.17
N VAL A 65 -2.55 3.52 0.94
CA VAL A 65 -1.27 3.70 0.32
C VAL A 65 -1.42 4.90 -0.55
N LEU A 66 -0.66 5.99 -0.30
CA LEU A 66 -0.69 7.14 -1.14
C LEU A 66 0.44 7.20 -2.11
N ALA A 67 1.67 6.80 -1.74
CA ALA A 67 2.76 6.90 -2.66
C ALA A 67 3.79 5.83 -2.48
N VAL A 68 4.60 5.59 -3.53
CA VAL A 68 5.63 4.60 -3.51
C VAL A 68 6.90 5.15 -4.08
N ASN A 69 8.00 5.28 -3.31
CA ASN A 69 9.17 6.00 -3.67
C ASN A 69 8.94 7.40 -4.11
N GLY A 70 7.86 8.04 -3.63
CA GLY A 70 7.43 9.34 -4.05
C GLY A 70 6.49 9.32 -5.21
N VAL A 71 6.08 8.13 -5.67
CA VAL A 71 5.22 7.96 -6.80
C VAL A 71 3.83 7.85 -6.29
N SER A 72 3.12 8.99 -6.24
CA SER A 72 1.77 9.07 -5.78
C SER A 72 0.78 8.47 -6.71
N LEU A 73 -0.15 7.69 -6.15
CA LEU A 73 -1.15 6.90 -6.82
C LEU A 73 -2.31 7.72 -7.25
N GLU A 74 -2.07 8.78 -8.04
CA GLU A 74 -3.00 9.74 -8.53
C GLU A 74 -3.88 9.18 -9.61
N GLY A 75 -4.94 8.46 -9.21
CA GLY A 75 -5.86 7.84 -10.12
C GLY A 75 -5.45 6.46 -10.52
N ALA A 76 -4.73 5.74 -9.64
CA ALA A 76 -4.34 4.39 -9.87
C ALA A 76 -5.46 3.43 -9.65
N THR A 77 -5.45 2.31 -10.38
CA THR A 77 -6.46 1.29 -10.40
C THR A 77 -5.97 0.11 -9.63
N HIS A 78 -6.59 -1.08 -9.79
CA HIS A 78 -6.06 -2.31 -9.28
C HIS A 78 -4.79 -2.68 -9.97
N LYS A 79 -4.80 -2.77 -11.31
CA LYS A 79 -3.66 -3.07 -12.11
C LYS A 79 -2.60 -2.03 -12.01
N GLN A 80 -2.95 -0.74 -12.11
CA GLN A 80 -2.00 0.32 -12.01
C GLN A 80 -1.33 0.41 -10.68
N ALA A 81 -2.06 0.23 -9.56
CA ALA A 81 -1.45 0.19 -8.27
C ALA A 81 -0.57 -0.99 -8.03
N VAL A 82 -0.95 -2.18 -8.53
CA VAL A 82 -0.09 -3.33 -8.54
C VAL A 82 1.20 -3.01 -9.20
N GLU A 83 1.20 -2.52 -10.45
CA GLU A 83 2.39 -2.19 -11.16
C GLU A 83 3.19 -1.06 -10.59
N THR A 84 2.57 -0.14 -9.83
CA THR A 84 3.19 0.91 -9.10
C THR A 84 4.05 0.38 -8.00
N LEU A 85 3.64 -0.74 -7.38
CA LEU A 85 4.38 -1.47 -6.39
C LEU A 85 5.29 -2.51 -6.94
N ARG A 86 4.88 -3.27 -7.97
CA ARG A 86 5.61 -4.36 -8.52
C ARG A 86 6.69 -4.03 -9.50
N ASN A 87 6.53 -3.02 -10.36
CA ASN A 87 7.55 -2.63 -11.29
C ASN A 87 8.61 -1.77 -10.69
N THR A 88 9.05 -2.09 -9.47
CA THR A 88 10.04 -1.42 -8.70
C THR A 88 11.32 -2.20 -8.70
N GLY A 89 12.29 -1.84 -7.84
CA GLY A 89 13.53 -2.51 -7.67
C GLY A 89 13.57 -3.21 -6.35
N GLN A 90 14.50 -2.82 -5.46
CA GLN A 90 14.61 -3.37 -4.14
C GLN A 90 13.82 -2.59 -3.15
N VAL A 91 14.20 -1.33 -2.87
CA VAL A 91 13.59 -0.52 -1.87
C VAL A 91 12.29 0.05 -2.32
N VAL A 92 11.28 -0.15 -1.47
CA VAL A 92 9.97 0.44 -1.60
C VAL A 92 9.72 1.23 -0.37
N HIS A 93 9.80 2.57 -0.50
CA HIS A 93 9.30 3.53 0.45
C HIS A 93 7.83 3.62 0.32
N LEU A 94 7.07 2.96 1.22
CA LEU A 94 5.64 2.93 1.25
C LEU A 94 5.18 4.14 2.00
N LEU A 95 4.54 5.09 1.29
CA LEU A 95 3.89 6.19 1.91
C LEU A 95 2.49 5.81 2.23
N LEU A 96 2.26 5.45 3.50
CA LEU A 96 1.00 5.01 4.03
C LEU A 96 0.37 6.09 4.82
N GLU A 97 -0.97 6.20 4.77
CA GLU A 97 -1.76 6.98 5.67
C GLU A 97 -2.55 6.02 6.48
N LYS A 98 -2.42 6.15 7.81
CA LYS A 98 -2.93 5.22 8.77
C LYS A 98 -4.43 5.15 8.80
N GLY A 99 -4.96 3.94 8.56
CA GLY A 99 -6.36 3.69 8.40
C GLY A 99 -7.04 3.38 9.69
N GLN A 100 -7.20 4.42 10.54
CA GLN A 100 -8.04 4.37 11.69
C GLN A 100 -8.79 5.65 11.79
N VAL A 101 -10.03 5.60 12.30
CA VAL A 101 -10.95 6.69 12.34
C VAL A 101 -10.73 7.50 13.56
N PRO A 102 -10.88 8.80 13.61
CA PRO A 102 -10.80 9.54 14.83
C PRO A 102 -11.87 9.21 15.81
N TYR B 7 -12.42 -11.21 -6.81
CA TYR B 7 -12.72 -9.98 -7.48
C TYR B 7 -11.45 -9.25 -7.76
N LEU B 8 -10.75 -8.74 -6.71
CA LEU B 8 -9.48 -8.10 -6.84
C LEU B 8 -8.46 -8.79 -5.98
N VAL B 9 -7.47 -8.05 -5.47
CA VAL B 9 -6.59 -8.46 -4.42
C VAL B 9 -5.41 -9.23 -4.91
N THR B 10 -4.22 -8.61 -4.77
CA THR B 10 -3.00 -9.11 -5.31
C THR B 10 -2.00 -8.83 -4.24
N SER B 11 -1.35 -9.86 -3.67
CA SER B 11 -0.23 -9.69 -2.79
C SER B 11 0.97 -9.27 -3.58
N VAL B 12 1.63 -8.18 -3.14
CA VAL B 12 2.53 -7.44 -3.95
C VAL B 12 3.41 -6.71 -2.94
N MET A 8 -5.78 4.41 15.93
CA MET A 8 -4.86 5.26 15.25
C MET A 8 -5.16 6.69 15.57
N LYS A 9 -4.24 7.61 15.21
CA LYS A 9 -4.44 9.02 15.35
C LYS A 9 -4.53 9.65 14.00
N PRO A 10 -5.26 10.70 13.76
CA PRO A 10 -5.21 11.41 12.51
C PRO A 10 -3.96 12.20 12.39
N GLY A 11 -3.59 12.61 11.16
CA GLY A 11 -2.35 13.25 10.87
C GLY A 11 -1.18 12.35 10.68
N ASP A 12 -1.36 11.03 10.90
CA ASP A 12 -0.30 10.07 10.91
C ASP A 12 -0.06 9.49 9.55
N THR A 13 0.92 10.02 8.81
CA THR A 13 1.56 9.34 7.71
C THR A 13 2.86 8.79 8.18
N PHE A 14 3.27 7.65 7.59
CA PHE A 14 4.53 7.03 7.83
C PHE A 14 5.15 6.74 6.50
N GLU A 15 6.38 7.25 6.28
CA GLU A 15 7.13 7.00 5.09
C GLU A 15 8.07 5.87 5.35
N VAL A 16 7.56 4.63 5.24
CA VAL A 16 8.28 3.42 5.43
C VAL A 16 9.17 3.16 4.27
N GLU A 17 10.29 2.44 4.42
CA GLU A 17 11.04 1.93 3.31
C GLU A 17 11.26 0.47 3.54
N LEU A 18 10.81 -0.36 2.59
CA LEU A 18 10.82 -1.78 2.69
C LEU A 18 11.66 -2.32 1.57
N ALA A 19 12.25 -3.52 1.78
CA ALA A 19 12.89 -4.25 0.74
C ALA A 19 12.14 -5.52 0.54
N LYS A 20 11.29 -5.59 -0.51
CA LYS A 20 10.32 -6.61 -0.74
C LYS A 20 10.91 -7.98 -0.76
N THR A 21 10.42 -8.91 0.07
CA THR A 21 11.07 -10.18 0.24
C THR A 21 10.63 -11.15 -0.79
N ASP A 22 11.51 -11.38 -1.79
CA ASP A 22 11.30 -12.17 -2.96
C ASP A 22 10.26 -11.67 -3.90
N GLY A 23 9.84 -10.40 -3.78
CA GLY A 23 8.79 -9.83 -4.55
C GLY A 23 7.47 -10.00 -3.88
N SER A 24 7.16 -9.08 -2.95
CA SER A 24 6.08 -9.11 -2.00
C SER A 24 6.51 -8.31 -0.82
N LEU A 25 5.89 -7.12 -0.64
CA LEU A 25 5.84 -6.36 0.56
C LEU A 25 4.98 -7.11 1.54
N GLY A 26 3.90 -7.69 1.00
CA GLY A 26 3.02 -8.59 1.71
C GLY A 26 1.70 -7.95 1.95
N ILE A 27 1.26 -7.08 1.03
CA ILE A 27 -0.06 -6.51 1.11
C ILE A 27 -0.83 -6.84 -0.11
N SER A 28 -2.07 -7.34 0.08
CA SER A 28 -3.02 -7.48 -0.97
C SER A 28 -3.81 -6.23 -1.16
N VAL A 29 -3.70 -5.64 -2.36
CA VAL A 29 -4.26 -4.36 -2.65
C VAL A 29 -5.68 -4.32 -3.06
N THR A 30 -6.49 -3.41 -2.47
CA THR A 30 -7.86 -3.18 -2.79
C THR A 30 -8.11 -1.75 -3.10
N GLY A 31 -9.32 -1.44 -3.61
CA GLY A 31 -9.74 -0.14 -3.98
C GLY A 31 -9.34 0.26 -5.37
N GLY A 32 -8.59 1.36 -5.48
CA GLY A 32 -8.14 1.91 -6.73
C GLY A 32 -9.11 2.91 -7.27
N VAL A 33 -8.62 3.84 -8.12
CA VAL A 33 -9.35 4.93 -8.68
C VAL A 33 -10.53 4.52 -9.50
N ASN A 34 -10.52 3.24 -9.91
CA ASN A 34 -11.51 2.55 -10.67
C ASN A 34 -12.81 2.38 -9.95
N THR A 35 -12.76 2.03 -8.65
CA THR A 35 -13.93 1.67 -7.91
C THR A 35 -13.96 2.39 -6.61
N SER A 36 -13.53 1.78 -5.48
CA SER A 36 -13.80 2.25 -4.16
C SER A 36 -12.68 2.99 -3.54
N VAL A 37 -12.46 4.27 -3.92
CA VAL A 37 -11.61 5.18 -3.19
C VAL A 37 -12.45 6.39 -2.92
N ARG A 38 -11.87 7.43 -2.30
CA ARG A 38 -12.46 8.73 -2.36
C ARG A 38 -12.11 9.37 -3.65
N HIS A 39 -10.82 9.47 -3.98
CA HIS A 39 -10.43 9.83 -5.30
C HIS A 39 -9.10 9.31 -5.73
N GLY A 40 -8.34 8.59 -4.89
CA GLY A 40 -7.02 8.20 -5.27
C GLY A 40 -6.29 7.58 -4.12
N GLY A 41 -5.76 6.37 -4.39
CA GLY A 41 -4.88 5.64 -3.52
C GLY A 41 -5.09 4.19 -3.76
N ILE A 42 -4.22 3.33 -3.20
CA ILE A 42 -4.50 1.94 -3.09
C ILE A 42 -4.55 1.64 -1.62
N TYR A 43 -5.27 0.58 -1.20
CA TYR A 43 -5.54 0.36 0.18
C TYR A 43 -5.22 -1.06 0.51
N VAL A 44 -4.86 -1.35 1.77
CA VAL A 44 -4.34 -2.61 2.18
C VAL A 44 -5.43 -3.50 2.68
N LYS A 45 -5.82 -4.54 1.92
CA LYS A 45 -6.89 -5.42 2.31
C LYS A 45 -6.46 -6.54 3.18
N ALA A 46 -5.32 -7.18 2.88
CA ALA A 46 -4.78 -8.24 3.69
C ALA A 46 -3.35 -8.05 4.04
N ILE A 47 -3.02 -8.24 5.33
CA ILE A 47 -1.72 -8.21 5.92
C ILE A 47 -1.21 -9.60 6.11
N ILE A 48 0.01 -9.88 5.62
CA ILE A 48 0.68 -11.12 5.81
C ILE A 48 1.61 -11.06 6.97
N PRO A 49 1.47 -11.73 8.07
CA PRO A 49 2.47 -11.76 9.10
C PRO A 49 3.58 -12.70 8.81
N LYS A 50 4.36 -12.39 7.76
CA LYS A 50 5.59 -13.03 7.36
C LYS A 50 6.13 -12.48 6.09
N GLY A 51 5.66 -11.32 5.62
CA GLY A 51 6.21 -10.66 4.47
C GLY A 51 7.24 -9.66 4.85
N ALA A 52 6.92 -8.36 4.69
CA ALA A 52 7.83 -7.28 4.92
C ALA A 52 7.12 -6.11 5.51
N ALA A 53 5.89 -5.83 5.03
CA ALA A 53 5.06 -4.72 5.40
C ALA A 53 4.49 -4.82 6.77
N GLU A 54 4.05 -6.01 7.22
CA GLU A 54 3.69 -6.25 8.58
C GLU A 54 4.86 -6.08 9.49
N SER A 55 6.05 -6.43 8.98
CA SER A 55 7.28 -6.22 9.68
C SER A 55 7.74 -4.81 9.78
N ASP A 56 7.00 -3.82 9.24
CA ASP A 56 7.08 -2.46 9.67
C ASP A 56 6.48 -2.34 11.03
N GLY A 57 5.14 -2.48 11.11
CA GLY A 57 4.44 -2.72 12.33
C GLY A 57 3.29 -1.79 12.53
N ARG A 58 3.21 -0.73 11.70
CA ARG A 58 2.24 0.32 11.85
C ARG A 58 1.02 0.14 11.03
N ILE A 59 0.99 -0.80 10.07
CA ILE A 59 -0.07 -1.01 9.13
C ILE A 59 -1.13 -1.92 9.66
N HIS A 60 -2.41 -1.58 9.40
CA HIS A 60 -3.54 -2.41 9.67
C HIS A 60 -4.40 -2.53 8.45
N LYS A 61 -5.59 -3.15 8.57
CA LYS A 61 -6.32 -3.62 7.44
C LYS A 61 -7.35 -2.68 6.91
N GLY A 62 -7.08 -1.36 6.94
CA GLY A 62 -7.95 -0.37 6.38
C GLY A 62 -7.19 0.81 5.89
N ASP A 63 -5.87 0.66 5.71
CA ASP A 63 -4.96 1.75 5.59
C ASP A 63 -4.75 2.15 4.17
N ARG A 64 -4.43 3.44 3.95
CA ARG A 64 -4.27 4.03 2.67
C ARG A 64 -2.83 4.06 2.29
N VAL A 65 -2.49 3.47 1.13
CA VAL A 65 -1.23 3.61 0.46
C VAL A 65 -1.38 4.80 -0.42
N LEU A 66 -0.74 5.94 -0.12
CA LEU A 66 -0.82 7.10 -0.96
C LEU A 66 0.28 7.14 -1.96
N ALA A 67 1.52 6.77 -1.59
CA ALA A 67 2.60 6.88 -2.53
C ALA A 67 3.63 5.82 -2.39
N VAL A 68 4.33 5.49 -3.49
CA VAL A 68 5.29 4.43 -3.54
C VAL A 68 6.54 4.87 -4.22
N ASN A 69 7.70 4.87 -3.53
CA ASN A 69 8.93 5.40 -4.04
C ASN A 69 8.84 6.86 -4.34
N GLY A 70 7.98 7.57 -3.58
CA GLY A 70 7.63 8.93 -3.84
C GLY A 70 6.60 9.14 -4.89
N VAL A 71 6.03 8.07 -5.46
CA VAL A 71 5.15 8.12 -6.60
C VAL A 71 3.77 7.90 -6.11
N SER A 72 2.95 8.97 -6.10
CA SER A 72 1.60 8.94 -5.62
C SER A 72 0.68 8.18 -6.52
N LEU A 73 -0.22 7.38 -5.93
CA LEU A 73 -1.17 6.54 -6.60
C LEU A 73 -2.39 7.29 -6.98
N GLU A 74 -2.21 8.55 -7.41
CA GLU A 74 -3.22 9.54 -7.64
C GLU A 74 -3.79 9.38 -9.01
N GLY A 75 -4.63 8.33 -9.19
CA GLY A 75 -5.11 7.90 -10.46
C GLY A 75 -4.76 6.48 -10.75
N ALA A 76 -4.24 5.72 -9.78
CA ALA A 76 -3.93 4.33 -9.96
C ALA A 76 -5.11 3.44 -9.78
N THR A 77 -5.22 2.40 -10.62
CA THR A 77 -6.26 1.43 -10.65
C THR A 77 -5.89 0.25 -9.80
N HIS A 78 -6.54 -0.91 -10.00
CA HIS A 78 -6.05 -2.14 -9.45
C HIS A 78 -4.76 -2.52 -10.08
N LYS A 79 -4.72 -2.66 -11.42
CA LYS A 79 -3.55 -3.09 -12.12
C LYS A 79 -2.46 -2.08 -12.09
N GLN A 80 -2.77 -0.78 -12.20
CA GLN A 80 -1.78 0.25 -12.08
C GLN A 80 -1.18 0.36 -10.72
N ALA A 81 -1.93 0.17 -9.62
CA ALA A 81 -1.35 0.11 -8.32
C ALA A 81 -0.43 -1.05 -8.12
N VAL A 82 -0.81 -2.23 -8.63
CA VAL A 82 -0.01 -3.42 -8.62
C VAL A 82 1.30 -3.21 -9.28
N GLU A 83 1.37 -2.64 -10.49
CA GLU A 83 2.61 -2.33 -11.14
C GLU A 83 3.43 -1.33 -10.42
N THR A 84 2.81 -0.29 -9.82
CA THR A 84 3.44 0.77 -9.11
C THR A 84 4.09 0.33 -7.85
N LEU A 85 3.65 -0.79 -7.25
CA LEU A 85 4.29 -1.46 -6.18
C LEU A 85 5.25 -2.52 -6.61
N ARG A 86 4.88 -3.41 -7.54
CA ARG A 86 5.64 -4.58 -7.87
C ARG A 86 6.72 -4.37 -8.88
N ASN A 87 6.56 -3.47 -9.86
CA ASN A 87 7.49 -3.28 -10.93
C ASN A 87 8.50 -2.24 -10.59
N THR A 88 8.85 -2.19 -9.29
CA THR A 88 9.81 -1.35 -8.66
C THR A 88 11.16 -1.99 -8.69
N GLY A 89 12.13 -1.49 -7.90
CA GLY A 89 13.40 -2.13 -7.72
C GLY A 89 13.36 -3.00 -6.51
N GLN A 90 14.29 -2.78 -5.55
CA GLN A 90 14.32 -3.50 -4.32
C GLN A 90 13.68 -2.69 -3.24
N VAL A 91 14.10 -1.42 -3.09
CA VAL A 91 13.50 -0.54 -2.14
C VAL A 91 12.20 -0.02 -2.63
N VAL A 92 11.15 -0.26 -1.82
CA VAL A 92 9.87 0.37 -1.95
C VAL A 92 9.68 1.22 -0.73
N HIS A 93 9.65 2.55 -0.92
CA HIS A 93 9.18 3.44 0.09
C HIS A 93 7.70 3.42 0.07
N LEU A 94 7.04 2.97 1.16
CA LEU A 94 5.61 2.96 1.26
C LEU A 94 5.19 4.15 2.05
N LEU A 95 4.54 5.10 1.37
CA LEU A 95 3.92 6.23 2.00
C LEU A 95 2.52 5.84 2.37
N LEU A 96 2.35 5.50 3.66
CA LEU A 96 1.15 4.97 4.25
C LEU A 96 0.51 6.01 5.11
N GLU A 97 -0.84 6.05 5.10
CA GLU A 97 -1.66 6.92 5.89
C GLU A 97 -2.58 6.10 6.74
N LYS A 98 -2.97 6.65 7.89
CA LYS A 98 -3.93 6.09 8.80
C LYS A 98 -5.23 5.69 8.22
N GLY A 99 -5.63 4.42 8.40
CA GLY A 99 -6.94 3.96 8.03
C GLY A 99 -7.92 4.06 9.16
N GLN A 100 -8.11 5.28 9.70
CA GLN A 100 -9.07 5.53 10.73
C GLN A 100 -9.53 6.95 10.64
N VAL A 101 -10.77 7.22 11.07
CA VAL A 101 -11.40 8.51 11.03
C VAL A 101 -11.00 9.34 12.20
N PRO A 102 -11.05 10.64 12.16
CA PRO A 102 -10.57 11.46 13.24
C PRO A 102 -11.34 11.35 14.51
N TYR B 7 -11.58 -9.88 -9.48
CA TYR B 7 -10.22 -9.75 -9.90
C TYR B 7 -9.62 -8.57 -9.20
N LEU B 8 -9.32 -8.76 -7.90
CA LEU B 8 -8.73 -7.76 -7.05
C LEU B 8 -7.77 -8.48 -6.17
N VAL B 9 -7.22 -7.80 -5.14
CA VAL B 9 -6.44 -8.33 -4.08
C VAL B 9 -5.28 -9.17 -4.51
N THR B 10 -4.14 -8.46 -4.72
CA THR B 10 -2.98 -9.00 -5.34
C THR B 10 -1.90 -8.70 -4.37
N SER B 11 -1.24 -9.76 -3.83
CA SER B 11 -0.19 -9.64 -2.86
C SER B 11 1.09 -9.29 -3.54
N VAL B 12 1.69 -8.16 -3.17
CA VAL B 12 2.80 -7.53 -3.83
C VAL B 12 3.56 -6.86 -2.70
N MET A 8 -3.99 5.53 15.12
CA MET A 8 -3.34 5.92 16.33
C MET A 8 -3.45 7.41 16.47
N LYS A 9 -3.14 8.13 15.39
CA LYS A 9 -3.39 9.54 15.25
C LYS A 9 -4.06 9.69 13.92
N PRO A 10 -5.01 10.54 13.71
CA PRO A 10 -5.64 10.66 12.43
C PRO A 10 -4.77 11.35 11.43
N GLY A 11 -4.81 10.89 10.17
CA GLY A 11 -4.07 11.45 9.08
C GLY A 11 -2.60 11.21 9.13
N ASP A 12 -2.13 10.26 9.95
CA ASP A 12 -0.74 10.01 10.17
C ASP A 12 -0.11 9.29 9.03
N THR A 13 0.78 9.95 8.26
CA THR A 13 1.54 9.30 7.24
C THR A 13 2.74 8.60 7.81
N PHE A 14 3.11 7.47 7.19
CA PHE A 14 4.28 6.70 7.54
C PHE A 14 4.93 6.32 6.25
N GLU A 15 6.17 6.79 6.05
CA GLU A 15 6.97 6.51 4.89
C GLU A 15 7.86 5.36 5.17
N VAL A 16 7.26 4.15 5.13
CA VAL A 16 7.80 2.90 5.56
C VAL A 16 8.79 2.34 4.59
N GLU A 17 10.07 2.17 4.95
CA GLU A 17 11.07 1.76 4.01
C GLU A 17 11.44 0.32 4.18
N LEU A 18 11.20 -0.47 3.12
CA LEU A 18 11.33 -1.90 3.17
C LEU A 18 12.20 -2.35 2.05
N ALA A 19 12.46 -3.67 1.98
CA ALA A 19 12.95 -4.32 0.80
C ALA A 19 12.07 -5.50 0.55
N LYS A 20 11.40 -5.55 -0.62
CA LYS A 20 10.45 -6.56 -0.96
C LYS A 20 11.04 -7.93 -1.02
N THR A 21 10.46 -8.92 -0.34
CA THR A 21 10.95 -10.26 -0.36
C THR A 21 10.33 -11.00 -1.50
N ASP A 22 11.18 -11.51 -2.41
CA ASP A 22 10.84 -12.28 -3.57
C ASP A 22 10.08 -11.53 -4.62
N GLY A 23 9.89 -10.21 -4.42
CA GLY A 23 8.95 -9.39 -5.12
C GLY A 23 7.60 -9.50 -4.50
N SER A 24 7.32 -8.68 -3.47
CA SER A 24 6.19 -8.73 -2.58
C SER A 24 6.53 -7.90 -1.40
N LEU A 25 5.74 -6.83 -1.16
CA LEU A 25 5.65 -6.11 0.07
C LEU A 25 4.94 -6.95 1.08
N GLY A 26 3.92 -7.68 0.58
CA GLY A 26 3.11 -8.57 1.35
C GLY A 26 1.79 -7.96 1.66
N ILE A 27 1.25 -7.15 0.72
CA ILE A 27 -0.08 -6.64 0.86
C ILE A 27 -0.91 -7.08 -0.28
N SER A 28 -2.16 -7.51 0.00
CA SER A 28 -3.20 -7.60 -0.97
C SER A 28 -3.87 -6.28 -1.11
N VAL A 29 -3.89 -5.73 -2.33
CA VAL A 29 -4.44 -4.43 -2.59
C VAL A 29 -5.91 -4.39 -2.83
N THR A 30 -6.63 -3.46 -2.18
CA THR A 30 -8.02 -3.21 -2.37
C THR A 30 -8.24 -1.79 -2.76
N GLY A 31 -9.42 -1.52 -3.34
CA GLY A 31 -9.79 -0.25 -3.86
C GLY A 31 -9.24 0.03 -5.23
N GLY A 32 -8.97 1.32 -5.50
CA GLY A 32 -8.43 1.79 -6.74
C GLY A 32 -9.19 3.01 -7.16
N VAL A 33 -8.54 3.98 -7.82
CA VAL A 33 -9.08 5.22 -8.28
C VAL A 33 -10.30 5.09 -9.12
N ASN A 34 -10.51 3.92 -9.73
CA ASN A 34 -11.55 3.60 -10.67
C ASN A 34 -12.92 3.97 -10.21
N THR A 35 -13.41 3.41 -9.09
CA THR A 35 -14.77 3.60 -8.72
C THR A 35 -14.99 3.53 -7.24
N SER A 36 -14.63 2.40 -6.60
CA SER A 36 -15.07 1.99 -5.30
C SER A 36 -14.59 2.80 -4.15
N VAL A 37 -13.59 3.67 -4.33
CA VAL A 37 -13.03 4.47 -3.28
C VAL A 37 -13.38 5.92 -3.41
N ARG A 38 -14.26 6.31 -4.35
CA ARG A 38 -14.57 7.66 -4.69
C ARG A 38 -13.37 8.42 -5.14
N HIS A 39 -12.74 7.96 -6.23
CA HIS A 39 -11.58 8.53 -6.84
C HIS A 39 -10.41 8.80 -5.95
N GLY A 40 -9.58 7.79 -5.67
CA GLY A 40 -8.45 7.93 -4.80
C GLY A 40 -7.25 7.17 -5.23
N GLY A 41 -6.82 6.19 -4.41
CA GLY A 41 -5.65 5.42 -4.68
C GLY A 41 -5.82 4.02 -4.17
N ILE A 42 -4.81 3.42 -3.53
CA ILE A 42 -4.93 2.05 -3.15
C ILE A 42 -4.89 1.90 -1.66
N TYR A 43 -5.43 0.80 -1.13
CA TYR A 43 -5.65 0.61 0.27
C TYR A 43 -5.30 -0.81 0.55
N VAL A 44 -4.87 -1.17 1.77
CA VAL A 44 -4.50 -2.52 2.07
C VAL A 44 -5.67 -3.33 2.51
N LYS A 45 -5.85 -4.53 1.94
CA LYS A 45 -6.89 -5.45 2.33
C LYS A 45 -6.37 -6.47 3.28
N ALA A 46 -5.27 -7.15 2.92
CA ALA A 46 -4.77 -8.27 3.66
C ALA A 46 -3.30 -8.17 3.86
N ILE A 47 -2.87 -8.10 5.13
CA ILE A 47 -1.51 -8.05 5.57
C ILE A 47 -1.00 -9.44 5.77
N ILE A 48 0.15 -9.78 5.18
CA ILE A 48 0.79 -11.05 5.39
C ILE A 48 1.49 -11.06 6.71
N PRO A 49 1.23 -11.91 7.66
CA PRO A 49 1.91 -11.87 8.92
C PRO A 49 3.24 -12.52 8.89
N LYS A 50 4.21 -11.95 8.14
CA LYS A 50 5.58 -12.38 8.07
C LYS A 50 6.38 -11.70 7.00
N GLY A 51 5.78 -11.25 5.90
CA GLY A 51 6.46 -10.99 4.66
C GLY A 51 7.45 -9.87 4.65
N ALA A 52 6.98 -8.61 4.66
CA ALA A 52 7.87 -7.49 4.61
C ALA A 52 7.24 -6.28 5.20
N ALA A 53 6.07 -5.85 4.70
CA ALA A 53 5.42 -4.66 5.14
C ALA A 53 4.88 -4.71 6.53
N GLU A 54 4.31 -5.85 6.97
CA GLU A 54 3.98 -6.14 8.32
C GLU A 54 5.11 -5.94 9.27
N SER A 55 6.34 -6.25 8.82
CA SER A 55 7.53 -6.08 9.60
C SER A 55 7.88 -4.70 10.04
N ASP A 56 7.29 -3.67 9.42
CA ASP A 56 7.29 -2.33 9.91
C ASP A 56 6.49 -2.25 11.17
N GLY A 57 5.15 -2.24 11.06
CA GLY A 57 4.31 -2.57 12.16
C GLY A 57 3.16 -1.63 12.37
N ARG A 58 3.22 -0.41 11.84
CA ARG A 58 2.14 0.53 11.96
C ARG A 58 0.99 0.22 11.06
N ILE A 59 1.17 -0.67 10.09
CA ILE A 59 0.19 -1.02 9.10
C ILE A 59 -0.82 -2.01 9.58
N HIS A 60 -2.10 -1.86 9.20
CA HIS A 60 -3.11 -2.85 9.40
C HIS A 60 -3.94 -3.00 8.17
N LYS A 61 -5.02 -3.80 8.22
CA LYS A 61 -5.87 -4.12 7.12
C LYS A 61 -6.88 -3.05 6.85
N GLY A 62 -6.41 -1.81 6.64
CA GLY A 62 -7.29 -0.70 6.44
C GLY A 62 -6.60 0.56 6.05
N ASP A 63 -5.26 0.64 6.08
CA ASP A 63 -4.55 1.84 5.77
C ASP A 63 -4.51 2.19 4.33
N ARG A 64 -4.28 3.49 4.06
CA ARG A 64 -4.28 4.06 2.75
C ARG A 64 -2.90 4.08 2.19
N VAL A 65 -2.66 3.47 1.02
CA VAL A 65 -1.40 3.52 0.32
C VAL A 65 -1.50 4.59 -0.72
N LEU A 66 -0.76 5.70 -0.51
CA LEU A 66 -0.78 6.85 -1.38
C LEU A 66 0.40 6.96 -2.28
N ALA A 67 1.59 6.43 -1.95
CA ALA A 67 2.67 6.49 -2.88
C ALA A 67 3.75 5.50 -2.61
N VAL A 68 4.72 5.39 -3.53
CA VAL A 68 5.85 4.52 -3.36
C VAL A 68 7.12 5.08 -3.89
N ASN A 69 8.17 5.28 -3.07
CA ASN A 69 9.18 6.27 -3.23
C ASN A 69 8.83 7.56 -3.89
N GLY A 70 7.67 8.13 -3.51
CA GLY A 70 7.08 9.30 -4.05
C GLY A 70 6.35 9.13 -5.34
N VAL A 71 6.12 7.87 -5.79
CA VAL A 71 5.40 7.58 -6.98
C VAL A 71 3.98 7.31 -6.57
N SER A 72 3.12 8.32 -6.81
CA SER A 72 1.77 8.40 -6.34
C SER A 72 0.85 7.34 -6.85
N LEU A 73 0.12 6.72 -5.91
CA LEU A 73 -0.95 5.79 -6.12
C LEU A 73 -2.25 6.51 -6.21
N GLU A 74 -2.29 7.84 -5.96
CA GLU A 74 -3.47 8.62 -6.19
C GLU A 74 -3.61 8.87 -7.65
N GLY A 75 -4.61 8.22 -8.28
CA GLY A 75 -4.68 8.08 -9.70
C GLY A 75 -4.48 6.67 -10.17
N ALA A 76 -4.17 5.72 -9.26
CA ALA A 76 -3.94 4.35 -9.61
C ALA A 76 -5.09 3.47 -9.30
N THR A 77 -5.36 2.49 -10.18
CA THR A 77 -6.42 1.54 -10.14
C THR A 77 -5.98 0.31 -9.42
N HIS A 78 -6.65 -0.84 -9.57
CA HIS A 78 -6.16 -2.10 -9.14
C HIS A 78 -4.91 -2.47 -9.86
N LYS A 79 -4.94 -2.43 -11.21
CA LYS A 79 -3.81 -2.69 -12.05
C LYS A 79 -2.70 -1.70 -11.90
N GLN A 80 -2.99 -0.39 -11.98
CA GLN A 80 -1.98 0.61 -11.80
C GLN A 80 -1.38 0.61 -10.43
N ALA A 81 -2.12 0.28 -9.36
CA ALA A 81 -1.52 0.17 -8.06
C ALA A 81 -0.55 -0.94 -7.93
N VAL A 82 -0.87 -2.14 -8.48
CA VAL A 82 0.03 -3.25 -8.48
C VAL A 82 1.30 -2.92 -9.18
N GLU A 83 1.23 -2.38 -10.41
CA GLU A 83 2.37 -1.99 -11.19
C GLU A 83 3.17 -0.88 -10.59
N THR A 84 2.53 0.06 -9.86
CA THR A 84 3.15 1.09 -9.09
C THR A 84 4.03 0.53 -8.01
N LEU A 85 3.58 -0.48 -7.26
CA LEU A 85 4.29 -1.00 -6.13
C LEU A 85 5.24 -2.08 -6.48
N ARG A 86 4.86 -3.01 -7.38
CA ARG A 86 5.67 -4.10 -7.81
C ARG A 86 6.77 -3.72 -8.74
N ASN A 87 6.57 -2.88 -9.76
CA ASN A 87 7.52 -2.65 -10.79
C ASN A 87 8.48 -1.57 -10.46
N THR A 88 8.93 -1.59 -9.19
CA THR A 88 9.89 -0.76 -8.53
C THR A 88 11.20 -1.46 -8.48
N GLY A 89 12.19 -0.93 -7.73
CA GLY A 89 13.45 -1.55 -7.53
C GLY A 89 13.43 -2.46 -6.35
N GLN A 90 14.45 -2.36 -5.46
CA GLN A 90 14.52 -3.16 -4.28
C GLN A 90 13.94 -2.45 -3.09
N VAL A 91 14.36 -1.21 -2.80
CA VAL A 91 13.81 -0.43 -1.73
C VAL A 91 12.52 0.20 -2.13
N VAL A 92 11.51 0.05 -1.25
CA VAL A 92 10.25 0.70 -1.36
C VAL A 92 10.02 1.50 -0.12
N HIS A 93 9.99 2.83 -0.26
CA HIS A 93 9.41 3.69 0.73
C HIS A 93 7.94 3.72 0.51
N LEU A 94 7.18 2.87 1.23
CA LEU A 94 5.76 2.79 1.17
C LEU A 94 5.14 3.96 1.85
N LEU A 95 4.52 4.88 1.09
CA LEU A 95 3.82 5.99 1.65
C LEU A 95 2.42 5.60 2.01
N LEU A 96 2.22 5.34 3.32
CA LEU A 96 0.97 4.94 3.91
C LEU A 96 0.42 6.06 4.71
N GLU A 97 -0.91 6.18 4.82
CA GLU A 97 -1.59 7.05 5.73
C GLU A 97 -2.53 6.22 6.55
N LYS A 98 -2.75 6.60 7.82
CA LYS A 98 -3.68 5.96 8.70
C LYS A 98 -5.09 5.93 8.24
N GLY A 99 -5.61 4.71 7.99
CA GLY A 99 -6.97 4.46 7.64
C GLY A 99 -7.76 4.04 8.83
N GLN A 100 -7.85 4.95 9.82
CA GLN A 100 -8.55 4.76 11.05
C GLN A 100 -9.15 6.08 11.41
N VAL A 101 -10.22 6.10 12.22
CA VAL A 101 -10.85 7.29 12.69
C VAL A 101 -10.13 7.89 13.84
N PRO A 102 -10.36 9.10 14.26
CA PRO A 102 -9.86 9.62 15.50
C PRO A 102 -10.42 8.91 16.69
N TYR B 7 -12.04 -9.31 -9.34
CA TYR B 7 -11.16 -10.21 -8.66
C TYR B 7 -10.52 -9.49 -7.51
N LEU B 8 -9.99 -8.28 -7.77
CA LEU B 8 -9.31 -7.44 -6.84
C LEU B 8 -8.02 -8.02 -6.36
N VAL B 9 -7.63 -7.75 -5.10
CA VAL B 9 -6.67 -8.39 -4.26
C VAL B 9 -5.58 -9.20 -4.86
N THR B 10 -4.40 -8.56 -4.94
CA THR B 10 -3.22 -9.09 -5.54
C THR B 10 -2.18 -8.86 -4.49
N SER B 11 -1.49 -9.93 -4.04
CA SER B 11 -0.34 -9.84 -3.20
C SER B 11 0.82 -9.34 -3.99
N VAL B 12 1.50 -8.31 -3.45
CA VAL B 12 2.34 -7.42 -4.20
C VAL B 12 3.25 -6.83 -3.15
#